data_6PRQ
#
_entry.id   6PRQ
#
_entity_poly.entity_id   1
_entity_poly.type   'polypeptide(L)'
_entity_poly.pdbx_seq_one_letter_code
;AALVAHVTSGSGGSGGSGGSGRDLRAELPLTLEEAFHGGERVVEVAGRRVSVRIPPGVREGSVIRVPGMGGQGNPPGDLL
LVVRLLPHPVFRLEGQDLYATLDVPAPIAVVGGKVRAMTLEGPVEVAVPPRTQAGRKLRLKGKGFPGPAGRGDLYLEVRI
T
;
_entity_poly.pdbx_strand_id   A
#
# COMPACT_ATOMS: atom_id res chain seq x y z
N ALA A 1 -0.04 -3.63 -20.15
CA ALA A 1 -0.35 -4.04 -18.75
C ALA A 1 -1.50 -3.19 -18.19
N ALA A 2 -1.99 -3.56 -16.98
CA ALA A 2 -3.11 -2.89 -16.31
C ALA A 2 -2.63 -1.61 -15.61
N LEU A 3 -1.74 -1.78 -14.60
CA LEU A 3 -1.19 -0.68 -13.78
C LEU A 3 0.26 -0.36 -14.20
N VAL A 4 1.05 -1.40 -14.53
CA VAL A 4 2.43 -1.24 -15.04
C VAL A 4 2.44 -0.45 -16.35
N ALA A 5 3.24 0.63 -16.37
CA ALA A 5 3.42 1.48 -17.55
C ALA A 5 4.25 0.74 -18.60
N HIS A 6 5.54 0.49 -18.26
CA HIS A 6 6.54 -0.15 -19.14
C HIS A 6 7.90 -0.21 -18.42
N VAL A 7 8.90 -0.82 -19.09
CA VAL A 7 10.29 -0.93 -18.57
C VAL A 7 10.98 0.45 -18.60
N THR A 8 11.70 0.76 -17.52
CA THR A 8 12.47 2.01 -17.37
C THR A 8 13.85 1.70 -16.78
N SER A 9 14.76 2.67 -16.86
CA SER A 9 16.10 2.58 -16.27
C SER A 9 16.22 3.66 -15.18
N GLY A 10 16.84 3.29 -14.03
CA GLY A 10 16.90 4.18 -12.87
C GLY A 10 15.52 4.46 -12.30
N SER A 11 14.74 3.38 -12.11
CA SER A 11 13.33 3.45 -11.71
C SER A 11 13.13 4.14 -10.34
N GLY A 12 13.83 3.60 -9.34
CA GLY A 12 13.79 4.14 -7.98
C GLY A 12 14.38 3.16 -6.99
N GLY A 13 14.88 3.69 -5.85
CA GLY A 13 15.48 2.88 -4.79
C GLY A 13 16.72 2.12 -5.26
N SER A 14 17.61 2.85 -5.95
CA SER A 14 18.86 2.28 -6.48
C SER A 14 19.84 2.00 -5.31
N GLY A 15 19.71 0.81 -4.74
CA GLY A 15 20.51 0.34 -3.62
C GLY A 15 19.96 -0.97 -3.07
N GLY A 16 19.32 -1.75 -3.98
CA GLY A 16 18.76 -3.06 -3.66
C GLY A 16 19.61 -4.18 -4.23
N SER A 17 20.35 -4.90 -3.36
CA SER A 17 21.23 -6.01 -3.76
C SER A 17 20.39 -7.18 -4.31
N GLY A 18 20.43 -7.35 -5.65
CA GLY A 18 19.68 -8.39 -6.32
C GLY A 18 20.23 -8.69 -7.70
N GLY A 19 19.33 -8.80 -8.68
CA GLY A 19 19.70 -9.13 -10.05
C GLY A 19 20.14 -10.57 -10.19
N SER A 20 21.46 -10.84 -9.93
CA SER A 20 22.13 -12.14 -10.12
C SER A 20 21.81 -12.73 -11.51
N GLY A 21 21.80 -11.83 -12.50
CA GLY A 21 21.35 -12.10 -13.85
C GLY A 21 20.97 -10.80 -14.54
N ARG A 22 19.81 -10.77 -15.20
CA ARG A 22 19.31 -9.57 -15.88
C ARG A 22 18.31 -8.85 -14.95
N ASP A 23 18.60 -7.59 -14.60
CA ASP A 23 17.69 -6.75 -13.80
C ASP A 23 16.61 -6.18 -14.72
N LEU A 24 15.33 -6.46 -14.43
CA LEU A 24 14.21 -5.75 -15.07
C LEU A 24 13.70 -4.70 -14.09
N ARG A 25 13.51 -3.48 -14.59
CA ARG A 25 13.08 -2.33 -13.79
C ARG A 25 11.86 -1.70 -14.47
N ALA A 26 10.81 -1.41 -13.70
CA ALA A 26 9.58 -0.80 -14.23
C ALA A 26 8.88 -0.01 -13.13
N GLU A 27 8.24 1.11 -13.52
CA GLU A 27 7.41 1.93 -12.62
C GLU A 27 5.95 1.83 -13.04
N LEU A 28 5.06 1.93 -12.03
CA LEU A 28 3.62 1.79 -12.23
C LEU A 28 2.85 2.71 -11.29
N PRO A 29 1.86 3.52 -11.80
CA PRO A 29 0.83 4.15 -10.94
C PRO A 29 0.01 3.06 -10.22
N LEU A 30 0.07 3.04 -8.89
CA LEU A 30 -0.66 2.09 -8.05
C LEU A 30 -1.75 2.83 -7.28
N THR A 31 -2.92 2.22 -7.18
CA THR A 31 -3.99 2.71 -6.31
C THR A 31 -3.66 2.35 -4.83
N LEU A 32 -4.11 3.19 -3.88
CA LEU A 32 -3.92 2.96 -2.42
C LEU A 32 -4.51 1.60 -2.03
N GLU A 33 -5.71 1.38 -2.55
CA GLU A 33 -6.47 0.13 -2.39
C GLU A 33 -5.66 -1.09 -2.89
N GLU A 34 -4.90 -0.90 -4.00
CA GLU A 34 -4.09 -1.98 -4.58
C GLU A 34 -2.79 -2.19 -3.80
N ALA A 35 -2.30 -1.13 -3.13
CA ALA A 35 -1.23 -1.23 -2.13
C ALA A 35 -1.62 -2.17 -0.98
N PHE A 36 -2.91 -2.13 -0.62
CA PHE A 36 -3.52 -3.08 0.33
C PHE A 36 -3.73 -4.47 -0.30
N HIS A 37 -4.39 -4.51 -1.48
CA HIS A 37 -4.90 -5.79 -2.05
C HIS A 37 -3.75 -6.76 -2.39
N GLY A 38 -2.73 -6.24 -3.10
CA GLY A 38 -1.54 -7.02 -3.50
C GLY A 38 -1.87 -8.38 -4.13
N GLY A 39 -2.72 -8.35 -5.17
CA GLY A 39 -3.15 -9.57 -5.87
C GLY A 39 -2.45 -9.76 -7.20
N GLU A 40 -2.94 -10.70 -8.02
CA GLU A 40 -2.37 -10.98 -9.36
C GLU A 40 -2.82 -9.91 -10.35
N ARG A 41 -1.88 -9.10 -10.84
CA ARG A 41 -2.11 -8.09 -11.90
C ARG A 41 -1.15 -8.35 -13.05
N VAL A 42 -1.56 -8.00 -14.27
CA VAL A 42 -0.73 -8.20 -15.47
C VAL A 42 0.40 -7.15 -15.57
N VAL A 43 1.63 -7.64 -15.78
CA VAL A 43 2.81 -6.84 -16.10
C VAL A 43 3.23 -7.12 -17.56
N GLU A 44 3.65 -6.07 -18.26
CA GLU A 44 4.13 -6.15 -19.65
C GLU A 44 5.52 -5.50 -19.70
N VAL A 45 6.55 -6.35 -19.71
CA VAL A 45 7.97 -5.95 -19.67
C VAL A 45 8.73 -6.53 -20.89
N ALA A 46 9.09 -5.64 -21.85
CA ALA A 46 9.83 -5.99 -23.09
C ALA A 46 9.00 -6.90 -24.03
N GLY A 47 7.66 -6.81 -23.90
CA GLY A 47 6.73 -7.67 -24.66
C GLY A 47 6.43 -8.99 -23.95
N ARG A 48 6.96 -9.15 -22.72
CA ARG A 48 6.71 -10.34 -21.89
C ARG A 48 5.52 -10.05 -20.95
N ARG A 49 4.43 -10.80 -21.14
CA ARG A 49 3.22 -10.70 -20.32
C ARG A 49 3.26 -11.82 -19.27
N VAL A 50 3.35 -11.42 -17.99
CA VAL A 50 3.26 -12.35 -16.83
C VAL A 50 2.24 -11.77 -15.83
N SER A 51 1.63 -12.62 -15.01
CA SER A 51 0.78 -12.16 -13.91
C SER A 51 1.65 -12.05 -12.63
N VAL A 52 1.91 -10.81 -12.22
CA VAL A 52 2.75 -10.49 -11.05
C VAL A 52 1.85 -10.24 -9.82
N ARG A 53 2.16 -10.91 -8.70
CA ARG A 53 1.48 -10.67 -7.43
C ARG A 53 2.45 -9.96 -6.51
N ILE A 54 2.33 -8.62 -6.45
CA ILE A 54 3.15 -7.80 -5.57
C ILE A 54 2.61 -7.89 -4.12
N PRO A 55 3.49 -7.94 -3.07
CA PRO A 55 3.05 -8.17 -1.68
C PRO A 55 2.27 -6.96 -1.09
N PRO A 56 1.10 -7.22 -0.41
CA PRO A 56 0.39 -6.20 0.41
C PRO A 56 1.32 -5.55 1.46
N GLY A 57 1.21 -4.24 1.63
CA GLY A 57 2.11 -3.49 2.50
C GLY A 57 3.10 -2.67 1.70
N VAL A 58 2.63 -2.12 0.58
CA VAL A 58 3.46 -1.34 -0.35
C VAL A 58 3.00 0.14 -0.33
N ARG A 59 3.91 1.06 -0.70
CA ARG A 59 3.77 2.52 -0.53
C ARG A 59 4.37 3.28 -1.73
N GLU A 60 4.17 4.60 -1.76
CA GLU A 60 4.77 5.51 -2.76
C GLU A 60 6.32 5.41 -2.75
N GLY A 61 6.89 5.04 -3.92
CA GLY A 61 8.34 4.87 -4.05
C GLY A 61 8.85 3.53 -3.54
N SER A 62 7.92 2.62 -3.18
CA SER A 62 8.27 1.27 -2.70
C SER A 62 8.66 0.39 -3.88
N VAL A 63 9.85 -0.19 -3.77
CA VAL A 63 10.48 -1.00 -4.80
C VAL A 63 10.24 -2.49 -4.49
N ILE A 64 9.57 -3.20 -5.40
CA ILE A 64 9.13 -4.58 -5.20
C ILE A 64 9.97 -5.56 -6.00
N ARG A 65 10.63 -6.51 -5.32
CA ARG A 65 11.43 -7.56 -5.96
C ARG A 65 10.61 -8.81 -6.21
N VAL A 66 10.39 -9.14 -7.49
CA VAL A 66 9.73 -10.40 -7.89
C VAL A 66 10.76 -11.29 -8.65
N PRO A 67 11.43 -12.27 -7.92
CA PRO A 67 12.46 -13.17 -8.50
C PRO A 67 11.95 -14.08 -9.63
N GLY A 68 12.83 -14.39 -10.59
CA GLY A 68 12.51 -15.25 -11.74
C GLY A 68 11.89 -14.48 -12.92
N MET A 69 11.47 -13.22 -12.66
CA MET A 69 10.67 -12.40 -13.59
C MET A 69 11.56 -11.52 -14.49
N GLY A 70 12.74 -11.15 -13.96
CA GLY A 70 13.72 -10.38 -14.73
C GLY A 70 14.55 -11.29 -15.62
N GLY A 71 15.73 -11.69 -15.11
CA GLY A 71 16.60 -12.68 -15.76
C GLY A 71 15.91 -14.03 -15.96
N GLN A 72 15.41 -14.23 -17.19
CA GLN A 72 14.77 -15.47 -17.63
C GLN A 72 15.86 -16.53 -17.88
N GLY A 73 15.97 -17.48 -16.94
CA GLY A 73 16.98 -18.55 -17.04
C GLY A 73 17.17 -19.28 -15.72
N ASN A 74 18.29 -20.02 -15.60
CA ASN A 74 18.64 -20.77 -14.38
C ASN A 74 19.13 -19.82 -13.25
N PRO A 75 20.06 -18.83 -13.51
CA PRO A 75 20.34 -17.75 -12.53
C PRO A 75 19.12 -16.79 -12.45
N PRO A 76 18.31 -16.83 -11.35
CA PRO A 76 17.04 -16.07 -11.28
C PRO A 76 17.30 -14.57 -11.17
N GLY A 77 16.74 -13.82 -12.12
CA GLY A 77 16.74 -12.36 -12.07
C GLY A 77 15.36 -11.87 -11.71
N ASP A 78 15.27 -10.70 -11.08
CA ASP A 78 14.02 -10.18 -10.54
C ASP A 78 13.59 -8.94 -11.31
N LEU A 79 12.35 -8.53 -11.05
CA LEU A 79 11.78 -7.32 -11.61
C LEU A 79 11.42 -6.39 -10.43
N LEU A 80 12.10 -5.23 -10.38
CA LEU A 80 11.86 -4.19 -9.36
C LEU A 80 10.77 -3.22 -9.84
N LEU A 81 9.54 -3.45 -9.33
CA LEU A 81 8.38 -2.59 -9.57
C LEU A 81 8.32 -1.46 -8.53
N VAL A 82 8.72 -0.26 -8.94
CA VAL A 82 8.59 0.97 -8.13
C VAL A 82 7.20 1.56 -8.36
N VAL A 83 6.31 1.38 -7.38
CA VAL A 83 4.92 1.85 -7.48
C VAL A 83 4.83 3.35 -7.14
N ARG A 84 3.84 3.99 -7.75
CA ARG A 84 3.61 5.43 -7.65
C ARG A 84 2.15 5.62 -7.23
N LEU A 85 1.91 5.82 -5.92
CA LEU A 85 0.54 5.94 -5.41
C LEU A 85 -0.14 7.21 -5.94
N LEU A 86 -1.46 7.12 -6.14
CA LEU A 86 -2.27 8.18 -6.76
C LEU A 86 -2.10 9.54 -6.03
N PRO A 87 -2.27 10.71 -6.75
CA PRO A 87 -2.29 12.08 -6.13
C PRO A 87 -3.38 12.24 -5.04
N HIS A 88 -4.26 11.24 -4.93
CA HIS A 88 -5.22 11.07 -3.85
C HIS A 88 -4.59 10.16 -2.77
N PRO A 89 -4.19 10.71 -1.58
CA PRO A 89 -3.88 9.92 -0.39
C PRO A 89 -5.06 9.90 0.63
N VAL A 90 -5.00 8.95 1.57
CA VAL A 90 -5.89 8.93 2.75
C VAL A 90 -5.23 8.11 3.86
N PHE A 91 -4.69 6.95 3.48
CA PHE A 91 -4.05 6.00 4.41
C PHE A 91 -2.53 6.13 4.35
N ARG A 92 -1.93 6.41 5.52
CA ARG A 92 -0.49 6.39 5.75
C ARG A 92 -0.13 5.08 6.44
N LEU A 93 0.53 4.18 5.70
CA LEU A 93 1.11 2.97 6.29
C LEU A 93 2.49 3.31 6.85
N GLU A 94 2.61 3.30 8.18
CA GLU A 94 3.91 3.44 8.86
C GLU A 94 4.32 2.04 9.35
N GLY A 95 5.16 1.37 8.57
CA GLY A 95 5.58 -0.01 8.84
C GLY A 95 4.44 -1.02 8.69
N GLN A 96 3.72 -1.24 9.80
CA GLN A 96 2.61 -2.22 9.91
C GLN A 96 1.30 -1.48 10.31
N ASP A 97 1.47 -0.24 10.83
CA ASP A 97 0.38 0.58 11.39
C ASP A 97 -0.17 1.57 10.37
N LEU A 98 -1.38 2.05 10.62
CA LEU A 98 -2.08 3.02 9.76
C LEU A 98 -2.40 4.32 10.48
N TYR A 99 -2.53 5.38 9.68
CA TYR A 99 -3.02 6.69 10.09
C TYR A 99 -3.93 7.18 8.96
N ALA A 100 -5.21 7.44 9.28
CA ALA A 100 -6.18 7.98 8.33
C ALA A 100 -7.06 8.97 9.06
N THR A 101 -7.39 10.07 8.41
CA THR A 101 -8.16 11.15 9.04
C THR A 101 -9.64 10.77 9.13
N LEU A 102 -10.22 10.93 10.32
CA LEU A 102 -11.65 10.68 10.58
C LEU A 102 -12.32 12.02 10.95
N ASP A 103 -13.19 12.53 10.08
CA ASP A 103 -13.93 13.78 10.34
C ASP A 103 -15.37 13.44 10.79
N VAL A 104 -15.63 13.65 12.09
CA VAL A 104 -16.94 13.33 12.71
C VAL A 104 -17.68 14.65 13.03
N PRO A 105 -19.05 14.69 12.94
CA PRO A 105 -19.83 15.87 13.37
C PRO A 105 -19.81 16.00 14.91
N ALA A 106 -19.89 17.25 15.41
CA ALA A 106 -19.88 17.56 16.85
C ALA A 106 -21.01 16.82 17.64
N PRO A 107 -22.31 16.76 17.13
CA PRO A 107 -23.37 15.88 17.71
C PRO A 107 -22.90 14.44 18.03
N ILE A 108 -22.28 13.76 17.04
CA ILE A 108 -21.81 12.37 17.20
C ILE A 108 -20.60 12.31 18.17
N ALA A 109 -19.72 13.31 18.08
CA ALA A 109 -18.51 13.39 18.91
C ALA A 109 -18.84 13.43 20.42
N VAL A 110 -19.89 14.20 20.77
CA VAL A 110 -20.28 14.44 22.17
C VAL A 110 -21.14 13.30 22.73
N VAL A 111 -22.06 12.73 21.89
CA VAL A 111 -22.92 11.59 22.31
C VAL A 111 -22.12 10.27 22.29
N GLY A 112 -21.06 10.25 21.45
CA GLY A 112 -20.24 9.06 21.24
C GLY A 112 -20.92 8.06 20.33
N GLY A 113 -21.37 8.52 19.14
CA GLY A 113 -22.04 7.67 18.16
C GLY A 113 -21.05 6.87 17.31
N LYS A 114 -21.52 6.39 16.15
CA LYS A 114 -20.69 5.62 15.22
C LYS A 114 -20.62 6.34 13.87
N VAL A 115 -19.44 6.28 13.24
CA VAL A 115 -19.17 6.86 11.92
C VAL A 115 -18.53 5.78 11.03
N ARG A 116 -19.01 5.68 9.78
CA ARG A 116 -18.38 4.81 8.78
C ARG A 116 -17.13 5.51 8.23
N ALA A 117 -15.96 4.93 8.54
CA ALA A 117 -14.67 5.40 8.05
C ALA A 117 -14.25 4.51 6.86
N MET A 118 -13.90 5.15 5.75
CA MET A 118 -13.37 4.47 4.56
C MET A 118 -11.97 3.90 4.86
N THR A 119 -11.79 2.61 4.53
CA THR A 119 -10.50 1.91 4.60
C THR A 119 -10.27 1.09 3.31
N LEU A 120 -9.02 0.69 3.10
CA LEU A 120 -8.55 0.03 1.86
C LEU A 120 -9.08 -1.41 1.70
N GLU A 121 -9.71 -1.95 2.76
CA GLU A 121 -10.38 -3.27 2.72
C GLU A 121 -11.91 -3.13 2.48
N GLY A 122 -12.46 -1.93 2.72
CA GLY A 122 -13.90 -1.68 2.61
C GLY A 122 -14.38 -0.61 3.60
N PRO A 123 -15.62 -0.71 4.13
CA PRO A 123 -16.09 0.16 5.23
C PRO A 123 -15.81 -0.45 6.64
N VAL A 124 -15.24 0.36 7.54
CA VAL A 124 -15.22 0.08 8.99
C VAL A 124 -16.13 1.07 9.70
N GLU A 125 -16.76 0.63 10.79
CA GLU A 125 -17.67 1.47 11.59
C GLU A 125 -17.05 1.68 12.98
N VAL A 126 -16.51 2.87 13.19
CA VAL A 126 -15.84 3.25 14.43
C VAL A 126 -16.81 4.00 15.37
N ALA A 127 -17.02 3.43 16.56
CA ALA A 127 -17.80 4.07 17.61
C ALA A 127 -16.88 5.05 18.35
N VAL A 128 -17.04 6.36 18.06
CA VAL A 128 -16.23 7.43 18.67
C VAL A 128 -16.52 7.52 20.19
N PRO A 129 -15.47 7.82 21.05
CA PRO A 129 -15.67 8.01 22.51
C PRO A 129 -16.72 9.09 22.82
N PRO A 130 -17.62 8.85 23.83
CA PRO A 130 -18.55 9.89 24.31
C PRO A 130 -17.78 11.13 24.80
N ARG A 131 -18.07 12.28 24.19
CA ARG A 131 -17.38 13.56 24.44
C ARG A 131 -15.89 13.49 24.04
N THR A 132 -15.62 12.83 22.88
CA THR A 132 -14.24 12.71 22.34
C THR A 132 -13.68 14.09 21.95
N GLN A 133 -12.37 14.13 21.66
CA GLN A 133 -11.64 15.37 21.35
C GLN A 133 -11.08 15.27 19.92
N ALA A 134 -11.01 16.43 19.22
CA ALA A 134 -10.37 16.53 17.90
C ALA A 134 -8.85 16.51 18.10
N GLY A 135 -8.14 15.75 17.25
CA GLY A 135 -6.70 15.55 17.38
C GLY A 135 -6.35 14.17 17.91
N ARG A 136 -7.38 13.40 18.34
CA ARG A 136 -7.21 12.03 18.86
C ARG A 136 -7.05 11.02 17.72
N LYS A 137 -6.50 9.84 18.07
CA LYS A 137 -6.32 8.72 17.15
C LYS A 137 -7.13 7.52 17.68
N LEU A 138 -8.20 7.11 16.94
CA LEU A 138 -9.07 6.00 17.36
C LEU A 138 -8.51 4.69 16.78
N ARG A 139 -7.99 3.87 17.69
CA ARG A 139 -7.22 2.68 17.35
C ARG A 139 -8.15 1.48 17.05
N LEU A 140 -8.33 1.17 15.75
CA LEU A 140 -9.08 -0.02 15.29
C LEU A 140 -8.09 -1.15 15.02
N LYS A 141 -7.93 -2.05 15.99
CA LYS A 141 -6.93 -3.13 15.93
C LYS A 141 -7.42 -4.29 15.06
N GLY A 142 -6.46 -4.90 14.33
CA GLY A 142 -6.77 -5.94 13.36
C GLY A 142 -7.37 -5.39 12.09
N LYS A 143 -7.07 -4.10 11.82
CA LYS A 143 -7.51 -3.37 10.61
C LYS A 143 -6.31 -2.69 9.93
N GLY A 144 -5.07 -3.02 10.40
CA GLY A 144 -3.84 -2.50 9.77
C GLY A 144 -3.38 -3.34 8.58
N PHE A 145 -2.09 -3.26 8.25
CA PHE A 145 -1.46 -4.11 7.23
C PHE A 145 -0.72 -5.30 7.90
N PRO A 146 -0.32 -6.36 7.12
CA PRO A 146 0.55 -7.46 7.63
C PRO A 146 1.93 -6.94 8.12
N GLY A 147 2.60 -7.75 8.95
CA GLY A 147 3.91 -7.40 9.47
C GLY A 147 4.46 -8.40 10.48
N PRO A 148 5.60 -8.07 11.17
CA PRO A 148 6.25 -8.95 12.18
C PRO A 148 5.33 -9.36 13.33
N ALA A 149 4.48 -8.41 13.79
CA ALA A 149 3.53 -8.62 14.90
C ALA A 149 2.15 -9.08 14.40
N GLY A 150 2.10 -9.65 13.18
CA GLY A 150 0.88 -10.16 12.58
C GLY A 150 0.17 -9.12 11.75
N ARG A 151 -0.90 -8.52 12.29
CA ARG A 151 -1.62 -7.41 11.63
C ARG A 151 -1.61 -6.19 12.56
N GLY A 152 -1.42 -5.00 11.94
CA GLY A 152 -1.35 -3.73 12.66
C GLY A 152 -2.72 -3.17 12.99
N ASP A 153 -2.78 -1.85 13.20
CA ASP A 153 -3.99 -1.17 13.65
C ASP A 153 -4.06 0.24 13.05
N LEU A 154 -5.29 0.73 12.93
CA LEU A 154 -5.61 2.01 12.29
C LEU A 154 -5.79 3.11 13.34
N TYR A 155 -5.07 4.23 13.16
CA TYR A 155 -5.21 5.43 13.99
C TYR A 155 -6.03 6.49 13.24
N LEU A 156 -7.27 6.69 13.67
CA LEU A 156 -8.19 7.68 13.08
C LEU A 156 -8.03 9.07 13.70
N GLU A 157 -7.50 10.00 12.90
CA GLU A 157 -7.22 11.36 13.37
C GLU A 157 -8.54 12.17 13.36
N VAL A 158 -9.23 12.11 14.53
CA VAL A 158 -10.55 12.75 14.79
C VAL A 158 -10.56 14.25 14.48
N ARG A 159 -11.56 14.68 13.68
CA ARG A 159 -11.81 16.10 13.37
C ARG A 159 -13.28 16.38 13.69
N ILE A 160 -13.53 16.95 14.87
CA ILE A 160 -14.88 17.34 15.31
C ILE A 160 -15.28 18.63 14.58
N THR A 161 -16.12 18.46 13.56
CA THR A 161 -16.50 19.51 12.61
C THR A 161 -17.97 19.95 12.86
N ALA A 1 -2.31 -3.37 -20.16
CA ALA A 1 -1.58 -3.53 -18.89
C ALA A 1 -2.46 -3.02 -17.74
N ALA A 2 -2.40 -3.70 -16.58
CA ALA A 2 -3.24 -3.41 -15.41
C ALA A 2 -2.82 -2.10 -14.74
N LEU A 3 -1.52 -2.00 -14.39
CA LEU A 3 -0.95 -0.83 -13.70
C LEU A 3 0.45 -0.48 -14.26
N VAL A 4 1.33 -1.50 -14.36
CA VAL A 4 2.69 -1.33 -14.92
C VAL A 4 2.62 -0.80 -16.36
N ALA A 5 3.23 0.38 -16.57
CA ALA A 5 3.31 1.00 -17.89
C ALA A 5 4.20 0.16 -18.81
N HIS A 6 5.51 0.19 -18.53
CA HIS A 6 6.56 -0.53 -19.30
C HIS A 6 7.89 -0.51 -18.52
N VAL A 7 8.90 -1.21 -19.08
CA VAL A 7 10.30 -1.16 -18.59
C VAL A 7 10.87 0.27 -18.69
N THR A 8 11.58 0.69 -17.63
CA THR A 8 12.36 1.93 -17.63
C THR A 8 13.56 1.76 -18.61
N SER A 9 13.52 2.49 -19.73
CA SER A 9 14.55 2.46 -20.78
C SER A 9 15.87 3.03 -20.22
N GLY A 10 16.91 2.16 -20.17
CA GLY A 10 18.15 2.46 -19.47
C GLY A 10 18.07 2.06 -18.00
N SER A 11 17.43 0.89 -17.76
CA SER A 11 17.21 0.35 -16.42
C SER A 11 18.55 0.04 -15.70
N GLY A 12 18.85 0.82 -14.64
CA GLY A 12 20.11 0.72 -13.91
C GLY A 12 19.97 1.02 -12.43
N GLY A 13 21.12 1.14 -11.74
CA GLY A 13 21.16 1.45 -10.31
C GLY A 13 22.10 0.50 -9.57
N SER A 14 21.76 -0.79 -9.60
CA SER A 14 22.48 -1.87 -8.88
C SER A 14 21.98 -3.24 -9.38
N GLY A 15 22.46 -4.34 -8.76
CA GLY A 15 21.94 -5.67 -9.04
C GLY A 15 20.60 -5.92 -8.35
N GLY A 16 19.86 -6.94 -8.82
CA GLY A 16 18.56 -7.32 -8.24
C GLY A 16 18.60 -8.71 -7.63
N SER A 17 18.82 -9.72 -8.48
CA SER A 17 18.93 -11.14 -8.08
C SER A 17 20.25 -11.39 -7.30
N GLY A 18 20.52 -12.67 -6.95
CA GLY A 18 21.70 -13.06 -6.15
C GLY A 18 23.03 -12.64 -6.80
N GLY A 19 23.11 -12.77 -8.13
CA GLY A 19 24.29 -12.40 -8.91
C GLY A 19 24.10 -12.79 -10.35
N SER A 20 23.86 -14.08 -10.56
CA SER A 20 23.54 -14.65 -11.88
C SER A 20 22.04 -14.48 -12.18
N GLY A 21 21.73 -14.09 -13.43
CA GLY A 21 20.36 -13.76 -13.85
C GLY A 21 20.12 -12.25 -13.78
N ARG A 22 19.60 -11.65 -14.88
CA ARG A 22 19.46 -10.19 -14.98
C ARG A 22 18.32 -9.67 -14.08
N ASP A 23 18.52 -8.47 -13.53
CA ASP A 23 17.44 -7.70 -12.91
C ASP A 23 16.75 -6.85 -13.99
N LEU A 24 15.45 -6.60 -13.80
CA LEU A 24 14.63 -5.84 -14.74
C LEU A 24 13.91 -4.74 -13.94
N ARG A 25 13.89 -3.49 -14.46
CA ARG A 25 13.25 -2.36 -13.75
C ARG A 25 12.05 -1.85 -14.55
N ALA A 26 10.94 -1.60 -13.87
CA ALA A 26 9.74 -1.00 -14.47
C ALA A 26 8.98 -0.20 -13.40
N GLU A 27 8.22 0.80 -13.83
CA GLU A 27 7.45 1.68 -12.93
C GLU A 27 5.95 1.58 -13.25
N LEU A 28 5.13 1.82 -12.21
CA LEU A 28 3.67 1.74 -12.31
C LEU A 28 2.99 2.78 -11.42
N PRO A 29 1.85 3.39 -11.88
CA PRO A 29 0.91 4.04 -10.97
C PRO A 29 0.10 2.97 -10.21
N LEU A 30 0.31 2.90 -8.89
CA LEU A 30 -0.39 1.97 -8.01
C LEU A 30 -1.43 2.75 -7.19
N THR A 31 -2.54 2.09 -6.86
CA THR A 31 -3.56 2.70 -6.00
C THR A 31 -3.17 2.57 -4.52
N LEU A 32 -3.73 3.44 -3.65
CA LEU A 32 -3.57 3.33 -2.19
C LEU A 32 -4.12 1.98 -1.70
N GLU A 33 -5.33 1.68 -2.18
CA GLU A 33 -6.01 0.40 -1.96
C GLU A 33 -5.15 -0.80 -2.42
N GLU A 34 -4.37 -0.61 -3.50
CA GLU A 34 -3.50 -1.66 -4.07
C GLU A 34 -2.13 -1.73 -3.39
N ALA A 35 -1.75 -0.65 -2.66
CA ALA A 35 -0.65 -0.69 -1.69
C ALA A 35 -0.98 -1.76 -0.61
N PHE A 36 -2.23 -1.76 -0.17
CA PHE A 36 -2.75 -2.77 0.77
C PHE A 36 -2.90 -4.14 0.08
N HIS A 37 -3.75 -4.20 -0.97
CA HIS A 37 -4.19 -5.47 -1.60
C HIS A 37 -3.04 -6.16 -2.36
N GLY A 38 -2.31 -5.38 -3.18
CA GLY A 38 -1.32 -5.92 -4.11
C GLY A 38 -2.00 -6.63 -5.28
N GLY A 39 -2.31 -7.92 -5.07
CA GLY A 39 -3.08 -8.73 -6.02
C GLY A 39 -2.27 -9.23 -7.21
N GLU A 40 -2.97 -9.97 -8.10
CA GLU A 40 -2.41 -10.47 -9.37
C GLU A 40 -2.86 -9.51 -10.48
N ARG A 41 -1.90 -8.82 -11.10
CA ARG A 41 -2.15 -7.75 -12.09
C ARG A 41 -1.25 -8.01 -13.32
N VAL A 42 -1.76 -7.83 -14.54
CA VAL A 42 -0.99 -8.12 -15.78
C VAL A 42 0.09 -7.05 -16.03
N VAL A 43 1.35 -7.52 -16.13
CA VAL A 43 2.54 -6.71 -16.39
C VAL A 43 3.02 -6.92 -17.85
N GLU A 44 3.47 -5.81 -18.47
CA GLU A 44 4.06 -5.82 -19.80
C GLU A 44 5.49 -5.27 -19.72
N VAL A 45 6.47 -6.19 -19.77
CA VAL A 45 7.90 -5.89 -19.57
C VAL A 45 8.78 -6.75 -20.48
N ALA A 46 9.62 -6.07 -21.30
CA ALA A 46 10.65 -6.73 -22.16
C ALA A 46 10.02 -7.61 -23.26
N GLY A 47 8.73 -7.36 -23.57
CA GLY A 47 7.98 -8.14 -24.55
C GLY A 47 7.41 -9.41 -23.94
N ARG A 48 7.34 -9.45 -22.60
CA ARG A 48 6.80 -10.59 -21.84
C ARG A 48 5.44 -10.18 -21.25
N ARG A 49 4.38 -10.88 -21.66
CA ARG A 49 3.03 -10.72 -21.11
C ARG A 49 2.84 -11.78 -20.00
N VAL A 50 2.81 -11.33 -18.74
CA VAL A 50 2.65 -12.21 -17.56
C VAL A 50 1.64 -11.57 -16.59
N SER A 51 0.86 -12.38 -15.87
CA SER A 51 0.04 -11.88 -14.74
C SER A 51 0.91 -12.00 -13.46
N VAL A 52 1.38 -10.85 -12.94
CA VAL A 52 2.34 -10.81 -11.82
C VAL A 52 1.63 -10.59 -10.48
N ARG A 53 2.11 -11.28 -9.45
CA ARG A 53 1.59 -11.16 -8.08
C ARG A 53 2.60 -10.32 -7.28
N ILE A 54 2.28 -9.05 -7.03
CA ILE A 54 3.14 -8.14 -6.26
C ILE A 54 2.73 -8.19 -4.76
N PRO A 55 3.63 -8.74 -3.85
CA PRO A 55 3.33 -8.99 -2.41
C PRO A 55 2.68 -7.77 -1.68
N PRO A 56 1.55 -8.00 -0.92
CA PRO A 56 0.81 -6.93 -0.20
C PRO A 56 1.62 -6.32 0.95
N GLY A 57 1.63 -4.98 1.07
CA GLY A 57 2.44 -4.29 2.09
C GLY A 57 3.43 -3.31 1.46
N VAL A 58 2.96 -2.58 0.44
CA VAL A 58 3.81 -1.70 -0.39
C VAL A 58 3.37 -0.20 -0.19
N ARG A 59 4.23 0.75 -0.58
CA ARG A 59 4.10 2.21 -0.31
C ARG A 59 4.60 3.04 -1.51
N GLU A 60 4.33 4.35 -1.51
CA GLU A 60 4.89 5.32 -2.47
C GLU A 60 6.44 5.25 -2.49
N GLY A 61 7.00 4.93 -3.68
CA GLY A 61 8.45 4.84 -3.87
C GLY A 61 9.04 3.48 -3.45
N SER A 62 8.16 2.55 -3.04
CA SER A 62 8.57 1.20 -2.63
C SER A 62 8.76 0.33 -3.88
N VAL A 63 9.90 -0.37 -3.90
CA VAL A 63 10.29 -1.26 -5.00
C VAL A 63 9.91 -2.72 -4.63
N ILE A 64 9.33 -3.45 -5.58
CA ILE A 64 8.83 -4.84 -5.37
C ILE A 64 9.66 -5.84 -6.18
N ARG A 65 10.26 -6.84 -5.51
CA ARG A 65 10.98 -7.92 -6.21
C ARG A 65 10.05 -9.11 -6.46
N VAL A 66 9.86 -9.44 -7.74
CA VAL A 66 9.13 -10.64 -8.16
C VAL A 66 10.15 -11.60 -8.85
N PRO A 67 10.27 -12.89 -8.39
CA PRO A 67 11.30 -13.81 -8.91
C PRO A 67 10.93 -14.43 -10.28
N GLY A 68 11.95 -14.72 -11.10
CA GLY A 68 11.80 -15.44 -12.36
C GLY A 68 11.17 -14.63 -13.51
N MET A 69 11.26 -13.29 -13.44
CA MET A 69 10.70 -12.40 -14.49
C MET A 69 11.82 -11.87 -15.40
N GLY A 70 12.92 -11.41 -14.79
CA GLY A 70 14.05 -10.83 -15.52
C GLY A 70 14.89 -11.89 -16.23
N GLY A 71 15.89 -12.43 -15.51
CA GLY A 71 16.72 -13.56 -15.98
C GLY A 71 15.89 -14.79 -16.31
N GLN A 72 15.61 -14.97 -17.62
CA GLN A 72 14.85 -16.12 -18.15
C GLN A 72 15.83 -17.29 -18.41
N GLY A 73 15.81 -18.29 -17.52
CA GLY A 73 16.67 -19.46 -17.61
C GLY A 73 16.88 -20.12 -16.26
N ASN A 74 17.89 -21.00 -16.15
CA ASN A 74 18.25 -21.68 -14.88
C ASN A 74 18.64 -20.66 -13.76
N PRO A 75 19.49 -19.60 -14.01
CA PRO A 75 19.67 -18.49 -13.05
C PRO A 75 18.44 -17.56 -13.05
N PRO A 76 17.56 -17.60 -11.99
CA PRO A 76 16.31 -16.82 -11.99
C PRO A 76 16.60 -15.34 -11.67
N GLY A 77 16.13 -14.45 -12.54
CA GLY A 77 16.24 -13.01 -12.33
C GLY A 77 14.89 -12.40 -12.02
N ASP A 78 14.89 -11.15 -11.58
CA ASP A 78 13.73 -10.52 -10.95
C ASP A 78 13.25 -9.30 -11.74
N LEU A 79 12.08 -8.81 -11.34
CA LEU A 79 11.54 -7.53 -11.80
C LEU A 79 11.23 -6.67 -10.57
N LEU A 80 11.96 -5.55 -10.49
CA LEU A 80 11.80 -4.53 -9.48
C LEU A 80 10.81 -3.45 -9.96
N LEU A 81 9.57 -3.57 -9.47
CA LEU A 81 8.47 -2.64 -9.76
C LEU A 81 8.42 -1.50 -8.73
N VAL A 82 8.82 -0.29 -9.17
CA VAL A 82 8.75 0.93 -8.35
C VAL A 82 7.35 1.55 -8.53
N VAL A 83 6.52 1.41 -7.49
CA VAL A 83 5.15 1.92 -7.50
C VAL A 83 5.09 3.43 -7.18
N ARG A 84 4.09 4.08 -7.75
CA ARG A 84 3.75 5.49 -7.51
C ARG A 84 2.29 5.54 -7.05
N LEU A 85 2.04 5.77 -5.74
CA LEU A 85 0.67 5.81 -5.22
C LEU A 85 -0.10 7.03 -5.75
N LEU A 86 -1.40 6.83 -6.03
CA LEU A 86 -2.27 7.85 -6.65
C LEU A 86 -2.28 9.17 -5.85
N PRO A 87 -2.32 10.36 -6.54
CA PRO A 87 -2.27 11.69 -5.90
C PRO A 87 -3.63 12.10 -5.27
N HIS A 88 -4.04 11.33 -4.24
CA HIS A 88 -5.18 11.67 -3.37
C HIS A 88 -4.92 11.06 -1.95
N PRO A 89 -3.70 11.29 -1.33
CA PRO A 89 -3.27 10.52 -0.14
C PRO A 89 -4.21 10.76 1.06
N VAL A 90 -4.77 9.65 1.58
CA VAL A 90 -5.70 9.67 2.73
C VAL A 90 -5.10 8.77 3.83
N PHE A 91 -4.58 7.62 3.39
CA PHE A 91 -3.95 6.64 4.25
C PHE A 91 -2.44 6.78 4.14
N ARG A 92 -1.81 7.00 5.30
CA ARG A 92 -0.36 7.18 5.43
C ARG A 92 0.17 6.06 6.34
N LEU A 93 1.09 5.25 5.80
CA LEU A 93 1.63 4.06 6.47
C LEU A 93 3.06 4.32 6.97
N GLU A 94 3.35 3.82 8.18
CA GLU A 94 4.72 3.67 8.70
C GLU A 94 4.82 2.27 9.35
N GLY A 95 5.55 1.35 8.68
CA GLY A 95 5.76 -0.01 9.17
C GLY A 95 4.51 -0.88 9.03
N GLN A 96 3.59 -0.76 10.00
CA GLN A 96 2.30 -1.46 10.01
C GLN A 96 1.15 -0.50 10.40
N ASP A 97 1.49 0.67 10.97
CA ASP A 97 0.51 1.65 11.51
C ASP A 97 0.08 2.67 10.45
N LEU A 98 -1.21 3.05 10.51
CA LEU A 98 -1.89 3.92 9.54
C LEU A 98 -2.27 5.26 10.18
N TYR A 99 -2.52 6.23 9.30
CA TYR A 99 -3.01 7.57 9.67
C TYR A 99 -4.02 7.98 8.60
N ALA A 100 -5.25 8.27 9.03
CA ALA A 100 -6.35 8.65 8.15
C ALA A 100 -7.28 9.59 8.89
N THR A 101 -7.71 10.66 8.23
CA THR A 101 -8.53 11.69 8.85
C THR A 101 -10.01 11.27 8.89
N LEU A 102 -10.59 11.25 10.10
CA LEU A 102 -11.99 10.85 10.32
C LEU A 102 -12.81 12.09 10.70
N ASP A 103 -13.74 12.48 9.82
CA ASP A 103 -14.72 13.54 10.11
C ASP A 103 -15.93 12.91 10.80
N VAL A 104 -16.14 13.26 12.08
CA VAL A 104 -17.25 12.78 12.90
C VAL A 104 -18.12 13.99 13.34
N PRO A 105 -19.46 13.99 13.06
CA PRO A 105 -20.38 15.06 13.52
C PRO A 105 -20.45 15.15 15.07
N ALA A 106 -20.61 16.39 15.57
CA ALA A 106 -20.63 16.71 17.02
C ALA A 106 -21.68 15.89 17.84
N PRO A 107 -22.98 15.67 17.34
CA PRO A 107 -23.94 14.75 18.00
C PRO A 107 -23.33 13.37 18.34
N ILE A 108 -22.63 12.76 17.36
CA ILE A 108 -22.01 11.44 17.52
C ILE A 108 -20.80 11.53 18.48
N ALA A 109 -20.04 12.63 18.38
CA ALA A 109 -18.82 12.85 19.18
C ALA A 109 -19.15 12.90 20.69
N VAL A 110 -20.25 13.59 21.04
CA VAL A 110 -20.65 13.79 22.44
C VAL A 110 -21.35 12.55 23.03
N VAL A 111 -22.22 11.88 22.23
CA VAL A 111 -22.93 10.66 22.70
C VAL A 111 -22.01 9.41 22.61
N GLY A 112 -21.01 9.49 21.72
CA GLY A 112 -20.12 8.38 21.43
C GLY A 112 -20.81 7.30 20.60
N GLY A 113 -21.26 7.67 19.38
CA GLY A 113 -21.95 6.74 18.50
C GLY A 113 -20.99 6.00 17.57
N LYS A 114 -21.43 5.79 16.33
CA LYS A 114 -20.65 5.06 15.31
C LYS A 114 -20.62 5.85 14.00
N VAL A 115 -19.48 5.76 13.31
CA VAL A 115 -19.26 6.35 11.98
C VAL A 115 -18.58 5.32 11.07
N ARG A 116 -18.51 5.65 9.78
CA ARG A 116 -17.82 4.83 8.77
C ARG A 116 -16.48 5.48 8.42
N ALA A 117 -15.41 4.67 8.37
CA ALA A 117 -14.08 5.11 7.90
C ALA A 117 -13.71 4.28 6.66
N MET A 118 -13.59 4.97 5.51
CA MET A 118 -13.19 4.34 4.25
C MET A 118 -11.69 3.98 4.31
N THR A 119 -11.42 2.67 4.46
CA THR A 119 -10.04 2.13 4.53
C THR A 119 -9.73 1.21 3.35
N LEU A 120 -8.45 0.85 3.21
CA LEU A 120 -7.92 0.15 2.04
C LEU A 120 -8.29 -1.35 2.02
N GLU A 121 -8.98 -1.82 3.07
CA GLU A 121 -9.51 -3.20 3.17
C GLU A 121 -11.05 -3.23 2.97
N GLY A 122 -11.68 -2.05 2.87
CA GLY A 122 -13.14 -1.91 2.77
C GLY A 122 -13.72 -1.17 3.98
N PRO A 123 -14.93 -0.51 3.86
CA PRO A 123 -15.46 0.44 4.89
C PRO A 123 -15.64 -0.22 6.27
N VAL A 124 -15.05 0.39 7.32
CA VAL A 124 -15.13 -0.11 8.71
C VAL A 124 -16.02 0.79 9.56
N GLU A 125 -16.39 0.29 10.74
CA GLU A 125 -17.29 0.97 11.66
C GLU A 125 -16.51 1.36 12.91
N VAL A 126 -16.34 2.66 13.10
CA VAL A 126 -15.62 3.22 14.24
C VAL A 126 -16.62 3.59 15.34
N ALA A 127 -16.52 2.93 16.49
CA ALA A 127 -17.28 3.30 17.68
C ALA A 127 -16.47 4.39 18.42
N VAL A 128 -16.88 5.65 18.25
CA VAL A 128 -16.16 6.80 18.82
C VAL A 128 -16.42 6.87 20.36
N PRO A 129 -15.42 7.33 21.18
CA PRO A 129 -15.60 7.48 22.65
C PRO A 129 -16.72 8.47 23.01
N PRO A 130 -17.62 8.15 24.00
CA PRO A 130 -18.58 9.12 24.55
C PRO A 130 -17.86 10.38 25.05
N ARG A 131 -18.24 11.54 24.49
CA ARG A 131 -17.64 12.85 24.80
C ARG A 131 -16.14 12.86 24.38
N THR A 132 -15.87 12.43 23.12
CA THR A 132 -14.50 12.43 22.55
C THR A 132 -14.05 13.87 22.23
N GLN A 133 -12.75 14.02 21.90
CA GLN A 133 -12.14 15.34 21.61
C GLN A 133 -11.56 15.34 20.19
N ALA A 134 -11.61 16.51 19.55
CA ALA A 134 -11.03 16.76 18.23
C ALA A 134 -9.51 16.90 18.35
N GLY A 135 -8.77 16.07 17.62
CA GLY A 135 -7.30 15.98 17.76
C GLY A 135 -6.88 14.62 18.31
N ARG A 136 -7.86 13.81 18.77
CA ARG A 136 -7.66 12.42 19.18
C ARG A 136 -7.35 11.51 17.98
N LYS A 137 -6.78 10.34 18.28
CA LYS A 137 -6.47 9.30 17.30
C LYS A 137 -7.25 8.03 17.71
N LEU A 138 -8.26 7.62 16.91
CA LEU A 138 -9.08 6.43 17.25
C LEU A 138 -8.38 5.20 16.70
N ARG A 139 -7.83 4.40 17.63
CA ARG A 139 -6.96 3.27 17.31
C ARG A 139 -7.81 2.03 17.02
N LEU A 140 -7.88 1.67 15.74
CA LEU A 140 -8.52 0.43 15.28
C LEU A 140 -7.41 -0.63 15.06
N LYS A 141 -7.22 -1.53 16.03
CA LYS A 141 -6.17 -2.55 15.96
C LYS A 141 -6.56 -3.69 14.99
N GLY A 142 -5.54 -4.23 14.29
CA GLY A 142 -5.75 -5.26 13.25
C GLY A 142 -6.37 -4.71 11.98
N LYS A 143 -6.11 -3.42 11.72
CA LYS A 143 -6.65 -2.69 10.54
C LYS A 143 -5.52 -2.15 9.64
N GLY A 144 -4.29 -2.23 10.14
CA GLY A 144 -3.11 -1.75 9.42
C GLY A 144 -2.59 -2.75 8.40
N PHE A 145 -1.28 -2.65 8.11
CA PHE A 145 -0.59 -3.58 7.20
C PHE A 145 0.08 -4.71 8.00
N PRO A 146 0.39 -5.90 7.35
CA PRO A 146 1.00 -7.08 8.05
C PRO A 146 2.26 -6.72 8.88
N GLY A 147 2.26 -7.16 10.15
CA GLY A 147 3.36 -6.89 11.08
C GLY A 147 3.39 -7.90 12.23
N PRO A 148 4.22 -7.66 13.30
CA PRO A 148 4.38 -8.60 14.44
C PRO A 148 3.08 -8.77 15.27
N ALA A 149 2.13 -7.82 15.12
CA ALA A 149 0.83 -7.85 15.82
C ALA A 149 -0.28 -8.41 14.90
N GLY A 150 0.12 -9.16 13.86
CA GLY A 150 -0.80 -9.67 12.84
C GLY A 150 -0.93 -8.65 11.73
N ARG A 151 -1.80 -7.66 11.93
CA ARG A 151 -1.83 -6.43 11.13
C ARG A 151 -1.77 -5.24 12.09
N GLY A 152 -1.35 -4.07 11.58
CA GLY A 152 -1.12 -2.88 12.40
C GLY A 152 -2.39 -2.21 12.88
N ASP A 153 -2.29 -0.91 13.21
CA ASP A 153 -3.40 -0.14 13.77
C ASP A 153 -3.74 0.99 12.81
N LEU A 154 -5.01 1.42 12.80
CA LEU A 154 -5.47 2.60 12.09
C LEU A 154 -5.72 3.72 13.09
N TYR A 155 -4.93 4.81 13.01
CA TYR A 155 -5.11 6.00 13.85
C TYR A 155 -5.91 7.06 13.09
N LEU A 156 -7.17 7.23 13.51
CA LEU A 156 -8.12 8.17 12.94
C LEU A 156 -8.03 9.55 13.58
N GLU A 157 -7.74 10.56 12.76
CA GLU A 157 -7.62 11.94 13.17
C GLU A 157 -9.03 12.54 13.33
N VAL A 158 -9.56 12.44 14.55
CA VAL A 158 -10.88 12.98 14.94
C VAL A 158 -11.03 14.47 14.58
N ARG A 159 -11.96 14.73 13.66
CA ARG A 159 -12.38 16.07 13.26
C ARG A 159 -13.85 16.20 13.63
N ILE A 160 -14.12 16.75 14.83
CA ILE A 160 -15.49 16.98 15.27
C ILE A 160 -16.04 18.20 14.51
N THR A 161 -17.01 17.93 13.62
CA THR A 161 -17.61 18.94 12.75
C THR A 161 -19.05 19.27 13.27
N ALA A 1 -2.00 -2.70 -19.67
CA ALA A 1 -1.93 -3.82 -18.70
C ALA A 1 -2.61 -3.42 -17.37
N ALA A 2 -3.24 -4.41 -16.70
CA ALA A 2 -3.90 -4.21 -15.39
C ALA A 2 -2.89 -3.78 -14.31
N LEU A 3 -1.66 -4.27 -14.44
CA LEU A 3 -0.51 -3.81 -13.64
C LEU A 3 0.44 -3.11 -14.63
N VAL A 4 0.56 -1.78 -14.49
CA VAL A 4 1.48 -0.99 -15.33
C VAL A 4 2.92 -1.34 -14.94
N ALA A 5 3.75 -1.55 -15.96
CA ALA A 5 5.17 -1.83 -15.79
C ALA A 5 5.90 -1.29 -17.01
N HIS A 6 5.69 0.02 -17.25
CA HIS A 6 6.34 0.76 -18.32
C HIS A 6 7.85 0.82 -18.04
N VAL A 7 8.62 0.07 -18.85
CA VAL A 7 10.09 -0.03 -18.69
C VAL A 7 10.70 1.39 -18.83
N THR A 8 11.42 1.82 -17.80
CA THR A 8 11.96 3.18 -17.68
C THR A 8 13.26 3.14 -16.83
N SER A 9 14.20 4.06 -17.10
CA SER A 9 15.45 4.18 -16.33
C SER A 9 15.27 5.27 -15.26
N GLY A 10 14.40 4.97 -14.28
CA GLY A 10 13.98 5.94 -13.26
C GLY A 10 14.82 5.89 -11.99
N SER A 11 14.76 6.99 -11.22
CA SER A 11 15.50 7.16 -9.96
C SER A 11 14.64 6.76 -8.74
N GLY A 12 15.32 6.51 -7.60
CA GLY A 12 14.63 6.18 -6.34
C GLY A 12 14.64 4.69 -6.10
N GLY A 13 15.30 4.26 -4.99
CA GLY A 13 15.46 2.83 -4.67
C GLY A 13 14.75 2.45 -3.38
N SER A 14 14.57 1.14 -3.19
CA SER A 14 14.00 0.55 -1.95
C SER A 14 15.13 0.22 -0.98
N GLY A 15 16.20 -0.36 -1.53
CA GLY A 15 17.34 -0.82 -0.76
C GLY A 15 17.88 -2.12 -1.30
N GLY A 16 17.38 -3.24 -0.73
CA GLY A 16 17.78 -4.59 -1.15
C GLY A 16 19.28 -4.85 -0.96
N SER A 17 19.83 -5.73 -1.83
CA SER A 17 21.28 -6.00 -1.92
C SER A 17 21.53 -6.97 -3.08
N GLY A 18 22.57 -6.68 -3.88
CA GLY A 18 22.97 -7.54 -4.99
C GLY A 18 21.96 -7.53 -6.14
N GLY A 19 21.90 -8.63 -6.89
CA GLY A 19 21.03 -8.77 -8.06
C GLY A 19 21.38 -10.01 -8.84
N SER A 20 20.64 -10.30 -9.91
CA SER A 20 20.86 -11.51 -10.71
C SER A 20 20.77 -11.18 -12.20
N GLY A 21 21.94 -10.99 -12.83
CA GLY A 21 22.05 -10.67 -14.25
C GLY A 21 21.41 -9.34 -14.60
N ARG A 22 20.47 -9.37 -15.56
CA ARG A 22 19.76 -8.17 -15.99
C ARG A 22 18.65 -7.83 -14.99
N ASP A 23 18.75 -6.64 -14.39
CA ASP A 23 17.69 -6.09 -13.53
C ASP A 23 16.76 -5.22 -14.39
N LEU A 24 15.45 -5.41 -14.22
CA LEU A 24 14.44 -4.65 -14.95
C LEU A 24 14.00 -3.48 -14.04
N ARG A 25 13.71 -2.33 -14.62
CA ARG A 25 13.21 -1.16 -13.88
C ARG A 25 11.97 -0.63 -14.60
N ALA A 26 10.90 -0.44 -13.84
CA ALA A 26 9.62 0.06 -14.37
C ALA A 26 8.89 0.83 -13.27
N GLU A 27 8.09 1.82 -13.68
CA GLU A 27 7.29 2.66 -12.76
C GLU A 27 5.81 2.51 -13.09
N LEU A 28 4.95 2.61 -12.07
CA LEU A 28 3.49 2.50 -12.24
C LEU A 28 2.73 3.42 -11.28
N PRO A 29 1.55 3.95 -11.70
CA PRO A 29 0.55 4.46 -10.75
C PRO A 29 -0.23 3.27 -10.12
N LEU A 30 -0.06 3.08 -8.81
CA LEU A 30 -0.77 2.03 -8.06
C LEU A 30 -1.83 2.68 -7.19
N THR A 31 -2.85 1.91 -6.81
CA THR A 31 -3.93 2.38 -5.93
C THR A 31 -3.56 2.14 -4.45
N LEU A 32 -4.10 2.98 -3.55
CA LEU A 32 -3.95 2.84 -2.09
C LEU A 32 -4.48 1.47 -1.65
N GLU A 33 -5.71 1.21 -2.10
CA GLU A 33 -6.41 -0.08 -1.84
C GLU A 33 -5.56 -1.29 -2.26
N GLU A 34 -4.85 -1.16 -3.40
CA GLU A 34 -4.05 -2.26 -3.98
C GLU A 34 -2.64 -2.30 -3.37
N ALA A 35 -2.22 -1.19 -2.74
CA ALA A 35 -1.03 -1.15 -1.89
C ALA A 35 -1.24 -2.05 -0.66
N PHE A 36 -2.50 -2.05 -0.16
CA PHE A 36 -2.95 -2.96 0.90
C PHE A 36 -3.08 -4.40 0.35
N HIS A 37 -3.88 -4.58 -0.71
CA HIS A 37 -4.25 -5.93 -1.21
C HIS A 37 -3.04 -6.67 -1.82
N GLY A 38 -2.24 -5.97 -2.65
CA GLY A 38 -1.15 -6.59 -3.39
C GLY A 38 -1.68 -7.56 -4.45
N GLY A 39 -1.43 -8.87 -4.25
CA GLY A 39 -2.03 -9.92 -5.07
C GLY A 39 -1.35 -10.11 -6.43
N GLU A 40 -1.93 -11.01 -7.23
CA GLU A 40 -1.44 -11.31 -8.59
C GLU A 40 -2.07 -10.33 -9.59
N ARG A 41 -1.29 -9.93 -10.61
CA ARG A 41 -1.74 -8.97 -11.63
C ARG A 41 -0.93 -9.14 -12.92
N VAL A 42 -1.53 -8.90 -14.08
CA VAL A 42 -0.89 -9.15 -15.39
C VAL A 42 0.05 -7.97 -15.79
N VAL A 43 1.30 -8.32 -16.07
CA VAL A 43 2.39 -7.37 -16.40
C VAL A 43 2.95 -7.69 -17.79
N GLU A 44 3.34 -6.66 -18.54
CA GLU A 44 4.10 -6.83 -19.79
C GLU A 44 5.38 -5.98 -19.72
N VAL A 45 6.51 -6.63 -19.38
CA VAL A 45 7.85 -6.01 -19.40
C VAL A 45 8.66 -6.58 -20.57
N ALA A 46 9.29 -5.68 -21.35
CA ALA A 46 10.05 -6.01 -22.56
C ALA A 46 9.15 -6.68 -23.64
N GLY A 47 7.82 -6.41 -23.55
CA GLY A 47 6.83 -6.95 -24.49
C GLY A 47 6.33 -8.34 -24.11
N ARG A 48 6.85 -8.89 -22.99
CA ARG A 48 6.54 -10.26 -22.54
C ARG A 48 5.55 -10.22 -21.38
N ARG A 49 4.40 -10.91 -21.55
CA ARG A 49 3.30 -10.89 -20.59
C ARG A 49 3.48 -11.97 -19.51
N VAL A 50 3.85 -11.52 -18.30
CA VAL A 50 4.05 -12.39 -17.11
C VAL A 50 3.15 -11.86 -15.96
N SER A 51 2.44 -12.75 -15.26
CA SER A 51 1.63 -12.37 -14.09
C SER A 51 2.52 -12.33 -12.83
N VAL A 52 2.57 -11.15 -12.18
CA VAL A 52 3.41 -10.92 -10.98
C VAL A 52 2.56 -11.01 -9.71
N ARG A 53 3.16 -11.46 -8.60
CA ARG A 53 2.63 -11.22 -7.26
C ARG A 53 3.56 -10.23 -6.57
N ILE A 54 3.22 -8.94 -6.60
CA ILE A 54 3.96 -7.93 -5.84
C ILE A 54 3.53 -8.01 -4.37
N PRO A 55 4.52 -8.15 -3.41
CA PRO A 55 4.21 -8.27 -1.96
C PRO A 55 3.25 -7.20 -1.45
N PRO A 56 2.13 -7.62 -0.76
CA PRO A 56 1.19 -6.67 -0.13
C PRO A 56 1.86 -5.98 1.08
N GLY A 57 1.54 -4.70 1.28
CA GLY A 57 2.21 -3.87 2.27
C GLY A 57 3.14 -2.88 1.59
N VAL A 58 2.78 -2.53 0.36
CA VAL A 58 3.56 -1.64 -0.50
C VAL A 58 3.03 -0.21 -0.32
N ARG A 59 3.87 0.78 -0.63
CA ARG A 59 3.64 2.20 -0.27
C ARG A 59 4.21 3.11 -1.35
N GLU A 60 3.90 4.42 -1.29
CA GLU A 60 4.46 5.45 -2.18
C GLU A 60 6.01 5.40 -2.19
N GLY A 61 6.58 5.24 -3.41
CA GLY A 61 8.03 5.22 -3.61
C GLY A 61 8.67 3.85 -3.42
N SER A 62 7.88 2.87 -2.93
CA SER A 62 8.39 1.51 -2.67
C SER A 62 8.71 0.79 -3.98
N VAL A 63 9.97 0.34 -4.11
CA VAL A 63 10.47 -0.38 -5.29
C VAL A 63 10.46 -1.89 -4.96
N ILE A 64 9.76 -2.65 -5.80
CA ILE A 64 9.44 -4.07 -5.53
C ILE A 64 10.36 -4.98 -6.36
N ARG A 65 11.22 -5.78 -5.69
CA ARG A 65 12.07 -6.78 -6.35
C ARG A 65 11.34 -8.13 -6.46
N VAL A 66 11.08 -8.57 -7.70
CA VAL A 66 10.46 -9.88 -7.99
C VAL A 66 11.42 -10.75 -8.84
N PRO A 67 11.92 -11.90 -8.31
CA PRO A 67 12.85 -12.78 -9.07
C PRO A 67 12.14 -13.55 -10.21
N GLY A 68 12.87 -13.83 -11.29
CA GLY A 68 12.38 -14.67 -12.38
C GLY A 68 11.82 -13.93 -13.58
N MET A 69 12.12 -12.63 -13.74
CA MET A 69 11.68 -11.83 -14.91
C MET A 69 12.86 -11.24 -15.69
N GLY A 70 13.71 -10.45 -15.00
CA GLY A 70 14.80 -9.72 -15.64
C GLY A 70 15.82 -10.66 -16.31
N GLY A 71 16.82 -11.07 -15.53
CA GLY A 71 17.83 -12.02 -16.00
C GLY A 71 17.26 -13.42 -16.19
N GLN A 72 16.83 -13.71 -17.43
CA GLN A 72 16.43 -15.06 -17.85
C GLN A 72 17.63 -15.81 -18.44
N GLY A 73 17.88 -17.03 -17.96
CA GLY A 73 18.99 -17.85 -18.42
C GLY A 73 19.10 -19.12 -17.60
N ASN A 74 19.30 -18.93 -16.28
CA ASN A 74 19.37 -20.01 -15.28
C ASN A 74 19.16 -19.41 -13.85
N PRO A 75 19.93 -18.33 -13.43
CA PRO A 75 19.64 -17.62 -12.15
C PRO A 75 18.49 -16.59 -12.35
N PRO A 76 17.36 -16.69 -11.56
CA PRO A 76 16.19 -15.78 -11.73
C PRO A 76 16.55 -14.30 -11.47
N GLY A 77 16.32 -13.44 -12.47
CA GLY A 77 16.61 -12.00 -12.36
C GLY A 77 15.40 -11.20 -11.95
N ASP A 78 15.62 -10.01 -11.42
CA ASP A 78 14.58 -9.24 -10.74
C ASP A 78 13.93 -8.20 -11.67
N LEU A 79 12.67 -7.90 -11.37
CA LEU A 79 11.98 -6.72 -11.90
C LEU A 79 11.69 -5.80 -10.70
N LEU A 80 12.16 -4.54 -10.80
CA LEU A 80 11.98 -3.50 -9.78
C LEU A 80 10.82 -2.57 -10.17
N LEU A 81 9.66 -2.79 -9.56
CA LEU A 81 8.45 -1.97 -9.76
C LEU A 81 8.33 -0.90 -8.66
N VAL A 82 8.67 0.35 -9.01
CA VAL A 82 8.45 1.49 -8.10
C VAL A 82 7.02 2.02 -8.31
N VAL A 83 6.18 1.85 -7.29
CA VAL A 83 4.78 2.27 -7.35
C VAL A 83 4.62 3.74 -6.92
N ARG A 84 3.60 4.39 -7.51
CA ARG A 84 3.20 5.76 -7.20
C ARG A 84 1.74 5.72 -6.82
N LEU A 85 1.43 5.84 -5.53
CA LEU A 85 0.05 5.71 -5.04
C LEU A 85 -0.82 6.89 -5.51
N LEU A 86 -2.10 6.59 -5.84
CA LEU A 86 -3.05 7.54 -6.44
C LEU A 86 -3.14 8.86 -5.62
N PRO A 87 -3.38 10.04 -6.28
CA PRO A 87 -3.41 11.35 -5.60
C PRO A 87 -4.71 11.65 -4.82
N HIS A 88 -5.30 10.62 -4.17
CA HIS A 88 -6.43 10.78 -3.23
C HIS A 88 -6.01 10.22 -1.83
N PRO A 89 -5.00 10.85 -1.13
CA PRO A 89 -4.41 10.23 0.07
C PRO A 89 -5.42 10.20 1.24
N VAL A 90 -5.67 9.01 1.77
CA VAL A 90 -6.57 8.78 2.91
C VAL A 90 -5.89 7.84 3.89
N PHE A 91 -5.19 6.85 3.35
CA PHE A 91 -4.47 5.85 4.13
C PHE A 91 -2.96 5.94 3.94
N ARG A 92 -2.27 5.72 5.07
CA ARG A 92 -0.82 5.55 5.15
C ARG A 92 -0.56 4.26 5.93
N LEU A 93 0.59 3.62 5.70
CA LEU A 93 0.98 2.37 6.38
C LEU A 93 2.41 2.50 6.89
N GLU A 94 2.67 2.01 8.12
CA GLU A 94 4.01 1.93 8.68
C GLU A 94 4.14 0.64 9.49
N GLY A 95 5.06 -0.24 9.05
CA GLY A 95 5.26 -1.55 9.68
C GLY A 95 4.09 -2.49 9.48
N GLN A 96 3.11 -2.40 10.39
CA GLN A 96 1.94 -3.29 10.45
C GLN A 96 0.64 -2.50 10.66
N ASP A 97 0.76 -1.22 11.08
CA ASP A 97 -0.41 -0.40 11.45
C ASP A 97 -0.64 0.72 10.43
N LEU A 98 -1.89 1.20 10.38
CA LEU A 98 -2.40 2.10 9.33
C LEU A 98 -2.63 3.50 9.92
N TYR A 99 -2.89 4.47 9.04
CA TYR A 99 -3.19 5.85 9.42
C TYR A 99 -4.28 6.36 8.48
N ALA A 100 -5.40 6.82 9.03
CA ALA A 100 -6.50 7.39 8.25
C ALA A 100 -6.99 8.65 8.93
N THR A 101 -7.54 9.56 8.14
CA THR A 101 -8.11 10.79 8.66
C THR A 101 -9.63 10.63 8.76
N LEU A 102 -10.16 10.75 9.97
CA LEU A 102 -11.57 10.51 10.30
C LEU A 102 -12.28 11.86 10.53
N ASP A 103 -13.19 12.21 9.62
CA ASP A 103 -14.01 13.42 9.74
C ASP A 103 -15.34 13.08 10.41
N VAL A 104 -15.48 13.44 11.69
CA VAL A 104 -16.74 13.23 12.44
C VAL A 104 -17.52 14.56 12.52
N PRO A 105 -18.88 14.54 12.39
CA PRO A 105 -19.70 15.74 12.64
C PRO A 105 -19.65 16.16 14.12
N ALA A 106 -19.82 17.47 14.37
CA ALA A 106 -19.74 18.06 15.72
C ALA A 106 -20.74 17.42 16.71
N PRO A 107 -22.05 17.18 16.33
CA PRO A 107 -22.99 16.39 17.17
C PRO A 107 -22.39 15.07 17.70
N ILE A 108 -21.88 14.22 16.78
CA ILE A 108 -21.33 12.89 17.14
C ILE A 108 -20.05 13.02 17.99
N ALA A 109 -19.23 14.02 17.69
CA ALA A 109 -17.99 14.28 18.44
C ALA A 109 -18.27 14.48 19.94
N VAL A 110 -19.12 15.47 20.24
CA VAL A 110 -19.41 15.90 21.61
C VAL A 110 -20.23 14.85 22.40
N VAL A 111 -21.22 14.21 21.74
CA VAL A 111 -22.07 13.18 22.39
C VAL A 111 -21.31 11.82 22.49
N GLY A 112 -20.37 11.62 21.57
CA GLY A 112 -19.63 10.36 21.48
C GLY A 112 -20.42 9.24 20.83
N GLY A 113 -20.78 9.41 19.54
CA GLY A 113 -21.52 8.39 18.78
C GLY A 113 -20.56 7.46 18.03
N LYS A 114 -20.99 6.97 16.85
CA LYS A 114 -20.18 6.11 15.99
C LYS A 114 -20.33 6.51 14.52
N VAL A 115 -19.18 6.57 13.82
CA VAL A 115 -19.11 6.95 12.39
C VAL A 115 -18.49 5.80 11.60
N ARG A 116 -19.09 5.46 10.45
CA ARG A 116 -18.49 4.50 9.51
C ARG A 116 -17.39 5.19 8.70
N ALA A 117 -16.15 4.73 8.90
CA ALA A 117 -14.99 5.19 8.16
C ALA A 117 -14.63 4.14 7.09
N MET A 118 -14.14 4.58 5.94
CA MET A 118 -13.66 3.66 4.90
C MET A 118 -12.22 3.24 5.19
N THR A 119 -11.90 2.01 4.79
CA THR A 119 -10.55 1.46 4.84
C THR A 119 -10.27 0.64 3.58
N LEU A 120 -8.98 0.31 3.40
CA LEU A 120 -8.48 -0.36 2.18
C LEU A 120 -8.87 -1.85 2.13
N GLU A 121 -9.59 -2.35 3.17
CA GLU A 121 -10.10 -3.74 3.22
C GLU A 121 -11.64 -3.81 3.35
N GLY A 122 -12.31 -2.64 3.47
CA GLY A 122 -13.79 -2.58 3.56
C GLY A 122 -14.28 -1.34 4.31
N PRO A 123 -15.55 -1.34 4.81
CA PRO A 123 -16.05 -0.31 5.76
C PRO A 123 -15.90 -0.73 7.25
N VAL A 124 -15.37 0.18 8.07
CA VAL A 124 -15.29 0.00 9.54
C VAL A 124 -16.23 0.99 10.25
N GLU A 125 -16.72 0.62 11.45
CA GLU A 125 -17.49 1.54 12.32
C GLU A 125 -16.71 1.83 13.61
N VAL A 126 -16.31 3.10 13.78
CA VAL A 126 -15.57 3.56 14.96
C VAL A 126 -16.48 4.35 15.91
N ALA A 127 -16.59 3.88 17.15
CA ALA A 127 -17.31 4.58 18.22
C ALA A 127 -16.37 5.62 18.85
N VAL A 128 -16.60 6.91 18.54
CA VAL A 128 -15.82 8.00 19.12
C VAL A 128 -16.21 8.16 20.63
N PRO A 129 -15.23 8.33 21.57
CA PRO A 129 -15.53 8.48 23.02
C PRO A 129 -16.40 9.73 23.31
N PRO A 130 -17.34 9.66 24.32
CA PRO A 130 -18.12 10.84 24.79
C PRO A 130 -17.20 12.03 25.14
N ARG A 131 -17.53 13.19 24.56
CA ARG A 131 -16.76 14.45 24.67
C ARG A 131 -15.40 14.30 23.93
N THR A 132 -15.49 14.06 22.62
CA THR A 132 -14.34 13.92 21.71
C THR A 132 -13.86 15.29 21.19
N GLN A 133 -12.53 15.47 21.13
CA GLN A 133 -11.88 16.69 20.60
C GLN A 133 -11.16 16.35 19.28
N ALA A 134 -10.91 17.39 18.47
CA ALA A 134 -10.14 17.26 17.23
C ALA A 134 -8.66 17.03 17.57
N GLY A 135 -8.01 16.15 16.81
CA GLY A 135 -6.63 15.77 17.06
C GLY A 135 -6.50 14.48 17.87
N ARG A 136 -7.64 13.89 18.29
CA ARG A 136 -7.66 12.56 18.92
C ARG A 136 -7.31 11.46 17.90
N LYS A 137 -6.82 10.33 18.40
CA LYS A 137 -6.49 9.15 17.58
C LYS A 137 -7.22 7.91 18.13
N LEU A 138 -8.02 7.26 17.26
CA LEU A 138 -8.86 6.12 17.63
C LEU A 138 -8.33 4.87 16.92
N ARG A 139 -7.75 3.95 17.70
CA ARG A 139 -6.98 2.83 17.18
C ARG A 139 -7.83 1.55 17.14
N LEU A 140 -8.27 1.16 15.92
CA LEU A 140 -9.14 0.01 15.69
C LEU A 140 -8.30 -1.25 15.45
N LYS A 141 -8.15 -2.09 16.48
CA LYS A 141 -7.42 -3.36 16.38
C LYS A 141 -8.13 -4.35 15.45
N GLY A 142 -7.32 -5.23 14.82
CA GLY A 142 -7.82 -6.22 13.88
C GLY A 142 -8.34 -5.60 12.59
N LYS A 143 -7.89 -4.36 12.31
CA LYS A 143 -8.27 -3.61 11.11
C LYS A 143 -7.06 -2.90 10.49
N GLY A 144 -5.86 -3.32 10.90
CA GLY A 144 -4.62 -2.88 10.26
C GLY A 144 -4.10 -3.89 9.27
N PHE A 145 -2.81 -3.79 8.93
CA PHE A 145 -2.21 -4.66 7.92
C PHE A 145 -1.79 -6.01 8.54
N PRO A 146 -2.22 -7.17 7.96
CA PRO A 146 -1.75 -8.51 8.40
C PRO A 146 -0.28 -8.75 8.00
N GLY A 147 0.55 -9.11 8.99
CA GLY A 147 1.99 -9.31 8.76
C GLY A 147 2.65 -10.19 9.84
N PRO A 148 3.94 -9.93 10.22
CA PRO A 148 4.68 -10.76 11.22
C PRO A 148 4.08 -10.67 12.64
N ALA A 149 3.37 -9.55 12.91
CA ALA A 149 2.68 -9.30 14.20
C ALA A 149 1.22 -9.81 14.16
N GLY A 150 0.93 -10.76 13.26
CA GLY A 150 -0.42 -11.27 13.06
C GLY A 150 -1.21 -10.33 12.18
N ARG A 151 -2.04 -9.47 12.79
CA ARG A 151 -2.64 -8.31 12.11
C ARG A 151 -2.37 -7.05 12.94
N GLY A 152 -2.21 -5.92 12.25
CA GLY A 152 -2.03 -4.61 12.90
C GLY A 152 -3.37 -3.95 13.22
N ASP A 153 -3.34 -2.62 13.32
CA ASP A 153 -4.49 -1.80 13.74
C ASP A 153 -4.56 -0.52 12.89
N LEU A 154 -5.73 0.10 12.88
CA LEU A 154 -5.98 1.36 12.16
C LEU A 154 -5.92 2.56 13.13
N TYR A 155 -5.03 3.51 12.85
CA TYR A 155 -4.86 4.72 13.69
C TYR A 155 -5.58 5.90 13.00
N LEU A 156 -6.75 6.28 13.52
CA LEU A 156 -7.59 7.37 12.97
C LEU A 156 -7.18 8.73 13.51
N GLU A 157 -7.38 9.79 12.71
CA GLU A 157 -7.12 11.18 13.11
C GLU A 157 -8.45 11.94 13.14
N VAL A 158 -9.07 12.05 14.34
CA VAL A 158 -10.32 12.80 14.55
C VAL A 158 -10.22 14.25 14.01
N ARG A 159 -11.19 14.59 13.15
CA ARG A 159 -11.31 15.90 12.50
C ARG A 159 -12.79 16.29 12.58
N ILE A 160 -13.14 17.16 13.52
CA ILE A 160 -14.51 17.56 13.76
C ILE A 160 -14.94 18.63 12.74
N THR A 161 -16.04 18.37 12.04
CA THR A 161 -16.61 19.27 11.02
C THR A 161 -17.95 19.84 11.52
N ALA A 1 0.66 -4.91 -22.14
CA ALA A 1 0.77 -4.70 -20.67
C ALA A 1 -0.64 -4.60 -20.05
N ALA A 2 -0.71 -4.36 -18.72
CA ALA A 2 -1.98 -4.23 -17.99
C ALA A 2 -1.77 -3.44 -16.69
N LEU A 3 -1.09 -4.05 -15.71
CA LEU A 3 -0.77 -3.38 -14.43
C LEU A 3 0.45 -2.50 -14.62
N VAL A 4 1.52 -3.10 -15.19
CA VAL A 4 2.71 -2.36 -15.61
C VAL A 4 2.36 -1.38 -16.74
N ALA A 5 2.90 -0.15 -16.64
CA ALA A 5 2.75 0.86 -17.68
C ALA A 5 3.82 0.62 -18.77
N HIS A 6 5.07 0.47 -18.30
CA HIS A 6 6.25 0.31 -19.17
C HIS A 6 7.48 -0.08 -18.32
N VAL A 7 8.52 -0.57 -18.99
CA VAL A 7 9.81 -0.89 -18.35
C VAL A 7 10.79 0.30 -18.50
N THR A 8 11.84 0.32 -17.66
CA THR A 8 12.78 1.44 -17.53
C THR A 8 14.22 0.90 -17.36
N SER A 9 15.19 1.81 -17.16
CA SER A 9 16.63 1.49 -17.09
C SER A 9 17.02 0.83 -15.73
N GLY A 10 18.24 0.26 -15.69
CA GLY A 10 18.81 -0.35 -14.48
C GLY A 10 19.70 0.64 -13.72
N SER A 11 20.18 0.21 -12.54
CA SER A 11 20.95 1.05 -11.60
C SER A 11 22.40 1.25 -12.08
N GLY A 12 23.11 2.21 -11.44
CA GLY A 12 24.49 2.54 -11.77
C GLY A 12 25.44 2.08 -10.69
N GLY A 13 26.54 1.42 -11.11
CA GLY A 13 27.57 0.94 -10.18
C GLY A 13 27.10 -0.27 -9.37
N SER A 14 26.52 -1.26 -10.08
CA SER A 14 26.01 -2.51 -9.48
C SER A 14 27.18 -3.46 -9.11
N GLY A 15 27.87 -3.14 -8.01
CA GLY A 15 29.06 -3.88 -7.56
C GLY A 15 28.72 -5.07 -6.67
N GLY A 16 28.07 -4.79 -5.53
CA GLY A 16 27.68 -5.81 -4.56
C GLY A 16 26.33 -6.43 -4.89
N SER A 17 26.24 -6.98 -6.11
CA SER A 17 25.04 -7.64 -6.64
C SER A 17 25.45 -8.53 -7.82
N GLY A 18 24.87 -9.74 -7.88
CA GLY A 18 25.13 -10.69 -8.95
C GLY A 18 23.85 -11.31 -9.47
N GLY A 19 23.95 -12.08 -10.56
CA GLY A 19 22.79 -12.74 -11.16
C GLY A 19 23.07 -13.18 -12.58
N SER A 20 21.98 -13.38 -13.34
CA SER A 20 22.03 -13.91 -14.72
C SER A 20 22.17 -12.78 -15.77
N GLY A 21 22.52 -11.56 -15.33
CA GLY A 21 22.74 -10.43 -16.22
C GLY A 21 22.33 -9.10 -15.59
N ARG A 22 21.75 -8.22 -16.42
CA ARG A 22 21.38 -6.83 -16.04
C ARG A 22 20.11 -6.83 -15.15
N ASP A 23 20.09 -5.99 -14.10
CA ASP A 23 18.86 -5.75 -13.30
C ASP A 23 17.84 -4.93 -14.11
N LEU A 24 16.55 -5.21 -13.88
CA LEU A 24 15.44 -4.69 -14.68
C LEU A 24 14.50 -3.93 -13.75
N ARG A 25 13.87 -2.84 -14.23
CA ARG A 25 12.99 -1.99 -13.39
C ARG A 25 11.79 -1.56 -14.22
N ALA A 26 10.62 -1.45 -13.60
CA ALA A 26 9.41 -0.96 -14.25
C ALA A 26 8.53 -0.26 -13.22
N GLU A 27 8.27 1.04 -13.40
CA GLU A 27 7.33 1.77 -12.53
C GLU A 27 5.93 1.77 -13.16
N LEU A 28 4.90 1.58 -12.32
CA LEU A 28 3.54 1.25 -12.77
C LEU A 28 2.48 1.90 -11.87
N PRO A 29 1.43 2.58 -12.46
CA PRO A 29 0.34 3.20 -11.67
C PRO A 29 -0.56 2.14 -10.99
N LEU A 30 -0.54 2.14 -9.65
CA LEU A 30 -1.39 1.32 -8.81
C LEU A 30 -2.43 2.24 -8.12
N THR A 31 -3.46 1.65 -7.52
CA THR A 31 -4.45 2.40 -6.72
C THR A 31 -4.18 2.17 -5.22
N LEU A 32 -4.63 3.11 -4.35
CA LEU A 32 -4.61 2.96 -2.89
C LEU A 32 -5.35 1.68 -2.47
N GLU A 33 -6.57 1.56 -3.00
CA GLU A 33 -7.43 0.38 -2.81
C GLU A 33 -6.74 -0.93 -3.27
N GLU A 34 -5.91 -0.87 -4.35
CA GLU A 34 -5.14 -2.02 -4.85
C GLU A 34 -3.95 -2.35 -3.93
N ALA A 35 -3.38 -1.31 -3.29
CA ALA A 35 -2.40 -1.47 -2.22
C ALA A 35 -2.97 -2.27 -1.04
N PHE A 36 -4.26 -2.04 -0.74
CA PHE A 36 -5.01 -2.82 0.25
C PHE A 36 -5.31 -4.24 -0.24
N HIS A 37 -5.83 -4.35 -1.48
CA HIS A 37 -6.30 -5.64 -2.04
C HIS A 37 -5.15 -6.64 -2.16
N GLY A 38 -4.07 -6.22 -2.84
CA GLY A 38 -2.98 -7.11 -3.25
C GLY A 38 -3.45 -8.25 -4.17
N GLY A 39 -2.58 -8.73 -5.07
CA GLY A 39 -2.96 -9.83 -5.93
C GLY A 39 -1.98 -10.13 -7.05
N GLU A 40 -2.37 -11.14 -7.84
CA GLU A 40 -1.64 -11.57 -9.02
C GLU A 40 -2.18 -10.78 -10.22
N ARG A 41 -1.28 -10.34 -11.10
CA ARG A 41 -1.63 -9.60 -12.31
C ARG A 41 -0.53 -9.83 -13.37
N VAL A 42 -0.85 -9.63 -14.64
CA VAL A 42 0.11 -9.81 -15.73
C VAL A 42 1.04 -8.57 -15.89
N VAL A 43 2.37 -8.84 -15.85
CA VAL A 43 3.42 -7.86 -16.15
C VAL A 43 4.04 -8.21 -17.53
N GLU A 44 4.03 -7.25 -18.45
CA GLU A 44 4.63 -7.40 -19.79
C GLU A 44 5.73 -6.35 -19.96
N VAL A 45 6.98 -6.78 -19.75
CA VAL A 45 8.18 -5.92 -19.77
C VAL A 45 9.18 -6.44 -20.82
N ALA A 46 9.73 -5.50 -21.63
CA ALA A 46 10.60 -5.83 -22.78
C ALA A 46 9.85 -6.72 -23.80
N GLY A 47 8.50 -6.54 -23.85
CA GLY A 47 7.62 -7.33 -24.72
C GLY A 47 7.38 -8.76 -24.21
N ARG A 48 7.87 -9.07 -23.00
CA ARG A 48 7.79 -10.42 -22.43
C ARG A 48 6.62 -10.48 -21.44
N ARG A 49 5.61 -11.28 -21.76
CA ARG A 49 4.37 -11.38 -20.98
C ARG A 49 4.46 -12.56 -19.99
N VAL A 50 4.42 -12.22 -18.70
CA VAL A 50 4.42 -13.18 -17.57
C VAL A 50 3.49 -12.63 -16.46
N SER A 51 2.99 -13.51 -15.59
CA SER A 51 2.19 -13.10 -14.43
C SER A 51 3.12 -12.82 -13.24
N VAL A 52 2.99 -11.62 -12.64
CA VAL A 52 3.67 -11.26 -11.39
C VAL A 52 2.69 -11.40 -10.22
N ARG A 53 3.21 -11.82 -9.06
CA ARG A 53 2.48 -11.78 -7.80
C ARG A 53 3.12 -10.69 -6.91
N ILE A 54 2.35 -9.64 -6.58
CA ILE A 54 2.79 -8.63 -5.58
C ILE A 54 1.74 -8.59 -4.43
N PRO A 55 2.20 -8.63 -3.14
CA PRO A 55 1.31 -8.80 -1.97
C PRO A 55 0.54 -7.51 -1.60
N PRO A 56 -0.52 -7.64 -0.72
CA PRO A 56 -1.11 -6.46 -0.04
C PRO A 56 -0.13 -5.87 0.98
N GLY A 57 -0.28 -4.58 1.27
CA GLY A 57 0.67 -3.87 2.12
C GLY A 57 1.78 -3.24 1.30
N VAL A 58 1.38 -2.61 0.19
CA VAL A 58 2.30 -1.94 -0.75
C VAL A 58 1.97 -0.42 -0.76
N ARG A 59 2.94 0.43 -1.13
CA ARG A 59 2.91 1.89 -0.87
C ARG A 59 3.42 2.67 -2.10
N GLU A 60 3.18 4.00 -2.12
CA GLU A 60 3.78 4.90 -3.10
C GLU A 60 5.32 4.84 -3.04
N GLY A 61 5.95 4.60 -4.22
CA GLY A 61 7.40 4.48 -4.33
C GLY A 61 7.92 3.12 -3.86
N SER A 62 7.01 2.18 -3.54
CA SER A 62 7.36 0.84 -3.08
C SER A 62 7.99 0.04 -4.22
N VAL A 63 9.21 -0.42 -3.98
CA VAL A 63 10.02 -1.13 -4.95
C VAL A 63 10.00 -2.65 -4.62
N ILE A 64 9.50 -3.46 -5.58
CA ILE A 64 9.27 -4.90 -5.39
C ILE A 64 10.19 -5.70 -6.33
N ARG A 65 11.11 -6.52 -5.78
CA ARG A 65 11.97 -7.39 -6.61
C ARG A 65 11.17 -8.60 -7.10
N VAL A 66 11.09 -8.73 -8.43
CA VAL A 66 10.36 -9.80 -9.11
C VAL A 66 11.37 -10.74 -9.83
N PRO A 67 11.50 -12.02 -9.39
CA PRO A 67 12.41 -13.00 -10.03
C PRO A 67 11.84 -13.57 -11.36
N GLY A 68 12.76 -14.07 -12.22
CA GLY A 68 12.41 -14.76 -13.46
C GLY A 68 12.62 -13.96 -14.74
N MET A 69 12.60 -12.61 -14.68
CA MET A 69 12.70 -11.76 -15.91
C MET A 69 14.02 -10.99 -15.98
N GLY A 70 14.42 -10.36 -14.86
CA GLY A 70 15.68 -9.61 -14.81
C GLY A 70 16.90 -10.52 -14.72
N GLY A 71 18.06 -9.93 -14.38
CA GLY A 71 19.31 -10.69 -14.21
C GLY A 71 19.77 -10.73 -12.77
N GLN A 72 20.14 -9.54 -12.25
CA GLN A 72 20.68 -9.35 -10.88
C GLN A 72 19.70 -9.82 -9.77
N GLY A 73 20.17 -9.76 -8.52
CA GLY A 73 19.33 -9.98 -7.34
C GLY A 73 19.94 -11.00 -6.40
N ASN A 74 19.18 -11.34 -5.35
CA ASN A 74 19.50 -12.48 -4.46
C ASN A 74 19.04 -13.81 -5.13
N PRO A 75 17.78 -13.91 -5.70
CA PRO A 75 17.45 -14.98 -6.65
C PRO A 75 17.78 -14.54 -8.11
N PRO A 76 17.86 -15.48 -9.10
CA PRO A 76 17.96 -15.10 -10.52
C PRO A 76 16.68 -14.34 -10.96
N GLY A 77 16.86 -13.13 -11.51
CA GLY A 77 15.74 -12.29 -11.88
C GLY A 77 15.50 -11.15 -10.89
N ASP A 78 15.59 -9.93 -11.39
CA ASP A 78 15.25 -8.70 -10.67
C ASP A 78 14.42 -7.82 -11.59
N LEU A 79 13.11 -7.71 -11.31
CA LEU A 79 12.26 -6.71 -11.95
C LEU A 79 11.66 -5.86 -10.83
N LEU A 80 12.17 -4.64 -10.70
CA LEU A 80 11.76 -3.74 -9.62
C LEU A 80 10.48 -2.98 -10.01
N LEU A 81 9.33 -3.48 -9.51
CA LEU A 81 8.04 -2.82 -9.72
C LEU A 81 7.85 -1.73 -8.67
N VAL A 82 8.05 -0.48 -9.12
CA VAL A 82 7.91 0.73 -8.28
C VAL A 82 6.50 1.29 -8.50
N VAL A 83 5.56 0.91 -7.63
CA VAL A 83 4.14 1.24 -7.84
C VAL A 83 3.86 2.73 -7.52
N ARG A 84 2.91 3.29 -8.26
CA ARG A 84 2.54 4.71 -8.19
C ARG A 84 1.07 4.81 -7.80
N LEU A 85 0.78 4.97 -6.50
CA LEU A 85 -0.61 4.99 -6.00
C LEU A 85 -1.34 6.25 -6.51
N LEU A 86 -2.66 6.14 -6.75
CA LEU A 86 -3.48 7.27 -7.25
C LEU A 86 -3.37 8.48 -6.27
N PRO A 87 -2.94 9.68 -6.78
CA PRO A 87 -2.63 10.87 -5.94
C PRO A 87 -3.88 11.47 -5.23
N HIS A 88 -4.21 10.88 -4.06
CA HIS A 88 -5.24 11.40 -3.15
C HIS A 88 -5.02 10.74 -1.75
N PRO A 89 -4.00 11.21 -0.96
CA PRO A 89 -3.60 10.53 0.29
C PRO A 89 -4.73 10.52 1.34
N VAL A 90 -5.09 9.32 1.78
CA VAL A 90 -6.07 9.12 2.87
C VAL A 90 -5.50 8.06 3.81
N PHE A 91 -5.00 6.97 3.21
CA PHE A 91 -4.36 5.87 3.93
C PHE A 91 -2.84 5.94 3.77
N ARG A 92 -2.18 5.98 4.91
CA ARG A 92 -0.73 6.01 5.03
C ARG A 92 -0.33 4.77 5.85
N LEU A 93 0.20 3.76 5.16
CA LEU A 93 0.74 2.55 5.79
C LEU A 93 2.19 2.82 6.24
N GLU A 94 2.56 2.35 7.43
CA GLU A 94 3.92 2.47 7.95
C GLU A 94 4.24 1.16 8.69
N GLY A 95 5.07 0.31 8.06
CA GLY A 95 5.37 -1.02 8.55
C GLY A 95 4.20 -1.99 8.35
N GLN A 96 3.29 -2.02 9.32
CA GLN A 96 2.08 -2.87 9.29
C GLN A 96 0.84 -2.09 9.78
N ASP A 97 1.07 -0.85 10.27
CA ASP A 97 0.00 0.02 10.83
C ASP A 97 -0.49 1.04 9.80
N LEU A 98 -1.77 1.39 9.91
CA LEU A 98 -2.45 2.33 9.00
C LEU A 98 -2.73 3.63 9.73
N TYR A 99 -2.78 4.72 8.97
CA TYR A 99 -3.05 6.06 9.49
C TYR A 99 -3.96 6.77 8.48
N ALA A 100 -5.15 7.16 8.91
CA ALA A 100 -6.17 7.80 8.07
C ALA A 100 -6.88 8.85 8.88
N THR A 101 -7.18 9.99 8.25
CA THR A 101 -7.87 11.10 8.93
C THR A 101 -9.39 10.85 8.93
N LEU A 102 -9.97 10.93 10.13
CA LEU A 102 -11.41 10.81 10.39
C LEU A 102 -11.95 12.17 10.85
N ASP A 103 -12.92 12.75 10.13
CA ASP A 103 -13.64 13.94 10.62
C ASP A 103 -14.97 13.50 11.21
N VAL A 104 -15.21 13.84 12.48
CA VAL A 104 -16.44 13.45 13.21
C VAL A 104 -17.33 14.68 13.46
N PRO A 105 -18.69 14.50 13.47
CA PRO A 105 -19.61 15.54 13.95
C PRO A 105 -19.32 15.90 15.42
N ALA A 106 -19.29 17.22 15.70
CA ALA A 106 -19.09 17.76 17.06
C ALA A 106 -20.10 17.21 18.12
N PRO A 107 -21.44 17.08 17.81
CA PRO A 107 -22.41 16.38 18.71
C PRO A 107 -21.98 14.95 19.06
N ILE A 108 -21.57 14.18 18.02
CA ILE A 108 -21.11 12.79 18.18
C ILE A 108 -19.83 12.72 19.04
N ALA A 109 -18.93 13.70 18.86
CA ALA A 109 -17.66 13.77 19.61
C ALA A 109 -17.89 13.93 21.12
N VAL A 110 -18.83 14.82 21.48
CA VAL A 110 -19.10 15.15 22.89
C VAL A 110 -19.98 14.09 23.60
N VAL A 111 -21.00 13.55 22.90
CA VAL A 111 -21.88 12.52 23.48
C VAL A 111 -21.21 11.13 23.45
N GLY A 112 -20.44 10.88 22.37
CA GLY A 112 -19.80 9.60 22.11
C GLY A 112 -20.69 8.66 21.30
N GLY A 113 -20.73 8.87 19.96
CA GLY A 113 -21.47 8.00 19.03
C GLY A 113 -20.55 7.31 18.03
N LYS A 114 -21.14 6.82 16.91
CA LYS A 114 -20.39 6.11 15.84
C LYS A 114 -20.44 6.90 14.53
N VAL A 115 -19.28 6.97 13.86
CA VAL A 115 -19.12 7.62 12.55
C VAL A 115 -18.66 6.57 11.53
N ARG A 116 -18.99 6.77 10.25
CA ARG A 116 -18.47 5.96 9.15
C ARG A 116 -17.06 6.46 8.78
N ALA A 117 -16.06 5.59 8.92
CA ALA A 117 -14.67 5.88 8.52
C ALA A 117 -14.41 5.19 7.18
N MET A 118 -14.02 5.97 6.16
CA MET A 118 -13.71 5.42 4.84
C MET A 118 -12.33 4.75 4.85
N THR A 119 -12.35 3.43 4.69
CA THR A 119 -11.15 2.62 4.48
C THR A 119 -11.13 2.10 3.04
N LEU A 120 -9.96 1.56 2.67
CA LEU A 120 -9.71 0.96 1.35
C LEU A 120 -10.46 -0.37 1.17
N GLU A 121 -11.08 -0.86 2.26
CA GLU A 121 -11.97 -2.04 2.26
C GLU A 121 -13.45 -1.62 2.01
N GLY A 122 -13.76 -0.32 2.26
CA GLY A 122 -15.13 0.20 2.18
C GLY A 122 -15.41 1.15 3.35
N PRO A 123 -16.70 1.33 3.78
CA PRO A 123 -17.02 2.07 5.03
C PRO A 123 -17.06 1.13 6.26
N VAL A 124 -16.33 1.51 7.32
CA VAL A 124 -16.35 0.80 8.64
C VAL A 124 -17.06 1.64 9.72
N GLU A 125 -17.36 1.01 10.86
CA GLU A 125 -17.99 1.67 12.03
C GLU A 125 -16.95 1.87 13.13
N VAL A 126 -16.67 3.15 13.44
CA VAL A 126 -15.78 3.55 14.54
C VAL A 126 -16.58 4.34 15.57
N ALA A 127 -16.53 3.90 16.84
CA ALA A 127 -17.16 4.61 17.96
C ALA A 127 -16.13 5.56 18.59
N VAL A 128 -16.45 6.86 18.62
CA VAL A 128 -15.60 7.88 19.24
C VAL A 128 -15.84 7.88 20.77
N PRO A 129 -14.80 8.14 21.61
CA PRO A 129 -14.98 8.30 23.07
C PRO A 129 -15.90 9.51 23.41
N PRO A 130 -16.77 9.40 24.46
CA PRO A 130 -17.61 10.53 24.94
C PRO A 130 -16.75 11.72 25.42
N ARG A 131 -16.97 12.90 24.80
CA ARG A 131 -16.20 14.14 25.05
C ARG A 131 -14.73 14.00 24.60
N THR A 132 -14.50 13.32 23.46
CA THR A 132 -13.15 13.08 22.91
C THR A 132 -12.53 14.38 22.36
N GLN A 133 -11.24 14.31 21.94
CA GLN A 133 -10.46 15.48 21.46
C GLN A 133 -9.94 15.20 20.04
N ALA A 134 -9.92 16.26 19.21
CA ALA A 134 -9.38 16.21 17.85
C ALA A 134 -7.85 16.06 17.90
N GLY A 135 -7.33 15.01 17.25
CA GLY A 135 -5.91 14.71 17.27
C GLY A 135 -5.58 13.42 18.01
N ARG A 136 -6.63 12.62 18.32
CA ARG A 136 -6.44 11.24 18.80
C ARG A 136 -6.45 10.28 17.60
N LYS A 137 -5.80 9.12 17.74
CA LYS A 137 -5.84 8.02 16.76
C LYS A 137 -6.76 6.90 17.29
N LEU A 138 -7.94 6.70 16.64
CA LEU A 138 -8.92 5.72 17.06
C LEU A 138 -8.58 4.38 16.41
N ARG A 139 -8.03 3.47 17.23
CA ARG A 139 -7.48 2.18 16.77
C ARG A 139 -8.59 1.17 16.45
N LEU A 140 -8.77 0.85 15.16
CA LEU A 140 -9.62 -0.25 14.71
C LEU A 140 -8.74 -1.49 14.58
N LYS A 141 -8.92 -2.40 15.54
CA LYS A 141 -8.02 -3.55 15.78
C LYS A 141 -8.07 -4.56 14.61
N GLY A 142 -6.87 -4.98 14.16
CA GLY A 142 -6.74 -6.04 13.16
C GLY A 142 -6.96 -5.59 11.73
N LYS A 143 -7.28 -4.30 11.54
CA LYS A 143 -7.61 -3.74 10.21
C LYS A 143 -6.34 -3.33 9.42
N GLY A 144 -5.15 -3.45 10.04
CA GLY A 144 -3.88 -3.19 9.37
C GLY A 144 -3.34 -4.43 8.65
N PHE A 145 -2.17 -4.29 8.02
CA PHE A 145 -1.58 -5.34 7.17
C PHE A 145 -0.74 -6.35 7.98
N PRO A 146 -0.55 -7.61 7.46
CA PRO A 146 0.27 -8.65 8.13
C PRO A 146 1.74 -8.22 8.31
N GLY A 147 2.30 -8.57 9.47
CA GLY A 147 3.71 -8.37 9.81
C GLY A 147 4.19 -9.44 10.79
N PRO A 148 5.34 -9.24 11.51
CA PRO A 148 5.86 -10.23 12.50
C PRO A 148 4.97 -10.34 13.77
N ALA A 149 4.16 -9.30 14.03
CA ALA A 149 3.32 -9.19 15.23
C ALA A 149 1.89 -9.71 14.98
N GLY A 150 1.63 -10.22 13.77
CA GLY A 150 0.30 -10.68 13.35
C GLY A 150 -0.25 -9.81 12.24
N ARG A 151 -1.22 -8.95 12.56
CA ARG A 151 -1.68 -7.85 11.66
C ARG A 151 -1.60 -6.54 12.46
N GLY A 152 -1.41 -5.41 11.75
CA GLY A 152 -1.44 -4.09 12.36
C GLY A 152 -2.86 -3.61 12.62
N ASP A 153 -3.03 -2.29 12.74
CA ASP A 153 -4.32 -1.67 13.10
C ASP A 153 -4.56 -0.44 12.22
N LEU A 154 -5.77 0.12 12.27
CA LEU A 154 -6.09 1.41 11.62
C LEU A 154 -6.15 2.51 12.69
N TYR A 155 -5.35 3.57 12.51
CA TYR A 155 -5.30 4.71 13.45
C TYR A 155 -5.99 5.93 12.80
N LEU A 156 -7.21 6.22 13.26
CA LEU A 156 -8.02 7.33 12.75
C LEU A 156 -7.75 8.64 13.49
N GLU A 157 -7.19 9.65 12.80
CA GLU A 157 -6.97 10.95 13.41
C GLU A 157 -8.30 11.73 13.42
N VAL A 158 -9.04 11.57 14.53
CA VAL A 158 -10.31 12.28 14.79
C VAL A 158 -10.15 13.81 14.65
N ARG A 159 -11.05 14.41 13.89
CA ARG A 159 -11.10 15.86 13.61
C ARG A 159 -12.53 16.33 13.86
N ILE A 160 -12.73 16.91 15.04
CA ILE A 160 -14.04 17.36 15.51
C ILE A 160 -14.41 18.67 14.81
N THR A 161 -15.58 18.66 14.16
CA THR A 161 -16.06 19.79 13.35
C THR A 161 -17.60 19.83 13.37
N ALA A 1 -0.30 -4.43 -21.39
CA ALA A 1 -0.16 -4.07 -19.97
C ALA A 1 -1.54 -3.75 -19.36
N ALA A 2 -1.59 -3.46 -18.05
CA ALA A 2 -2.86 -3.14 -17.35
C ALA A 2 -2.62 -2.15 -16.19
N LEU A 3 -2.24 -2.68 -15.01
CA LEU A 3 -1.93 -1.84 -13.83
C LEU A 3 -0.49 -1.31 -13.90
N VAL A 4 0.36 -2.06 -14.65
CA VAL A 4 1.71 -1.67 -15.01
C VAL A 4 1.70 -0.77 -16.25
N ALA A 5 2.61 0.22 -16.28
CA ALA A 5 2.88 1.03 -17.47
C ALA A 5 3.77 0.20 -18.42
N HIS A 6 5.11 0.26 -18.24
CA HIS A 6 6.11 -0.50 -19.03
C HIS A 6 7.49 -0.38 -18.37
N VAL A 7 8.51 -1.04 -18.96
CA VAL A 7 9.91 -1.01 -18.47
C VAL A 7 10.49 0.42 -18.51
N THR A 8 11.25 0.79 -17.47
CA THR A 8 12.00 2.06 -17.43
C THR A 8 13.10 2.03 -18.51
N SER A 9 12.91 2.86 -19.55
CA SER A 9 13.77 2.94 -20.74
C SER A 9 15.24 3.27 -20.37
N GLY A 10 16.08 2.22 -20.30
CA GLY A 10 17.51 2.36 -20.00
C GLY A 10 18.24 1.04 -20.15
N SER A 11 19.52 1.04 -19.80
CA SER A 11 20.37 -0.17 -19.82
C SER A 11 20.07 -1.04 -18.59
N GLY A 12 20.39 -0.52 -17.39
CA GLY A 12 20.17 -1.24 -16.13
C GLY A 12 20.19 -0.30 -14.94
N GLY A 13 19.50 -0.69 -13.85
CA GLY A 13 19.38 0.13 -12.64
C GLY A 13 20.17 -0.46 -11.47
N SER A 14 19.52 -1.33 -10.67
CA SER A 14 20.10 -1.88 -9.44
C SER A 14 19.48 -3.25 -9.11
N GLY A 15 19.16 -4.01 -10.17
CA GLY A 15 18.62 -5.36 -10.05
C GLY A 15 19.70 -6.40 -9.76
N GLY A 16 19.30 -7.52 -9.15
CA GLY A 16 20.18 -8.66 -8.87
C GLY A 16 20.63 -8.71 -7.41
N SER A 17 19.68 -8.47 -6.49
CA SER A 17 19.97 -8.50 -5.04
C SER A 17 20.11 -9.95 -4.54
N GLY A 18 21.34 -10.34 -4.17
CA GLY A 18 21.65 -11.73 -3.79
C GLY A 18 21.77 -12.61 -5.02
N GLY A 19 20.62 -12.92 -5.63
CA GLY A 19 20.57 -13.58 -6.93
C GLY A 19 20.88 -12.61 -8.04
N SER A 20 22.13 -12.62 -8.50
CA SER A 20 22.62 -11.73 -9.55
C SER A 20 22.14 -12.20 -10.94
N GLY A 21 20.99 -11.64 -11.35
CA GLY A 21 20.44 -11.83 -12.70
C GLY A 21 20.14 -10.50 -13.36
N ARG A 22 19.58 -10.55 -14.58
CA ARG A 22 19.30 -9.33 -15.37
C ARG A 22 18.26 -8.44 -14.66
N ASP A 23 18.66 -7.18 -14.47
CA ASP A 23 17.80 -6.10 -13.96
C ASP A 23 16.63 -5.86 -14.93
N LEU A 24 15.41 -5.91 -14.40
CA LEU A 24 14.23 -5.33 -15.03
C LEU A 24 13.59 -4.40 -14.01
N ARG A 25 13.07 -3.28 -14.51
CA ARG A 25 12.39 -2.26 -13.69
C ARG A 25 11.22 -1.73 -14.51
N ALA A 26 10.13 -1.39 -13.83
CA ALA A 26 8.97 -0.77 -14.45
C ALA A 26 8.27 0.09 -13.41
N GLU A 27 8.18 1.41 -13.67
CA GLU A 27 7.42 2.32 -12.81
C GLU A 27 5.98 2.37 -13.33
N LEU A 28 5.02 2.24 -12.41
CA LEU A 28 3.61 2.02 -12.77
C LEU A 28 2.65 2.77 -11.82
N PRO A 29 1.48 3.25 -12.33
CA PRO A 29 0.44 3.87 -11.49
C PRO A 29 -0.36 2.79 -10.71
N LEU A 30 -0.35 2.90 -9.38
CA LEU A 30 -1.12 2.05 -8.48
C LEU A 30 -2.07 2.94 -7.66
N THR A 31 -3.00 2.32 -6.95
CA THR A 31 -3.92 3.02 -6.04
C THR A 31 -3.52 2.72 -4.57
N LEU A 32 -3.90 3.64 -3.64
CA LEU A 32 -3.74 3.45 -2.17
C LEU A 32 -4.31 2.09 -1.75
N GLU A 33 -5.57 1.90 -2.15
CA GLU A 33 -6.33 0.65 -1.91
C GLU A 33 -5.59 -0.59 -2.43
N GLU A 34 -4.94 -0.47 -3.60
CA GLU A 34 -4.25 -1.60 -4.26
C GLU A 34 -2.91 -1.92 -3.60
N ALA A 35 -2.29 -0.90 -2.97
CA ALA A 35 -1.13 -1.08 -2.09
C ALA A 35 -1.47 -1.99 -0.89
N PHE A 36 -2.64 -1.72 -0.31
CA PHE A 36 -3.20 -2.49 0.80
C PHE A 36 -3.62 -3.91 0.38
N HIS A 37 -4.33 -4.03 -0.76
CA HIS A 37 -4.86 -5.33 -1.25
C HIS A 37 -3.72 -6.24 -1.70
N GLY A 38 -2.80 -5.68 -2.50
CA GLY A 38 -1.78 -6.46 -3.20
C GLY A 38 -2.40 -7.38 -4.25
N GLY A 39 -1.78 -8.55 -4.48
CA GLY A 39 -2.36 -9.59 -5.33
C GLY A 39 -1.54 -9.90 -6.58
N GLU A 40 -1.96 -10.95 -7.30
CA GLU A 40 -1.30 -11.39 -8.54
C GLU A 40 -1.97 -10.66 -9.70
N ARG A 41 -1.19 -9.80 -10.38
CA ARG A 41 -1.67 -8.96 -11.48
C ARG A 41 -0.94 -9.33 -12.78
N VAL A 42 -1.49 -8.92 -13.94
CA VAL A 42 -0.85 -9.15 -15.25
C VAL A 42 0.11 -7.99 -15.58
N VAL A 43 1.38 -8.34 -15.84
CA VAL A 43 2.44 -7.39 -16.22
C VAL A 43 2.90 -7.64 -17.66
N GLU A 44 3.26 -6.57 -18.37
CA GLU A 44 3.84 -6.64 -19.71
C GLU A 44 5.17 -5.86 -19.72
N VAL A 45 6.29 -6.60 -19.82
CA VAL A 45 7.65 -6.03 -19.76
C VAL A 45 8.52 -6.55 -20.92
N ALA A 46 8.96 -5.60 -21.78
CA ALA A 46 9.86 -5.86 -22.93
C ALA A 46 9.23 -6.82 -23.97
N GLY A 47 7.89 -6.90 -23.98
CA GLY A 47 7.16 -7.79 -24.88
C GLY A 47 6.83 -9.14 -24.25
N ARG A 48 7.01 -9.24 -22.92
CA ARG A 48 6.68 -10.47 -22.15
C ARG A 48 5.37 -10.26 -21.41
N ARG A 49 4.35 -11.06 -21.75
CA ARG A 49 3.08 -11.09 -21.03
C ARG A 49 3.15 -12.22 -19.99
N VAL A 50 3.31 -11.84 -18.71
CA VAL A 50 3.51 -12.77 -17.58
C VAL A 50 2.75 -12.24 -16.34
N SER A 51 2.42 -13.13 -15.41
CA SER A 51 1.71 -12.76 -14.17
C SER A 51 2.71 -12.42 -13.04
N VAL A 52 2.65 -11.18 -12.53
CA VAL A 52 3.50 -10.72 -11.43
C VAL A 52 2.72 -10.81 -10.11
N ARG A 53 3.40 -11.22 -9.03
CA ARG A 53 2.82 -11.24 -7.69
C ARG A 53 3.42 -10.10 -6.88
N ILE A 54 2.67 -9.01 -6.69
CA ILE A 54 3.08 -7.94 -5.77
C ILE A 54 2.19 -8.00 -4.51
N PRO A 55 2.77 -8.47 -3.34
CA PRO A 55 2.00 -8.77 -2.11
C PRO A 55 1.42 -7.49 -1.43
N PRO A 56 0.39 -7.66 -0.53
CA PRO A 56 -0.08 -6.56 0.35
C PRO A 56 1.06 -6.05 1.25
N GLY A 57 1.48 -4.80 1.05
CA GLY A 57 2.65 -4.26 1.75
C GLY A 57 3.49 -3.38 0.85
N VAL A 58 2.88 -2.29 0.36
CA VAL A 58 3.56 -1.36 -0.56
C VAL A 58 2.98 0.07 -0.39
N ARG A 59 3.71 1.09 -0.89
CA ARG A 59 3.43 2.54 -0.68
C ARG A 59 3.84 3.35 -1.92
N GLU A 60 3.57 4.66 -1.85
CA GLU A 60 4.03 5.67 -2.81
C GLU A 60 5.56 5.60 -3.01
N GLY A 61 5.98 5.32 -4.27
CA GLY A 61 7.39 5.30 -4.64
C GLY A 61 8.11 4.01 -4.24
N SER A 62 7.38 3.06 -3.61
CA SER A 62 7.98 1.81 -3.11
C SER A 62 8.31 0.86 -4.26
N VAL A 63 9.50 0.26 -4.15
CA VAL A 63 10.07 -0.60 -5.18
C VAL A 63 9.87 -2.06 -4.76
N ILE A 64 9.21 -2.86 -5.62
CA ILE A 64 8.86 -4.25 -5.31
C ILE A 64 9.76 -5.18 -6.11
N ARG A 65 10.72 -5.84 -5.43
CA ARG A 65 11.59 -6.82 -6.08
C ARG A 65 10.88 -8.16 -6.18
N VAL A 66 10.51 -8.56 -7.41
CA VAL A 66 9.98 -9.90 -7.67
C VAL A 66 11.11 -10.77 -8.30
N PRO A 67 11.82 -11.62 -7.48
CA PRO A 67 12.96 -12.44 -7.95
C PRO A 67 12.53 -13.65 -8.79
N GLY A 68 13.46 -14.12 -9.65
CA GLY A 68 13.22 -15.25 -10.56
C GLY A 68 12.31 -14.87 -11.72
N MET A 69 12.29 -13.57 -12.05
CA MET A 69 11.29 -12.97 -12.94
C MET A 69 11.95 -12.22 -14.11
N GLY A 70 12.82 -11.24 -13.76
CA GLY A 70 13.46 -10.37 -14.76
C GLY A 70 14.47 -11.11 -15.61
N GLY A 71 15.67 -11.30 -15.06
CA GLY A 71 16.68 -12.17 -15.62
C GLY A 71 16.23 -13.62 -15.74
N GLN A 72 16.17 -14.10 -17.00
CA GLN A 72 15.82 -15.49 -17.32
C GLN A 72 17.05 -16.39 -17.17
N GLY A 73 16.83 -17.64 -16.76
CA GLY A 73 17.91 -18.60 -16.56
C GLY A 73 18.01 -19.07 -15.12
N ASN A 74 19.01 -19.93 -14.85
CA ASN A 74 19.27 -20.50 -13.51
C ASN A 74 19.67 -19.41 -12.47
N PRO A 75 20.58 -18.41 -12.80
CA PRO A 75 20.76 -17.22 -11.93
C PRO A 75 19.48 -16.34 -11.95
N PRO A 76 18.80 -16.13 -10.78
CA PRO A 76 17.52 -15.40 -10.75
C PRO A 76 17.70 -13.88 -10.95
N GLY A 77 17.00 -13.33 -11.94
CA GLY A 77 16.86 -11.87 -12.05
C GLY A 77 15.53 -11.43 -11.49
N ASP A 78 15.25 -10.13 -11.50
CA ASP A 78 14.08 -9.58 -10.81
C ASP A 78 13.51 -8.39 -11.55
N LEU A 79 12.22 -8.14 -11.31
CA LEU A 79 11.50 -6.99 -11.85
C LEU A 79 11.10 -6.06 -10.69
N LEU A 80 11.66 -4.85 -10.71
CA LEU A 80 11.42 -3.81 -9.70
C LEU A 80 10.24 -2.93 -10.12
N LEU A 81 9.06 -3.21 -9.55
CA LEU A 81 7.86 -2.40 -9.77
C LEU A 81 7.80 -1.23 -8.78
N VAL A 82 8.12 -0.03 -9.28
CA VAL A 82 8.05 1.21 -8.50
C VAL A 82 6.63 1.78 -8.64
N VAL A 83 5.75 1.49 -7.68
CA VAL A 83 4.34 1.89 -7.79
C VAL A 83 4.19 3.34 -7.33
N ARG A 84 3.29 4.07 -7.99
CA ARG A 84 3.02 5.48 -7.67
C ARG A 84 1.53 5.56 -7.35
N LEU A 85 1.20 5.70 -6.04
CA LEU A 85 -0.19 5.64 -5.58
C LEU A 85 -0.99 6.86 -6.06
N LEU A 86 -2.31 6.66 -6.31
CA LEU A 86 -3.22 7.75 -6.72
C LEU A 86 -3.17 8.89 -5.68
N PRO A 87 -2.79 10.15 -6.09
CA PRO A 87 -2.68 11.30 -5.17
C PRO A 87 -4.06 11.71 -4.59
N HIS A 88 -4.43 11.08 -3.48
CA HIS A 88 -5.58 11.47 -2.64
C HIS A 88 -5.33 10.91 -1.21
N PRO A 89 -4.24 11.37 -0.52
CA PRO A 89 -3.79 10.75 0.76
C PRO A 89 -4.90 10.72 1.82
N VAL A 90 -5.22 9.50 2.29
CA VAL A 90 -6.23 9.24 3.33
C VAL A 90 -5.61 8.29 4.35
N PHE A 91 -4.95 7.24 3.82
CA PHE A 91 -4.26 6.23 4.63
C PHE A 91 -2.74 6.39 4.52
N ARG A 92 -2.11 6.37 5.70
CA ARG A 92 -0.65 6.52 5.85
C ARG A 92 -0.10 5.23 6.48
N LEU A 93 0.96 4.67 5.90
CA LEU A 93 1.60 3.47 6.45
C LEU A 93 2.98 3.82 7.02
N GLU A 94 3.22 3.37 8.26
CA GLU A 94 4.49 3.44 8.94
C GLU A 94 4.82 2.04 9.48
N GLY A 95 5.71 1.33 8.77
CA GLY A 95 6.08 -0.05 9.09
C GLY A 95 4.95 -1.05 8.80
N GLN A 96 4.03 -1.15 9.77
CA GLN A 96 2.89 -2.08 9.75
C GLN A 96 1.60 -1.33 10.18
N ASP A 97 1.79 -0.21 10.92
CA ASP A 97 0.70 0.63 11.46
C ASP A 97 0.15 1.59 10.39
N LEU A 98 -1.13 1.89 10.52
CA LEU A 98 -1.84 2.87 9.69
C LEU A 98 -2.18 4.10 10.51
N TYR A 99 -2.34 5.22 9.79
CA TYR A 99 -2.82 6.49 10.31
C TYR A 99 -3.74 7.06 9.24
N ALA A 100 -5.02 7.26 9.57
CA ALA A 100 -6.00 7.77 8.61
C ALA A 100 -6.83 8.82 9.27
N THR A 101 -7.04 9.93 8.57
CA THR A 101 -7.81 11.04 9.09
C THR A 101 -9.30 10.67 9.16
N LEU A 102 -9.88 10.79 10.37
CA LEU A 102 -11.29 10.46 10.62
C LEU A 102 -12.08 11.76 10.78
N ASP A 103 -12.95 12.02 9.80
CA ASP A 103 -13.85 13.18 9.80
C ASP A 103 -15.11 12.79 10.59
N VAL A 104 -15.37 13.49 11.71
CA VAL A 104 -16.58 13.26 12.53
C VAL A 104 -17.38 14.58 12.65
N PRO A 105 -18.74 14.55 12.61
CA PRO A 105 -19.55 15.72 12.94
C PRO A 105 -19.51 15.99 14.47
N ALA A 106 -19.58 17.28 14.83
CA ALA A 106 -19.57 17.72 16.24
C ALA A 106 -20.74 17.11 17.07
N PRO A 107 -22.00 17.01 16.51
CA PRO A 107 -23.09 16.19 17.11
C PRO A 107 -22.64 14.78 17.58
N ILE A 108 -22.05 13.98 16.66
CA ILE A 108 -21.57 12.62 16.99
C ILE A 108 -20.40 12.66 18.01
N ALA A 109 -19.54 13.67 17.89
CA ALA A 109 -18.38 13.83 18.78
C ALA A 109 -18.79 13.97 20.25
N VAL A 110 -19.83 14.78 20.51
CA VAL A 110 -20.28 15.07 21.88
C VAL A 110 -21.16 13.94 22.44
N VAL A 111 -22.07 13.37 21.60
CA VAL A 111 -22.99 12.29 22.04
C VAL A 111 -22.27 10.93 22.07
N GLY A 112 -21.16 10.83 21.33
CA GLY A 112 -20.39 9.61 21.20
C GLY A 112 -21.11 8.56 20.36
N GLY A 113 -21.32 8.86 19.05
CA GLY A 113 -21.99 7.94 18.13
C GLY A 113 -21.01 7.04 17.38
N LYS A 114 -21.46 6.55 16.21
CA LYS A 114 -20.65 5.70 15.31
C LYS A 114 -20.39 6.47 14.02
N VAL A 115 -19.15 6.44 13.54
CA VAL A 115 -18.69 7.14 12.33
C VAL A 115 -18.22 6.12 11.30
N ARG A 116 -18.78 6.17 10.08
CA ARG A 116 -18.39 5.27 9.00
C ARG A 116 -17.08 5.78 8.37
N ALA A 117 -15.98 5.06 8.61
CA ALA A 117 -14.66 5.39 8.07
C ALA A 117 -14.35 4.50 6.88
N MET A 118 -13.93 5.11 5.79
CA MET A 118 -13.49 4.40 4.59
C MET A 118 -12.07 3.89 4.80
N THR A 119 -11.92 2.56 4.78
CA THR A 119 -10.60 1.90 4.79
C THR A 119 -10.34 1.26 3.43
N LEU A 120 -9.07 0.93 3.19
CA LEU A 120 -8.61 0.44 1.88
C LEU A 120 -9.10 -0.99 1.56
N GLU A 121 -9.81 -1.63 2.52
CA GLU A 121 -10.43 -2.97 2.32
C GLU A 121 -11.97 -2.89 2.29
N GLY A 122 -12.56 -1.74 2.67
CA GLY A 122 -14.02 -1.58 2.70
C GLY A 122 -14.48 -0.53 3.70
N PRO A 123 -15.75 -0.58 4.21
CA PRO A 123 -16.24 0.32 5.27
C PRO A 123 -16.10 -0.27 6.69
N VAL A 124 -15.58 0.52 7.64
CA VAL A 124 -15.56 0.17 9.08
C VAL A 124 -16.45 1.17 9.86
N GLU A 125 -16.93 0.75 11.05
CA GLU A 125 -17.75 1.60 11.93
C GLU A 125 -16.96 1.89 13.22
N VAL A 126 -16.59 3.15 13.42
CA VAL A 126 -15.80 3.61 14.55
C VAL A 126 -16.71 4.13 15.66
N ALA A 127 -16.68 3.47 16.82
CA ALA A 127 -17.43 3.91 17.99
C ALA A 127 -16.62 4.99 18.74
N VAL A 128 -16.98 6.28 18.53
CA VAL A 128 -16.28 7.39 19.20
C VAL A 128 -16.80 7.53 20.66
N PRO A 129 -15.91 7.76 21.66
CA PRO A 129 -16.32 7.98 23.07
C PRO A 129 -17.19 9.24 23.26
N PRO A 130 -18.20 9.21 24.19
CA PRO A 130 -19.02 10.41 24.53
C PRO A 130 -18.16 11.60 24.97
N ARG A 131 -18.27 12.72 24.23
CA ARG A 131 -17.47 13.94 24.41
C ARG A 131 -15.99 13.65 24.10
N THR A 132 -15.73 13.11 22.90
CA THR A 132 -14.37 12.91 22.39
C THR A 132 -13.79 14.26 21.93
N GLN A 133 -12.47 14.30 21.69
CA GLN A 133 -11.76 15.54 21.29
C GLN A 133 -10.95 15.29 20.02
N ALA A 134 -10.85 16.33 19.18
CA ALA A 134 -10.04 16.32 17.96
C ALA A 134 -8.56 16.27 18.35
N GLY A 135 -7.83 15.30 17.78
CA GLY A 135 -6.43 15.05 18.16
C GLY A 135 -6.23 13.69 18.81
N ARG A 136 -7.32 12.91 18.96
CA ARG A 136 -7.25 11.50 19.37
C ARG A 136 -6.98 10.61 18.16
N LYS A 137 -6.38 9.44 18.41
CA LYS A 137 -6.11 8.42 17.38
C LYS A 137 -6.83 7.13 17.77
N LEU A 138 -7.99 6.86 17.13
CA LEU A 138 -8.86 5.74 17.51
C LEU A 138 -8.35 4.45 16.84
N ARG A 139 -7.88 3.52 17.67
CA ARG A 139 -7.11 2.36 17.22
C ARG A 139 -8.04 1.20 16.83
N LEU A 140 -8.15 0.95 15.54
CA LEU A 140 -8.90 -0.19 14.99
C LEU A 140 -7.91 -1.33 14.76
N LYS A 141 -7.96 -2.33 15.66
CA LYS A 141 -6.96 -3.40 15.72
C LYS A 141 -7.13 -4.41 14.58
N GLY A 142 -5.98 -4.88 14.05
CA GLY A 142 -5.96 -5.89 12.98
C GLY A 142 -6.54 -5.38 11.67
N LYS A 143 -6.35 -4.07 11.39
CA LYS A 143 -6.82 -3.41 10.14
C LYS A 143 -5.63 -2.91 9.31
N GLY A 144 -4.40 -3.06 9.84
CA GLY A 144 -3.19 -2.59 9.17
C GLY A 144 -2.67 -3.53 8.10
N PHE A 145 -1.36 -3.41 7.82
CA PHE A 145 -0.67 -4.31 6.85
C PHE A 145 -0.14 -5.57 7.57
N PRO A 146 0.16 -6.69 6.81
CA PRO A 146 0.69 -7.95 7.41
C PRO A 146 2.01 -7.76 8.21
N GLY A 147 2.22 -8.65 9.19
CA GLY A 147 3.43 -8.68 10.01
C GLY A 147 3.37 -9.74 11.10
N PRO A 148 4.31 -9.72 12.11
CA PRO A 148 4.37 -10.76 13.17
C PRO A 148 3.19 -10.65 14.17
N ALA A 149 2.48 -9.52 14.14
CA ALA A 149 1.26 -9.28 14.93
C ALA A 149 0.00 -9.56 14.08
N GLY A 150 0.15 -10.40 13.04
CA GLY A 150 -0.93 -10.68 12.09
C GLY A 150 -1.09 -9.55 11.10
N ARG A 151 -1.94 -8.56 11.44
CA ARG A 151 -2.06 -7.28 10.71
C ARG A 151 -1.92 -6.13 11.71
N GLY A 152 -1.50 -4.95 11.20
CA GLY A 152 -1.24 -3.76 12.03
C GLY A 152 -2.49 -3.11 12.61
N ASP A 153 -2.36 -1.84 13.02
CA ASP A 153 -3.43 -1.12 13.73
C ASP A 153 -3.67 0.22 13.06
N LEU A 154 -4.95 0.59 12.92
CA LEU A 154 -5.35 1.84 12.26
C LEU A 154 -5.62 2.92 13.31
N TYR A 155 -4.82 4.00 13.28
CA TYR A 155 -4.95 5.13 14.21
C TYR A 155 -5.66 6.30 13.49
N LEU A 156 -6.91 6.52 13.87
CA LEU A 156 -7.78 7.51 13.24
C LEU A 156 -7.64 8.91 13.85
N GLU A 157 -7.22 9.89 13.03
CA GLU A 157 -7.00 11.25 13.48
C GLU A 157 -8.37 11.96 13.54
N VAL A 158 -8.99 11.90 14.74
CA VAL A 158 -10.28 12.56 15.03
C VAL A 158 -10.23 14.05 14.65
N ARG A 159 -11.11 14.43 13.71
CA ARG A 159 -11.28 15.80 13.24
C ARG A 159 -12.75 16.18 13.43
N ILE A 160 -13.04 16.82 14.56
CA ILE A 160 -14.38 17.28 14.88
C ILE A 160 -14.68 18.56 14.08
N THR A 161 -15.64 18.47 13.17
CA THR A 161 -16.07 19.56 12.29
C THR A 161 -17.57 19.84 12.53
N ALA A 1 -2.48 -1.27 -20.99
CA ALA A 1 -1.69 -2.23 -20.19
C ALA A 1 -2.55 -2.78 -19.05
N ALA A 2 -2.52 -4.12 -18.86
CA ALA A 2 -3.29 -4.80 -17.78
C ALA A 2 -2.82 -4.35 -16.40
N LEU A 3 -1.56 -4.64 -16.08
CA LEU A 3 -0.82 -3.96 -15.02
C LEU A 3 0.52 -3.48 -15.62
N VAL A 4 1.01 -2.35 -15.08
CA VAL A 4 2.31 -1.71 -15.43
C VAL A 4 2.68 -1.81 -16.94
N ALA A 5 3.49 -2.83 -17.33
CA ALA A 5 4.00 -3.05 -18.71
C ALA A 5 4.80 -1.83 -19.27
N HIS A 6 5.07 -0.85 -18.38
CA HIS A 6 5.72 0.41 -18.74
C HIS A 6 7.17 0.32 -18.26
N VAL A 7 7.95 -0.51 -18.98
CA VAL A 7 9.36 -0.77 -18.70
C VAL A 7 10.20 0.47 -19.08
N THR A 8 11.16 0.82 -18.21
CA THR A 8 11.98 2.04 -18.32
C THR A 8 13.15 1.88 -19.33
N SER A 9 13.09 0.81 -20.18
CA SER A 9 14.16 0.43 -21.13
C SER A 9 15.45 -0.01 -20.41
N GLY A 10 15.34 -0.22 -19.08
CA GLY A 10 16.46 -0.58 -18.22
C GLY A 10 16.36 -1.98 -17.66
N SER A 11 17.54 -2.58 -17.41
CA SER A 11 17.67 -3.93 -16.85
C SER A 11 19.11 -4.12 -16.34
N GLY A 12 19.31 -3.93 -15.03
CA GLY A 12 20.65 -3.98 -14.43
C GLY A 12 21.08 -5.39 -14.04
N GLY A 13 22.11 -5.47 -13.19
CA GLY A 13 22.62 -6.74 -12.68
C GLY A 13 22.38 -6.87 -11.18
N SER A 14 21.25 -7.50 -10.82
CA SER A 14 20.85 -7.79 -9.43
C SER A 14 21.92 -8.60 -8.69
N GLY A 15 22.57 -7.99 -7.69
CA GLY A 15 23.59 -8.66 -6.88
C GLY A 15 23.40 -8.34 -5.41
N GLY A 16 24.50 -7.88 -4.74
CA GLY A 16 24.45 -7.43 -3.35
C GLY A 16 24.17 -8.57 -2.37
N SER A 17 22.88 -8.90 -2.20
CA SER A 17 22.43 -10.06 -1.42
C SER A 17 21.19 -10.65 -2.11
N GLY A 18 21.40 -11.71 -2.89
CA GLY A 18 20.33 -12.42 -3.58
C GLY A 18 20.05 -11.83 -4.96
N GLY A 19 19.76 -12.71 -5.92
CA GLY A 19 19.53 -12.34 -7.30
C GLY A 19 20.52 -13.04 -8.21
N SER A 20 21.73 -12.43 -8.34
CA SER A 20 22.80 -12.85 -9.28
C SER A 20 22.22 -13.16 -10.68
N GLY A 21 21.64 -12.11 -11.27
CA GLY A 21 21.01 -12.17 -12.58
C GLY A 21 20.49 -10.80 -12.97
N ARG A 22 19.81 -10.70 -14.12
CA ARG A 22 19.26 -9.41 -14.57
C ARG A 22 18.01 -9.06 -13.75
N ASP A 23 18.06 -7.90 -13.05
CA ASP A 23 16.85 -7.26 -12.55
C ASP A 23 16.24 -6.48 -13.72
N LEU A 24 14.94 -6.58 -13.89
CA LEU A 24 14.21 -5.85 -14.95
C LEU A 24 13.58 -4.63 -14.27
N ARG A 25 13.51 -3.47 -14.95
CA ARG A 25 13.04 -2.22 -14.32
C ARG A 25 11.78 -1.70 -15.03
N ALA A 26 10.70 -1.48 -14.26
CA ALA A 26 9.44 -0.95 -14.79
C ALA A 26 8.75 -0.09 -13.70
N GLU A 27 7.97 0.92 -14.14
CA GLU A 27 7.26 1.86 -13.24
C GLU A 27 5.78 1.92 -13.63
N LEU A 28 4.90 2.15 -12.64
CA LEU A 28 3.45 2.17 -12.85
C LEU A 28 2.77 3.23 -11.99
N PRO A 29 1.66 3.86 -12.48
CA PRO A 29 0.73 4.58 -11.60
C PRO A 29 -0.16 3.56 -10.84
N LEU A 30 0.02 3.51 -9.51
CA LEU A 30 -0.75 2.64 -8.63
C LEU A 30 -1.71 3.50 -7.79
N THR A 31 -2.76 2.87 -7.28
CA THR A 31 -3.73 3.52 -6.39
C THR A 31 -3.34 3.24 -4.93
N LEU A 32 -3.78 4.12 -4.00
CA LEU A 32 -3.61 3.95 -2.53
C LEU A 32 -4.26 2.63 -2.10
N GLU A 33 -5.50 2.47 -2.54
CA GLU A 33 -6.32 1.27 -2.32
C GLU A 33 -5.62 0.00 -2.85
N GLU A 34 -4.93 0.11 -4.01
CA GLU A 34 -4.21 -1.01 -4.64
C GLU A 34 -2.85 -1.28 -3.99
N ALA A 35 -2.28 -0.28 -3.29
CA ALA A 35 -1.13 -0.46 -2.40
C ALA A 35 -1.47 -1.43 -1.26
N PHE A 36 -2.71 -1.26 -0.75
CA PHE A 36 -3.33 -2.16 0.23
C PHE A 36 -3.69 -3.53 -0.36
N HIS A 37 -4.36 -3.54 -1.51
CA HIS A 37 -4.90 -4.78 -2.11
C HIS A 37 -3.79 -5.70 -2.66
N GLY A 38 -2.85 -5.11 -3.43
CA GLY A 38 -1.79 -5.87 -4.10
C GLY A 38 -2.37 -6.81 -5.17
N GLY A 39 -2.21 -8.13 -4.96
CA GLY A 39 -2.92 -9.16 -5.74
C GLY A 39 -2.17 -9.69 -6.95
N GLU A 40 -2.79 -10.72 -7.59
CA GLU A 40 -2.29 -11.38 -8.80
C GLU A 40 -2.80 -10.61 -10.01
N ARG A 41 -1.88 -10.06 -10.80
CA ARG A 41 -2.18 -9.22 -11.97
C ARG A 41 -1.36 -9.74 -13.16
N VAL A 42 -1.95 -9.79 -14.37
CA VAL A 42 -1.21 -10.17 -15.58
C VAL A 42 -0.49 -8.90 -16.12
N VAL A 43 0.75 -9.09 -16.59
CA VAL A 43 1.61 -8.02 -17.11
C VAL A 43 2.42 -8.55 -18.32
N GLU A 44 2.80 -7.64 -19.23
CA GLU A 44 3.73 -7.93 -20.32
C GLU A 44 4.99 -7.06 -20.12
N VAL A 45 6.06 -7.66 -19.56
CA VAL A 45 7.26 -6.95 -19.14
C VAL A 45 8.36 -7.19 -20.17
N ALA A 46 8.72 -6.11 -20.90
CA ALA A 46 9.78 -6.13 -21.94
C ALA A 46 9.42 -7.08 -23.11
N GLY A 47 8.09 -7.30 -23.30
CA GLY A 47 7.59 -8.18 -24.35
C GLY A 47 7.38 -9.62 -23.89
N ARG A 48 7.40 -9.84 -22.55
CA ARG A 48 7.17 -11.17 -21.96
C ARG A 48 5.90 -11.16 -21.08
N ARG A 49 4.89 -11.93 -21.48
CA ARG A 49 3.59 -11.98 -20.76
C ARG A 49 3.65 -13.03 -19.63
N VAL A 50 3.57 -12.54 -18.39
CA VAL A 50 3.59 -13.36 -17.16
C VAL A 50 2.72 -12.68 -16.08
N SER A 51 2.17 -13.45 -15.14
CA SER A 51 1.40 -12.91 -14.00
C SER A 51 2.36 -12.49 -12.87
N VAL A 52 2.29 -11.20 -12.48
CA VAL A 52 3.05 -10.65 -11.35
C VAL A 52 2.16 -10.59 -10.10
N ARG A 53 2.62 -11.22 -9.02
CA ARG A 53 1.97 -11.19 -7.70
C ARG A 53 2.84 -10.32 -6.77
N ILE A 54 2.45 -9.05 -6.60
CA ILE A 54 3.18 -8.10 -5.72
C ILE A 54 2.50 -8.06 -4.33
N PRO A 55 3.28 -8.18 -3.21
CA PRO A 55 2.72 -8.28 -1.84
C PRO A 55 2.04 -6.96 -1.38
N PRO A 56 0.92 -7.06 -0.57
CA PRO A 56 0.30 -5.90 0.10
C PRO A 56 1.28 -5.26 1.11
N GLY A 57 1.54 -3.95 0.97
CA GLY A 57 2.56 -3.28 1.77
C GLY A 57 3.50 -2.46 0.93
N VAL A 58 2.91 -1.76 -0.05
CA VAL A 58 3.66 -0.93 -1.01
C VAL A 58 3.21 0.54 -0.86
N ARG A 59 4.11 1.46 -1.22
CA ARG A 59 4.00 2.90 -0.90
C ARG A 59 4.57 3.73 -2.09
N GLU A 60 4.32 5.05 -2.09
CA GLU A 60 4.86 5.99 -3.12
C GLU A 60 6.40 5.86 -3.26
N GLY A 61 6.85 5.57 -4.50
CA GLY A 61 8.27 5.43 -4.82
C GLY A 61 8.86 4.07 -4.44
N SER A 62 8.04 3.21 -3.78
CA SER A 62 8.47 1.91 -3.28
C SER A 62 8.76 0.95 -4.46
N VAL A 63 9.96 0.37 -4.42
CA VAL A 63 10.50 -0.51 -5.44
C VAL A 63 10.28 -1.98 -5.01
N ILE A 64 9.52 -2.74 -5.82
CA ILE A 64 9.05 -4.09 -5.46
C ILE A 64 9.88 -5.15 -6.17
N ARG A 65 10.59 -5.98 -5.42
CA ARG A 65 11.31 -7.14 -5.93
C ARG A 65 10.36 -8.34 -6.06
N VAL A 66 10.17 -8.83 -7.30
CA VAL A 66 9.47 -10.11 -7.56
C VAL A 66 10.50 -11.12 -8.15
N PRO A 67 11.03 -12.08 -7.30
CA PRO A 67 12.13 -13.01 -7.68
C PRO A 67 11.74 -13.99 -8.82
N GLY A 68 12.74 -14.38 -9.63
CA GLY A 68 12.56 -15.37 -10.70
C GLY A 68 11.74 -14.85 -11.88
N MET A 69 11.73 -13.54 -12.07
CA MET A 69 10.96 -12.85 -13.12
C MET A 69 11.89 -12.48 -14.30
N GLY A 70 13.00 -11.80 -13.96
CA GLY A 70 13.99 -11.36 -14.95
C GLY A 70 14.97 -12.48 -15.31
N GLY A 71 16.08 -12.57 -14.55
CA GLY A 71 17.12 -13.59 -14.77
C GLY A 71 16.62 -15.02 -14.50
N GLN A 72 16.13 -15.68 -15.56
CA GLN A 72 15.59 -17.05 -15.48
C GLN A 72 16.73 -18.08 -15.23
N GLY A 73 16.44 -19.15 -14.47
CA GLY A 73 17.40 -20.24 -14.23
C GLY A 73 17.65 -20.48 -12.74
N ASN A 74 18.71 -21.28 -12.44
CA ASN A 74 19.10 -21.66 -11.05
C ASN A 74 19.28 -20.43 -10.11
N PRO A 75 20.03 -19.33 -10.52
CA PRO A 75 20.04 -18.03 -9.78
C PRO A 75 18.84 -17.15 -10.24
N PRO A 76 17.83 -16.87 -9.36
CA PRO A 76 16.63 -16.12 -9.76
C PRO A 76 16.88 -14.58 -9.79
N GLY A 77 16.61 -13.98 -10.96
CA GLY A 77 16.66 -12.54 -11.16
C GLY A 77 15.25 -11.99 -11.12
N ASP A 78 15.08 -10.75 -10.69
CA ASP A 78 13.78 -10.21 -10.29
C ASP A 78 13.31 -9.11 -11.25
N LEU A 79 12.12 -8.57 -10.94
CA LEU A 79 11.60 -7.33 -11.56
C LEU A 79 11.33 -6.34 -10.43
N LEU A 80 11.87 -5.13 -10.60
CA LEU A 80 11.72 -4.00 -9.67
C LEU A 80 10.63 -3.03 -10.19
N LEU A 81 9.44 -3.12 -9.59
CA LEU A 81 8.31 -2.21 -9.89
C LEU A 81 8.32 -1.00 -8.94
N VAL A 82 8.63 0.19 -9.49
CA VAL A 82 8.55 1.45 -8.74
C VAL A 82 7.13 2.04 -8.96
N VAL A 83 6.27 1.93 -7.94
CA VAL A 83 4.89 2.43 -8.03
C VAL A 83 4.82 3.95 -7.76
N ARG A 84 3.81 4.58 -8.36
CA ARG A 84 3.50 6.00 -8.21
C ARG A 84 2.05 6.11 -7.75
N LEU A 85 1.84 6.30 -6.43
CA LEU A 85 0.49 6.40 -5.87
C LEU A 85 -0.21 7.68 -6.34
N LEU A 86 -1.54 7.56 -6.55
CA LEU A 86 -2.39 8.65 -7.08
C LEU A 86 -2.33 9.89 -6.14
N PRO A 87 -2.43 11.14 -6.70
CA PRO A 87 -2.36 12.42 -5.92
C PRO A 87 -3.66 12.74 -5.12
N HIS A 88 -4.08 11.82 -4.23
CA HIS A 88 -5.19 12.05 -3.28
C HIS A 88 -4.85 11.40 -1.91
N PRO A 89 -3.64 11.69 -1.31
CA PRO A 89 -3.13 10.92 -0.14
C PRO A 89 -4.04 11.10 1.10
N VAL A 90 -4.51 9.98 1.64
CA VAL A 90 -5.42 9.95 2.80
C VAL A 90 -4.86 9.00 3.88
N PHE A 91 -4.27 7.90 3.39
CA PHE A 91 -3.67 6.87 4.23
C PHE A 91 -2.14 6.93 4.16
N ARG A 92 -1.52 7.06 5.32
CA ARG A 92 -0.07 6.97 5.52
C ARG A 92 0.22 5.61 6.15
N LEU A 93 1.29 4.92 5.72
CA LEU A 93 1.65 3.58 6.24
C LEU A 93 3.06 3.61 6.78
N GLU A 94 3.25 3.25 8.07
CA GLU A 94 4.58 3.01 8.64
C GLU A 94 4.53 1.87 9.68
N GLY A 95 5.42 0.86 9.51
CA GLY A 95 5.53 -0.26 10.45
C GLY A 95 4.29 -1.14 10.51
N GLN A 96 3.59 -1.29 9.36
CA GLN A 96 2.29 -2.02 9.22
C GLN A 96 1.09 -1.24 9.82
N ASP A 97 1.36 -0.10 10.48
CA ASP A 97 0.31 0.76 11.07
C ASP A 97 -0.10 1.85 10.07
N LEU A 98 -1.35 2.28 10.16
CA LEU A 98 -1.96 3.26 9.25
C LEU A 98 -2.18 4.57 9.97
N TYR A 99 -2.39 5.62 9.18
CA TYR A 99 -2.67 6.98 9.66
C TYR A 99 -3.69 7.60 8.70
N ALA A 100 -4.84 8.00 9.23
CA ALA A 100 -5.94 8.56 8.44
C ALA A 100 -6.69 9.61 9.25
N THR A 101 -7.50 10.40 8.55
CA THR A 101 -8.30 11.46 9.16
C THR A 101 -9.77 11.02 9.19
N LEU A 102 -10.38 11.05 10.38
CA LEU A 102 -11.80 10.73 10.58
C LEU A 102 -12.57 11.99 10.99
N ASP A 103 -13.51 12.42 10.13
CA ASP A 103 -14.48 13.48 10.49
C ASP A 103 -15.58 12.83 11.35
N VAL A 104 -15.89 13.46 12.49
CA VAL A 104 -16.94 13.02 13.42
C VAL A 104 -17.85 14.23 13.72
N PRO A 105 -19.19 14.16 13.44
CA PRO A 105 -20.11 15.27 13.76
C PRO A 105 -20.23 15.46 15.29
N ALA A 106 -20.44 16.72 15.70
CA ALA A 106 -20.53 17.12 17.13
C ALA A 106 -21.57 16.32 17.94
N PRO A 107 -22.83 16.03 17.39
CA PRO A 107 -23.80 15.11 18.07
C PRO A 107 -23.16 13.75 18.43
N ILE A 108 -22.52 13.09 17.44
CA ILE A 108 -21.88 11.77 17.62
C ILE A 108 -20.68 11.85 18.59
N ALA A 109 -19.92 12.94 18.52
CA ALA A 109 -18.72 13.12 19.36
C ALA A 109 -19.07 13.17 20.87
N VAL A 110 -20.16 13.90 21.18
CA VAL A 110 -20.56 14.15 22.58
C VAL A 110 -21.37 12.97 23.16
N VAL A 111 -22.22 12.31 22.33
CA VAL A 111 -23.04 11.15 22.79
C VAL A 111 -22.28 9.82 22.67
N GLY A 112 -21.21 9.83 21.84
CA GLY A 112 -20.39 8.64 21.60
C GLY A 112 -21.03 7.66 20.64
N GLY A 113 -21.40 8.15 19.45
CA GLY A 113 -22.06 7.34 18.45
C GLY A 113 -21.08 6.54 17.59
N LYS A 114 -21.63 5.95 16.53
CA LYS A 114 -20.92 5.04 15.64
C LYS A 114 -20.83 5.69 14.26
N VAL A 115 -19.60 5.90 13.78
CA VAL A 115 -19.31 6.55 12.49
C VAL A 115 -18.42 5.62 11.63
N ARG A 116 -18.65 5.62 10.31
CA ARG A 116 -17.84 4.84 9.36
C ARG A 116 -16.55 5.63 9.02
N ALA A 117 -15.42 4.94 8.95
CA ALA A 117 -14.16 5.50 8.44
C ALA A 117 -13.88 4.87 7.06
N MET A 118 -13.56 5.73 6.09
CA MET A 118 -13.25 5.31 4.71
C MET A 118 -11.80 4.79 4.70
N THR A 119 -11.64 3.46 4.64
CA THR A 119 -10.31 2.81 4.58
C THR A 119 -10.11 2.14 3.21
N LEU A 120 -8.86 1.73 2.95
CA LEU A 120 -8.46 1.09 1.68
C LEU A 120 -9.05 -0.34 1.55
N GLU A 121 -9.68 -0.82 2.64
CA GLU A 121 -10.40 -2.11 2.71
C GLU A 121 -11.93 -1.92 2.49
N GLY A 122 -12.43 -0.69 2.65
CA GLY A 122 -13.86 -0.38 2.51
C GLY A 122 -14.38 0.48 3.67
N PRO A 123 -15.67 0.34 4.10
CA PRO A 123 -16.19 0.99 5.32
C PRO A 123 -15.90 0.17 6.61
N VAL A 124 -15.28 0.80 7.62
CA VAL A 124 -15.10 0.19 8.96
C VAL A 124 -15.98 0.89 10.01
N GLU A 125 -16.29 0.17 11.09
CA GLU A 125 -17.11 0.67 12.20
C GLU A 125 -16.22 1.22 13.30
N VAL A 126 -16.24 2.55 13.46
CA VAL A 126 -15.57 3.25 14.57
C VAL A 126 -16.63 3.70 15.59
N ALA A 127 -16.54 3.19 16.81
CA ALA A 127 -17.41 3.61 17.92
C ALA A 127 -16.64 4.62 18.77
N VAL A 128 -16.96 5.92 18.60
CA VAL A 128 -16.26 7.00 19.31
C VAL A 128 -16.73 7.06 20.78
N PRO A 129 -15.83 7.38 21.77
CA PRO A 129 -16.21 7.57 23.19
C PRO A 129 -17.14 8.79 23.38
N PRO A 130 -18.19 8.69 24.28
CA PRO A 130 -19.02 9.86 24.66
C PRO A 130 -18.16 11.00 25.21
N ARG A 131 -18.39 12.21 24.64
CA ARG A 131 -17.69 13.45 25.00
C ARG A 131 -16.20 13.38 24.61
N THR A 132 -15.90 12.69 23.49
CA THR A 132 -14.52 12.60 22.97
C THR A 132 -14.05 14.00 22.49
N GLN A 133 -12.74 14.15 22.30
CA GLN A 133 -12.11 15.43 21.93
C GLN A 133 -11.37 15.27 20.59
N ALA A 134 -11.29 16.39 19.85
CA ALA A 134 -10.62 16.48 18.56
C ALA A 134 -9.10 16.31 18.72
N GLY A 135 -8.48 15.60 17.76
CA GLY A 135 -7.05 15.29 17.81
C GLY A 135 -6.77 13.97 18.49
N ARG A 136 -7.82 13.29 19.04
CA ARG A 136 -7.66 11.97 19.68
C ARG A 136 -7.40 10.89 18.62
N LYS A 137 -6.86 9.77 19.12
CA LYS A 137 -6.39 8.65 18.32
C LYS A 137 -7.38 7.49 18.49
N LEU A 138 -8.19 7.20 17.45
CA LEU A 138 -9.10 6.05 17.46
C LEU A 138 -8.43 4.92 16.66
N ARG A 139 -7.79 3.99 17.38
CA ARG A 139 -6.96 2.95 16.76
C ARG A 139 -7.72 1.62 16.68
N LEU A 140 -7.97 1.18 15.44
CA LEU A 140 -8.74 -0.02 15.12
C LEU A 140 -7.79 -1.21 14.92
N LYS A 141 -7.94 -2.22 15.77
CA LYS A 141 -7.06 -3.40 15.79
C LYS A 141 -7.35 -4.31 14.59
N GLY A 142 -6.27 -4.75 13.92
CA GLY A 142 -6.35 -5.69 12.80
C GLY A 142 -6.95 -5.07 11.55
N LYS A 143 -6.68 -3.77 11.34
CA LYS A 143 -7.17 -3.02 10.16
C LYS A 143 -6.01 -2.39 9.35
N GLY A 144 -4.76 -2.70 9.76
CA GLY A 144 -3.56 -2.21 9.08
C GLY A 144 -3.14 -3.08 7.91
N PHE A 145 -1.83 -3.16 7.66
CA PHE A 145 -1.25 -4.08 6.66
C PHE A 145 -0.75 -5.40 7.31
N PRO A 146 -0.88 -6.56 6.59
CA PRO A 146 -0.33 -7.86 7.04
C PRO A 146 1.21 -7.94 6.85
N GLY A 147 1.84 -8.82 7.64
CA GLY A 147 3.29 -9.07 7.57
C GLY A 147 3.76 -10.00 8.69
N PRO A 148 5.10 -10.08 9.00
CA PRO A 148 5.67 -11.02 9.99
C PRO A 148 5.26 -10.68 11.44
N ALA A 149 4.76 -9.45 11.66
CA ALA A 149 4.26 -8.97 12.96
C ALA A 149 2.73 -9.10 13.05
N GLY A 150 2.15 -10.01 12.24
CA GLY A 150 0.69 -10.16 12.13
C GLY A 150 0.11 -9.10 11.24
N ARG A 151 -1.03 -8.52 11.62
CA ARG A 151 -1.62 -7.34 10.95
C ARG A 151 -1.51 -6.12 11.85
N GLY A 152 -1.23 -4.95 11.25
CA GLY A 152 -1.15 -3.69 11.99
C GLY A 152 -2.52 -3.11 12.33
N ASP A 153 -2.56 -1.81 12.58
CA ASP A 153 -3.76 -1.10 13.07
C ASP A 153 -4.05 0.11 12.18
N LEU A 154 -5.22 0.74 12.39
CA LEU A 154 -5.59 2.02 11.76
C LEU A 154 -5.65 3.12 12.84
N TYR A 155 -4.73 4.10 12.75
CA TYR A 155 -4.71 5.29 13.60
C TYR A 155 -5.58 6.36 12.93
N LEU A 156 -6.74 6.64 13.49
CA LEU A 156 -7.60 7.75 13.08
C LEU A 156 -7.27 9.01 13.90
N GLU A 157 -7.38 10.17 13.25
CA GLU A 157 -7.37 11.47 13.93
C GLU A 157 -8.80 12.02 13.87
N VAL A 158 -9.53 11.90 14.99
CA VAL A 158 -10.92 12.42 15.11
C VAL A 158 -10.93 13.95 14.94
N ARG A 159 -11.78 14.41 14.04
CA ARG A 159 -11.92 15.83 13.68
C ARG A 159 -13.38 16.20 13.87
N ILE A 160 -13.70 16.73 15.05
CA ILE A 160 -15.07 17.03 15.46
C ILE A 160 -15.58 18.29 14.76
N THR A 161 -16.85 18.26 14.34
CA THR A 161 -17.48 19.32 13.57
C THR A 161 -18.91 19.58 14.14
N ALA A 1 -0.08 -3.04 -21.73
CA ALA A 1 0.30 -3.86 -20.56
C ALA A 1 -0.81 -3.83 -19.50
N ALA A 2 -0.72 -4.70 -18.48
CA ALA A 2 -1.71 -4.78 -17.38
C ALA A 2 -1.20 -4.04 -16.14
N LEU A 3 -0.15 -4.60 -15.50
CA LEU A 3 0.37 -4.10 -14.20
C LEU A 3 1.84 -3.68 -14.35
N VAL A 4 2.04 -2.66 -15.20
CA VAL A 4 3.36 -2.06 -15.51
C VAL A 4 3.19 -0.99 -16.59
N ALA A 5 4.00 0.09 -16.54
CA ALA A 5 4.12 1.05 -17.65
C ALA A 5 5.22 0.54 -18.62
N HIS A 6 6.50 0.75 -18.24
CA HIS A 6 7.68 0.30 -19.01
C HIS A 6 8.90 0.24 -18.09
N VAL A 7 9.96 -0.44 -18.58
CA VAL A 7 11.27 -0.51 -17.91
C VAL A 7 11.89 0.90 -17.83
N THR A 8 12.46 1.24 -16.66
CA THR A 8 13.21 2.48 -16.46
C THR A 8 14.53 2.43 -17.27
N SER A 9 14.42 2.85 -18.55
CA SER A 9 15.49 2.71 -19.56
C SER A 9 16.69 3.62 -19.23
N GLY A 10 17.91 3.08 -19.45
CA GLY A 10 19.15 3.83 -19.26
C GLY A 10 20.19 3.02 -18.49
N SER A 11 21.48 3.35 -18.68
CA SER A 11 22.59 2.69 -17.96
C SER A 11 22.62 3.19 -16.50
N GLY A 12 22.01 2.40 -15.61
CA GLY A 12 21.88 2.75 -14.18
C GLY A 12 20.72 2.00 -13.54
N GLY A 13 20.40 2.36 -12.29
CA GLY A 13 19.30 1.73 -11.54
C GLY A 13 19.75 1.19 -10.19
N SER A 14 18.87 1.32 -9.18
CA SER A 14 19.11 0.78 -7.83
C SER A 14 18.85 -0.74 -7.81
N GLY A 15 19.85 -1.50 -8.27
CA GLY A 15 19.79 -2.95 -8.28
C GLY A 15 21.07 -3.57 -8.82
N GLY A 16 21.41 -4.78 -8.34
CA GLY A 16 22.59 -5.51 -8.80
C GLY A 16 23.84 -5.18 -8.02
N SER A 17 24.47 -6.22 -7.42
CA SER A 17 25.69 -6.07 -6.62
C SER A 17 26.54 -7.35 -6.72
N GLY A 18 27.75 -7.23 -7.32
CA GLY A 18 28.72 -8.34 -7.41
C GLY A 18 28.20 -9.51 -8.24
N GLY A 19 28.19 -10.73 -7.66
CA GLY A 19 27.69 -11.93 -8.31
C GLY A 19 26.17 -11.96 -8.33
N SER A 20 25.59 -11.15 -9.23
CA SER A 20 24.13 -11.05 -9.42
C SER A 20 23.82 -10.78 -10.91
N GLY A 21 22.79 -11.45 -11.45
CA GLY A 21 22.32 -11.22 -12.82
C GLY A 21 21.53 -9.92 -12.94
N ARG A 22 21.46 -9.36 -14.17
CA ARG A 22 20.77 -8.07 -14.42
C ARG A 22 19.28 -8.15 -14.06
N ASP A 23 18.89 -7.39 -13.04
CA ASP A 23 17.49 -7.26 -12.62
C ASP A 23 16.85 -6.09 -13.36
N LEU A 24 15.55 -6.19 -13.58
CA LEU A 24 14.77 -5.17 -14.29
C LEU A 24 14.10 -4.25 -13.27
N ARG A 25 13.79 -3.02 -13.71
CA ARG A 25 13.03 -2.05 -12.88
C ARG A 25 12.00 -1.38 -13.79
N ALA A 26 10.83 -1.04 -13.24
CA ALA A 26 9.73 -0.44 -13.98
C ALA A 26 8.80 0.31 -13.03
N GLU A 27 8.37 1.51 -13.42
CA GLU A 27 7.49 2.36 -12.61
C GLU A 27 6.04 2.25 -13.13
N LEU A 28 5.05 2.26 -12.21
CA LEU A 28 3.62 2.28 -12.57
C LEU A 28 2.81 3.09 -11.53
N PRO A 29 1.75 3.86 -11.96
CA PRO A 29 0.83 4.55 -11.04
C PRO A 29 -0.21 3.56 -10.43
N LEU A 30 -0.17 3.41 -9.11
CA LEU A 30 -1.07 2.52 -8.36
C LEU A 30 -2.10 3.36 -7.57
N THR A 31 -3.26 2.75 -7.27
CA THR A 31 -4.27 3.37 -6.42
C THR A 31 -4.07 2.93 -4.94
N LEU A 32 -4.59 3.71 -3.98
CA LEU A 32 -4.51 3.42 -2.53
C LEU A 32 -5.15 2.07 -2.22
N GLU A 33 -6.35 1.91 -2.77
CA GLU A 33 -7.13 0.67 -2.68
C GLU A 33 -6.31 -0.53 -3.17
N GLU A 34 -5.49 -0.30 -4.21
CA GLU A 34 -4.64 -1.35 -4.82
C GLU A 34 -3.37 -1.59 -3.99
N ALA A 35 -2.95 -0.59 -3.19
CA ALA A 35 -1.93 -0.77 -2.15
C ALA A 35 -2.42 -1.77 -1.09
N PHE A 36 -3.73 -1.71 -0.81
CA PHE A 36 -4.41 -2.63 0.10
C PHE A 36 -4.76 -3.98 -0.59
N HIS A 37 -5.07 -3.95 -1.89
CA HIS A 37 -5.58 -5.14 -2.64
C HIS A 37 -4.44 -6.04 -3.15
N GLY A 38 -3.35 -5.43 -3.65
CA GLY A 38 -2.33 -6.17 -4.42
C GLY A 38 -2.87 -6.54 -5.80
N GLY A 39 -2.74 -7.84 -6.20
CA GLY A 39 -3.42 -8.36 -7.40
C GLY A 39 -2.53 -9.23 -8.29
N GLU A 40 -3.11 -10.33 -8.83
CA GLU A 40 -2.50 -11.14 -9.89
C GLU A 40 -2.87 -10.51 -11.26
N ARG A 41 -1.88 -9.98 -11.96
CA ARG A 41 -2.00 -9.41 -13.33
C ARG A 41 -0.75 -9.79 -14.12
N VAL A 42 -0.73 -9.56 -15.44
CA VAL A 42 0.44 -9.89 -16.26
C VAL A 42 1.37 -8.66 -16.44
N VAL A 43 2.69 -8.92 -16.46
CA VAL A 43 3.72 -7.92 -16.78
C VAL A 43 4.44 -8.32 -18.07
N GLU A 44 4.70 -7.34 -18.94
CA GLU A 44 5.50 -7.55 -20.16
C GLU A 44 6.66 -6.53 -20.16
N VAL A 45 7.86 -7.02 -19.87
CA VAL A 45 9.10 -6.20 -19.79
C VAL A 45 10.22 -6.84 -20.63
N ALA A 46 10.90 -5.98 -21.43
CA ALA A 46 11.96 -6.41 -22.40
C ALA A 46 11.39 -7.34 -23.50
N GLY A 47 10.05 -7.23 -23.71
CA GLY A 47 9.34 -8.09 -24.66
C GLY A 47 8.90 -9.42 -24.04
N ARG A 48 9.33 -9.69 -22.80
CA ARG A 48 9.07 -10.96 -22.11
C ARG A 48 7.82 -10.84 -21.22
N ARG A 49 6.82 -11.67 -21.51
CA ARG A 49 5.50 -11.63 -20.85
C ARG A 49 5.35 -12.79 -19.84
N VAL A 50 5.35 -12.46 -18.55
CA VAL A 50 5.10 -13.39 -17.43
C VAL A 50 4.09 -12.76 -16.46
N SER A 51 3.35 -13.57 -15.69
CA SER A 51 2.35 -13.04 -14.73
C SER A 51 3.04 -12.48 -13.48
N VAL A 52 2.73 -11.22 -13.12
CA VAL A 52 3.23 -10.58 -11.91
C VAL A 52 2.18 -10.64 -10.78
N ARG A 53 2.55 -11.26 -9.67
CA ARG A 53 1.72 -11.35 -8.48
C ARG A 53 2.32 -10.47 -7.39
N ILE A 54 1.84 -9.22 -7.28
CA ILE A 54 2.21 -8.36 -6.15
C ILE A 54 1.14 -8.52 -5.04
N PRO A 55 1.54 -8.99 -3.81
CA PRO A 55 0.58 -9.22 -2.71
C PRO A 55 0.11 -7.91 -2.03
N PRO A 56 -1.02 -7.96 -1.25
CA PRO A 56 -1.46 -6.83 -0.40
C PRO A 56 -0.36 -6.37 0.59
N GLY A 57 -0.27 -5.05 0.81
CA GLY A 57 0.73 -4.48 1.72
C GLY A 57 1.83 -3.72 1.00
N VAL A 58 1.45 -3.00 -0.06
CA VAL A 58 2.36 -2.14 -0.84
C VAL A 58 2.04 -0.65 -0.54
N ARG A 59 2.97 0.28 -0.88
CA ARG A 59 2.95 1.69 -0.39
C ARG A 59 3.40 2.66 -1.48
N GLU A 60 3.12 3.95 -1.28
CA GLU A 60 3.70 5.07 -2.04
C GLU A 60 5.25 5.02 -1.99
N GLY A 61 5.87 4.84 -3.19
CA GLY A 61 7.32 4.78 -3.32
C GLY A 61 7.90 3.42 -2.99
N SER A 62 7.03 2.44 -2.74
CA SER A 62 7.43 1.08 -2.40
C SER A 62 7.81 0.34 -3.69
N VAL A 63 9.04 -0.18 -3.68
CA VAL A 63 9.64 -0.88 -4.80
C VAL A 63 9.50 -2.39 -4.55
N ILE A 64 8.83 -3.11 -5.46
CA ILE A 64 8.40 -4.50 -5.23
C ILE A 64 9.34 -5.46 -5.97
N ARG A 65 9.97 -6.38 -5.25
CA ARG A 65 10.85 -7.40 -5.82
C ARG A 65 10.02 -8.62 -6.27
N VAL A 66 9.79 -8.74 -7.59
CA VAL A 66 9.01 -9.88 -8.16
C VAL A 66 9.97 -10.86 -8.91
N PRO A 67 10.28 -12.05 -8.30
CA PRO A 67 11.29 -13.00 -8.85
C PRO A 67 10.86 -13.65 -10.18
N GLY A 68 11.84 -13.81 -11.11
CA GLY A 68 11.63 -14.57 -12.35
C GLY A 68 11.47 -13.73 -13.60
N MET A 69 11.32 -12.40 -13.46
CA MET A 69 11.23 -11.47 -14.60
C MET A 69 12.64 -11.14 -15.12
N GLY A 70 13.45 -10.52 -14.24
CA GLY A 70 14.84 -10.19 -14.54
C GLY A 70 15.77 -11.35 -14.20
N GLY A 71 17.05 -11.21 -14.61
CA GLY A 71 18.10 -12.18 -14.30
C GLY A 71 17.81 -13.56 -14.86
N GLN A 72 17.49 -13.61 -16.17
CA GLN A 72 17.10 -14.85 -16.84
C GLN A 72 18.34 -15.73 -17.11
N GLY A 73 18.49 -16.78 -16.31
CA GLY A 73 19.61 -17.69 -16.40
C GLY A 73 19.44 -18.83 -15.39
N ASN A 74 20.57 -19.31 -14.84
CA ASN A 74 20.55 -20.37 -13.80
C ASN A 74 20.07 -19.79 -12.44
N PRO A 75 20.57 -18.58 -11.95
CA PRO A 75 19.95 -17.87 -10.81
C PRO A 75 18.95 -16.78 -11.30
N PRO A 76 17.60 -17.00 -11.14
CA PRO A 76 16.56 -16.02 -11.53
C PRO A 76 16.66 -14.73 -10.70
N GLY A 77 16.72 -13.58 -11.37
CA GLY A 77 16.70 -12.27 -10.70
C GLY A 77 15.28 -11.85 -10.34
N ASP A 78 14.92 -10.60 -10.66
CA ASP A 78 13.62 -10.03 -10.27
C ASP A 78 13.32 -8.77 -11.09
N LEU A 79 12.14 -8.21 -10.85
CA LEU A 79 11.72 -6.93 -11.42
C LEU A 79 11.21 -6.03 -10.29
N LEU A 80 11.84 -4.87 -10.17
CA LEU A 80 11.50 -3.87 -9.18
C LEU A 80 10.41 -2.92 -9.70
N LEU A 81 9.16 -3.18 -9.28
CA LEU A 81 8.02 -2.32 -9.59
C LEU A 81 7.87 -1.20 -8.56
N VAL A 82 8.25 0.03 -8.94
CA VAL A 82 8.06 1.21 -8.09
C VAL A 82 6.65 1.75 -8.31
N VAL A 83 5.74 1.51 -7.36
CA VAL A 83 4.37 1.99 -7.47
C VAL A 83 4.27 3.45 -6.99
N ARG A 84 3.41 4.21 -7.65
CA ARG A 84 3.19 5.62 -7.36
C ARG A 84 1.73 5.77 -6.94
N LEU A 85 1.44 5.85 -5.62
CA LEU A 85 0.06 6.05 -5.15
C LEU A 85 -0.44 7.44 -5.52
N LEU A 86 -1.75 7.51 -5.81
CA LEU A 86 -2.41 8.70 -6.40
C LEU A 86 -2.17 9.99 -5.56
N PRO A 87 -2.25 11.21 -6.21
CA PRO A 87 -2.23 12.52 -5.50
C PRO A 87 -3.49 12.74 -4.63
N HIS A 88 -4.41 11.75 -4.64
CA HIS A 88 -5.47 11.58 -3.65
C HIS A 88 -4.96 10.59 -2.59
N PRO A 89 -4.47 11.08 -1.39
CA PRO A 89 -4.19 10.22 -0.23
C PRO A 89 -5.27 10.35 0.87
N VAL A 90 -5.88 9.23 1.25
CA VAL A 90 -6.80 9.14 2.41
C VAL A 90 -6.22 8.12 3.39
N PHE A 91 -5.76 7.01 2.83
CA PHE A 91 -5.10 5.93 3.56
C PHE A 91 -3.63 5.83 3.15
N ARG A 92 -2.75 5.88 4.16
CA ARG A 92 -1.32 5.64 3.99
C ARG A 92 -0.92 4.44 4.86
N LEU A 93 -0.26 3.46 4.26
CA LEU A 93 0.35 2.35 4.99
C LEU A 93 1.79 2.74 5.33
N GLU A 94 2.20 2.53 6.59
CA GLU A 94 3.59 2.72 7.03
C GLU A 94 3.95 1.67 8.08
N GLY A 95 5.09 0.98 7.88
CA GLY A 95 5.52 -0.11 8.75
C GLY A 95 4.65 -1.35 8.57
N GLN A 96 3.44 -1.29 9.15
CA GLN A 96 2.41 -2.32 9.01
C GLN A 96 1.01 -1.74 9.29
N ASP A 97 0.97 -0.50 9.82
CA ASP A 97 -0.29 0.17 10.23
C ASP A 97 -0.81 1.09 9.12
N LEU A 98 -2.09 1.44 9.23
CA LEU A 98 -2.78 2.29 8.28
C LEU A 98 -2.98 3.67 8.92
N TYR A 99 -3.13 4.70 8.11
CA TYR A 99 -3.24 6.09 8.58
C TYR A 99 -4.35 6.79 7.78
N ALA A 100 -5.35 7.29 8.50
CA ALA A 100 -6.51 7.97 7.90
C ALA A 100 -6.94 9.14 8.77
N THR A 101 -7.72 10.04 8.18
CA THR A 101 -8.31 11.18 8.88
C THR A 101 -9.83 10.95 9.02
N LEU A 102 -10.30 10.88 10.27
CA LEU A 102 -11.72 10.69 10.58
C LEU A 102 -12.30 12.00 11.11
N ASP A 103 -13.16 12.63 10.30
CA ASP A 103 -13.93 13.80 10.75
C ASP A 103 -15.24 13.31 11.37
N VAL A 104 -15.52 13.76 12.59
CA VAL A 104 -16.72 13.36 13.34
C VAL A 104 -17.56 14.62 13.66
N PRO A 105 -18.92 14.55 13.55
CA PRO A 105 -19.81 15.66 13.95
C PRO A 105 -19.63 16.00 15.44
N ALA A 106 -19.71 17.29 15.78
CA ALA A 106 -19.61 17.78 17.16
C ALA A 106 -20.60 17.08 18.14
N PRO A 107 -21.93 16.88 17.78
CA PRO A 107 -22.86 16.07 18.61
C PRO A 107 -22.36 14.64 18.87
N ILE A 108 -21.80 13.97 17.85
CA ILE A 108 -21.22 12.62 17.99
C ILE A 108 -19.98 12.65 18.91
N ALA A 109 -19.11 13.64 18.72
CA ALA A 109 -17.86 13.77 19.48
C ALA A 109 -18.15 13.88 20.99
N VAL A 110 -19.14 14.71 21.34
CA VAL A 110 -19.48 14.99 22.74
C VAL A 110 -20.26 13.84 23.40
N VAL A 111 -21.22 13.21 22.68
CA VAL A 111 -22.03 12.09 23.27
C VAL A 111 -21.24 10.76 23.20
N GLY A 112 -20.24 10.70 22.30
CA GLY A 112 -19.47 9.50 22.06
C GLY A 112 -20.20 8.52 21.14
N GLY A 113 -20.73 9.04 20.01
CA GLY A 113 -21.50 8.25 19.08
C GLY A 113 -20.64 7.45 18.11
N LYS A 114 -21.30 6.80 17.16
CA LYS A 114 -20.67 5.90 16.18
C LYS A 114 -20.80 6.51 14.77
N VAL A 115 -19.69 6.47 14.03
CA VAL A 115 -19.55 7.07 12.71
C VAL A 115 -18.89 6.05 11.77
N ARG A 116 -19.08 6.20 10.44
CA ARG A 116 -18.46 5.31 9.45
C ARG A 116 -17.13 5.91 9.00
N ALA A 117 -16.06 5.09 9.05
CA ALA A 117 -14.76 5.49 8.47
C ALA A 117 -14.59 4.76 7.12
N MET A 118 -14.40 5.56 6.06
CA MET A 118 -14.20 5.06 4.69
C MET A 118 -12.78 4.47 4.56
N THR A 119 -12.69 3.13 4.55
CA THR A 119 -11.42 2.40 4.41
C THR A 119 -11.35 1.70 3.05
N LEU A 120 -10.16 1.17 2.73
CA LEU A 120 -9.85 0.55 1.44
C LEU A 120 -10.51 -0.84 1.28
N GLU A 121 -11.22 -1.31 2.33
CA GLU A 121 -12.00 -2.57 2.30
C GLU A 121 -13.52 -2.31 2.45
N GLY A 122 -13.94 -1.04 2.58
CA GLY A 122 -15.37 -0.66 2.68
C GLY A 122 -15.66 0.31 3.81
N PRO A 123 -16.90 0.35 4.37
CA PRO A 123 -17.21 1.15 5.58
C PRO A 123 -17.00 0.34 6.89
N VAL A 124 -16.33 0.96 7.89
CA VAL A 124 -16.13 0.34 9.22
C VAL A 124 -16.89 1.12 10.32
N GLU A 125 -17.15 0.41 11.42
CA GLU A 125 -17.90 0.95 12.56
C GLU A 125 -16.90 1.44 13.61
N VAL A 126 -16.73 2.76 13.71
CA VAL A 126 -15.84 3.38 14.69
C VAL A 126 -16.66 4.29 15.63
N ALA A 127 -16.74 3.89 16.88
CA ALA A 127 -17.42 4.64 17.94
C ALA A 127 -16.40 5.47 18.71
N VAL A 128 -16.55 6.80 18.67
CA VAL A 128 -15.70 7.73 19.43
C VAL A 128 -16.06 7.64 20.94
N PRO A 129 -15.08 7.83 21.88
CA PRO A 129 -15.36 7.89 23.33
C PRO A 129 -16.16 9.19 23.71
N PRO A 130 -17.00 9.13 24.81
CA PRO A 130 -17.77 10.30 25.30
C PRO A 130 -16.89 11.55 25.53
N ARG A 131 -17.24 12.63 24.79
CA ARG A 131 -16.47 13.89 24.76
C ARG A 131 -15.01 13.63 24.39
N THR A 132 -14.81 13.01 23.21
CA THR A 132 -13.47 12.81 22.64
C THR A 132 -12.86 14.18 22.27
N GLN A 133 -11.57 14.19 21.95
CA GLN A 133 -10.82 15.44 21.67
C GLN A 133 -10.24 15.38 20.26
N ALA A 134 -10.22 16.55 19.61
CA ALA A 134 -9.59 16.72 18.31
C ALA A 134 -8.07 16.57 18.47
N GLY A 135 -7.49 15.58 17.78
CA GLY A 135 -6.07 15.22 17.93
C GLY A 135 -5.90 13.82 18.48
N ARG A 136 -6.99 13.22 18.99
CA ARG A 136 -6.98 11.81 19.46
C ARG A 136 -6.95 10.85 18.26
N LYS A 137 -6.54 9.59 18.52
CA LYS A 137 -6.37 8.57 17.47
C LYS A 137 -7.12 7.29 17.82
N LEU A 138 -8.06 6.89 16.97
CA LEU A 138 -8.90 5.70 17.19
C LEU A 138 -8.30 4.53 16.41
N ARG A 139 -7.79 3.54 17.13
CA ARG A 139 -7.03 2.42 16.55
C ARG A 139 -7.95 1.21 16.37
N LEU A 140 -8.34 0.96 15.11
CA LEU A 140 -9.26 -0.14 14.75
C LEU A 140 -8.45 -1.38 14.42
N LYS A 141 -8.47 -2.38 15.31
CA LYS A 141 -7.63 -3.57 15.19
C LYS A 141 -8.17 -4.56 14.16
N GLY A 142 -7.24 -5.22 13.44
CA GLY A 142 -7.60 -6.17 12.38
C GLY A 142 -7.84 -5.48 11.04
N LYS A 143 -7.05 -4.43 10.77
CA LYS A 143 -7.21 -3.60 9.53
C LYS A 143 -5.90 -3.52 8.74
N GLY A 144 -4.77 -3.33 9.43
CA GLY A 144 -3.48 -3.18 8.76
C GLY A 144 -2.84 -4.52 8.41
N PHE A 145 -1.66 -4.46 7.83
CA PHE A 145 -0.95 -5.65 7.31
C PHE A 145 0.04 -6.23 8.33
N PRO A 146 0.41 -7.56 8.21
CA PRO A 146 1.42 -8.21 9.10
C PRO A 146 2.77 -7.44 9.19
N GLY A 147 3.45 -7.57 10.34
CA GLY A 147 4.69 -6.85 10.60
C GLY A 147 5.27 -7.14 11.99
N PRO A 148 6.16 -6.25 12.54
CA PRO A 148 6.94 -6.50 13.79
C PRO A 148 6.08 -6.68 15.05
N ALA A 149 4.95 -5.95 15.13
CA ALA A 149 3.99 -6.05 16.25
C ALA A 149 2.89 -7.08 15.98
N GLY A 150 3.19 -8.05 15.09
CA GLY A 150 2.25 -9.11 14.74
C GLY A 150 1.42 -8.74 13.53
N ARG A 151 0.21 -8.23 13.76
CA ARG A 151 -0.69 -7.75 12.70
C ARG A 151 -0.91 -6.24 12.86
N GLY A 152 -1.03 -5.54 11.74
CA GLY A 152 -1.24 -4.09 11.74
C GLY A 152 -2.69 -3.71 12.01
N ASP A 153 -2.89 -2.40 12.25
CA ASP A 153 -4.20 -1.83 12.67
C ASP A 153 -4.41 -0.49 11.93
N LEU A 154 -5.61 0.09 12.06
CA LEU A 154 -5.93 1.41 11.46
C LEU A 154 -5.80 2.51 12.52
N TYR A 155 -5.05 3.55 12.18
CA TYR A 155 -4.78 4.69 13.07
C TYR A 155 -5.52 5.93 12.49
N LEU A 156 -6.66 6.28 13.10
CA LEU A 156 -7.50 7.42 12.68
C LEU A 156 -7.08 8.73 13.33
N GLU A 157 -7.33 9.84 12.63
CA GLU A 157 -7.12 11.20 13.16
C GLU A 157 -8.49 11.83 13.47
N VAL A 158 -8.91 11.80 14.76
CA VAL A 158 -10.15 12.46 15.24
C VAL A 158 -10.11 13.98 14.92
N ARG A 159 -11.00 14.39 14.02
CA ARG A 159 -11.18 15.78 13.61
C ARG A 159 -12.62 16.18 13.95
N ILE A 160 -12.81 16.82 15.10
CA ILE A 160 -14.14 17.26 15.55
C ILE A 160 -14.55 18.50 14.77
N THR A 161 -15.75 18.43 14.20
CA THR A 161 -16.32 19.46 13.36
C THR A 161 -17.81 19.62 13.74
N ALA A 1 -0.64 -5.54 -21.55
CA ALA A 1 -0.34 -5.13 -20.15
C ALA A 1 -1.63 -5.01 -19.33
N ALA A 2 -1.48 -4.85 -17.99
CA ALA A 2 -2.63 -4.72 -17.08
C ALA A 2 -2.21 -3.99 -15.79
N LEU A 3 -1.15 -4.49 -15.13
CA LEU A 3 -0.63 -3.91 -13.88
C LEU A 3 0.32 -2.74 -14.21
N VAL A 4 1.51 -3.08 -14.69
CA VAL A 4 2.50 -2.13 -15.21
C VAL A 4 2.28 -1.95 -16.71
N ALA A 5 2.62 -0.76 -17.22
CA ALA A 5 2.55 -0.47 -18.66
C ALA A 5 3.76 -1.13 -19.37
N HIS A 6 4.96 -0.86 -18.83
CA HIS A 6 6.26 -1.28 -19.39
C HIS A 6 7.41 -0.80 -18.48
N VAL A 7 8.66 -1.17 -18.83
CA VAL A 7 9.85 -0.78 -18.05
C VAL A 7 10.26 0.67 -18.35
N THR A 8 10.96 1.28 -17.38
CA THR A 8 11.45 2.67 -17.48
C THR A 8 12.93 2.70 -17.05
N SER A 9 13.72 1.81 -17.67
CA SER A 9 15.16 1.73 -17.43
C SER A 9 15.88 2.91 -18.10
N GLY A 10 16.16 3.96 -17.31
CA GLY A 10 16.86 5.15 -17.77
C GLY A 10 17.85 5.63 -16.72
N SER A 11 17.62 6.83 -16.16
CA SER A 11 18.41 7.35 -15.02
C SER A 11 17.92 6.69 -13.71
N GLY A 12 18.60 7.04 -12.59
CA GLY A 12 18.37 6.39 -11.30
C GLY A 12 19.06 5.03 -11.26
N GLY A 13 20.38 5.05 -11.54
CA GLY A 13 21.19 3.84 -11.61
C GLY A 13 21.39 3.36 -13.04
N SER A 14 22.33 2.41 -13.22
CA SER A 14 22.61 1.79 -14.53
C SER A 14 21.68 0.59 -14.79
N GLY A 15 21.12 0.01 -13.71
CA GLY A 15 20.34 -1.23 -13.80
C GLY A 15 21.26 -2.42 -13.70
N GLY A 16 21.87 -2.60 -12.52
CA GLY A 16 22.85 -3.66 -12.28
C GLY A 16 23.04 -3.89 -10.79
N SER A 17 21.95 -4.34 -10.14
CA SER A 17 21.90 -4.63 -8.69
C SER A 17 22.99 -5.64 -8.27
N GLY A 18 23.36 -6.55 -9.20
CA GLY A 18 24.51 -7.46 -9.03
C GLY A 18 24.21 -8.70 -8.18
N GLY A 19 23.07 -8.71 -7.47
CA GLY A 19 22.70 -9.81 -6.57
C GLY A 19 21.82 -10.85 -7.22
N SER A 20 21.51 -10.64 -8.51
CA SER A 20 20.64 -11.53 -9.31
C SER A 20 21.22 -11.64 -10.74
N GLY A 21 20.40 -12.14 -11.69
CA GLY A 21 20.73 -12.09 -13.12
C GLY A 21 20.57 -10.67 -13.65
N ARG A 22 19.64 -10.44 -14.59
CA ARG A 22 19.25 -9.08 -14.99
C ARG A 22 18.07 -8.62 -14.13
N ASP A 23 18.29 -7.55 -13.38
CA ASP A 23 17.25 -6.86 -12.62
C ASP A 23 16.60 -5.81 -13.52
N LEU A 24 15.27 -5.86 -13.61
CA LEU A 24 14.46 -4.90 -14.36
C LEU A 24 13.96 -3.82 -13.41
N ARG A 25 13.57 -2.67 -13.98
CA ARG A 25 13.05 -1.53 -13.22
C ARG A 25 11.91 -0.87 -14.01
N ALA A 26 10.73 -0.83 -13.39
CA ALA A 26 9.49 -0.37 -14.02
C ALA A 26 8.63 0.35 -12.98
N GLU A 27 8.16 1.56 -13.31
CA GLU A 27 7.30 2.37 -12.44
C GLU A 27 5.87 2.33 -12.98
N LEU A 28 4.88 2.21 -12.08
CA LEU A 28 3.46 2.16 -12.46
C LEU A 28 2.64 3.06 -11.52
N PRO A 29 1.61 3.78 -12.05
CA PRO A 29 0.66 4.52 -11.21
C PRO A 29 -0.30 3.55 -10.52
N LEU A 30 -0.18 3.48 -9.20
CA LEU A 30 -1.00 2.66 -8.33
C LEU A 30 -1.65 3.60 -7.33
N THR A 31 -2.87 3.33 -6.85
CA THR A 31 -3.49 4.15 -5.80
C THR A 31 -3.50 3.41 -4.47
N LEU A 32 -3.92 4.12 -3.41
CA LEU A 32 -4.00 3.60 -2.04
C LEU A 32 -4.88 2.35 -2.02
N GLU A 33 -6.03 2.47 -2.70
CA GLU A 33 -7.01 1.39 -2.87
C GLU A 33 -6.34 0.11 -3.39
N GLU A 34 -5.41 0.28 -4.34
CA GLU A 34 -4.69 -0.84 -4.97
C GLU A 34 -3.49 -1.30 -4.12
N ALA A 35 -2.97 -0.39 -3.27
CA ALA A 35 -2.04 -0.73 -2.21
C ALA A 35 -2.63 -1.74 -1.22
N PHE A 36 -3.96 -1.65 -1.00
CA PHE A 36 -4.72 -2.66 -0.25
C PHE A 36 -4.99 -3.91 -1.10
N HIS A 37 -5.58 -3.70 -2.30
CA HIS A 37 -6.06 -4.81 -3.15
C HIS A 37 -4.90 -5.75 -3.57
N GLY A 38 -3.77 -5.15 -4.00
CA GLY A 38 -2.59 -5.89 -4.45
C GLY A 38 -2.91 -6.78 -5.64
N GLY A 39 -2.60 -8.08 -5.52
CA GLY A 39 -3.10 -9.11 -6.44
C GLY A 39 -2.11 -9.53 -7.50
N GLU A 40 -2.46 -10.60 -8.22
CA GLU A 40 -1.74 -11.10 -9.40
C GLU A 40 -2.33 -10.37 -10.62
N ARG A 41 -1.47 -9.74 -11.44
CA ARG A 41 -1.91 -8.97 -12.60
C ARG A 41 -0.77 -8.92 -13.63
N VAL A 42 -1.09 -9.17 -14.92
CA VAL A 42 -0.09 -9.41 -15.98
C VAL A 42 0.62 -8.11 -16.42
N VAL A 43 1.94 -8.24 -16.72
CA VAL A 43 2.80 -7.14 -17.18
C VAL A 43 3.55 -7.55 -18.48
N GLU A 44 4.04 -6.54 -19.20
CA GLU A 44 4.88 -6.73 -20.40
C GLU A 44 6.31 -6.28 -20.10
N VAL A 45 7.25 -7.24 -20.07
CA VAL A 45 8.69 -6.98 -19.81
C VAL A 45 9.57 -7.84 -20.75
N ALA A 46 10.39 -7.16 -21.59
CA ALA A 46 11.44 -7.77 -22.44
C ALA A 46 10.88 -8.74 -23.49
N GLY A 47 9.59 -8.57 -23.85
CA GLY A 47 8.90 -9.46 -24.78
C GLY A 47 8.39 -10.74 -24.11
N ARG A 48 8.37 -10.73 -22.77
CA ARG A 48 7.84 -11.82 -21.94
C ARG A 48 6.55 -11.33 -21.27
N ARG A 49 5.43 -11.99 -21.56
CA ARG A 49 4.15 -11.71 -20.92
C ARG A 49 4.08 -12.55 -19.63
N VAL A 50 4.24 -11.89 -18.47
CA VAL A 50 4.34 -12.57 -17.15
C VAL A 50 3.48 -11.84 -16.11
N SER A 51 2.74 -12.63 -15.29
CA SER A 51 1.87 -12.10 -14.24
C SER A 51 2.70 -11.82 -12.97
N VAL A 52 2.59 -10.60 -12.44
CA VAL A 52 3.27 -10.18 -11.20
C VAL A 52 2.29 -10.26 -10.01
N ARG A 53 2.71 -10.99 -8.95
CA ARG A 53 2.01 -11.05 -7.67
C ARG A 53 2.67 -10.10 -6.67
N ILE A 54 2.03 -8.94 -6.41
CA ILE A 54 2.44 -8.05 -5.33
C ILE A 54 1.38 -8.14 -4.19
N PRO A 55 1.79 -8.60 -2.95
CA PRO A 55 0.85 -8.81 -1.83
C PRO A 55 0.24 -7.49 -1.30
N PRO A 56 -1.00 -7.56 -0.71
CA PRO A 56 -1.63 -6.43 0.02
C PRO A 56 -0.68 -5.81 1.07
N GLY A 57 -0.27 -4.55 0.84
CA GLY A 57 0.59 -3.80 1.76
C GLY A 57 1.78 -3.17 1.06
N VAL A 58 1.49 -2.21 0.17
CA VAL A 58 2.54 -1.50 -0.63
C VAL A 58 2.34 0.05 -0.50
N ARG A 59 3.39 0.84 -0.79
CA ARG A 59 3.47 2.28 -0.42
C ARG A 59 4.02 3.14 -1.58
N GLU A 60 3.91 4.47 -1.44
CA GLU A 60 4.52 5.47 -2.34
C GLU A 60 6.04 5.28 -2.43
N GLY A 61 6.55 5.05 -3.66
CA GLY A 61 7.97 4.87 -3.92
C GLY A 61 8.47 3.49 -3.55
N SER A 62 7.54 2.56 -3.25
CA SER A 62 7.89 1.19 -2.82
C SER A 62 8.38 0.40 -4.03
N VAL A 63 9.60 -0.13 -3.91
CA VAL A 63 10.27 -0.90 -4.95
C VAL A 63 10.10 -2.40 -4.64
N ILE A 64 9.40 -3.13 -5.52
CA ILE A 64 8.98 -4.52 -5.27
C ILE A 64 9.81 -5.48 -6.13
N ARG A 65 10.63 -6.30 -5.49
CA ARG A 65 11.48 -7.28 -6.18
C ARG A 65 10.76 -8.61 -6.36
N VAL A 66 10.46 -8.98 -7.62
CA VAL A 66 9.84 -10.27 -7.96
C VAL A 66 10.88 -11.19 -8.68
N PRO A 67 11.51 -12.14 -7.92
CA PRO A 67 12.64 -12.98 -8.45
C PRO A 67 12.20 -14.00 -9.51
N GLY A 68 13.14 -14.32 -10.42
CA GLY A 68 12.92 -15.31 -11.48
C GLY A 68 12.09 -14.81 -12.64
N MET A 69 11.85 -13.47 -12.68
CA MET A 69 10.94 -12.85 -13.67
C MET A 69 11.69 -11.90 -14.62
N GLY A 70 12.89 -11.45 -14.22
CA GLY A 70 13.72 -10.59 -15.05
C GLY A 70 14.62 -11.41 -15.98
N GLY A 71 15.93 -11.49 -15.64
CA GLY A 71 16.89 -12.29 -16.39
C GLY A 71 16.58 -13.79 -16.28
N GLN A 72 16.04 -14.36 -17.36
CA GLN A 72 15.61 -15.77 -17.40
C GLN A 72 16.82 -16.70 -17.59
N GLY A 73 16.87 -17.77 -16.80
CA GLY A 73 17.99 -18.73 -16.79
C GLY A 73 18.25 -19.28 -15.41
N ASN A 74 19.44 -19.90 -15.22
CA ASN A 74 19.83 -20.51 -13.93
C ASN A 74 20.02 -19.41 -12.84
N PRO A 75 20.84 -18.30 -13.05
CA PRO A 75 20.87 -17.17 -12.11
C PRO A 75 19.61 -16.29 -12.29
N PRO A 76 18.63 -16.36 -11.33
CA PRO A 76 17.33 -15.70 -11.52
C PRO A 76 17.43 -14.17 -11.39
N GLY A 77 16.99 -13.47 -12.42
CA GLY A 77 16.83 -12.01 -12.38
C GLY A 77 15.44 -11.66 -11.91
N ASP A 78 15.26 -10.42 -11.45
CA ASP A 78 14.00 -9.97 -10.84
C ASP A 78 13.43 -8.80 -11.63
N LEU A 79 12.25 -8.35 -11.20
CA LEU A 79 11.62 -7.13 -11.71
C LEU A 79 11.22 -6.23 -10.54
N LEU A 80 11.86 -5.05 -10.49
CA LEU A 80 11.65 -4.01 -9.47
C LEU A 80 10.51 -3.07 -9.88
N LEU A 81 9.34 -3.22 -9.23
CA LEU A 81 8.18 -2.35 -9.47
C LEU A 81 8.12 -1.22 -8.45
N VAL A 82 8.41 0.00 -8.91
CA VAL A 82 8.28 1.20 -8.11
C VAL A 82 6.86 1.76 -8.32
N VAL A 83 5.95 1.49 -7.37
CA VAL A 83 4.57 1.98 -7.48
C VAL A 83 4.50 3.43 -6.99
N ARG A 84 3.70 4.23 -7.68
CA ARG A 84 3.59 5.67 -7.42
C ARG A 84 2.14 5.97 -7.03
N LEU A 85 1.89 6.20 -5.71
CA LEU A 85 0.55 6.53 -5.21
C LEU A 85 0.10 7.92 -5.69
N LEU A 86 -1.22 8.06 -5.91
CA LEU A 86 -1.85 9.27 -6.49
C LEU A 86 -1.64 10.51 -5.55
N PRO A 87 -1.94 11.76 -6.02
CA PRO A 87 -2.16 12.94 -5.12
C PRO A 87 -3.55 12.88 -4.42
N HIS A 88 -3.90 11.68 -3.96
CA HIS A 88 -5.16 11.34 -3.28
C HIS A 88 -4.76 10.71 -1.95
N PRO A 89 -4.71 11.50 -0.84
CA PRO A 89 -4.42 10.96 0.50
C PRO A 89 -5.69 10.76 1.37
N VAL A 90 -5.89 9.53 1.85
CA VAL A 90 -7.00 9.18 2.78
C VAL A 90 -6.50 8.12 3.76
N PHE A 91 -5.76 7.16 3.21
CA PHE A 91 -5.09 6.10 3.97
C PHE A 91 -3.60 6.05 3.59
N ARG A 92 -2.78 5.54 4.53
CA ARG A 92 -1.34 5.37 4.32
C ARG A 92 -0.80 4.27 5.26
N LEU A 93 0.16 3.48 4.76
CA LEU A 93 0.79 2.39 5.54
C LEU A 93 2.22 2.82 5.98
N GLU A 94 2.59 2.46 7.21
CA GLU A 94 3.97 2.56 7.74
C GLU A 94 4.22 1.28 8.57
N GLY A 95 5.12 0.40 8.08
CA GLY A 95 5.50 -0.83 8.77
C GLY A 95 4.41 -1.91 8.71
N GLN A 96 3.41 -1.79 9.58
CA GLN A 96 2.24 -2.67 9.63
C GLN A 96 0.96 -1.85 9.87
N ASP A 97 1.13 -0.65 10.46
CA ASP A 97 0.02 0.21 10.91
C ASP A 97 -0.42 1.15 9.79
N LEU A 98 -1.65 1.61 9.91
CA LEU A 98 -2.31 2.50 8.94
C LEU A 98 -2.44 3.89 9.51
N TYR A 99 -2.76 4.84 8.64
CA TYR A 99 -2.92 6.25 8.96
C TYR A 99 -4.09 6.78 8.12
N ALA A 100 -5.10 7.32 8.80
CA ALA A 100 -6.35 7.77 8.17
C ALA A 100 -6.92 8.96 8.93
N THR A 101 -7.66 9.80 8.19
CA THR A 101 -8.36 10.94 8.77
C THR A 101 -9.84 10.60 8.95
N LEU A 102 -10.32 10.68 10.20
CA LEU A 102 -11.72 10.38 10.57
C LEU A 102 -12.46 11.68 10.90
N ASP A 103 -13.41 12.05 10.05
CA ASP A 103 -14.26 13.23 10.25
C ASP A 103 -15.58 12.81 10.94
N VAL A 104 -15.84 13.35 12.14
CA VAL A 104 -17.04 13.03 12.93
C VAL A 104 -17.81 14.33 13.24
N PRO A 105 -19.18 14.32 13.18
CA PRO A 105 -20.02 15.45 13.62
C PRO A 105 -19.79 15.78 15.11
N ALA A 106 -19.84 17.08 15.45
CA ALA A 106 -19.70 17.58 16.84
C ALA A 106 -20.73 16.93 17.80
N PRO A 107 -22.07 16.79 17.41
CA PRO A 107 -23.06 15.99 18.18
C PRO A 107 -22.52 14.58 18.54
N ILE A 108 -22.03 13.84 17.52
CA ILE A 108 -21.49 12.47 17.70
C ILE A 108 -20.25 12.50 18.62
N ALA A 109 -19.41 13.52 18.49
CA ALA A 109 -18.18 13.67 19.28
C ALA A 109 -18.48 13.80 20.79
N VAL A 110 -19.48 14.63 21.13
CA VAL A 110 -19.81 14.95 22.52
C VAL A 110 -20.62 13.81 23.19
N VAL A 111 -21.55 13.19 22.44
CA VAL A 111 -22.39 12.08 22.97
C VAL A 111 -21.65 10.74 22.89
N GLY A 112 -20.64 10.67 22.02
CA GLY A 112 -19.90 9.45 21.75
C GLY A 112 -20.73 8.47 20.94
N GLY A 113 -21.00 8.82 19.66
CA GLY A 113 -21.79 7.97 18.77
C GLY A 113 -20.89 7.07 17.95
N LYS A 114 -21.45 6.49 16.90
CA LYS A 114 -20.77 5.56 16.01
C LYS A 114 -20.64 6.17 14.62
N VAL A 115 -19.49 5.99 14.00
CA VAL A 115 -19.19 6.46 12.64
C VAL A 115 -18.52 5.34 11.86
N ARG A 116 -18.75 5.33 10.54
CA ARG A 116 -18.11 4.39 9.61
C ARG A 116 -17.03 5.17 8.83
N ALA A 117 -15.80 4.67 8.86
CA ALA A 117 -14.64 5.34 8.25
C ALA A 117 -14.37 4.70 6.89
N MET A 118 -14.26 5.56 5.87
CA MET A 118 -14.02 5.14 4.49
C MET A 118 -12.57 4.64 4.35
N THR A 119 -12.43 3.31 4.30
CA THR A 119 -11.13 2.64 4.17
C THR A 119 -11.02 1.98 2.81
N LEU A 120 -9.78 1.58 2.48
CA LEU A 120 -9.43 0.91 1.22
C LEU A 120 -10.06 -0.50 1.15
N GLU A 121 -10.45 -1.00 2.33
CA GLU A 121 -11.09 -2.31 2.53
C GLU A 121 -12.63 -2.24 2.38
N GLY A 122 -13.21 -1.03 2.54
CA GLY A 122 -14.67 -0.85 2.63
C GLY A 122 -15.04 0.18 3.68
N PRO A 123 -16.20 0.03 4.39
CA PRO A 123 -16.47 0.79 5.63
C PRO A 123 -16.06 0.01 6.91
N VAL A 124 -15.35 0.69 7.85
CA VAL A 124 -15.04 0.12 9.19
C VAL A 124 -15.86 0.82 10.27
N GLU A 125 -16.29 0.05 11.27
CA GLU A 125 -17.09 0.55 12.39
C GLU A 125 -16.17 0.98 13.54
N VAL A 126 -16.07 2.30 13.75
CA VAL A 126 -15.34 2.89 14.88
C VAL A 126 -16.29 3.72 15.76
N ALA A 127 -16.29 3.43 17.06
CA ALA A 127 -17.10 4.12 18.07
C ALA A 127 -16.24 5.19 18.75
N VAL A 128 -16.65 6.47 18.65
CA VAL A 128 -15.89 7.60 19.24
C VAL A 128 -16.26 7.72 20.75
N PRO A 129 -15.28 8.05 21.64
CA PRO A 129 -15.55 8.30 23.08
C PRO A 129 -16.46 9.51 23.30
N PRO A 130 -17.42 9.45 24.29
CA PRO A 130 -18.24 10.62 24.68
C PRO A 130 -17.36 11.75 25.23
N ARG A 131 -17.51 12.93 24.62
CA ARG A 131 -16.68 14.12 24.88
C ARG A 131 -15.23 13.84 24.44
N THR A 132 -15.08 13.35 23.20
CA THR A 132 -13.75 13.18 22.58
C THR A 132 -13.25 14.54 22.05
N GLN A 133 -11.97 14.59 21.65
CA GLN A 133 -11.28 15.83 21.27
C GLN A 133 -10.69 15.67 19.86
N ALA A 134 -10.74 16.76 19.07
CA ALA A 134 -10.13 16.82 17.73
C ALA A 134 -8.60 16.82 17.86
N GLY A 135 -7.96 15.80 17.28
CA GLY A 135 -6.53 15.56 17.46
C GLY A 135 -6.25 14.25 18.20
N ARG A 136 -7.32 13.60 18.70
CA ARG A 136 -7.23 12.26 19.31
C ARG A 136 -7.23 11.18 18.23
N LYS A 137 -6.76 9.98 18.60
CA LYS A 137 -6.61 8.86 17.67
C LYS A 137 -7.41 7.66 18.15
N LEU A 138 -8.12 7.01 17.23
CA LEU A 138 -8.88 5.78 17.48
C LEU A 138 -8.19 4.65 16.72
N ARG A 139 -7.47 3.80 17.47
CA ARG A 139 -6.64 2.74 16.90
C ARG A 139 -7.43 1.43 16.84
N LEU A 140 -7.81 1.00 15.63
CA LEU A 140 -8.65 -0.18 15.41
C LEU A 140 -7.78 -1.46 15.37
N LYS A 141 -8.17 -2.44 16.19
CA LYS A 141 -7.36 -3.63 16.50
C LYS A 141 -7.26 -4.58 15.31
N GLY A 142 -6.02 -4.87 14.86
CA GLY A 142 -5.75 -5.88 13.83
C GLY A 142 -6.25 -5.49 12.44
N LYS A 143 -6.54 -4.19 12.24
CA LYS A 143 -7.14 -3.68 10.98
C LYS A 143 -6.08 -3.16 10.00
N GLY A 144 -4.80 -3.37 10.33
CA GLY A 144 -3.70 -3.00 9.44
C GLY A 144 -3.22 -4.17 8.60
N PHE A 145 -2.10 -3.96 7.90
CA PHE A 145 -1.51 -4.96 6.98
C PHE A 145 -0.61 -5.95 7.73
N PRO A 146 -0.33 -7.18 7.13
CA PRO A 146 0.59 -8.17 7.73
C PRO A 146 1.97 -7.57 8.09
N GLY A 147 2.38 -7.77 9.35
CA GLY A 147 3.62 -7.23 9.88
C GLY A 147 4.13 -8.04 11.08
N PRO A 148 5.10 -7.48 11.89
CA PRO A 148 5.76 -8.22 13.00
C PRO A 148 4.78 -8.75 14.08
N ALA A 149 3.66 -8.03 14.28
CA ALA A 149 2.63 -8.39 15.27
C ALA A 149 1.51 -9.24 14.63
N GLY A 150 1.83 -9.91 13.51
CA GLY A 150 0.83 -10.66 12.72
C GLY A 150 0.18 -9.73 11.70
N ARG A 151 -0.71 -8.85 12.19
CA ARG A 151 -1.26 -7.72 11.43
C ARG A 151 -1.05 -6.43 12.24
N GLY A 152 -1.16 -5.28 11.56
CA GLY A 152 -1.06 -3.97 12.20
C GLY A 152 -2.40 -3.46 12.68
N ASP A 153 -2.53 -2.14 12.83
CA ASP A 153 -3.75 -1.49 13.33
C ASP A 153 -4.05 -0.26 12.47
N LEU A 154 -5.23 0.35 12.66
CA LEU A 154 -5.62 1.59 11.98
C LEU A 154 -5.58 2.80 12.93
N TYR A 155 -4.71 3.77 12.61
CA TYR A 155 -4.61 5.06 13.33
C TYR A 155 -5.57 6.05 12.65
N LEU A 156 -6.72 6.32 13.29
CA LEU A 156 -7.66 7.36 12.85
C LEU A 156 -7.32 8.70 13.49
N GLU A 157 -7.60 9.79 12.76
CA GLU A 157 -7.43 11.16 13.26
C GLU A 157 -8.81 11.78 13.47
N VAL A 158 -9.30 11.76 14.73
CA VAL A 158 -10.56 12.43 15.13
C VAL A 158 -10.54 13.92 14.71
N ARG A 159 -11.42 14.27 13.78
CA ARG A 159 -11.59 15.64 13.27
C ARG A 159 -13.06 16.02 13.48
N ILE A 160 -13.33 16.69 14.60
CA ILE A 160 -14.67 17.07 15.01
C ILE A 160 -15.14 18.31 14.21
N THR A 161 -16.18 18.13 13.39
CA THR A 161 -16.82 19.20 12.63
C THR A 161 -18.05 19.75 13.42
N ALA A 1 -0.27 -4.80 -21.34
CA ALA A 1 -0.52 -5.07 -19.91
C ALA A 1 -1.39 -3.95 -19.29
N ALA A 2 -2.16 -4.31 -18.25
CA ALA A 2 -3.15 -3.39 -17.63
C ALA A 2 -2.47 -2.44 -16.62
N LEU A 3 -1.85 -3.01 -15.57
CA LEU A 3 -1.34 -2.24 -14.43
C LEU A 3 0.06 -1.70 -14.73
N VAL A 4 1.02 -2.60 -15.09
CA VAL A 4 2.37 -2.17 -15.50
C VAL A 4 2.31 -1.40 -16.83
N ALA A 5 2.77 -0.14 -16.79
CA ALA A 5 2.72 0.79 -17.91
C ALA A 5 3.93 0.59 -18.82
N HIS A 6 5.13 0.81 -18.25
CA HIS A 6 6.38 0.83 -19.03
C HIS A 6 7.61 0.74 -18.12
N VAL A 7 8.73 0.29 -18.72
CA VAL A 7 10.05 0.21 -18.08
C VAL A 7 10.59 1.62 -17.72
N THR A 8 11.33 1.70 -16.60
CA THR A 8 11.96 2.96 -16.14
C THR A 8 13.02 3.45 -17.14
N SER A 9 13.87 2.51 -17.59
CA SER A 9 14.94 2.77 -18.55
C SER A 9 14.49 2.32 -19.96
N GLY A 10 14.49 1.00 -20.21
CA GLY A 10 14.11 0.42 -21.49
C GLY A 10 14.65 -0.99 -21.62
N SER A 11 15.99 -1.11 -21.56
CA SER A 11 16.70 -2.39 -21.65
C SER A 11 16.86 -3.02 -20.25
N GLY A 12 15.73 -3.49 -19.69
CA GLY A 12 15.69 -4.04 -18.32
C GLY A 12 15.52 -2.94 -17.29
N GLY A 13 16.64 -2.28 -16.92
CA GLY A 13 16.61 -1.21 -15.94
C GLY A 13 17.99 -0.91 -15.38
N SER A 14 18.17 0.32 -14.87
CA SER A 14 19.48 0.80 -14.37
C SER A 14 20.04 -0.11 -13.26
N GLY A 15 21.11 -0.85 -13.60
CA GLY A 15 21.73 -1.81 -12.70
C GLY A 15 22.40 -1.15 -11.51
N GLY A 16 22.18 -1.71 -10.32
CA GLY A 16 22.74 -1.18 -9.07
C GLY A 16 21.75 -1.26 -7.93
N SER A 17 20.98 -2.37 -7.88
CA SER A 17 19.97 -2.60 -6.83
C SER A 17 19.68 -4.10 -6.72
N GLY A 18 19.18 -4.69 -7.83
CA GLY A 18 18.81 -6.10 -7.88
C GLY A 18 20.02 -7.02 -7.87
N GLY A 19 20.95 -6.78 -8.82
CA GLY A 19 22.25 -7.47 -8.84
C GLY A 19 22.23 -8.79 -9.61
N SER A 20 21.26 -9.66 -9.29
CA SER A 20 21.17 -11.00 -9.89
C SER A 20 20.66 -10.91 -11.34
N GLY A 21 21.48 -11.39 -12.30
CA GLY A 21 21.16 -11.32 -13.72
C GLY A 21 21.04 -9.89 -14.22
N ARG A 22 19.97 -9.61 -14.97
CA ARG A 22 19.57 -8.24 -15.32
C ARG A 22 18.60 -7.70 -14.25
N ASP A 23 18.99 -6.57 -13.65
CA ASP A 23 18.09 -5.73 -12.84
C ASP A 23 16.95 -5.24 -13.75
N LEU A 24 15.72 -5.75 -13.55
CA LEU A 24 14.56 -5.26 -14.30
C LEU A 24 13.89 -4.22 -13.42
N ARG A 25 13.49 -3.07 -14.01
CA ARG A 25 12.92 -1.93 -13.28
C ARG A 25 11.82 -1.31 -14.14
N ALA A 26 10.60 -1.16 -13.59
CA ALA A 26 9.44 -0.61 -14.31
C ALA A 26 8.52 0.13 -13.34
N GLU A 27 8.08 1.36 -13.72
CA GLU A 27 7.07 2.13 -12.97
C GLU A 27 5.68 1.84 -13.51
N LEU A 28 4.69 1.82 -12.61
CA LEU A 28 3.30 1.52 -12.93
C LEU A 28 2.35 2.33 -12.02
N PRO A 29 1.30 3.00 -12.59
CA PRO A 29 0.30 3.72 -11.78
C PRO A 29 -0.63 2.73 -11.03
N LEU A 30 -0.54 2.75 -9.71
CA LEU A 30 -1.38 1.95 -8.80
C LEU A 30 -2.36 2.91 -8.09
N THR A 31 -3.38 2.37 -7.43
CA THR A 31 -4.26 3.19 -6.56
C THR A 31 -3.90 2.93 -5.08
N LEU A 32 -4.28 3.86 -4.17
CA LEU A 32 -4.21 3.64 -2.72
C LEU A 32 -4.91 2.31 -2.36
N GLU A 33 -6.16 2.20 -2.81
CA GLU A 33 -7.00 1.00 -2.63
C GLU A 33 -6.32 -0.28 -3.16
N GLU A 34 -5.65 -0.15 -4.31
CA GLU A 34 -4.97 -1.29 -4.95
C GLU A 34 -3.63 -1.63 -4.26
N ALA A 35 -3.06 -0.66 -3.52
CA ALA A 35 -1.93 -0.88 -2.62
C ALA A 35 -2.37 -1.73 -1.41
N PHE A 36 -3.62 -1.49 -0.97
CA PHE A 36 -4.27 -2.33 0.04
C PHE A 36 -4.48 -3.75 -0.51
N HIS A 37 -5.03 -3.84 -1.73
CA HIS A 37 -5.43 -5.14 -2.33
C HIS A 37 -4.21 -5.97 -2.80
N GLY A 38 -3.11 -5.29 -3.17
CA GLY A 38 -1.93 -5.96 -3.74
C GLY A 38 -2.24 -6.53 -5.14
N GLY A 39 -2.57 -7.84 -5.19
CA GLY A 39 -3.15 -8.48 -6.38
C GLY A 39 -2.13 -9.10 -7.33
N GLU A 40 -2.56 -10.16 -8.04
CA GLU A 40 -1.82 -10.76 -9.15
C GLU A 40 -2.18 -9.99 -10.43
N ARG A 41 -1.15 -9.51 -11.12
CA ARG A 41 -1.28 -8.53 -12.23
C ARG A 41 -0.50 -9.07 -13.44
N VAL A 42 -0.91 -8.70 -14.66
CA VAL A 42 -0.22 -9.15 -15.89
C VAL A 42 0.98 -8.22 -16.21
N VAL A 43 2.17 -8.82 -16.39
CA VAL A 43 3.38 -8.07 -16.80
C VAL A 43 3.95 -8.68 -18.08
N GLU A 44 4.09 -7.86 -19.14
CA GLU A 44 4.78 -8.24 -20.39
C GLU A 44 5.89 -7.21 -20.69
N VAL A 45 7.13 -7.56 -20.28
CA VAL A 45 8.32 -6.70 -20.43
C VAL A 45 9.47 -7.51 -21.07
N ALA A 46 10.12 -6.90 -22.09
CA ALA A 46 11.24 -7.51 -22.86
C ALA A 46 10.78 -8.80 -23.58
N GLY A 47 9.47 -8.84 -23.92
CA GLY A 47 8.85 -10.00 -24.56
C GLY A 47 8.39 -11.08 -23.58
N ARG A 48 8.77 -10.92 -22.30
CA ARG A 48 8.49 -11.91 -21.25
C ARG A 48 7.16 -11.56 -20.59
N ARG A 49 6.17 -12.45 -20.74
CA ARG A 49 4.85 -12.31 -20.13
C ARG A 49 4.77 -13.27 -18.93
N VAL A 50 4.71 -12.68 -17.73
CA VAL A 50 4.61 -13.39 -16.46
C VAL A 50 3.76 -12.54 -15.50
N SER A 51 2.92 -13.20 -14.70
CA SER A 51 2.08 -12.52 -13.70
C SER A 51 2.93 -12.15 -12.48
N VAL A 52 2.77 -10.91 -12.00
CA VAL A 52 3.43 -10.43 -10.79
C VAL A 52 2.45 -10.52 -9.62
N ARG A 53 2.93 -11.00 -8.48
CA ARG A 53 2.22 -10.94 -7.22
C ARG A 53 2.94 -9.90 -6.34
N ILE A 54 2.45 -8.65 -6.35
CA ILE A 54 2.93 -7.63 -5.43
C ILE A 54 2.10 -7.73 -4.13
N PRO A 55 2.75 -8.13 -2.97
CA PRO A 55 2.03 -8.39 -1.70
C PRO A 55 1.30 -7.14 -1.15
N PRO A 56 0.03 -7.31 -0.64
CA PRO A 56 -0.73 -6.23 0.05
C PRO A 56 0.10 -5.56 1.16
N GLY A 57 0.32 -4.24 1.02
CA GLY A 57 1.20 -3.49 1.93
C GLY A 57 2.25 -2.74 1.15
N VAL A 58 1.80 -1.97 0.18
CA VAL A 58 2.67 -1.21 -0.75
C VAL A 58 2.25 0.28 -0.73
N ARG A 59 3.15 1.17 -1.20
CA ARG A 59 3.08 2.64 -1.00
C ARG A 59 3.51 3.41 -2.26
N GLU A 60 3.20 4.72 -2.28
CA GLU A 60 3.72 5.68 -3.28
C GLU A 60 5.26 5.68 -3.26
N GLY A 61 5.86 5.39 -4.42
CA GLY A 61 7.31 5.34 -4.56
C GLY A 61 7.92 4.06 -4.01
N SER A 62 7.08 3.08 -3.62
CA SER A 62 7.55 1.78 -3.10
C SER A 62 7.97 0.89 -4.28
N VAL A 63 9.23 0.45 -4.23
CA VAL A 63 9.84 -0.40 -5.26
C VAL A 63 9.82 -1.89 -4.79
N ILE A 64 9.16 -2.74 -5.57
CA ILE A 64 8.82 -4.13 -5.18
C ILE A 64 9.70 -5.13 -5.93
N ARG A 65 10.53 -5.88 -5.17
CA ARG A 65 11.45 -6.88 -5.73
C ARG A 65 10.77 -8.26 -5.84
N VAL A 66 10.58 -8.72 -7.10
CA VAL A 66 9.98 -10.03 -7.38
C VAL A 66 11.01 -10.96 -8.08
N PRO A 67 11.61 -11.95 -7.33
CA PRO A 67 12.65 -12.87 -7.89
C PRO A 67 12.10 -13.81 -8.99
N GLY A 68 12.95 -14.11 -9.98
CA GLY A 68 12.61 -15.00 -11.09
C GLY A 68 12.09 -14.28 -12.34
N MET A 69 11.56 -13.06 -12.15
CA MET A 69 10.81 -12.34 -13.20
C MET A 69 11.69 -11.35 -13.98
N GLY A 70 12.81 -10.90 -13.38
CA GLY A 70 13.68 -9.92 -14.01
C GLY A 70 14.60 -10.51 -15.07
N GLY A 71 15.91 -10.50 -14.79
CA GLY A 71 16.91 -11.06 -15.69
C GLY A 71 16.83 -12.57 -15.78
N GLN A 72 16.30 -13.06 -16.91
CA GLN A 72 16.14 -14.51 -17.17
C GLN A 72 17.51 -15.18 -17.34
N GLY A 73 17.58 -16.47 -16.99
CA GLY A 73 18.81 -17.26 -17.03
C GLY A 73 18.94 -18.15 -15.81
N ASN A 74 20.13 -18.76 -15.62
CA ASN A 74 20.40 -19.63 -14.46
C ASN A 74 20.35 -18.82 -13.13
N PRO A 75 21.04 -17.62 -12.99
CA PRO A 75 20.80 -16.72 -11.84
C PRO A 75 19.50 -15.89 -12.05
N PRO A 76 18.37 -16.25 -11.35
CA PRO A 76 17.06 -15.60 -11.58
C PRO A 76 17.09 -14.13 -11.16
N GLY A 77 16.72 -13.25 -12.10
CA GLY A 77 16.69 -11.81 -11.85
C GLY A 77 15.40 -11.38 -11.20
N ASP A 78 15.38 -10.15 -10.69
CA ASP A 78 14.23 -9.59 -9.99
C ASP A 78 13.71 -8.38 -10.77
N LEU A 79 12.39 -8.21 -10.71
CA LEU A 79 11.70 -7.08 -11.35
C LEU A 79 11.27 -6.13 -10.24
N LEU A 80 11.73 -4.89 -10.35
CA LEU A 80 11.51 -3.81 -9.40
C LEU A 80 10.38 -2.90 -9.89
N LEU A 81 9.17 -3.13 -9.35
CA LEU A 81 7.98 -2.34 -9.69
C LEU A 81 7.80 -1.17 -8.71
N VAL A 82 8.06 0.06 -9.20
CA VAL A 82 7.80 1.29 -8.45
C VAL A 82 6.38 1.74 -8.72
N VAL A 83 5.47 1.51 -7.76
CA VAL A 83 4.06 1.90 -7.95
C VAL A 83 3.87 3.39 -7.65
N ARG A 84 2.92 3.99 -8.37
CA ARG A 84 2.59 5.42 -8.24
C ARG A 84 1.11 5.50 -7.84
N LEU A 85 0.85 5.64 -6.53
CA LEU A 85 -0.53 5.63 -5.99
C LEU A 85 -1.29 6.89 -6.42
N LEU A 86 -2.57 6.72 -6.84
CA LEU A 86 -3.39 7.85 -7.34
C LEU A 86 -3.42 9.00 -6.31
N PRO A 87 -3.05 10.26 -6.71
CA PRO A 87 -2.94 11.41 -5.78
C PRO A 87 -4.28 11.81 -5.13
N HIS A 88 -4.62 11.12 -4.02
CA HIS A 88 -5.76 11.49 -3.16
C HIS A 88 -5.49 10.95 -1.72
N PRO A 89 -4.31 11.34 -1.11
CA PRO A 89 -3.79 10.65 0.10
C PRO A 89 -4.77 10.75 1.29
N VAL A 90 -5.16 9.60 1.80
CA VAL A 90 -6.06 9.46 2.95
C VAL A 90 -5.49 8.41 3.88
N PHE A 91 -5.04 7.29 3.28
CA PHE A 91 -4.39 6.19 3.98
C PHE A 91 -2.90 6.23 3.71
N ARG A 92 -2.13 6.29 4.79
CA ARG A 92 -0.67 6.30 4.78
C ARG A 92 -0.23 5.01 5.49
N LEU A 93 0.93 4.48 5.13
CA LEU A 93 1.43 3.22 5.66
C LEU A 93 2.87 3.39 6.13
N GLU A 94 3.16 2.91 7.35
CA GLU A 94 4.52 2.76 7.86
C GLU A 94 4.58 1.48 8.72
N GLY A 95 5.40 0.50 8.28
CA GLY A 95 5.63 -0.75 9.02
C GLY A 95 4.35 -1.51 9.36
N GLN A 96 3.53 -1.79 8.31
CA GLN A 96 2.25 -2.56 8.41
C GLN A 96 1.10 -1.77 9.11
N ASP A 97 1.41 -0.58 9.65
CA ASP A 97 0.45 0.23 10.39
C ASP A 97 -0.13 1.31 9.49
N LEU A 98 -1.41 1.63 9.68
CA LEU A 98 -2.16 2.55 8.83
C LEU A 98 -2.34 3.87 9.56
N TYR A 99 -2.48 4.93 8.77
CA TYR A 99 -2.56 6.31 9.24
C TYR A 99 -3.59 7.03 8.39
N ALA A 100 -4.64 7.55 9.04
CA ALA A 100 -5.76 8.20 8.36
C ALA A 100 -6.32 9.33 9.22
N THR A 101 -7.21 10.13 8.64
CA THR A 101 -7.90 11.21 9.34
C THR A 101 -9.41 10.91 9.35
N LEU A 102 -9.98 10.94 10.55
CA LEU A 102 -11.41 10.78 10.79
C LEU A 102 -12.00 12.12 11.19
N ASP A 103 -12.96 12.64 10.41
CA ASP A 103 -13.78 13.79 10.83
C ASP A 103 -15.09 13.25 11.40
N VAL A 104 -15.56 13.81 12.54
CA VAL A 104 -16.82 13.40 13.17
C VAL A 104 -17.66 14.65 13.47
N PRO A 105 -19.02 14.58 13.32
CA PRO A 105 -19.91 15.68 13.75
C PRO A 105 -19.81 15.91 15.27
N ALA A 106 -19.81 17.19 15.68
CA ALA A 106 -19.73 17.61 17.09
C ALA A 106 -20.82 16.93 17.98
N PRO A 107 -22.14 16.78 17.52
CA PRO A 107 -23.15 15.95 18.23
C PRO A 107 -22.61 14.53 18.57
N ILE A 108 -22.09 13.81 17.54
CA ILE A 108 -21.54 12.44 17.72
C ILE A 108 -20.36 12.44 18.70
N ALA A 109 -19.47 13.45 18.59
CA ALA A 109 -18.25 13.53 19.40
C ALA A 109 -18.55 13.66 20.91
N VAL A 110 -19.54 14.51 21.23
CA VAL A 110 -19.86 14.87 22.62
C VAL A 110 -20.73 13.79 23.32
N VAL A 111 -21.64 13.15 22.57
CA VAL A 111 -22.50 12.08 23.13
C VAL A 111 -21.82 10.70 23.03
N GLY A 112 -20.82 10.58 22.13
CA GLY A 112 -20.13 9.33 21.88
C GLY A 112 -20.95 8.38 21.04
N GLY A 113 -21.18 8.75 19.76
CA GLY A 113 -21.87 7.91 18.79
C GLY A 113 -20.90 7.01 18.03
N LYS A 114 -21.40 6.38 16.97
CA LYS A 114 -20.63 5.47 16.12
C LYS A 114 -20.75 5.94 14.68
N VAL A 115 -19.61 6.29 14.10
CA VAL A 115 -19.51 6.88 12.76
C VAL A 115 -18.76 5.94 11.83
N ARG A 116 -19.13 5.96 10.54
CA ARG A 116 -18.41 5.22 9.50
C ARG A 116 -17.11 5.97 9.15
N ALA A 117 -15.99 5.25 9.27
CA ALA A 117 -14.67 5.74 8.84
C ALA A 117 -14.34 5.10 7.49
N MET A 118 -13.93 5.92 6.52
CA MET A 118 -13.56 5.43 5.18
C MET A 118 -12.18 4.79 5.21
N THR A 119 -12.07 3.70 4.46
CA THR A 119 -10.83 2.94 4.29
C THR A 119 -10.73 2.41 2.86
N LEU A 120 -9.52 1.94 2.52
CA LEU A 120 -9.22 1.30 1.22
C LEU A 120 -9.97 -0.03 1.07
N GLU A 121 -10.39 -0.58 2.23
CA GLU A 121 -11.15 -1.83 2.34
C GLU A 121 -12.67 -1.58 2.10
N GLY A 122 -13.11 -0.32 2.22
CA GLY A 122 -14.53 0.04 2.12
C GLY A 122 -14.94 1.00 3.23
N PRO A 123 -16.20 0.95 3.75
CA PRO A 123 -16.56 1.61 5.01
C PRO A 123 -16.43 0.68 6.25
N VAL A 124 -15.72 1.14 7.30
CA VAL A 124 -15.69 0.48 8.64
C VAL A 124 -16.48 1.33 9.65
N GLU A 125 -16.78 0.75 10.84
CA GLU A 125 -17.51 1.48 11.90
C GLU A 125 -16.59 1.67 13.11
N VAL A 126 -16.30 2.92 13.43
CA VAL A 126 -15.54 3.29 14.63
C VAL A 126 -16.47 3.98 15.66
N ALA A 127 -16.30 3.59 16.93
CA ALA A 127 -17.03 4.16 18.07
C ALA A 127 -16.17 5.27 18.71
N VAL A 128 -16.65 6.53 18.67
CA VAL A 128 -15.95 7.64 19.32
C VAL A 128 -16.31 7.67 20.83
N PRO A 129 -15.35 8.00 21.73
CA PRO A 129 -15.64 8.19 23.17
C PRO A 129 -16.64 9.35 23.43
N PRO A 130 -17.59 9.19 24.41
CA PRO A 130 -18.44 10.30 24.89
C PRO A 130 -17.60 11.49 25.39
N ARG A 131 -17.79 12.66 24.75
CA ARG A 131 -17.01 13.90 24.97
C ARG A 131 -15.52 13.66 24.67
N THR A 132 -15.27 13.12 23.45
CA THR A 132 -13.90 12.91 22.92
C THR A 132 -13.28 14.27 22.51
N GLN A 133 -11.99 14.26 22.14
CA GLN A 133 -11.27 15.47 21.70
C GLN A 133 -10.62 15.20 20.34
N ALA A 134 -10.63 16.23 19.48
CA ALA A 134 -9.98 16.21 18.17
C ALA A 134 -8.46 16.08 18.36
N GLY A 135 -7.89 15.01 17.81
CA GLY A 135 -6.47 14.68 17.94
C GLY A 135 -6.24 13.40 18.72
N ARG A 136 -7.34 12.70 19.09
CA ARG A 136 -7.23 11.35 19.67
C ARG A 136 -7.00 10.32 18.55
N LYS A 137 -6.46 9.17 18.97
CA LYS A 137 -6.07 8.08 18.08
C LYS A 137 -7.06 6.93 18.29
N LEU A 138 -8.06 6.78 17.40
CA LEU A 138 -9.00 5.68 17.48
C LEU A 138 -8.40 4.55 16.65
N ARG A 139 -7.70 3.64 17.34
CA ARG A 139 -6.84 2.64 16.71
C ARG A 139 -7.61 1.32 16.54
N LEU A 140 -8.08 1.09 15.31
CA LEU A 140 -8.83 -0.11 14.94
C LEU A 140 -7.85 -1.27 14.70
N LYS A 141 -7.79 -2.21 15.65
CA LYS A 141 -6.78 -3.29 15.66
C LYS A 141 -7.08 -4.37 14.61
N GLY A 142 -6.00 -4.92 14.00
CA GLY A 142 -6.12 -5.99 13.00
C GLY A 142 -6.69 -5.53 11.67
N LYS A 143 -6.63 -4.22 11.41
CA LYS A 143 -7.15 -3.63 10.16
C LYS A 143 -6.01 -3.20 9.23
N GLY A 144 -4.77 -3.19 9.76
CA GLY A 144 -3.58 -2.94 8.96
C GLY A 144 -3.04 -4.22 8.33
N PHE A 145 -1.89 -4.11 7.65
CA PHE A 145 -1.34 -5.21 6.84
C PHE A 145 -0.67 -6.29 7.70
N PRO A 146 -0.69 -7.59 7.24
CA PRO A 146 -0.16 -8.73 8.03
C PRO A 146 1.37 -8.67 8.25
N GLY A 147 1.83 -9.42 9.27
CA GLY A 147 3.25 -9.45 9.64
C GLY A 147 3.46 -10.07 11.02
N PRO A 148 4.54 -9.68 11.78
CA PRO A 148 4.88 -10.27 13.10
C PRO A 148 3.77 -10.05 14.16
N ALA A 149 3.07 -8.92 14.07
CA ALA A 149 1.97 -8.56 14.99
C ALA A 149 0.63 -9.19 14.53
N GLY A 150 0.71 -10.23 13.68
CA GLY A 150 -0.45 -10.84 13.04
C GLY A 150 -0.91 -9.98 11.88
N ARG A 151 -1.62 -8.88 12.21
CA ARG A 151 -1.90 -7.79 11.28
C ARG A 151 -1.49 -6.46 11.95
N GLY A 152 -1.48 -5.37 11.16
CA GLY A 152 -1.26 -4.03 11.71
C GLY A 152 -2.55 -3.44 12.26
N ASP A 153 -2.56 -2.11 12.47
CA ASP A 153 -3.72 -1.39 13.04
C ASP A 153 -4.05 -0.17 12.16
N LEU A 154 -5.19 0.49 12.42
CA LEU A 154 -5.60 1.73 11.73
C LEU A 154 -5.66 2.89 12.72
N TYR A 155 -4.87 3.93 12.44
CA TYR A 155 -4.83 5.19 13.20
C TYR A 155 -5.85 6.15 12.60
N LEU A 156 -6.95 6.39 13.32
CA LEU A 156 -7.87 7.47 13.01
C LEU A 156 -7.52 8.70 13.85
N GLU A 157 -7.16 9.79 13.16
CA GLU A 157 -6.97 11.09 13.81
C GLU A 157 -8.33 11.80 13.80
N VAL A 158 -9.08 11.65 14.91
CA VAL A 158 -10.41 12.27 15.07
C VAL A 158 -10.30 13.81 14.97
N ARG A 159 -11.19 14.41 14.19
CA ARG A 159 -11.26 15.86 13.95
C ARG A 159 -12.73 16.27 14.05
N ILE A 160 -13.08 16.86 15.19
CA ILE A 160 -14.44 17.23 15.53
C ILE A 160 -14.83 18.50 14.75
N THR A 161 -15.83 18.35 13.89
CA THR A 161 -16.36 19.42 13.03
C THR A 161 -17.83 19.72 13.42
N ALA A 1 -0.48 -4.96 -20.91
CA ALA A 1 -0.10 -5.01 -19.48
C ALA A 1 -1.36 -4.97 -18.60
N ALA A 2 -1.32 -5.67 -17.44
CA ALA A 2 -2.46 -5.72 -16.49
C ALA A 2 -2.23 -4.87 -15.24
N LEU A 3 -0.94 -4.53 -14.96
CA LEU A 3 -0.60 -3.69 -13.79
C LEU A 3 0.51 -2.68 -14.14
N VAL A 4 1.62 -3.17 -14.74
CA VAL A 4 2.78 -2.35 -15.12
C VAL A 4 2.43 -1.31 -16.21
N ALA A 5 3.07 -0.14 -16.15
CA ALA A 5 2.95 0.88 -17.20
C ALA A 5 3.90 0.56 -18.36
N HIS A 6 5.21 0.47 -18.03
CA HIS A 6 6.29 0.25 -19.02
C HIS A 6 7.64 0.09 -18.30
N VAL A 7 8.63 -0.53 -18.99
CA VAL A 7 10.02 -0.60 -18.52
C VAL A 7 10.65 0.79 -18.49
N THR A 8 11.38 1.10 -17.43
CA THR A 8 12.07 2.39 -17.27
C THR A 8 13.56 2.13 -16.93
N SER A 9 14.42 3.10 -17.26
CA SER A 9 15.88 2.98 -17.09
C SER A 9 16.29 3.46 -15.69
N GLY A 10 16.41 2.51 -14.74
CA GLY A 10 16.74 2.83 -13.34
C GLY A 10 18.23 2.77 -13.05
N SER A 11 18.60 2.98 -11.77
CA SER A 11 19.99 2.96 -11.33
C SER A 11 20.55 1.52 -11.32
N GLY A 12 21.52 1.25 -12.21
CA GLY A 12 22.27 0.00 -12.18
C GLY A 12 23.09 -0.12 -10.89
N GLY A 13 22.96 -1.26 -10.18
CA GLY A 13 23.66 -1.49 -8.90
C GLY A 13 25.15 -1.74 -9.06
N SER A 14 25.92 -0.66 -9.34
CA SER A 14 27.37 -0.72 -9.54
C SER A 14 28.07 -0.84 -8.17
N GLY A 15 27.76 0.11 -7.28
CA GLY A 15 28.18 0.07 -5.87
C GLY A 15 27.14 -0.61 -4.97
N GLY A 16 26.06 -1.13 -5.61
CA GLY A 16 24.99 -1.84 -4.92
C GLY A 16 25.36 -3.28 -4.63
N SER A 17 24.74 -3.86 -3.59
CA SER A 17 24.93 -5.26 -3.22
C SER A 17 24.16 -6.17 -4.20
N GLY A 18 24.89 -6.80 -5.13
CA GLY A 18 24.31 -7.66 -6.16
C GLY A 18 24.75 -7.27 -7.56
N GLY A 19 24.51 -8.17 -8.54
CA GLY A 19 24.90 -7.95 -9.95
C GLY A 19 25.13 -9.25 -10.72
N SER A 20 24.80 -10.40 -10.08
CA SER A 20 24.90 -11.74 -10.70
C SER A 20 23.79 -11.91 -11.76
N GLY A 21 22.55 -11.61 -11.35
CA GLY A 21 21.41 -11.58 -12.25
C GLY A 21 21.12 -10.16 -12.75
N ARG A 22 20.62 -10.05 -13.98
CA ARG A 22 20.28 -8.75 -14.61
C ARG A 22 19.12 -8.04 -13.87
N ASP A 23 19.36 -6.77 -13.49
CA ASP A 23 18.33 -5.90 -12.91
C ASP A 23 17.32 -5.47 -14.00
N LEU A 24 16.07 -5.28 -13.59
CA LEU A 24 14.98 -4.82 -14.46
C LEU A 24 14.17 -3.80 -13.65
N ARG A 25 13.77 -2.69 -14.28
CA ARG A 25 13.01 -1.61 -13.60
C ARG A 25 11.75 -1.34 -14.38
N ALA A 26 10.64 -1.14 -13.66
CA ALA A 26 9.35 -0.78 -14.24
C ALA A 26 8.47 -0.12 -13.17
N GLU A 27 7.94 1.07 -13.46
CA GLU A 27 6.99 1.78 -12.57
C GLU A 27 5.58 1.70 -13.14
N LEU A 28 4.57 1.71 -12.25
CA LEU A 28 3.17 1.45 -12.62
C LEU A 28 2.19 2.27 -11.77
N PRO A 29 1.01 2.70 -12.34
CA PRO A 29 -0.04 3.35 -11.55
C PRO A 29 -0.92 2.29 -10.83
N LEU A 30 -0.84 2.29 -9.51
CA LEU A 30 -1.65 1.42 -8.64
C LEU A 30 -2.64 2.32 -7.87
N THR A 31 -3.63 1.72 -7.22
CA THR A 31 -4.58 2.45 -6.36
C THR A 31 -4.20 2.28 -4.87
N LEU A 32 -4.60 3.25 -4.00
CA LEU A 32 -4.46 3.12 -2.52
C LEU A 32 -5.09 1.79 -2.06
N GLU A 33 -6.34 1.62 -2.49
CA GLU A 33 -7.14 0.43 -2.20
C GLU A 33 -6.44 -0.87 -2.66
N GLU A 34 -5.79 -0.82 -3.84
CA GLU A 34 -5.09 -1.99 -4.43
C GLU A 34 -3.70 -2.20 -3.79
N ALA A 35 -3.17 -1.16 -3.14
CA ALA A 35 -2.03 -1.30 -2.25
C ALA A 35 -2.37 -2.21 -1.06
N PHE A 36 -3.59 -2.03 -0.50
CA PHE A 36 -4.13 -2.92 0.53
C PHE A 36 -4.41 -4.31 -0.04
N HIS A 37 -5.21 -4.35 -1.11
CA HIS A 37 -5.76 -5.61 -1.66
C HIS A 37 -4.67 -6.48 -2.32
N GLY A 38 -3.62 -5.83 -2.87
CA GLY A 38 -2.60 -6.51 -3.67
C GLY A 38 -3.19 -7.07 -4.96
N GLY A 39 -2.63 -8.17 -5.45
CA GLY A 39 -3.21 -8.94 -6.57
C GLY A 39 -2.17 -9.38 -7.59
N GLU A 40 -2.28 -10.64 -8.04
CA GLU A 40 -1.43 -11.18 -9.11
C GLU A 40 -1.96 -10.72 -10.48
N ARG A 41 -1.06 -10.13 -11.28
CA ARG A 41 -1.39 -9.67 -12.66
C ARG A 41 -0.25 -10.07 -13.60
N VAL A 42 -0.49 -9.95 -14.92
CA VAL A 42 0.56 -10.17 -15.92
C VAL A 42 1.38 -8.89 -16.15
N VAL A 43 2.70 -9.05 -16.09
CA VAL A 43 3.67 -7.99 -16.37
C VAL A 43 4.20 -8.14 -17.80
N GLU A 44 4.41 -6.99 -18.46
CA GLU A 44 4.92 -6.89 -19.82
C GLU A 44 6.20 -6.04 -19.78
N VAL A 45 7.36 -6.72 -19.82
CA VAL A 45 8.68 -6.08 -19.73
C VAL A 45 9.56 -6.43 -20.94
N ALA A 46 9.75 -5.43 -21.83
CA ALA A 46 10.61 -5.52 -23.04
C ALA A 46 10.06 -6.54 -24.06
N GLY A 47 8.74 -6.78 -24.00
CA GLY A 47 8.08 -7.75 -24.87
C GLY A 47 8.00 -9.15 -24.27
N ARG A 48 8.48 -9.30 -23.02
CA ARG A 48 8.45 -10.58 -22.29
C ARG A 48 7.21 -10.61 -21.38
N ARG A 49 6.32 -11.59 -21.60
CA ARG A 49 5.06 -11.75 -20.86
C ARG A 49 5.23 -12.80 -19.76
N VAL A 50 5.10 -12.37 -18.49
CA VAL A 50 5.22 -13.25 -17.31
C VAL A 50 4.09 -12.89 -16.32
N SER A 51 3.56 -13.89 -15.59
CA SER A 51 2.62 -13.66 -14.49
C SER A 51 3.41 -13.22 -13.24
N VAL A 52 3.27 -11.94 -12.82
CA VAL A 52 3.97 -11.41 -11.63
C VAL A 52 3.03 -11.42 -10.41
N ARG A 53 3.59 -11.83 -9.28
CA ARG A 53 2.94 -11.85 -7.98
C ARG A 53 3.47 -10.68 -7.16
N ILE A 54 2.59 -9.72 -6.77
CA ILE A 54 2.94 -8.66 -5.80
C ILE A 54 1.94 -8.72 -4.63
N PRO A 55 2.46 -8.80 -3.35
CA PRO A 55 1.61 -9.13 -2.16
C PRO A 55 0.84 -7.91 -1.58
N PRO A 56 -0.26 -8.18 -0.78
CA PRO A 56 -1.02 -7.14 -0.06
C PRO A 56 -0.15 -6.52 1.07
N GLY A 57 0.17 -5.22 0.94
CA GLY A 57 1.09 -4.56 1.87
C GLY A 57 2.13 -3.73 1.13
N VAL A 58 1.63 -2.90 0.21
CA VAL A 58 2.47 -2.07 -0.68
C VAL A 58 2.00 -0.58 -0.54
N ARG A 59 2.82 0.38 -1.03
CA ARG A 59 2.69 1.83 -0.72
C ARG A 59 3.10 2.69 -1.95
N GLU A 60 2.77 3.99 -1.92
CA GLU A 60 3.28 4.99 -2.89
C GLU A 60 4.82 5.00 -2.92
N GLY A 61 5.38 4.79 -4.14
CA GLY A 61 6.83 4.75 -4.34
C GLY A 61 7.48 3.47 -3.85
N SER A 62 6.66 2.49 -3.40
CA SER A 62 7.16 1.23 -2.86
C SER A 62 7.69 0.35 -4.00
N VAL A 63 8.93 -0.09 -3.83
CA VAL A 63 9.68 -0.85 -4.83
C VAL A 63 9.64 -2.36 -4.47
N ILE A 64 9.10 -3.16 -5.40
CA ILE A 64 8.80 -4.59 -5.18
C ILE A 64 9.81 -5.45 -5.96
N ARG A 65 10.62 -6.22 -5.23
CA ARG A 65 11.65 -7.10 -5.82
C ARG A 65 11.03 -8.45 -6.23
N VAL A 66 11.10 -8.78 -7.54
CA VAL A 66 10.64 -10.11 -8.04
C VAL A 66 11.80 -10.81 -8.83
N PRO A 67 12.46 -11.85 -8.23
CA PRO A 67 13.61 -12.57 -8.87
C PRO A 67 13.18 -13.44 -10.08
N GLY A 68 14.15 -13.70 -10.98
CA GLY A 68 13.96 -14.57 -12.15
C GLY A 68 13.23 -13.88 -13.31
N MET A 69 13.28 -12.54 -13.35
CA MET A 69 12.65 -11.72 -14.41
C MET A 69 13.71 -11.13 -15.36
N GLY A 70 14.61 -10.28 -14.81
CA GLY A 70 15.69 -9.68 -15.60
C GLY A 70 16.68 -10.74 -16.10
N GLY A 71 17.51 -11.23 -15.16
CA GLY A 71 18.32 -12.43 -15.36
C GLY A 71 17.47 -13.71 -15.34
N GLN A 72 17.42 -14.41 -16.47
CA GLN A 72 16.70 -15.69 -16.62
C GLN A 72 17.60 -16.88 -16.25
N GLY A 73 16.96 -18.01 -15.92
CA GLY A 73 17.66 -19.28 -15.70
C GLY A 73 18.36 -19.36 -14.35
N ASN A 74 19.68 -19.63 -14.37
CA ASN A 74 20.47 -19.88 -13.16
C ASN A 74 20.79 -18.57 -12.39
N PRO A 75 21.30 -17.45 -13.05
CA PRO A 75 21.46 -16.15 -12.35
C PRO A 75 20.10 -15.41 -12.27
N PRO A 76 19.45 -15.36 -11.05
CA PRO A 76 18.11 -14.76 -10.90
C PRO A 76 18.22 -13.22 -10.87
N GLY A 77 17.47 -12.56 -11.77
CA GLY A 77 17.45 -11.12 -11.85
C GLY A 77 16.14 -10.55 -11.38
N ASP A 78 16.17 -9.37 -10.81
CA ASP A 78 15.06 -8.83 -10.03
C ASP A 78 14.40 -7.70 -10.81
N LEU A 79 13.07 -7.75 -10.92
CA LEU A 79 12.28 -6.68 -11.50
C LEU A 79 11.67 -5.89 -10.36
N LEU A 80 12.10 -4.64 -10.27
CA LEU A 80 11.68 -3.70 -9.24
C LEU A 80 10.48 -2.90 -9.75
N LEU A 81 9.28 -3.31 -9.29
CA LEU A 81 8.02 -2.64 -9.58
C LEU A 81 7.77 -1.53 -8.56
N VAL A 82 8.02 -0.29 -9.01
CA VAL A 82 7.76 0.91 -8.19
C VAL A 82 6.33 1.38 -8.46
N VAL A 83 5.39 1.04 -7.55
CA VAL A 83 3.98 1.39 -7.75
C VAL A 83 3.75 2.86 -7.36
N ARG A 84 2.80 3.50 -8.05
CA ARG A 84 2.50 4.91 -7.89
C ARG A 84 1.00 5.00 -7.60
N LEU A 85 0.62 5.13 -6.32
CA LEU A 85 -0.79 5.09 -5.90
C LEU A 85 -1.56 6.33 -6.42
N LEU A 86 -2.87 6.15 -6.72
CA LEU A 86 -3.74 7.22 -7.24
C LEU A 86 -3.72 8.45 -6.31
N PRO A 87 -3.49 9.71 -6.85
CA PRO A 87 -3.43 10.94 -6.05
C PRO A 87 -4.81 11.31 -5.46
N HIS A 88 -5.10 10.70 -4.30
CA HIS A 88 -6.24 11.06 -3.44
C HIS A 88 -5.90 10.63 -1.98
N PRO A 89 -4.67 11.04 -1.46
CA PRO A 89 -4.07 10.42 -0.26
C PRO A 89 -4.94 10.63 1.00
N VAL A 90 -5.26 9.53 1.67
CA VAL A 90 -6.09 9.51 2.88
C VAL A 90 -5.46 8.54 3.90
N PHE A 91 -5.07 7.36 3.41
CA PHE A 91 -4.49 6.28 4.21
C PHE A 91 -2.98 6.21 4.01
N ARG A 92 -2.25 6.31 5.12
CA ARG A 92 -0.78 6.34 5.15
C ARG A 92 -0.31 5.14 5.97
N LEU A 93 0.28 4.14 5.31
CA LEU A 93 0.78 2.93 5.97
C LEU A 93 2.20 3.16 6.52
N GLU A 94 2.49 2.60 7.69
CA GLU A 94 3.84 2.43 8.20
C GLU A 94 3.92 1.08 8.91
N GLY A 95 4.74 0.17 8.36
CA GLY A 95 4.83 -1.21 8.84
C GLY A 95 3.54 -1.97 8.55
N GLN A 96 2.64 -2.03 9.55
CA GLN A 96 1.32 -2.69 9.45
C GLN A 96 0.21 -1.68 9.79
N ASP A 97 0.57 -0.64 10.57
CA ASP A 97 -0.41 0.31 11.14
C ASP A 97 -0.58 1.53 10.24
N LEU A 98 -1.76 2.14 10.33
CA LEU A 98 -2.21 3.20 9.43
C LEU A 98 -2.34 4.55 10.12
N TYR A 99 -2.49 5.55 9.27
CA TYR A 99 -2.77 6.93 9.63
C TYR A 99 -3.86 7.40 8.67
N ALA A 100 -4.99 7.82 9.20
CA ALA A 100 -6.09 8.36 8.40
C ALA A 100 -6.89 9.31 9.26
N THR A 101 -7.31 10.43 8.68
CA THR A 101 -8.12 11.41 9.39
C THR A 101 -9.57 10.91 9.51
N LEU A 102 -10.16 11.18 10.65
CA LEU A 102 -11.55 10.82 10.97
C LEU A 102 -12.41 12.08 11.02
N ASP A 103 -13.33 12.22 10.08
CA ASP A 103 -14.28 13.33 10.05
C ASP A 103 -15.48 12.98 10.95
N VAL A 104 -15.49 13.54 12.16
CA VAL A 104 -16.54 13.27 13.16
C VAL A 104 -17.31 14.58 13.45
N PRO A 105 -18.68 14.58 13.35
CA PRO A 105 -19.51 15.73 13.77
C PRO A 105 -19.30 16.08 15.26
N ALA A 106 -19.35 17.39 15.57
CA ALA A 106 -19.28 17.89 16.97
C ALA A 106 -20.36 17.22 17.88
N PRO A 107 -21.67 17.05 17.42
CA PRO A 107 -22.67 16.21 18.14
C PRO A 107 -22.12 14.82 18.57
N ILE A 108 -21.55 14.06 17.62
CA ILE A 108 -21.02 12.71 17.88
C ILE A 108 -19.82 12.77 18.85
N ALA A 109 -18.98 13.79 18.70
CA ALA A 109 -17.77 13.97 19.50
C ALA A 109 -18.08 14.15 20.99
N VAL A 110 -19.10 14.98 21.28
CA VAL A 110 -19.49 15.33 22.65
C VAL A 110 -20.27 14.18 23.32
N VAL A 111 -21.15 13.49 22.56
CA VAL A 111 -21.97 12.38 23.09
C VAL A 111 -21.19 11.04 23.11
N GLY A 112 -20.17 10.94 22.25
CA GLY A 112 -19.44 9.70 22.04
C GLY A 112 -20.26 8.67 21.27
N GLY A 113 -20.59 9.00 19.99
CA GLY A 113 -21.40 8.12 19.15
C GLY A 113 -20.54 7.21 18.27
N LYS A 114 -21.14 6.80 17.15
CA LYS A 114 -20.54 5.83 16.21
C LYS A 114 -20.42 6.47 14.83
N VAL A 115 -19.21 6.41 14.25
CA VAL A 115 -18.93 6.99 12.92
C VAL A 115 -18.56 5.85 11.96
N ARG A 116 -19.20 5.84 10.79
CA ARG A 116 -18.79 4.98 9.68
C ARG A 116 -17.57 5.64 9.00
N ALA A 117 -16.38 5.07 9.25
CA ALA A 117 -15.11 5.55 8.70
C ALA A 117 -14.75 4.70 7.48
N MET A 118 -14.35 5.37 6.39
CA MET A 118 -13.84 4.69 5.19
C MET A 118 -12.42 4.18 5.42
N THR A 119 -12.12 3.02 4.83
CA THR A 119 -10.80 2.43 4.79
C THR A 119 -10.63 1.63 3.49
N LEU A 120 -9.37 1.25 3.21
CA LEU A 120 -9.01 0.42 2.06
C LEU A 120 -9.48 -1.05 2.27
N GLU A 121 -9.82 -1.37 3.53
CA GLU A 121 -10.40 -2.66 3.94
C GLU A 121 -11.94 -2.68 3.64
N GLY A 122 -12.54 -1.46 3.50
CA GLY A 122 -13.99 -1.30 3.26
C GLY A 122 -14.62 -0.20 4.13
N PRO A 123 -15.93 -0.29 4.50
CA PRO A 123 -16.56 0.59 5.50
C PRO A 123 -16.50 -0.02 6.92
N VAL A 124 -15.93 0.73 7.88
CA VAL A 124 -15.80 0.30 9.30
C VAL A 124 -16.59 1.22 10.23
N GLU A 125 -16.90 0.75 11.45
CA GLU A 125 -17.62 1.52 12.47
C GLU A 125 -16.70 1.76 13.67
N VAL A 126 -16.28 3.02 13.86
CA VAL A 126 -15.43 3.42 15.00
C VAL A 126 -16.30 4.01 16.13
N ALA A 127 -15.96 3.64 17.38
CA ALA A 127 -16.58 4.19 18.58
C ALA A 127 -15.71 5.35 19.09
N VAL A 128 -16.23 6.59 19.00
CA VAL A 128 -15.50 7.77 19.51
C VAL A 128 -15.81 7.94 21.02
N PRO A 129 -14.81 8.32 21.87
CA PRO A 129 -15.03 8.56 23.32
C PRO A 129 -16.03 9.73 23.58
N PRO A 130 -16.91 9.63 24.63
CA PRO A 130 -17.81 10.74 25.02
C PRO A 130 -17.02 11.96 25.49
N ARG A 131 -17.26 13.11 24.82
CA ARG A 131 -16.49 14.36 25.03
C ARG A 131 -15.03 14.16 24.60
N THR A 132 -14.83 13.61 23.39
CA THR A 132 -13.49 13.36 22.82
C THR A 132 -12.80 14.68 22.42
N GLN A 133 -11.51 14.58 22.08
CA GLN A 133 -10.65 15.71 21.73
C GLN A 133 -10.09 15.49 20.31
N ALA A 134 -10.05 16.57 19.52
CA ALA A 134 -9.53 16.54 18.14
C ALA A 134 -8.00 16.48 18.15
N GLY A 135 -7.44 15.50 17.43
CA GLY A 135 -6.01 15.21 17.44
C GLY A 135 -5.71 13.85 18.06
N ARG A 136 -6.78 13.17 18.57
CA ARG A 136 -6.69 11.79 19.07
C ARG A 136 -6.51 10.79 17.91
N LYS A 137 -6.00 9.60 18.23
CA LYS A 137 -5.76 8.51 17.26
C LYS A 137 -6.52 7.26 17.72
N LEU A 138 -7.70 7.00 17.11
CA LEU A 138 -8.57 5.88 17.50
C LEU A 138 -8.10 4.62 16.78
N ARG A 139 -7.43 3.76 17.55
CA ARG A 139 -6.74 2.57 17.03
C ARG A 139 -7.74 1.42 16.82
N LEU A 140 -8.12 1.22 15.56
CA LEU A 140 -8.90 0.07 15.12
C LEU A 140 -7.93 -1.06 14.73
N LYS A 141 -7.76 -2.05 15.63
CA LYS A 141 -6.88 -3.20 15.42
C LYS A 141 -7.48 -4.17 14.38
N GLY A 142 -6.61 -4.87 13.63
CA GLY A 142 -7.04 -5.81 12.59
C GLY A 142 -7.71 -5.13 11.40
N LYS A 143 -7.32 -3.87 11.14
CA LYS A 143 -7.90 -3.02 10.07
C LYS A 143 -6.80 -2.44 9.16
N GLY A 144 -5.54 -2.64 9.56
CA GLY A 144 -4.36 -2.22 8.78
C GLY A 144 -3.95 -3.23 7.73
N PHE A 145 -2.73 -3.09 7.21
CA PHE A 145 -2.19 -4.02 6.19
C PHE A 145 -1.55 -5.24 6.90
N PRO A 146 -1.38 -6.41 6.18
CA PRO A 146 -0.67 -7.60 6.72
C PRO A 146 0.69 -7.26 7.39
N GLY A 147 0.89 -7.76 8.63
CA GLY A 147 2.10 -7.53 9.40
C GLY A 147 2.22 -8.49 10.60
N PRO A 148 3.10 -8.17 11.60
CA PRO A 148 3.31 -9.00 12.84
C PRO A 148 2.02 -9.47 13.55
N ALA A 149 1.02 -8.57 13.64
CA ALA A 149 -0.26 -8.83 14.35
C ALA A 149 -1.31 -9.49 13.41
N GLY A 150 -0.84 -10.12 12.32
CA GLY A 150 -1.71 -10.66 11.29
C GLY A 150 -2.18 -9.58 10.35
N ARG A 151 -3.21 -8.84 10.77
CA ARG A 151 -3.67 -7.62 10.12
C ARG A 151 -3.41 -6.45 11.08
N GLY A 152 -2.86 -5.33 10.54
CA GLY A 152 -2.34 -4.23 11.35
C GLY A 152 -3.39 -3.35 12.00
N ASP A 153 -3.01 -2.12 12.33
CA ASP A 153 -3.87 -1.16 13.04
C ASP A 153 -4.27 0.00 12.11
N LEU A 154 -5.30 0.75 12.52
CA LEU A 154 -5.70 2.03 11.91
C LEU A 154 -5.80 3.10 13.01
N TYR A 155 -4.96 4.13 12.93
CA TYR A 155 -5.02 5.29 13.85
C TYR A 155 -5.79 6.44 13.18
N LEU A 156 -7.02 6.67 13.66
CA LEU A 156 -7.89 7.73 13.18
C LEU A 156 -7.63 9.06 13.90
N GLU A 157 -7.16 10.07 13.15
CA GLU A 157 -6.96 11.41 13.69
C GLU A 157 -8.32 12.11 13.77
N VAL A 158 -8.94 12.02 14.96
CA VAL A 158 -10.22 12.67 15.30
C VAL A 158 -10.21 14.16 14.89
N ARG A 159 -11.09 14.52 13.95
CA ARG A 159 -11.25 15.90 13.48
C ARG A 159 -12.69 16.32 13.74
N ILE A 160 -12.90 16.98 14.89
CA ILE A 160 -14.22 17.42 15.34
C ILE A 160 -14.63 18.68 14.56
N THR A 161 -15.57 18.50 13.65
CA THR A 161 -16.09 19.57 12.80
C THR A 161 -17.55 19.90 13.24
N ALA A 1 -0.92 -3.88 -20.65
CA ALA A 1 -0.43 -3.22 -19.43
C ALA A 1 -1.60 -2.84 -18.54
N ALA A 2 -1.75 -3.57 -17.41
CA ALA A 2 -2.83 -3.32 -16.45
C ALA A 2 -2.42 -2.19 -15.47
N LEU A 3 -1.40 -2.46 -14.60
CA LEU A 3 -0.82 -1.45 -13.68
C LEU A 3 0.50 -0.89 -14.23
N VAL A 4 1.30 -1.77 -14.86
CA VAL A 4 2.64 -1.41 -15.35
C VAL A 4 2.57 -0.29 -16.41
N ALA A 5 3.31 0.80 -16.17
CA ALA A 5 3.45 1.89 -17.13
C ALA A 5 4.37 1.42 -18.28
N HIS A 6 5.68 1.38 -17.99
CA HIS A 6 6.74 0.93 -18.93
C HIS A 6 8.01 0.63 -18.12
N VAL A 7 8.85 -0.28 -18.65
CA VAL A 7 10.18 -0.55 -18.08
C VAL A 7 11.09 0.69 -18.29
N THR A 8 11.60 1.24 -17.19
CA THR A 8 12.38 2.49 -17.18
C THR A 8 13.90 2.21 -17.18
N SER A 9 14.32 1.06 -16.63
CA SER A 9 15.73 0.66 -16.50
C SER A 9 15.85 -0.87 -16.56
N GLY A 10 17.10 -1.37 -16.58
CA GLY A 10 17.35 -2.81 -16.59
C GLY A 10 18.83 -3.08 -16.38
N SER A 11 19.35 -2.68 -15.21
CA SER A 11 20.78 -2.77 -14.89
C SER A 11 20.96 -2.99 -13.38
N GLY A 12 21.60 -4.13 -13.01
CA GLY A 12 21.79 -4.52 -11.61
C GLY A 12 22.97 -3.81 -10.96
N GLY A 13 22.77 -2.52 -10.64
CA GLY A 13 23.77 -1.72 -9.92
C GLY A 13 23.68 -1.92 -8.41
N SER A 14 24.72 -1.45 -7.70
CA SER A 14 24.87 -1.66 -6.25
C SER A 14 25.00 -3.18 -5.93
N GLY A 15 25.67 -3.89 -6.85
CA GLY A 15 25.98 -5.31 -6.68
C GLY A 15 27.04 -5.55 -5.61
N GLY A 16 27.97 -4.59 -5.49
CA GLY A 16 28.97 -4.57 -4.41
C GLY A 16 29.97 -5.73 -4.49
N SER A 17 29.69 -6.81 -3.73
CA SER A 17 30.57 -7.99 -3.64
C SER A 17 30.55 -8.80 -4.95
N GLY A 18 29.43 -8.76 -5.65
CA GLY A 18 29.24 -9.49 -6.90
C GLY A 18 28.06 -8.96 -7.68
N GLY A 19 27.13 -9.86 -8.04
CA GLY A 19 25.91 -9.50 -8.75
C GLY A 19 25.14 -10.74 -9.20
N SER A 20 23.80 -10.64 -9.22
CA SER A 20 22.90 -11.75 -9.55
C SER A 20 22.41 -11.64 -11.02
N GLY A 21 21.41 -12.49 -11.39
CA GLY A 21 20.70 -12.36 -12.67
C GLY A 21 20.10 -10.96 -12.81
N ARG A 22 20.47 -10.24 -13.89
CA ARG A 22 20.21 -8.81 -14.04
C ARG A 22 18.70 -8.50 -14.05
N ASP A 23 18.32 -7.52 -13.22
CA ASP A 23 16.92 -7.12 -13.06
C ASP A 23 16.44 -6.26 -14.25
N LEU A 24 15.14 -6.35 -14.47
CA LEU A 24 14.37 -5.36 -15.20
C LEU A 24 13.78 -4.41 -14.18
N ARG A 25 13.48 -3.19 -14.57
CA ARG A 25 13.03 -2.17 -13.60
C ARG A 25 11.97 -1.28 -14.24
N ALA A 26 10.74 -1.34 -13.74
CA ALA A 26 9.61 -0.57 -14.28
C ALA A 26 8.94 0.24 -13.17
N GLU A 27 8.79 1.55 -13.39
CA GLU A 27 7.97 2.41 -12.51
C GLU A 27 6.55 2.47 -13.08
N LEU A 28 5.55 2.36 -12.19
CA LEU A 28 4.15 2.19 -12.57
C LEU A 28 3.23 2.91 -11.58
N PRO A 29 2.06 3.46 -12.03
CA PRO A 29 1.04 4.00 -11.09
C PRO A 29 0.33 2.86 -10.30
N LEU A 30 -0.18 3.20 -9.11
CA LEU A 30 -0.97 2.30 -8.28
C LEU A 30 -1.98 3.11 -7.47
N THR A 31 -3.12 2.49 -7.17
CA THR A 31 -4.13 3.06 -6.27
C THR A 31 -3.76 2.76 -4.80
N LEU A 32 -4.19 3.63 -3.88
CA LEU A 32 -4.00 3.45 -2.42
C LEU A 32 -4.64 2.13 -1.96
N GLU A 33 -5.88 1.94 -2.40
CA GLU A 33 -6.67 0.72 -2.10
C GLU A 33 -5.95 -0.55 -2.59
N GLU A 34 -5.20 -0.43 -3.69
CA GLU A 34 -4.44 -1.56 -4.25
C GLU A 34 -3.03 -1.67 -3.65
N ALA A 35 -2.56 -0.59 -3.01
CA ALA A 35 -1.43 -0.64 -2.08
C ALA A 35 -1.78 -1.55 -0.87
N PHE A 36 -3.08 -1.56 -0.50
CA PHE A 36 -3.63 -2.52 0.45
C PHE A 36 -3.72 -3.92 -0.19
N HIS A 37 -4.49 -4.02 -1.28
CA HIS A 37 -4.89 -5.33 -1.86
C HIS A 37 -3.74 -6.06 -2.58
N GLY A 38 -2.77 -5.31 -3.11
CA GLY A 38 -1.76 -5.87 -4.02
C GLY A 38 -2.37 -6.11 -5.41
N GLY A 39 -2.96 -7.32 -5.58
CA GLY A 39 -3.70 -7.67 -6.79
C GLY A 39 -2.81 -8.18 -7.92
N GLU A 40 -3.13 -9.36 -8.46
CA GLU A 40 -2.41 -9.94 -9.59
C GLU A 40 -2.89 -9.26 -10.87
N ARG A 41 -2.00 -8.52 -11.54
CA ARG A 41 -2.31 -7.86 -12.83
C ARG A 41 -1.21 -8.16 -13.84
N VAL A 42 -1.58 -8.12 -15.13
CA VAL A 42 -0.68 -8.50 -16.23
C VAL A 42 0.43 -7.44 -16.47
N VAL A 43 1.64 -7.94 -16.77
CA VAL A 43 2.84 -7.14 -17.03
C VAL A 43 3.57 -7.74 -18.25
N GLU A 44 3.82 -6.91 -19.28
CA GLU A 44 4.52 -7.34 -20.51
C GLU A 44 5.83 -6.56 -20.59
N VAL A 45 6.93 -7.18 -20.12
CA VAL A 45 8.26 -6.54 -20.11
C VAL A 45 9.30 -7.50 -20.72
N ALA A 46 10.11 -6.96 -21.65
CA ALA A 46 11.17 -7.69 -22.38
C ALA A 46 10.61 -8.88 -23.20
N GLY A 47 9.36 -8.72 -23.64
CA GLY A 47 8.70 -9.66 -24.54
C GLY A 47 7.89 -10.75 -23.83
N ARG A 48 7.88 -10.74 -22.47
CA ARG A 48 7.14 -11.77 -21.69
C ARG A 48 5.89 -11.16 -21.03
N ARG A 49 4.72 -11.69 -21.40
CA ARG A 49 3.43 -11.36 -20.78
C ARG A 49 3.16 -12.37 -19.65
N VAL A 50 3.30 -11.92 -18.40
CA VAL A 50 3.06 -12.75 -17.19
C VAL A 50 2.18 -11.92 -16.21
N SER A 51 1.35 -12.57 -15.39
CA SER A 51 0.60 -11.90 -14.32
C SER A 51 1.52 -11.71 -13.10
N VAL A 52 1.74 -10.46 -12.67
CA VAL A 52 2.59 -10.15 -11.52
C VAL A 52 1.75 -9.97 -10.25
N ARG A 53 2.19 -10.64 -9.18
CA ARG A 53 1.60 -10.56 -7.84
C ARG A 53 2.53 -9.71 -6.98
N ILE A 54 2.17 -8.44 -6.76
CA ILE A 54 2.94 -7.56 -5.89
C ILE A 54 2.36 -7.64 -4.46
N PRO A 55 3.24 -7.85 -3.41
CA PRO A 55 2.79 -8.13 -2.02
C PRO A 55 1.99 -6.95 -1.40
N PRO A 56 0.84 -7.25 -0.70
CA PRO A 56 0.11 -6.25 0.13
C PRO A 56 1.01 -5.59 1.19
N GLY A 57 0.80 -4.29 1.41
CA GLY A 57 1.64 -3.51 2.32
C GLY A 57 2.61 -2.61 1.56
N VAL A 58 2.23 -2.28 0.31
CA VAL A 58 3.06 -1.47 -0.59
C VAL A 58 2.63 0.01 -0.47
N ARG A 59 3.51 0.93 -0.85
CA ARG A 59 3.35 2.39 -0.63
C ARG A 59 4.04 3.18 -1.75
N GLU A 60 3.89 4.52 -1.71
CA GLU A 60 4.59 5.46 -2.61
C GLU A 60 6.12 5.22 -2.61
N GLY A 61 6.68 5.00 -3.81
CA GLY A 61 8.12 4.82 -3.98
C GLY A 61 8.62 3.46 -3.52
N SER A 62 7.69 2.53 -3.21
CA SER A 62 8.04 1.17 -2.77
C SER A 62 8.48 0.33 -3.98
N VAL A 63 9.72 -0.19 -3.90
CA VAL A 63 10.32 -1.00 -4.94
C VAL A 63 10.07 -2.51 -4.66
N ILE A 64 9.43 -3.19 -5.61
CA ILE A 64 8.95 -4.59 -5.47
C ILE A 64 9.77 -5.51 -6.36
N ARG A 65 10.48 -6.47 -5.75
CA ARG A 65 11.34 -7.39 -6.48
C ARG A 65 10.59 -8.71 -6.76
N VAL A 66 10.25 -8.98 -8.05
CA VAL A 66 9.50 -10.19 -8.45
C VAL A 66 10.45 -11.16 -9.25
N PRO A 67 10.98 -12.25 -8.59
CA PRO A 67 12.01 -13.16 -9.19
C PRO A 67 11.52 -13.94 -10.44
N GLY A 68 12.49 -14.19 -11.36
CA GLY A 68 12.25 -14.99 -12.57
C GLY A 68 11.63 -14.21 -13.73
N MET A 69 11.47 -12.88 -13.56
CA MET A 69 10.82 -12.01 -14.58
C MET A 69 11.90 -11.33 -15.47
N GLY A 70 13.04 -10.97 -14.85
CA GLY A 70 14.11 -10.22 -15.52
C GLY A 70 15.08 -11.10 -16.31
N GLY A 71 16.29 -11.29 -15.77
CA GLY A 71 17.35 -12.12 -16.39
C GLY A 71 16.96 -13.60 -16.49
N GLN A 72 16.40 -13.97 -17.65
CA GLN A 72 16.00 -15.36 -17.95
C GLN A 72 17.25 -16.24 -18.08
N GLY A 73 17.36 -17.25 -17.19
CA GLY A 73 18.49 -18.17 -17.20
C GLY A 73 18.61 -18.98 -15.91
N ASN A 74 19.73 -19.73 -15.80
CA ASN A 74 20.08 -20.48 -14.58
C ASN A 74 20.28 -19.55 -13.35
N PRO A 75 20.93 -18.32 -13.49
CA PRO A 75 20.82 -17.25 -12.47
C PRO A 75 19.51 -16.46 -12.70
N PRO A 76 18.45 -16.68 -11.85
CA PRO A 76 17.12 -16.04 -12.06
C PRO A 76 17.15 -14.52 -11.77
N GLY A 77 16.73 -13.73 -12.75
CA GLY A 77 16.62 -12.27 -12.62
C GLY A 77 15.19 -11.85 -12.37
N ASP A 78 15.01 -10.64 -11.85
CA ASP A 78 13.73 -10.19 -11.30
C ASP A 78 13.28 -8.89 -11.96
N LEU A 79 12.11 -8.37 -11.54
CA LEU A 79 11.59 -7.08 -12.02
C LEU A 79 11.22 -6.19 -10.81
N LEU A 80 11.91 -5.04 -10.72
CA LEU A 80 11.69 -4.03 -9.70
C LEU A 80 10.57 -3.07 -10.11
N LEU A 81 9.36 -3.31 -9.57
CA LEU A 81 8.19 -2.44 -9.75
C LEU A 81 8.14 -1.37 -8.66
N VAL A 82 8.55 -0.14 -9.01
CA VAL A 82 8.47 1.01 -8.10
C VAL A 82 7.11 1.70 -8.31
N VAL A 83 6.15 1.48 -7.39
CA VAL A 83 4.77 1.97 -7.57
C VAL A 83 4.66 3.46 -7.21
N ARG A 84 3.71 4.12 -7.88
CA ARG A 84 3.44 5.55 -7.73
C ARG A 84 1.96 5.71 -7.31
N LEU A 85 1.72 5.90 -6.00
CA LEU A 85 0.36 6.02 -5.44
C LEU A 85 -0.35 7.31 -5.87
N LEU A 86 -1.69 7.25 -5.94
CA LEU A 86 -2.54 8.39 -6.35
C LEU A 86 -2.25 9.66 -5.50
N PRO A 87 -2.19 10.89 -6.14
CA PRO A 87 -1.78 12.16 -5.48
C PRO A 87 -2.62 12.57 -4.24
N HIS A 88 -3.78 11.92 -4.00
CA HIS A 88 -4.56 12.14 -2.76
C HIS A 88 -4.05 11.17 -1.67
N PRO A 89 -3.43 11.68 -0.55
CA PRO A 89 -3.04 10.84 0.59
C PRO A 89 -4.14 10.80 1.69
N VAL A 90 -4.56 9.57 2.08
CA VAL A 90 -5.50 9.37 3.18
C VAL A 90 -4.91 8.37 4.19
N PHE A 91 -4.29 7.31 3.66
CA PHE A 91 -3.70 6.25 4.48
C PHE A 91 -2.17 6.33 4.46
N ARG A 92 -1.60 6.39 5.67
CA ARG A 92 -0.16 6.37 5.89
C ARG A 92 0.17 5.05 6.60
N LEU A 93 0.73 4.09 5.85
CA LEU A 93 1.22 2.82 6.41
C LEU A 93 2.71 2.94 6.76
N GLU A 94 3.09 2.43 7.94
CA GLU A 94 4.49 2.19 8.28
C GLU A 94 4.60 0.90 9.11
N GLY A 95 5.58 0.04 8.76
CA GLY A 95 5.79 -1.24 9.43
C GLY A 95 4.67 -2.25 9.17
N GLN A 96 3.56 -2.12 9.94
CA GLN A 96 2.39 -3.01 9.85
C GLN A 96 1.09 -2.22 10.10
N ASP A 97 1.21 -1.00 10.70
CA ASP A 97 0.04 -0.24 11.19
C ASP A 97 -0.22 1.02 10.32
N LEU A 98 -1.47 1.49 10.39
CA LEU A 98 -2.04 2.53 9.51
C LEU A 98 -2.30 3.84 10.25
N TYR A 99 -2.48 4.90 9.46
CA TYR A 99 -2.94 6.22 9.91
C TYR A 99 -3.92 6.78 8.88
N ALA A 100 -5.14 7.12 9.31
CA ALA A 100 -6.15 7.76 8.43
C ALA A 100 -6.82 8.90 9.16
N THR A 101 -7.62 9.67 8.42
CA THR A 101 -8.37 10.80 8.97
C THR A 101 -9.85 10.39 9.16
N LEU A 102 -10.40 10.73 10.34
CA LEU A 102 -11.77 10.38 10.74
C LEU A 102 -12.64 11.65 10.76
N ASP A 103 -13.63 11.70 9.87
CA ASP A 103 -14.60 12.82 9.78
C ASP A 103 -15.85 12.48 10.60
N VAL A 104 -15.99 13.08 11.80
CA VAL A 104 -17.17 12.91 12.66
C VAL A 104 -17.93 14.24 12.78
N PRO A 105 -19.30 14.23 12.80
CA PRO A 105 -20.10 15.42 13.17
C PRO A 105 -19.94 15.77 14.67
N ALA A 106 -20.17 17.04 15.03
CA ALA A 106 -20.10 17.52 16.43
C ALA A 106 -21.13 16.79 17.34
N PRO A 107 -22.44 16.61 16.91
CA PRO A 107 -23.41 15.75 17.66
C PRO A 107 -22.86 14.35 18.00
N ILE A 108 -22.22 13.67 17.02
CA ILE A 108 -21.68 12.33 17.25
C ILE A 108 -20.49 12.36 18.22
N ALA A 109 -19.60 13.34 18.02
CA ALA A 109 -18.40 13.53 18.86
C ALA A 109 -18.76 13.57 20.36
N VAL A 110 -19.84 14.32 20.67
CA VAL A 110 -20.27 14.52 22.06
C VAL A 110 -21.27 13.43 22.56
N VAL A 111 -22.42 13.26 21.89
CA VAL A 111 -23.52 12.38 22.35
C VAL A 111 -23.61 11.04 21.58
N GLY A 112 -23.12 11.02 20.32
CA GLY A 112 -23.37 9.88 19.42
C GLY A 112 -22.53 8.67 19.77
N GLY A 113 -21.23 8.78 19.52
CA GLY A 113 -20.25 7.80 19.99
C GLY A 113 -19.96 6.69 18.98
N LYS A 114 -20.65 6.69 17.82
CA LYS A 114 -20.45 5.69 16.75
C LYS A 114 -20.49 6.40 15.41
N VAL A 115 -19.60 6.03 14.50
CA VAL A 115 -19.48 6.63 13.17
C VAL A 115 -18.73 5.65 12.25
N ARG A 116 -19.08 5.62 10.96
CA ARG A 116 -18.41 4.78 9.98
C ARG A 116 -17.30 5.58 9.27
N ALA A 117 -16.07 5.05 9.33
CA ALA A 117 -14.91 5.58 8.62
C ALA A 117 -14.64 4.73 7.37
N MET A 118 -13.84 5.26 6.45
CA MET A 118 -13.43 4.51 5.24
C MET A 118 -12.02 3.99 5.39
N THR A 119 -11.78 2.83 4.78
CA THR A 119 -10.46 2.21 4.68
C THR A 119 -10.27 1.62 3.29
N LEU A 120 -9.02 1.24 3.00
CA LEU A 120 -8.58 0.76 1.69
C LEU A 120 -9.14 -0.64 1.33
N GLU A 121 -9.88 -1.26 2.26
CA GLU A 121 -10.51 -2.59 2.04
C GLU A 121 -12.04 -2.56 2.20
N GLY A 122 -12.61 -1.37 2.52
CA GLY A 122 -14.07 -1.20 2.62
C GLY A 122 -14.49 -0.19 3.67
N PRO A 123 -15.76 -0.24 4.17
CA PRO A 123 -16.24 0.61 5.28
C PRO A 123 -16.03 -0.05 6.66
N VAL A 124 -15.42 0.69 7.59
CA VAL A 124 -15.29 0.30 9.01
C VAL A 124 -16.19 1.18 9.87
N GLU A 125 -16.66 0.67 11.00
CA GLU A 125 -17.41 1.48 11.99
C GLU A 125 -16.61 1.58 13.30
N VAL A 126 -16.18 2.80 13.62
CA VAL A 126 -15.42 3.13 14.83
C VAL A 126 -16.35 3.75 15.89
N ALA A 127 -16.07 3.43 17.17
CA ALA A 127 -16.74 4.05 18.32
C ALA A 127 -15.88 5.20 18.84
N VAL A 128 -16.38 6.46 18.71
CA VAL A 128 -15.67 7.63 19.26
C VAL A 128 -16.05 7.79 20.75
N PRO A 129 -15.07 8.13 21.65
CA PRO A 129 -15.35 8.37 23.10
C PRO A 129 -16.45 9.43 23.32
N PRO A 130 -17.37 9.23 24.33
CA PRO A 130 -18.40 10.24 24.70
C PRO A 130 -17.75 11.60 25.03
N ARG A 131 -18.04 12.59 24.15
CA ARG A 131 -17.38 13.92 24.17
C ARG A 131 -15.87 13.78 23.87
N THR A 132 -15.56 13.19 22.69
CA THR A 132 -14.18 13.07 22.20
C THR A 132 -13.64 14.45 21.75
N GLN A 133 -12.34 14.50 21.43
CA GLN A 133 -11.63 15.76 21.09
C GLN A 133 -11.04 15.63 19.67
N ALA A 134 -11.00 16.75 18.94
CA ALA A 134 -10.48 16.80 17.56
C ALA A 134 -8.94 16.66 17.58
N GLY A 135 -8.45 15.55 17.03
CA GLY A 135 -7.02 15.25 16.95
C GLY A 135 -6.63 14.02 17.76
N ARG A 136 -7.64 13.33 18.34
CA ARG A 136 -7.42 12.03 19.01
C ARG A 136 -7.25 10.92 17.95
N LYS A 137 -6.52 9.85 18.31
CA LYS A 137 -6.26 8.70 17.42
C LYS A 137 -7.00 7.46 17.95
N LEU A 138 -7.93 6.89 17.15
CA LEU A 138 -8.74 5.73 17.56
C LEU A 138 -8.25 4.48 16.85
N ARG A 139 -7.72 3.54 17.65
CA ARG A 139 -7.02 2.35 17.17
C ARG A 139 -8.01 1.22 16.81
N LEU A 140 -8.22 1.01 15.49
CA LEU A 140 -9.01 -0.11 14.98
C LEU A 140 -8.09 -1.32 14.75
N LYS A 141 -8.10 -2.22 15.74
CA LYS A 141 -7.27 -3.43 15.74
C LYS A 141 -7.81 -4.44 14.72
N GLY A 142 -6.92 -5.03 13.92
CA GLY A 142 -7.29 -6.04 12.93
C GLY A 142 -7.75 -5.44 11.61
N LYS A 143 -7.28 -4.21 11.30
CA LYS A 143 -7.57 -3.51 10.02
C LYS A 143 -6.29 -3.09 9.29
N GLY A 144 -5.13 -3.26 9.95
CA GLY A 144 -3.83 -2.99 9.33
C GLY A 144 -3.31 -4.17 8.53
N PHE A 145 -2.01 -4.16 8.26
CA PHE A 145 -1.30 -5.28 7.58
C PHE A 145 -0.62 -6.21 8.59
N PRO A 146 -0.53 -7.55 8.31
CA PRO A 146 0.27 -8.48 9.13
C PRO A 146 1.77 -8.15 9.06
N GLY A 147 2.41 -8.10 10.23
CA GLY A 147 3.82 -7.71 10.36
C GLY A 147 4.44 -8.27 11.65
N PRO A 148 5.44 -7.55 12.27
CA PRO A 148 6.16 -8.02 13.49
C PRO A 148 5.25 -8.47 14.67
N ALA A 149 4.32 -7.59 15.10
CA ALA A 149 3.41 -7.88 16.25
C ALA A 149 2.19 -8.71 15.83
N GLY A 150 1.83 -8.62 14.54
CA GLY A 150 0.65 -9.28 13.98
C GLY A 150 -0.02 -8.39 12.96
N ARG A 151 -1.34 -8.56 12.71
CA ARG A 151 -2.10 -7.62 11.86
C ARG A 151 -2.15 -6.25 12.57
N GLY A 152 -1.90 -5.17 11.80
CA GLY A 152 -1.71 -3.84 12.35
C GLY A 152 -3.00 -3.16 12.80
N ASP A 153 -2.85 -1.86 13.14
CA ASP A 153 -3.88 -1.06 13.79
C ASP A 153 -4.09 0.24 13.02
N LEU A 154 -5.35 0.65 12.84
CA LEU A 154 -5.68 1.88 12.12
C LEU A 154 -5.92 3.03 13.12
N TYR A 155 -5.02 4.02 13.14
CA TYR A 155 -5.15 5.20 14.01
C TYR A 155 -5.89 6.32 13.27
N LEU A 156 -7.14 6.54 13.66
CA LEU A 156 -8.02 7.56 13.10
C LEU A 156 -7.86 8.91 13.79
N GLU A 157 -7.48 9.94 13.02
CA GLU A 157 -7.36 11.31 13.52
C GLU A 157 -8.78 11.93 13.53
N VAL A 158 -9.45 11.84 14.69
CA VAL A 158 -10.77 12.44 14.94
C VAL A 158 -10.80 13.93 14.50
N ARG A 159 -11.74 14.26 13.62
CA ARG A 159 -11.94 15.62 13.09
C ARG A 159 -13.41 15.97 13.27
N ILE A 160 -13.68 16.75 14.33
CA ILE A 160 -15.03 17.15 14.70
C ILE A 160 -15.47 18.36 13.88
N THR A 161 -16.55 18.18 13.09
CA THR A 161 -17.19 19.26 12.32
C THR A 161 -18.58 19.56 12.95
N ALA A 1 0.49 -3.40 -21.43
CA ALA A 1 0.28 -4.57 -20.54
C ALA A 1 -1.11 -4.47 -19.88
N ALA A 2 -1.18 -3.71 -18.76
CA ALA A 2 -2.43 -3.43 -18.01
C ALA A 2 -2.09 -2.50 -16.85
N LEU A 3 -1.33 -3.04 -15.88
CA LEU A 3 -0.97 -2.30 -14.65
C LEU A 3 0.39 -1.61 -14.84
N VAL A 4 1.43 -2.40 -15.21
CA VAL A 4 2.77 -1.84 -15.52
C VAL A 4 2.71 -0.86 -16.70
N ALA A 5 3.22 0.35 -16.47
CA ALA A 5 3.24 1.41 -17.47
C ALA A 5 4.42 1.23 -18.42
N HIS A 6 5.62 1.38 -17.84
CA HIS A 6 6.89 1.47 -18.59
C HIS A 6 8.05 0.91 -17.76
N VAL A 7 9.03 0.30 -18.45
CA VAL A 7 10.30 -0.10 -17.84
C VAL A 7 11.21 1.13 -17.71
N THR A 8 11.67 1.39 -16.49
CA THR A 8 12.60 2.47 -16.20
C THR A 8 14.03 2.05 -16.65
N SER A 9 14.39 2.43 -17.88
CA SER A 9 15.71 2.15 -18.47
C SER A 9 16.76 3.07 -17.80
N GLY A 10 17.28 2.58 -16.67
CA GLY A 10 18.27 3.30 -15.87
C GLY A 10 19.11 2.35 -15.05
N SER A 11 20.43 2.38 -15.28
CA SER A 11 21.39 1.45 -14.68
C SER A 11 21.60 1.74 -13.17
N GLY A 12 22.14 0.72 -12.48
CA GLY A 12 22.52 0.82 -11.08
C GLY A 12 24.00 0.49 -10.89
N GLY A 13 24.85 1.26 -11.62
CA GLY A 13 26.31 1.07 -11.59
C GLY A 13 26.95 1.44 -10.25
N SER A 14 26.25 2.27 -9.46
CA SER A 14 26.68 2.68 -8.12
C SER A 14 26.75 1.46 -7.17
N GLY A 15 27.94 0.84 -7.12
CA GLY A 15 28.16 -0.38 -6.35
C GLY A 15 29.36 -1.14 -6.88
N GLY A 16 29.48 -1.22 -8.23
CA GLY A 16 30.60 -1.92 -8.89
C GLY A 16 30.34 -3.41 -9.05
N SER A 17 29.92 -4.05 -7.94
CA SER A 17 29.57 -5.48 -7.92
C SER A 17 28.24 -5.72 -8.68
N GLY A 18 28.34 -6.34 -9.86
CA GLY A 18 27.19 -6.72 -10.68
C GLY A 18 27.38 -8.09 -11.33
N GLY A 19 26.37 -8.55 -12.09
CA GLY A 19 26.42 -9.88 -12.74
C GLY A 19 25.99 -9.84 -14.20
N SER A 20 25.89 -11.04 -14.80
CA SER A 20 25.52 -11.24 -16.21
C SER A 20 24.07 -10.76 -16.48
N GLY A 21 23.11 -11.33 -15.73
CA GLY A 21 21.71 -10.94 -15.82
C GLY A 21 21.41 -9.70 -14.98
N ARG A 22 21.00 -8.60 -15.65
CA ARG A 22 20.74 -7.31 -14.98
C ARG A 22 19.45 -7.33 -14.15
N ASP A 23 19.39 -6.47 -13.14
CA ASP A 23 18.14 -6.20 -12.38
C ASP A 23 17.19 -5.40 -13.27
N LEU A 24 15.91 -5.81 -13.33
CA LEU A 24 14.91 -5.15 -14.16
C LEU A 24 14.07 -4.26 -13.25
N ARG A 25 13.67 -3.07 -13.71
CA ARG A 25 12.89 -2.14 -12.89
C ARG A 25 11.89 -1.43 -13.79
N ALA A 26 10.65 -1.37 -13.33
CA ALA A 26 9.54 -0.74 -14.05
C ALA A 26 8.60 -0.07 -13.04
N GLU A 27 8.12 1.14 -13.36
CA GLU A 27 7.15 1.84 -12.50
C GLU A 27 5.74 1.74 -13.10
N LEU A 28 4.73 1.72 -12.22
CA LEU A 28 3.35 1.44 -12.60
C LEU A 28 2.32 2.21 -11.75
N PRO A 29 1.31 2.91 -12.38
CA PRO A 29 0.24 3.59 -11.62
C PRO A 29 -0.69 2.58 -10.92
N LEU A 30 -0.76 2.69 -9.59
CA LEU A 30 -1.57 1.84 -8.73
C LEU A 30 -2.59 2.72 -7.96
N THR A 31 -3.73 2.15 -7.59
CA THR A 31 -4.71 2.81 -6.71
C THR A 31 -4.32 2.56 -5.22
N LEU A 32 -4.75 3.45 -4.31
CA LEU A 32 -4.56 3.29 -2.85
C LEU A 32 -5.14 1.94 -2.39
N GLU A 33 -6.39 1.71 -2.82
CA GLU A 33 -7.14 0.47 -2.54
C GLU A 33 -6.38 -0.77 -3.02
N GLU A 34 -5.65 -0.64 -4.15
CA GLU A 34 -4.87 -1.75 -4.74
C GLU A 34 -3.49 -1.89 -4.07
N ALA A 35 -3.02 -0.83 -3.39
CA ALA A 35 -1.88 -0.93 -2.47
C ALA A 35 -2.27 -1.82 -1.26
N PHE A 36 -3.56 -1.78 -0.90
CA PHE A 36 -4.14 -2.71 0.10
C PHE A 36 -4.39 -4.12 -0.49
N HIS A 37 -5.01 -4.18 -1.67
CA HIS A 37 -5.50 -5.45 -2.27
C HIS A 37 -4.35 -6.29 -2.87
N GLY A 38 -3.30 -5.62 -3.36
CA GLY A 38 -2.21 -6.29 -4.10
C GLY A 38 -2.69 -6.83 -5.45
N GLY A 39 -2.83 -8.18 -5.56
CA GLY A 39 -3.51 -8.82 -6.69
C GLY A 39 -2.59 -9.25 -7.83
N GLU A 40 -3.11 -10.16 -8.69
CA GLU A 40 -2.38 -10.69 -9.86
C GLU A 40 -2.79 -9.88 -11.09
N ARG A 41 -1.82 -9.13 -11.66
CA ARG A 41 -2.06 -8.20 -12.79
C ARG A 41 -1.02 -8.47 -13.90
N VAL A 42 -1.46 -8.44 -15.16
CA VAL A 42 -0.59 -8.84 -16.31
C VAL A 42 0.46 -7.75 -16.63
N VAL A 43 1.73 -8.21 -16.70
CA VAL A 43 2.92 -7.38 -16.93
C VAL A 43 3.61 -7.86 -18.22
N GLU A 44 3.91 -6.90 -19.13
CA GLU A 44 4.62 -7.18 -20.39
C GLU A 44 5.90 -6.34 -20.43
N VAL A 45 7.01 -6.98 -20.07
CA VAL A 45 8.35 -6.38 -19.97
C VAL A 45 9.38 -7.36 -20.56
N ALA A 46 10.41 -6.84 -21.26
CA ALA A 46 11.53 -7.65 -21.83
C ALA A 46 11.06 -8.62 -22.95
N GLY A 47 9.87 -8.35 -23.51
CA GLY A 47 9.23 -9.23 -24.50
C GLY A 47 8.64 -10.48 -23.86
N ARG A 48 8.33 -10.37 -22.56
CA ARG A 48 7.77 -11.47 -21.75
C ARG A 48 6.43 -11.02 -21.18
N ARG A 49 5.41 -11.90 -21.23
CA ARG A 49 4.10 -11.62 -20.62
C ARG A 49 3.89 -12.55 -19.43
N VAL A 50 4.00 -11.99 -18.21
CA VAL A 50 3.88 -12.72 -16.94
C VAL A 50 2.93 -11.94 -16.03
N SER A 51 1.89 -12.59 -15.49
CA SER A 51 1.02 -12.00 -14.46
C SER A 51 1.81 -11.92 -13.13
N VAL A 52 1.93 -10.71 -12.58
CA VAL A 52 2.68 -10.48 -11.34
C VAL A 52 1.72 -10.47 -10.14
N ARG A 53 2.16 -11.06 -9.03
CA ARG A 53 1.45 -10.97 -7.75
C ARG A 53 2.26 -10.09 -6.82
N ILE A 54 1.85 -8.81 -6.69
CA ILE A 54 2.49 -7.89 -5.75
C ILE A 54 1.76 -8.00 -4.39
N PRO A 55 2.52 -8.23 -3.26
CA PRO A 55 1.91 -8.49 -1.93
C PRO A 55 1.20 -7.22 -1.33
N PRO A 56 -0.04 -7.40 -0.76
CA PRO A 56 -0.70 -6.38 0.09
C PRO A 56 0.24 -5.76 1.14
N GLY A 57 0.43 -4.45 1.08
CA GLY A 57 1.37 -3.74 1.95
C GLY A 57 2.39 -2.98 1.14
N VAL A 58 1.87 -2.08 0.30
CA VAL A 58 2.68 -1.26 -0.61
C VAL A 58 2.20 0.22 -0.54
N ARG A 59 3.08 1.13 -1.01
CA ARG A 59 2.95 2.60 -0.85
C ARG A 59 3.43 3.30 -2.14
N GLU A 60 3.20 4.62 -2.21
CA GLU A 60 3.85 5.49 -3.20
C GLU A 60 5.40 5.37 -3.10
N GLY A 61 6.05 5.07 -4.25
CA GLY A 61 7.51 4.93 -4.31
C GLY A 61 8.03 3.61 -3.74
N SER A 62 7.10 2.73 -3.31
CA SER A 62 7.46 1.42 -2.75
C SER A 62 7.83 0.45 -3.88
N VAL A 63 8.98 -0.21 -3.69
CA VAL A 63 9.65 -1.00 -4.73
C VAL A 63 9.47 -2.50 -4.41
N ILE A 64 8.88 -3.25 -5.35
CA ILE A 64 8.47 -4.66 -5.12
C ILE A 64 9.36 -5.60 -5.95
N ARG A 65 10.17 -6.43 -5.26
CA ARG A 65 11.04 -7.44 -5.90
C ARG A 65 10.23 -8.72 -6.21
N VAL A 66 10.14 -9.09 -7.51
CA VAL A 66 9.36 -10.28 -7.95
C VAL A 66 10.28 -11.24 -8.75
N PRO A 67 10.28 -12.58 -8.45
CA PRO A 67 11.18 -13.54 -9.10
C PRO A 67 10.78 -13.90 -10.57
N GLY A 68 11.79 -14.36 -11.34
CA GLY A 68 11.58 -14.91 -12.68
C GLY A 68 11.38 -13.88 -13.80
N MET A 69 11.87 -12.62 -13.62
CA MET A 69 11.69 -11.57 -14.66
C MET A 69 13.03 -10.94 -15.13
N GLY A 70 13.78 -10.31 -14.19
CA GLY A 70 15.03 -9.61 -14.55
C GLY A 70 16.26 -10.51 -14.57
N GLY A 71 17.22 -10.25 -13.66
CA GLY A 71 18.39 -11.11 -13.49
C GLY A 71 18.98 -11.01 -12.09
N GLN A 72 19.39 -9.79 -11.68
CA GLN A 72 20.04 -9.57 -10.36
C GLN A 72 19.04 -9.68 -9.19
N GLY A 73 19.58 -10.10 -8.03
CA GLY A 73 18.83 -10.23 -6.78
C GLY A 73 19.37 -11.36 -5.92
N ASN A 74 18.51 -11.95 -5.09
CA ASN A 74 18.85 -13.16 -4.31
C ASN A 74 18.51 -14.44 -5.15
N PRO A 75 17.31 -14.55 -5.82
CA PRO A 75 17.08 -15.59 -6.86
C PRO A 75 17.46 -15.07 -8.28
N PRO A 76 17.59 -15.99 -9.30
CA PRO A 76 17.73 -15.58 -10.71
C PRO A 76 16.43 -14.94 -11.24
N GLY A 77 16.53 -13.72 -11.79
CA GLY A 77 15.39 -13.01 -12.35
C GLY A 77 14.60 -12.23 -11.30
N ASP A 78 14.68 -10.88 -11.33
CA ASP A 78 13.84 -10.01 -10.48
C ASP A 78 13.45 -8.72 -11.19
N LEU A 79 12.16 -8.35 -11.09
CA LEU A 79 11.63 -7.07 -11.54
C LEU A 79 11.20 -6.26 -10.31
N LEU A 80 11.72 -5.03 -10.23
CA LEU A 80 11.40 -4.06 -9.18
C LEU A 80 10.27 -3.13 -9.65
N LEU A 81 9.04 -3.42 -9.18
CA LEU A 81 7.86 -2.61 -9.46
C LEU A 81 7.71 -1.47 -8.45
N VAL A 82 8.05 -0.25 -8.89
CA VAL A 82 7.89 0.98 -8.11
C VAL A 82 6.50 1.56 -8.40
N VAL A 83 5.53 1.33 -7.48
CA VAL A 83 4.13 1.75 -7.76
C VAL A 83 3.95 3.26 -7.53
N ARG A 84 3.00 3.81 -8.30
CA ARG A 84 2.69 5.24 -8.31
C ARG A 84 1.23 5.39 -7.90
N LEU A 85 0.99 5.65 -6.60
CA LEU A 85 -0.37 5.84 -6.10
C LEU A 85 -0.97 7.13 -6.65
N LEU A 86 -2.30 7.12 -6.85
CA LEU A 86 -3.06 8.22 -7.49
C LEU A 86 -2.79 9.58 -6.77
N PRO A 87 -2.79 10.75 -7.52
CA PRO A 87 -2.72 12.10 -6.91
C PRO A 87 -3.94 12.38 -5.99
N HIS A 88 -3.87 11.78 -4.80
CA HIS A 88 -4.96 11.62 -3.84
C HIS A 88 -4.47 10.66 -2.73
N PRO A 89 -3.80 11.20 -1.65
CA PRO A 89 -3.41 10.40 -0.47
C PRO A 89 -4.41 10.57 0.73
N VAL A 90 -4.94 9.45 1.25
CA VAL A 90 -5.80 9.47 2.47
C VAL A 90 -5.19 8.55 3.54
N PHE A 91 -4.71 7.38 3.09
CA PHE A 91 -4.12 6.36 3.94
C PHE A 91 -2.59 6.46 3.91
N ARG A 92 -2.02 6.51 5.11
CA ARG A 92 -0.58 6.62 5.35
C ARG A 92 -0.16 5.29 5.99
N LEU A 93 0.48 4.41 5.23
CA LEU A 93 0.99 3.13 5.75
C LEU A 93 2.34 3.38 6.44
N GLU A 94 2.36 3.24 7.76
CA GLU A 94 3.58 3.25 8.55
C GLU A 94 3.94 1.79 8.83
N GLY A 95 4.89 1.25 8.04
CA GLY A 95 5.36 -0.13 8.18
C GLY A 95 4.25 -1.17 7.94
N GLN A 96 3.61 -1.62 9.03
CA GLN A 96 2.49 -2.60 8.99
C GLN A 96 1.15 -1.91 9.32
N ASP A 97 1.23 -0.73 9.97
CA ASP A 97 0.08 -0.01 10.51
C ASP A 97 -0.41 1.09 9.55
N LEU A 98 -1.70 1.43 9.67
CA LEU A 98 -2.36 2.41 8.81
C LEU A 98 -2.66 3.69 9.62
N TYR A 99 -2.77 4.82 8.93
CA TYR A 99 -3.21 6.10 9.49
C TYR A 99 -4.16 6.75 8.49
N ALA A 100 -5.40 7.02 8.91
CA ALA A 100 -6.42 7.70 8.08
C ALA A 100 -7.08 8.78 8.90
N THR A 101 -7.37 9.91 8.28
CA THR A 101 -7.98 11.04 8.98
C THR A 101 -9.50 10.83 9.07
N LEU A 102 -10.00 10.83 10.31
CA LEU A 102 -11.41 10.62 10.62
C LEU A 102 -12.03 11.95 11.06
N ASP A 103 -12.95 12.51 10.26
CA ASP A 103 -13.64 13.76 10.63
C ASP A 103 -14.97 13.43 11.32
N VAL A 104 -15.02 13.66 12.64
CA VAL A 104 -16.17 13.35 13.50
C VAL A 104 -16.98 14.64 13.77
N PRO A 105 -18.33 14.66 13.49
CA PRO A 105 -19.20 15.79 13.88
C PRO A 105 -19.15 16.06 15.40
N ALA A 106 -19.12 17.35 15.82
CA ALA A 106 -19.08 17.75 17.24
C ALA A 106 -20.22 17.15 18.10
N PRO A 107 -21.51 17.11 17.59
CA PRO A 107 -22.60 16.33 18.24
C PRO A 107 -22.17 14.87 18.62
N ILE A 108 -21.65 14.13 17.62
CA ILE A 108 -21.21 12.72 17.81
C ILE A 108 -19.97 12.63 18.73
N ALA A 109 -19.09 13.64 18.68
CA ALA A 109 -17.83 13.67 19.45
C ALA A 109 -18.09 13.80 20.96
N VAL A 110 -19.05 14.69 21.30
CA VAL A 110 -19.37 14.99 22.71
C VAL A 110 -20.24 13.87 23.32
N VAL A 111 -21.21 13.34 22.55
CA VAL A 111 -22.12 12.27 23.05
C VAL A 111 -21.44 10.89 23.01
N GLY A 112 -20.52 10.72 22.04
CA GLY A 112 -19.84 9.45 21.79
C GLY A 112 -20.71 8.48 20.98
N GLY A 113 -20.98 8.82 19.71
CA GLY A 113 -21.73 7.94 18.82
C GLY A 113 -20.83 7.10 17.92
N LYS A 114 -21.33 6.79 16.71
CA LYS A 114 -20.61 5.97 15.73
C LYS A 114 -20.53 6.74 14.40
N VAL A 115 -19.33 6.79 13.83
CA VAL A 115 -19.08 7.34 12.50
C VAL A 115 -18.47 6.24 11.61
N ARG A 116 -18.94 6.12 10.38
CA ARG A 116 -18.43 5.14 9.42
C ARG A 116 -17.40 5.79 8.50
N ALA A 117 -16.16 5.29 8.59
CA ALA A 117 -15.03 5.76 7.79
C ALA A 117 -14.80 4.80 6.62
N MET A 118 -14.18 5.31 5.55
CA MET A 118 -13.76 4.49 4.42
C MET A 118 -12.32 4.04 4.61
N THR A 119 -12.11 2.73 4.48
CA THR A 119 -10.78 2.13 4.37
C THR A 119 -10.63 1.51 2.98
N LEU A 120 -9.41 1.05 2.68
CA LEU A 120 -9.02 0.56 1.35
C LEU A 120 -9.60 -0.85 1.05
N GLU A 121 -10.30 -1.46 2.04
CA GLU A 121 -10.92 -2.79 1.90
C GLU A 121 -12.46 -2.74 2.08
N GLY A 122 -13.02 -1.52 2.18
CA GLY A 122 -14.48 -1.31 2.32
C GLY A 122 -14.82 -0.25 3.35
N PRO A 123 -16.10 -0.22 3.86
CA PRO A 123 -16.53 0.72 4.91
C PRO A 123 -16.41 0.13 6.34
N VAL A 124 -15.69 0.83 7.24
CA VAL A 124 -15.56 0.46 8.66
C VAL A 124 -16.33 1.43 9.54
N GLU A 125 -16.88 0.91 10.63
CA GLU A 125 -17.71 1.68 11.55
C GLU A 125 -16.97 1.79 12.91
N VAL A 126 -16.41 2.97 13.17
CA VAL A 126 -15.66 3.24 14.40
C VAL A 126 -16.54 3.95 15.44
N ALA A 127 -16.44 3.49 16.68
CA ALA A 127 -17.15 4.06 17.83
C ALA A 127 -16.25 5.08 18.53
N VAL A 128 -16.66 6.37 18.56
CA VAL A 128 -15.90 7.42 19.25
C VAL A 128 -16.29 7.43 20.75
N PRO A 129 -15.30 7.63 21.70
CA PRO A 129 -15.59 7.78 23.14
C PRO A 129 -16.42 9.06 23.44
N PRO A 130 -17.36 9.01 24.43
CA PRO A 130 -18.08 10.22 24.92
C PRO A 130 -17.09 11.31 25.40
N ARG A 131 -17.26 12.53 24.86
CA ARG A 131 -16.42 13.71 25.18
C ARG A 131 -14.96 13.49 24.71
N THR A 132 -14.80 12.96 23.49
CA THR A 132 -13.48 12.73 22.87
C THR A 132 -12.90 14.07 22.35
N GLN A 133 -11.60 14.09 21.97
CA GLN A 133 -10.92 15.30 21.48
C GLN A 133 -10.18 14.99 20.17
N ALA A 134 -10.02 16.02 19.33
CA ALA A 134 -9.32 15.93 18.05
C ALA A 134 -7.80 15.73 18.26
N GLY A 135 -7.22 14.78 17.51
CA GLY A 135 -5.79 14.48 17.60
C GLY A 135 -5.53 13.07 18.12
N ARG A 136 -6.58 12.36 18.59
CA ARG A 136 -6.47 10.96 19.01
C ARG A 136 -6.45 10.04 17.77
N LYS A 137 -5.93 8.82 17.94
CA LYS A 137 -5.89 7.80 16.87
C LYS A 137 -6.71 6.56 17.32
N LEU A 138 -7.93 6.43 16.77
CA LEU A 138 -8.87 5.36 17.15
C LEU A 138 -8.45 4.07 16.43
N ARG A 139 -7.84 3.17 17.20
CA ARG A 139 -7.17 1.98 16.68
C ARG A 139 -8.20 0.88 16.36
N LEU A 140 -8.23 0.44 15.09
CA LEU A 140 -9.10 -0.66 14.63
C LEU A 140 -8.25 -1.93 14.39
N LYS A 141 -8.59 -3.00 15.13
CA LYS A 141 -7.79 -4.23 15.21
C LYS A 141 -7.83 -5.04 13.90
N GLY A 142 -6.63 -5.40 13.40
CA GLY A 142 -6.50 -6.33 12.26
C GLY A 142 -6.70 -5.69 10.90
N LYS A 143 -6.80 -4.35 10.87
CA LYS A 143 -7.03 -3.60 9.62
C LYS A 143 -5.73 -3.29 8.88
N GLY A 144 -4.60 -3.29 9.60
CA GLY A 144 -3.28 -3.08 8.98
C GLY A 144 -2.74 -4.37 8.38
N PHE A 145 -1.61 -4.26 7.68
CA PHE A 145 -1.03 -5.38 6.90
C PHE A 145 -0.22 -6.35 7.79
N PRO A 146 -0.15 -7.67 7.40
CA PRO A 146 0.76 -8.66 8.03
C PRO A 146 2.23 -8.17 7.98
N GLY A 147 2.92 -8.26 9.12
CA GLY A 147 4.26 -7.74 9.27
C GLY A 147 4.99 -8.36 10.47
N PRO A 148 5.95 -7.63 11.12
CA PRO A 148 6.79 -8.16 12.22
C PRO A 148 5.98 -8.50 13.49
N ALA A 149 4.85 -7.80 13.70
CA ALA A 149 3.95 -8.00 14.86
C ALA A 149 2.63 -8.66 14.43
N GLY A 150 2.65 -9.34 13.27
CA GLY A 150 1.42 -9.84 12.62
C GLY A 150 0.73 -8.73 11.87
N ARG A 151 -0.61 -8.80 11.72
CA ARG A 151 -1.39 -7.72 11.11
C ARG A 151 -1.26 -6.43 11.96
N GLY A 152 -1.11 -5.29 11.28
CA GLY A 152 -1.13 -3.98 11.93
C GLY A 152 -2.54 -3.53 12.26
N ASP A 153 -2.72 -2.21 12.44
CA ASP A 153 -3.99 -1.62 12.92
C ASP A 153 -4.22 -0.27 12.24
N LEU A 154 -5.49 0.15 12.15
CA LEU A 154 -5.87 1.44 11.54
C LEU A 154 -6.06 2.50 12.63
N TYR A 155 -5.12 3.45 12.67
CA TYR A 155 -5.14 4.60 13.59
C TYR A 155 -5.86 5.79 12.92
N LEU A 156 -7.08 6.07 13.39
CA LEU A 156 -7.92 7.14 12.87
C LEU A 156 -7.68 8.47 13.60
N GLU A 157 -7.13 9.47 12.90
CA GLU A 157 -6.88 10.78 13.47
C GLU A 157 -8.21 11.57 13.50
N VAL A 158 -8.93 11.44 14.63
CA VAL A 158 -10.18 12.18 14.90
C VAL A 158 -9.93 13.70 14.77
N ARG A 159 -10.74 14.34 13.93
CA ARG A 159 -10.75 15.78 13.73
C ARG A 159 -12.21 16.23 13.83
N ILE A 160 -12.52 16.94 14.90
CA ILE A 160 -13.91 17.27 15.25
C ILE A 160 -14.39 18.53 14.50
N THR A 161 -15.47 18.36 13.72
CA THR A 161 -16.16 19.41 13.00
C THR A 161 -17.06 20.21 14.00
N ALA A 1 -0.50 -5.05 -20.81
CA ALA A 1 0.12 -4.56 -19.56
C ALA A 1 -0.97 -4.09 -18.59
N ALA A 2 -1.09 -4.75 -17.43
CA ALA A 2 -2.14 -4.44 -16.44
C ALA A 2 -1.77 -3.19 -15.63
N LEU A 3 -0.89 -3.37 -14.64
CA LEU A 3 -0.43 -2.28 -13.74
C LEU A 3 0.82 -1.62 -14.32
N VAL A 4 1.84 -2.46 -14.57
CA VAL A 4 3.11 -2.03 -15.15
C VAL A 4 2.98 -1.97 -16.68
N ALA A 5 3.20 -0.78 -17.25
CA ALA A 5 3.15 -0.57 -18.70
C ALA A 5 4.42 -1.12 -19.37
N HIS A 6 5.58 -0.70 -18.84
CA HIS A 6 6.92 -0.97 -19.38
C HIS A 6 7.99 -0.64 -18.32
N VAL A 7 9.27 -0.87 -18.66
CA VAL A 7 10.40 -0.60 -17.75
C VAL A 7 10.97 0.80 -17.95
N THR A 8 11.63 1.31 -16.90
CA THR A 8 12.37 2.56 -16.93
C THR A 8 13.67 2.36 -17.72
N SER A 9 14.43 1.34 -17.29
CA SER A 9 15.69 0.91 -17.92
C SER A 9 16.16 -0.41 -17.30
N GLY A 10 16.90 -1.21 -18.09
CA GLY A 10 17.52 -2.44 -17.61
C GLY A 10 18.96 -2.21 -17.16
N SER A 11 19.48 -3.15 -16.36
CA SER A 11 20.90 -3.17 -15.95
C SER A 11 21.46 -4.59 -16.19
N GLY A 12 22.78 -4.76 -16.07
CA GLY A 12 23.41 -6.05 -16.36
C GLY A 12 24.88 -6.08 -15.96
N GLY A 13 25.19 -6.87 -14.93
CA GLY A 13 26.55 -6.98 -14.42
C GLY A 13 27.36 -8.01 -15.19
N SER A 14 28.19 -7.52 -16.15
CA SER A 14 29.11 -8.37 -16.94
C SER A 14 30.08 -9.15 -16.03
N GLY A 15 30.46 -8.50 -14.92
CA GLY A 15 31.24 -9.11 -13.86
C GLY A 15 30.87 -8.52 -12.51
N GLY A 16 31.35 -9.16 -11.42
CA GLY A 16 30.98 -8.76 -10.07
C GLY A 16 29.66 -9.39 -9.64
N SER A 17 28.60 -9.08 -10.41
CA SER A 17 27.25 -9.60 -10.16
C SER A 17 27.18 -11.09 -10.55
N GLY A 18 26.97 -11.97 -9.54
CA GLY A 18 26.83 -13.42 -9.76
C GLY A 18 25.45 -13.95 -9.38
N GLY A 19 24.67 -13.13 -8.64
CA GLY A 19 23.33 -13.53 -8.17
C GLY A 19 22.26 -13.30 -9.21
N SER A 20 22.20 -12.07 -9.74
CA SER A 20 21.23 -11.67 -10.78
C SER A 20 21.94 -11.51 -12.13
N GLY A 21 21.28 -11.93 -13.22
CA GLY A 21 21.82 -11.79 -14.58
C GLY A 21 21.67 -10.38 -15.10
N ARG A 22 20.57 -10.11 -15.82
CA ARG A 22 20.17 -8.74 -16.19
C ARG A 22 19.13 -8.27 -15.17
N ASP A 23 19.43 -7.15 -14.50
CA ASP A 23 18.48 -6.50 -13.60
C ASP A 23 17.39 -5.82 -14.44
N LEU A 24 16.18 -5.74 -13.91
CA LEU A 24 15.06 -5.10 -14.62
C LEU A 24 14.38 -4.15 -13.62
N ARG A 25 14.12 -2.89 -14.03
CA ARG A 25 13.52 -1.88 -13.13
C ARG A 25 12.41 -1.15 -13.89
N ALA A 26 11.26 -0.97 -13.22
CA ALA A 26 10.06 -0.35 -13.80
C ALA A 26 9.29 0.43 -12.73
N GLU A 27 8.38 1.29 -13.18
CA GLU A 27 7.44 2.04 -12.33
C GLU A 27 6.02 1.79 -12.82
N LEU A 28 5.04 1.86 -11.92
CA LEU A 28 3.62 1.61 -12.26
C LEU A 28 2.71 2.50 -11.41
N PRO A 29 1.66 3.14 -11.99
CA PRO A 29 0.61 3.79 -11.20
C PRO A 29 -0.27 2.71 -10.54
N LEU A 30 -0.20 2.64 -9.22
CA LEU A 30 -0.98 1.71 -8.42
C LEU A 30 -2.06 2.50 -7.66
N THR A 31 -3.13 1.84 -7.25
CA THR A 31 -4.16 2.48 -6.40
C THR A 31 -3.87 2.16 -4.91
N LEU A 32 -4.45 2.96 -4.00
CA LEU A 32 -4.35 2.73 -2.55
C LEU A 32 -4.97 1.38 -2.18
N GLU A 33 -6.15 1.14 -2.74
CA GLU A 33 -6.89 -0.13 -2.56
C GLU A 33 -6.09 -1.35 -3.10
N GLU A 34 -5.31 -1.14 -4.19
CA GLU A 34 -4.45 -2.18 -4.79
C GLU A 34 -3.22 -2.44 -3.90
N ALA A 35 -2.74 -1.38 -3.24
CA ALA A 35 -1.70 -1.47 -2.21
C ALA A 35 -2.16 -2.30 -0.99
N PHE A 36 -3.45 -2.17 -0.65
CA PHE A 36 -4.09 -2.95 0.42
C PHE A 36 -4.18 -4.44 0.06
N HIS A 37 -4.89 -4.73 -1.02
CA HIS A 37 -5.27 -6.11 -1.40
C HIS A 37 -4.11 -6.89 -2.05
N GLY A 38 -3.16 -6.15 -2.68
CA GLY A 38 -2.06 -6.76 -3.43
C GLY A 38 -2.54 -7.60 -4.62
N GLY A 39 -2.18 -8.89 -4.62
CA GLY A 39 -2.69 -9.85 -5.63
C GLY A 39 -1.83 -9.95 -6.88
N GLU A 40 -2.18 -10.92 -7.74
CA GLU A 40 -1.53 -11.14 -9.04
C GLU A 40 -2.16 -10.20 -10.09
N ARG A 41 -1.31 -9.58 -10.92
CA ARG A 41 -1.71 -8.80 -12.11
C ARG A 41 -0.58 -8.96 -13.14
N VAL A 42 -0.90 -8.95 -14.45
CA VAL A 42 0.12 -9.23 -15.48
C VAL A 42 1.03 -8.00 -15.72
N VAL A 43 2.35 -8.26 -15.64
CA VAL A 43 3.39 -7.31 -16.03
C VAL A 43 3.84 -7.66 -17.46
N GLU A 44 3.84 -6.65 -18.34
CA GLU A 44 4.23 -6.81 -19.73
C GLU A 44 5.39 -5.84 -20.01
N VAL A 45 6.61 -6.37 -19.90
CA VAL A 45 7.86 -5.61 -19.98
C VAL A 45 8.86 -6.41 -20.83
N ALA A 46 9.60 -5.72 -21.73
CA ALA A 46 10.61 -6.34 -22.63
C ALA A 46 9.97 -7.38 -23.57
N GLY A 47 8.64 -7.28 -23.77
CA GLY A 47 7.89 -8.21 -24.62
C GLY A 47 7.46 -9.48 -23.90
N ARG A 48 7.75 -9.60 -22.58
CA ARG A 48 7.31 -10.76 -21.77
C ARG A 48 6.06 -10.37 -20.96
N ARG A 49 5.00 -11.17 -21.08
CA ARG A 49 3.74 -10.97 -20.35
C ARG A 49 3.55 -12.15 -19.38
N VAL A 50 3.59 -11.86 -18.07
CA VAL A 50 3.46 -12.88 -17.01
C VAL A 50 2.78 -12.25 -15.78
N SER A 51 1.99 -13.04 -15.04
CA SER A 51 1.30 -12.59 -13.82
C SER A 51 2.32 -12.36 -12.68
N VAL A 52 2.49 -11.10 -12.26
CA VAL A 52 3.34 -10.74 -11.11
C VAL A 52 2.48 -10.52 -9.86
N ARG A 53 2.94 -11.05 -8.71
CA ARG A 53 2.31 -10.77 -7.41
C ARG A 53 3.21 -9.78 -6.67
N ILE A 54 2.64 -8.65 -6.29
CA ILE A 54 3.33 -7.68 -5.44
C ILE A 54 2.67 -7.74 -4.03
N PRO A 55 3.50 -7.91 -2.93
CA PRO A 55 2.98 -8.16 -1.55
C PRO A 55 1.97 -7.10 -1.06
N PRO A 56 0.79 -7.54 -0.51
CA PRO A 56 -0.16 -6.63 0.17
C PRO A 56 0.52 -5.95 1.36
N GLY A 57 0.77 -4.64 1.24
CA GLY A 57 1.61 -3.91 2.19
C GLY A 57 2.53 -2.93 1.50
N VAL A 58 2.10 -2.41 0.34
CA VAL A 58 2.94 -1.55 -0.49
C VAL A 58 2.48 -0.06 -0.38
N ARG A 59 3.40 0.87 -0.68
CA ARG A 59 3.28 2.31 -0.35
C ARG A 59 3.78 3.18 -1.52
N GLU A 60 3.43 4.47 -1.50
CA GLU A 60 3.98 5.50 -2.39
C GLU A 60 5.53 5.45 -2.49
N GLY A 61 6.03 5.18 -3.71
CA GLY A 61 7.47 5.13 -4.00
C GLY A 61 8.14 3.85 -3.53
N SER A 62 7.35 2.86 -3.07
CA SER A 62 7.87 1.58 -2.56
C SER A 62 8.29 0.68 -3.73
N VAL A 63 9.52 0.17 -3.65
CA VAL A 63 10.12 -0.67 -4.69
C VAL A 63 9.93 -2.17 -4.34
N ILE A 64 9.45 -2.97 -5.32
CA ILE A 64 9.09 -4.39 -5.11
C ILE A 64 9.98 -5.31 -5.95
N ARG A 65 10.80 -6.15 -5.31
CA ARG A 65 11.71 -7.08 -5.99
C ARG A 65 11.00 -8.38 -6.34
N VAL A 66 10.88 -8.70 -7.64
CA VAL A 66 10.25 -9.96 -8.10
C VAL A 66 11.29 -10.79 -8.93
N PRO A 67 11.81 -11.93 -8.35
CA PRO A 67 12.89 -12.73 -8.99
C PRO A 67 12.39 -13.55 -10.20
N GLY A 68 13.32 -13.83 -11.15
CA GLY A 68 13.00 -14.60 -12.34
C GLY A 68 12.15 -13.83 -13.36
N MET A 69 12.23 -12.49 -13.30
CA MET A 69 11.44 -11.61 -14.19
C MET A 69 12.36 -10.90 -15.19
N GLY A 70 13.56 -10.53 -14.74
CA GLY A 70 14.57 -9.94 -15.60
C GLY A 70 15.29 -10.96 -16.48
N GLY A 71 16.61 -10.78 -16.64
CA GLY A 71 17.44 -11.62 -17.50
C GLY A 71 17.58 -13.05 -17.02
N GLN A 72 16.97 -13.99 -17.75
CA GLN A 72 17.05 -15.43 -17.46
C GLN A 72 18.28 -16.06 -18.16
N GLY A 73 18.65 -17.25 -17.69
CA GLY A 73 19.77 -18.01 -18.23
C GLY A 73 20.26 -18.98 -17.18
N ASN A 74 21.04 -18.46 -16.22
CA ASN A 74 21.44 -19.20 -15.00
C ASN A 74 21.27 -18.29 -13.74
N PRO A 75 21.93 -17.06 -13.66
CA PRO A 75 21.56 -16.07 -12.62
C PRO A 75 20.24 -15.36 -13.00
N PRO A 76 19.12 -15.60 -12.25
CA PRO A 76 17.81 -15.01 -12.57
C PRO A 76 17.77 -13.52 -12.22
N GLY A 77 17.41 -12.67 -13.20
CA GLY A 77 17.20 -11.26 -12.96
C GLY A 77 15.88 -10.98 -12.26
N ASP A 78 15.83 -9.89 -11.50
CA ASP A 78 14.62 -9.47 -10.77
C ASP A 78 13.98 -8.29 -11.51
N LEU A 79 12.80 -7.89 -11.05
CA LEU A 79 12.15 -6.66 -11.52
C LEU A 79 11.71 -5.83 -10.31
N LEU A 80 12.34 -4.66 -10.17
CA LEU A 80 12.04 -3.68 -9.12
C LEU A 80 10.89 -2.75 -9.56
N LEU A 81 9.69 -3.02 -9.03
CA LEU A 81 8.48 -2.25 -9.30
C LEU A 81 8.27 -1.11 -8.27
N VAL A 82 8.60 0.13 -8.70
CA VAL A 82 8.36 1.35 -7.91
C VAL A 82 6.93 1.84 -8.19
N VAL A 83 6.01 1.63 -7.24
CA VAL A 83 4.61 2.01 -7.43
C VAL A 83 4.38 3.52 -7.15
N ARG A 84 3.36 4.04 -7.83
CA ARG A 84 2.92 5.44 -7.74
C ARG A 84 1.43 5.42 -7.37
N LEU A 85 1.12 5.59 -6.07
CA LEU A 85 -0.27 5.57 -5.59
C LEU A 85 -1.06 6.78 -6.14
N LEU A 86 -2.30 6.51 -6.64
CA LEU A 86 -3.16 7.51 -7.31
C LEU A 86 -3.40 8.74 -6.40
N PRO A 87 -3.54 9.98 -6.98
CA PRO A 87 -3.71 11.23 -6.20
C PRO A 87 -5.08 11.33 -5.50
N HIS A 88 -5.22 10.64 -4.36
CA HIS A 88 -6.39 10.70 -3.47
C HIS A 88 -6.00 10.15 -2.06
N PRO A 89 -4.96 10.75 -1.38
CA PRO A 89 -4.36 10.15 -0.17
C PRO A 89 -5.36 10.12 1.02
N VAL A 90 -5.62 8.92 1.55
CA VAL A 90 -6.53 8.72 2.69
C VAL A 90 -5.88 7.76 3.69
N PHE A 91 -5.23 6.71 3.17
CA PHE A 91 -4.55 5.70 4.00
C PHE A 91 -3.02 5.80 3.87
N ARG A 92 -2.36 5.97 5.02
CA ARG A 92 -0.89 6.01 5.15
C ARG A 92 -0.46 4.80 5.99
N LEU A 93 0.29 3.87 5.38
CA LEU A 93 0.82 2.67 6.08
C LEU A 93 2.17 3.00 6.76
N GLU A 94 2.40 2.40 7.92
CA GLU A 94 3.62 2.52 8.71
C GLU A 94 3.87 1.13 9.32
N GLY A 95 4.78 0.35 8.71
CA GLY A 95 5.00 -1.05 9.09
C GLY A 95 3.77 -1.92 8.83
N GLN A 96 2.85 -1.99 9.80
CA GLN A 96 1.57 -2.71 9.69
C GLN A 96 0.40 -1.80 10.15
N ASP A 97 0.75 -0.67 10.78
CA ASP A 97 -0.23 0.33 11.30
C ASP A 97 -0.65 1.32 10.22
N LEU A 98 -1.87 1.81 10.33
CA LEU A 98 -2.48 2.73 9.38
C LEU A 98 -2.75 4.08 10.01
N TYR A 99 -2.93 5.08 9.13
CA TYR A 99 -3.32 6.43 9.49
C TYR A 99 -4.30 6.92 8.42
N ALA A 100 -5.53 7.22 8.83
CA ALA A 100 -6.60 7.62 7.90
C ALA A 100 -7.43 8.72 8.52
N THR A 101 -7.63 9.81 7.78
CA THR A 101 -8.28 11.00 8.31
C THR A 101 -9.81 10.80 8.39
N LEU A 102 -10.33 10.81 9.62
CA LEU A 102 -11.76 10.65 9.93
C LEU A 102 -12.34 11.99 10.36
N ASP A 103 -13.24 12.54 9.54
CA ASP A 103 -14.05 13.68 9.91
C ASP A 103 -15.29 13.20 10.69
N VAL A 104 -15.55 13.80 11.86
CA VAL A 104 -16.74 13.50 12.69
C VAL A 104 -17.48 14.81 12.97
N PRO A 105 -18.85 14.84 12.97
CA PRO A 105 -19.60 16.02 13.45
C PRO A 105 -19.36 16.26 14.94
N ALA A 106 -19.24 17.55 15.33
CA ALA A 106 -18.98 17.97 16.73
C ALA A 106 -20.00 17.40 17.75
N PRO A 107 -21.36 17.40 17.43
CA PRO A 107 -22.36 16.67 18.25
C PRO A 107 -21.98 15.20 18.58
N ILE A 108 -21.53 14.42 17.57
CA ILE A 108 -21.12 13.02 17.78
C ILE A 108 -19.85 12.94 18.64
N ALA A 109 -18.88 13.81 18.33
CA ALA A 109 -17.59 13.87 19.03
C ALA A 109 -17.78 13.94 20.55
N VAL A 110 -18.73 14.78 20.99
CA VAL A 110 -19.01 14.96 22.42
C VAL A 110 -20.09 13.97 22.97
N VAL A 111 -21.33 13.98 22.41
CA VAL A 111 -22.47 13.20 22.98
C VAL A 111 -22.78 11.91 22.19
N GLY A 112 -22.42 11.85 20.90
CA GLY A 112 -22.80 10.72 20.05
C GLY A 112 -21.97 9.49 20.35
N GLY A 113 -20.72 9.49 19.88
CA GLY A 113 -19.76 8.46 20.20
C GLY A 113 -19.67 7.33 19.18
N LYS A 114 -20.49 7.40 18.10
CA LYS A 114 -20.49 6.38 17.03
C LYS A 114 -20.59 7.09 15.68
N VAL A 115 -19.73 6.70 14.73
CA VAL A 115 -19.63 7.33 13.42
C VAL A 115 -19.09 6.30 12.41
N ARG A 116 -19.61 6.33 11.17
CA ARG A 116 -19.11 5.45 10.09
C ARG A 116 -17.78 6.00 9.53
N ALA A 117 -16.91 5.09 9.06
CA ALA A 117 -15.65 5.45 8.39
C ALA A 117 -15.40 4.51 7.22
N MET A 118 -14.56 4.95 6.28
CA MET A 118 -14.20 4.18 5.10
C MET A 118 -12.78 3.64 5.23
N THR A 119 -12.58 2.42 4.70
CA THR A 119 -11.27 1.80 4.55
C THR A 119 -11.14 1.21 3.15
N LEU A 120 -9.90 0.88 2.77
CA LEU A 120 -9.55 0.30 1.47
C LEU A 120 -10.19 -1.08 1.26
N GLU A 121 -10.67 -1.71 2.35
CA GLU A 121 -11.33 -3.02 2.32
C GLU A 121 -12.89 -2.90 2.24
N GLY A 122 -13.44 -1.73 2.66
CA GLY A 122 -14.89 -1.51 2.71
C GLY A 122 -15.31 -0.57 3.85
N PRO A 123 -16.55 -0.70 4.41
CA PRO A 123 -17.04 0.18 5.51
C PRO A 123 -16.74 -0.38 6.93
N VAL A 124 -16.22 0.49 7.82
CA VAL A 124 -16.05 0.19 9.26
C VAL A 124 -16.94 1.11 10.11
N GLU A 125 -17.21 0.69 11.36
CA GLU A 125 -17.98 1.48 12.35
C GLU A 125 -17.05 1.85 13.52
N VAL A 126 -16.78 3.15 13.65
CA VAL A 126 -15.90 3.69 14.69
C VAL A 126 -16.72 4.14 15.90
N ALA A 127 -16.38 3.64 17.08
CA ALA A 127 -16.98 4.08 18.34
C ALA A 127 -15.95 4.93 19.06
N VAL A 128 -16.09 6.26 18.94
CA VAL A 128 -15.16 7.21 19.56
C VAL A 128 -15.53 7.33 21.07
N PRO A 129 -14.53 7.24 22.01
CA PRO A 129 -14.80 7.42 23.45
C PRO A 129 -15.47 8.79 23.76
N PRO A 130 -16.62 8.80 24.54
CA PRO A 130 -17.46 10.01 24.80
C PRO A 130 -16.65 11.29 25.09
N ARG A 131 -16.91 12.36 24.31
CA ARG A 131 -16.16 13.62 24.36
C ARG A 131 -14.67 13.41 23.93
N THR A 132 -14.46 13.20 22.62
CA THR A 132 -13.12 13.07 22.01
C THR A 132 -12.58 14.46 21.61
N GLN A 133 -11.30 14.51 21.19
CA GLN A 133 -10.60 15.75 20.80
C GLN A 133 -9.97 15.57 19.41
N ALA A 134 -10.05 16.62 18.56
CA ALA A 134 -9.44 16.62 17.23
C ALA A 134 -7.91 16.64 17.35
N GLY A 135 -7.24 15.72 16.65
CA GLY A 135 -5.80 15.51 16.82
C GLY A 135 -5.47 14.14 17.38
N ARG A 136 -6.50 13.34 17.73
CA ARG A 136 -6.30 11.98 18.30
C ARG A 136 -6.32 10.91 17.20
N LYS A 137 -5.80 9.71 17.53
CA LYS A 137 -5.68 8.58 16.57
C LYS A 137 -6.52 7.39 17.10
N LEU A 138 -7.70 7.16 16.47
CA LEU A 138 -8.69 6.18 16.95
C LEU A 138 -8.33 4.78 16.43
N ARG A 139 -8.00 3.86 17.35
CA ARG A 139 -7.44 2.54 17.03
C ARG A 139 -8.54 1.49 16.76
N LEU A 140 -8.66 1.09 15.49
CA LEU A 140 -9.51 -0.04 15.06
C LEU A 140 -8.62 -1.27 14.87
N LYS A 141 -8.67 -2.20 15.84
CA LYS A 141 -7.75 -3.35 15.89
C LYS A 141 -8.09 -4.41 14.84
N GLY A 142 -7.04 -4.97 14.20
CA GLY A 142 -7.21 -6.02 13.20
C GLY A 142 -7.60 -5.50 11.83
N LYS A 143 -7.62 -4.17 11.65
CA LYS A 143 -7.96 -3.53 10.37
C LYS A 143 -6.74 -2.93 9.67
N GLY A 144 -5.55 -3.23 10.23
CA GLY A 144 -4.27 -2.90 9.57
C GLY A 144 -3.70 -4.09 8.81
N PHE A 145 -2.54 -3.88 8.21
CA PHE A 145 -1.86 -4.85 7.33
C PHE A 145 -1.18 -6.00 8.13
N PRO A 146 -0.83 -7.16 7.46
CA PRO A 146 -0.05 -8.26 8.09
C PRO A 146 1.26 -7.77 8.77
N GLY A 147 1.45 -8.17 10.04
CA GLY A 147 2.63 -7.78 10.83
C GLY A 147 2.91 -8.77 11.96
N PRO A 148 3.73 -8.38 12.99
CA PRO A 148 4.14 -9.29 14.10
C PRO A 148 2.95 -9.81 14.93
N ALA A 149 1.89 -8.99 15.03
CA ALA A 149 0.65 -9.32 15.76
C ALA A 149 -0.39 -10.00 14.84
N GLY A 150 0.07 -10.60 13.73
CA GLY A 150 -0.80 -11.20 12.72
C GLY A 150 -1.33 -10.14 11.75
N ARG A 151 -2.22 -9.28 12.28
CA ARG A 151 -2.75 -8.10 11.58
C ARG A 151 -2.32 -6.84 12.36
N GLY A 152 -2.38 -5.69 11.67
CA GLY A 152 -2.06 -4.41 12.28
C GLY A 152 -3.30 -3.68 12.77
N ASP A 153 -3.18 -2.36 12.91
CA ASP A 153 -4.26 -1.52 13.45
C ASP A 153 -4.45 -0.29 12.55
N LEU A 154 -5.66 0.30 12.58
CA LEU A 154 -5.97 1.57 11.92
C LEU A 154 -6.02 2.69 12.98
N TYR A 155 -5.29 3.79 12.74
CA TYR A 155 -5.29 4.97 13.62
C TYR A 155 -5.89 6.16 12.86
N LEU A 156 -7.11 6.55 13.23
CA LEU A 156 -7.89 7.57 12.54
C LEU A 156 -7.57 8.97 13.05
N GLU A 157 -7.20 9.89 12.15
CA GLU A 157 -6.96 11.28 12.51
C GLU A 157 -8.33 11.96 12.64
N VAL A 158 -8.87 11.94 13.88
CA VAL A 158 -10.18 12.54 14.19
C VAL A 158 -10.13 14.06 13.97
N ARG A 159 -11.05 14.52 13.13
CA ARG A 159 -11.19 15.91 12.74
C ARG A 159 -12.62 16.35 13.06
N ILE A 160 -12.79 16.95 14.24
CA ILE A 160 -14.08 17.39 14.75
C ILE A 160 -14.52 18.67 14.01
N THR A 161 -15.50 18.52 13.13
CA THR A 161 -16.06 19.60 12.31
C THR A 161 -17.45 19.99 12.87
N ALA A 1 -0.73 -4.66 -21.19
CA ALA A 1 -0.32 -4.70 -19.76
C ALA A 1 -1.54 -4.44 -18.85
N ALA A 2 -1.34 -4.56 -17.52
CA ALA A 2 -2.40 -4.32 -16.54
C ALA A 2 -2.03 -3.13 -15.64
N LEU A 3 -1.13 -3.35 -14.65
CA LEU A 3 -0.64 -2.28 -13.75
C LEU A 3 0.53 -1.52 -14.39
N VAL A 4 1.60 -2.27 -14.76
CA VAL A 4 2.79 -1.70 -15.38
C VAL A 4 2.46 -0.93 -16.67
N ALA A 5 3.05 0.25 -16.81
CA ALA A 5 2.93 1.07 -18.02
C ALA A 5 3.92 0.54 -19.07
N HIS A 6 5.22 0.58 -18.71
CA HIS A 6 6.35 0.18 -19.58
C HIS A 6 7.60 -0.03 -18.69
N VAL A 7 8.59 -0.79 -19.21
CA VAL A 7 9.84 -1.06 -18.48
C VAL A 7 10.79 0.17 -18.57
N THR A 8 11.26 0.63 -17.40
CA THR A 8 12.17 1.79 -17.29
C THR A 8 13.63 1.36 -17.54
N SER A 9 14.43 2.29 -18.07
CA SER A 9 15.87 2.08 -18.30
C SER A 9 16.60 1.99 -16.93
N GLY A 10 17.66 1.16 -16.85
CA GLY A 10 18.34 0.91 -15.58
C GLY A 10 19.80 0.55 -15.76
N SER A 11 20.66 1.22 -14.97
CA SER A 11 22.12 0.98 -14.97
C SER A 11 22.45 -0.44 -14.50
N GLY A 12 23.55 -1.01 -15.05
CA GLY A 12 23.97 -2.37 -14.74
C GLY A 12 25.10 -2.84 -15.64
N GLY A 13 25.12 -2.30 -16.88
CA GLY A 13 26.17 -2.59 -17.86
C GLY A 13 25.78 -3.73 -18.81
N SER A 14 26.79 -4.25 -19.55
CA SER A 14 26.60 -5.38 -20.49
C SER A 14 27.69 -6.43 -20.27
N GLY A 15 27.25 -7.68 -19.96
CA GLY A 15 28.16 -8.82 -19.85
C GLY A 15 28.81 -9.16 -21.18
N GLY A 16 28.01 -9.06 -22.26
CA GLY A 16 28.50 -9.12 -23.64
C GLY A 16 28.70 -7.74 -24.23
N SER A 17 28.72 -7.65 -25.57
CA SER A 17 28.78 -6.37 -26.31
C SER A 17 27.41 -5.65 -26.30
N GLY A 18 26.34 -6.45 -26.31
CA GLY A 18 24.96 -5.94 -26.30
C GLY A 18 24.02 -6.92 -25.59
N GLY A 19 24.33 -8.23 -25.72
CA GLY A 19 23.63 -9.27 -24.98
C GLY A 19 23.89 -9.17 -23.48
N SER A 20 23.06 -8.38 -22.80
CA SER A 20 23.14 -8.16 -21.36
C SER A 20 21.91 -8.77 -20.68
N GLY A 21 22.14 -9.66 -19.70
CA GLY A 21 21.08 -10.21 -18.87
C GLY A 21 20.73 -9.25 -17.75
N ARG A 22 20.19 -8.09 -18.14
CA ARG A 22 19.82 -7.00 -17.21
C ARG A 22 18.59 -7.39 -16.38
N ASP A 23 18.53 -6.89 -15.13
CA ASP A 23 17.33 -7.02 -14.29
C ASP A 23 16.28 -6.06 -14.84
N LEU A 24 15.01 -6.41 -14.68
CA LEU A 24 13.91 -5.63 -15.20
C LEU A 24 13.44 -4.71 -14.10
N ARG A 25 13.13 -3.48 -14.47
CA ARG A 25 12.63 -2.48 -13.52
C ARG A 25 11.66 -1.58 -14.24
N ALA A 26 10.53 -1.30 -13.60
CA ALA A 26 9.42 -0.59 -14.23
C ALA A 26 8.57 0.06 -13.14
N GLU A 27 8.12 1.29 -13.38
CA GLU A 27 7.18 1.98 -12.50
C GLU A 27 5.75 1.80 -13.01
N LEU A 28 4.79 1.75 -12.09
CA LEU A 28 3.39 1.39 -12.40
C LEU A 28 2.41 2.19 -11.54
N PRO A 29 1.34 2.81 -12.15
CA PRO A 29 0.30 3.51 -11.37
C PRO A 29 -0.54 2.52 -10.54
N LEU A 30 -0.48 2.64 -9.21
CA LEU A 30 -1.23 1.79 -8.28
C LEU A 30 -2.16 2.69 -7.45
N THR A 31 -3.29 2.13 -7.01
CA THR A 31 -4.23 2.82 -6.13
C THR A 31 -3.84 2.56 -4.66
N LEU A 32 -4.28 3.44 -3.74
CA LEU A 32 -4.04 3.31 -2.28
C LEU A 32 -4.55 1.94 -1.76
N GLU A 33 -5.81 1.64 -2.11
CA GLU A 33 -6.47 0.37 -1.79
C GLU A 33 -5.65 -0.83 -2.31
N GLU A 34 -5.05 -0.66 -3.49
CA GLU A 34 -4.27 -1.71 -4.17
C GLU A 34 -2.85 -1.83 -3.56
N ALA A 35 -2.40 -0.80 -2.84
CA ALA A 35 -1.22 -0.89 -1.97
C ALA A 35 -1.48 -1.86 -0.80
N PHE A 36 -2.69 -1.75 -0.21
CA PHE A 36 -3.16 -2.71 0.83
C PHE A 36 -3.34 -4.10 0.25
N HIS A 37 -4.03 -4.18 -0.89
CA HIS A 37 -4.45 -5.48 -1.48
C HIS A 37 -3.26 -6.23 -2.13
N GLY A 38 -2.48 -5.50 -2.94
CA GLY A 38 -1.40 -6.09 -3.76
C GLY A 38 -1.96 -7.16 -4.70
N GLY A 39 -1.63 -8.43 -4.42
CA GLY A 39 -2.29 -9.59 -5.04
C GLY A 39 -1.84 -9.91 -6.44
N GLU A 40 -2.67 -10.72 -7.13
CA GLU A 40 -2.39 -11.25 -8.47
C GLU A 40 -2.65 -10.19 -9.55
N ARG A 41 -1.73 -10.09 -10.52
CA ARG A 41 -1.83 -9.21 -11.69
C ARG A 41 -0.94 -9.75 -12.83
N VAL A 42 -1.09 -9.23 -14.06
CA VAL A 42 -0.21 -9.59 -15.18
C VAL A 42 0.71 -8.40 -15.57
N VAL A 43 1.99 -8.68 -15.81
CA VAL A 43 2.97 -7.73 -16.33
C VAL A 43 3.53 -8.27 -17.65
N GLU A 44 3.69 -7.40 -18.64
CA GLU A 44 4.39 -7.73 -19.89
C GLU A 44 5.49 -6.68 -20.15
N VAL A 45 6.72 -7.06 -19.78
CA VAL A 45 7.93 -6.23 -19.91
C VAL A 45 9.03 -7.05 -20.59
N ALA A 46 9.78 -6.40 -21.51
CA ALA A 46 10.82 -7.05 -22.34
C ALA A 46 10.23 -8.12 -23.28
N GLY A 47 8.93 -7.97 -23.60
CA GLY A 47 8.20 -8.93 -24.44
C GLY A 47 7.72 -10.15 -23.66
N ARG A 48 8.08 -10.24 -22.37
CA ARG A 48 7.75 -11.38 -21.52
C ARG A 48 6.50 -11.06 -20.69
N ARG A 49 5.41 -11.82 -20.92
CA ARG A 49 4.15 -11.65 -20.21
C ARG A 49 4.05 -12.73 -19.12
N VAL A 50 4.24 -12.32 -17.86
CA VAL A 50 4.23 -13.23 -16.68
C VAL A 50 3.24 -12.68 -15.63
N SER A 51 2.54 -13.59 -14.95
CA SER A 51 1.64 -13.24 -13.85
C SER A 51 2.47 -12.95 -12.56
N VAL A 52 2.41 -11.69 -12.11
CA VAL A 52 3.12 -11.22 -10.91
C VAL A 52 2.17 -11.18 -9.69
N ARG A 53 2.64 -11.65 -8.53
CA ARG A 53 1.94 -11.46 -7.25
C ARG A 53 2.77 -10.51 -6.39
N ILE A 54 2.43 -9.21 -6.43
CA ILE A 54 3.08 -8.21 -5.56
C ILE A 54 2.39 -8.25 -4.18
N PRO A 55 3.18 -8.37 -3.06
CA PRO A 55 2.62 -8.67 -1.72
C PRO A 55 1.79 -7.49 -1.14
N PRO A 56 0.72 -7.79 -0.33
CA PRO A 56 -0.04 -6.76 0.40
C PRO A 56 0.85 -6.06 1.46
N GLY A 57 1.18 -4.77 1.24
CA GLY A 57 2.11 -4.05 2.12
C GLY A 57 3.04 -3.08 1.39
N VAL A 58 2.55 -2.51 0.28
CA VAL A 58 3.35 -1.61 -0.59
C VAL A 58 2.88 -0.13 -0.39
N ARG A 59 3.70 0.84 -0.86
CA ARG A 59 3.52 2.30 -0.64
C ARG A 59 3.98 3.06 -1.91
N GLU A 60 3.64 4.35 -2.00
CA GLU A 60 4.22 5.28 -3.01
C GLU A 60 5.76 5.27 -2.92
N GLY A 61 6.42 4.94 -4.04
CA GLY A 61 7.88 4.89 -4.12
C GLY A 61 8.45 3.53 -3.74
N SER A 62 7.61 2.63 -3.17
CA SER A 62 8.05 1.30 -2.73
C SER A 62 8.35 0.41 -3.96
N VAL A 63 9.54 -0.20 -3.91
CA VAL A 63 10.12 -0.97 -5.01
C VAL A 63 10.00 -2.48 -4.70
N ILE A 64 9.27 -3.22 -5.56
CA ILE A 64 8.89 -4.61 -5.31
C ILE A 64 9.78 -5.56 -6.14
N ARG A 65 10.56 -6.40 -5.45
CA ARG A 65 11.49 -7.36 -6.09
C ARG A 65 10.77 -8.70 -6.36
N VAL A 66 10.54 -9.05 -7.65
CA VAL A 66 9.85 -10.31 -8.04
C VAL A 66 10.78 -11.19 -8.94
N PRO A 67 11.42 -12.27 -8.37
CA PRO A 67 12.38 -13.14 -9.13
C PRO A 67 11.72 -13.88 -10.31
N GLY A 68 12.52 -14.18 -11.36
CA GLY A 68 12.06 -14.94 -12.53
C GLY A 68 11.85 -14.10 -13.79
N MET A 69 11.54 -12.78 -13.67
CA MET A 69 11.29 -11.90 -14.84
C MET A 69 12.61 -11.42 -15.47
N GLY A 70 13.46 -10.79 -14.64
CA GLY A 70 14.75 -10.23 -15.10
C GLY A 70 15.79 -11.29 -15.47
N GLY A 71 16.97 -10.83 -15.89
CA GLY A 71 18.05 -11.72 -16.34
C GLY A 71 19.06 -12.05 -15.25
N GLN A 72 19.57 -10.99 -14.58
CA GLN A 72 20.81 -11.01 -13.75
C GLN A 72 21.06 -12.30 -12.93
N GLY A 73 22.27 -12.87 -13.11
CA GLY A 73 22.69 -14.12 -12.46
C GLY A 73 22.37 -15.34 -13.31
N ASN A 74 22.97 -16.50 -12.95
CA ASN A 74 22.65 -17.79 -13.60
C ASN A 74 21.17 -18.20 -13.28
N PRO A 75 20.66 -18.06 -12.00
CA PRO A 75 19.19 -18.05 -11.76
C PRO A 75 18.56 -16.78 -12.37
N PRO A 76 17.32 -16.85 -12.94
CA PRO A 76 16.69 -15.69 -13.60
C PRO A 76 16.41 -14.55 -12.60
N GLY A 77 16.90 -13.33 -12.93
CA GLY A 77 16.77 -12.15 -12.07
C GLY A 77 15.33 -11.68 -11.87
N ASP A 78 15.19 -10.51 -11.25
CA ASP A 78 13.91 -10.01 -10.75
C ASP A 78 13.39 -8.84 -11.58
N LEU A 79 12.16 -8.44 -11.26
CA LEU A 79 11.50 -7.24 -11.79
C LEU A 79 11.16 -6.33 -10.61
N LEU A 80 11.78 -5.14 -10.61
CA LEU A 80 11.55 -4.10 -9.60
C LEU A 80 10.40 -3.18 -10.02
N LEU A 81 9.22 -3.43 -9.44
CA LEU A 81 8.02 -2.61 -9.66
C LEU A 81 7.92 -1.49 -8.61
N VAL A 82 8.24 -0.25 -9.05
CA VAL A 82 8.17 0.97 -8.22
C VAL A 82 6.77 1.60 -8.40
N VAL A 83 5.86 1.38 -7.43
CA VAL A 83 4.45 1.81 -7.61
C VAL A 83 4.28 3.33 -7.41
N ARG A 84 3.29 3.87 -8.12
CA ARG A 84 2.92 5.29 -8.12
C ARG A 84 1.50 5.40 -7.55
N LEU A 85 1.39 5.60 -6.23
CA LEU A 85 0.09 5.82 -5.57
C LEU A 85 -0.47 7.20 -5.96
N LEU A 86 -1.81 7.28 -6.01
CA LEU A 86 -2.54 8.48 -6.46
C LEU A 86 -2.13 9.75 -5.66
N PRO A 87 -2.09 10.96 -6.32
CA PRO A 87 -1.81 12.26 -5.65
C PRO A 87 -2.90 12.69 -4.64
N HIS A 88 -3.92 11.83 -4.50
CA HIS A 88 -4.82 11.78 -3.34
C HIS A 88 -4.22 10.79 -2.32
N PRO A 89 -3.47 11.26 -1.27
CA PRO A 89 -3.09 10.42 -0.13
C PRO A 89 -3.98 10.69 1.12
N VAL A 90 -4.59 9.63 1.65
CA VAL A 90 -5.43 9.71 2.86
C VAL A 90 -4.78 8.92 4.00
N PHE A 91 -4.26 7.74 3.65
CA PHE A 91 -3.64 6.82 4.62
C PHE A 91 -2.12 6.93 4.54
N ARG A 92 -1.47 7.18 5.70
CA ARG A 92 -0.02 7.10 5.82
C ARG A 92 0.30 5.75 6.46
N LEU A 93 0.92 4.86 5.67
CA LEU A 93 1.43 3.59 6.17
C LEU A 93 2.81 3.83 6.79
N GLU A 94 2.91 3.59 8.10
CA GLU A 94 4.14 3.74 8.87
C GLU A 94 4.40 2.42 9.62
N GLY A 95 5.32 1.58 9.07
CA GLY A 95 5.69 0.29 9.66
C GLY A 95 4.50 -0.65 9.89
N GLN A 96 3.74 -0.94 8.80
CA GLN A 96 2.51 -1.83 8.81
C GLN A 96 1.30 -1.20 9.58
N ASP A 97 1.54 -0.04 10.22
CA ASP A 97 0.56 0.69 11.03
C ASP A 97 -0.05 1.81 10.18
N LEU A 98 -1.30 2.17 10.44
CA LEU A 98 -2.03 3.17 9.65
C LEU A 98 -2.29 4.46 10.43
N TYR A 99 -2.33 5.55 9.67
CA TYR A 99 -2.74 6.86 10.16
C TYR A 99 -3.72 7.44 9.14
N ALA A 100 -4.93 7.74 9.61
CA ALA A 100 -6.00 8.36 8.81
C ALA A 100 -6.61 9.51 9.58
N THR A 101 -7.46 10.29 8.91
CA THR A 101 -8.25 11.34 9.53
C THR A 101 -9.73 10.92 9.55
N LEU A 102 -10.37 11.09 10.70
CA LEU A 102 -11.80 10.83 10.89
C LEU A 102 -12.51 12.16 11.14
N ASP A 103 -13.34 12.59 10.19
CA ASP A 103 -14.16 13.80 10.35
C ASP A 103 -15.51 13.43 10.95
N VAL A 104 -15.64 13.70 12.25
CA VAL A 104 -16.82 13.35 13.05
C VAL A 104 -17.60 14.64 13.41
N PRO A 105 -18.95 14.67 13.21
CA PRO A 105 -19.80 15.81 13.64
C PRO A 105 -19.68 16.13 15.15
N ALA A 106 -19.77 17.43 15.48
CA ALA A 106 -19.76 17.94 16.87
C ALA A 106 -20.83 17.28 17.79
N PRO A 107 -22.15 17.13 17.35
CA PRO A 107 -23.18 16.43 18.16
C PRO A 107 -22.77 14.96 18.45
N ILE A 108 -22.25 14.24 17.44
CA ILE A 108 -21.79 12.83 17.58
C ILE A 108 -20.61 12.75 18.56
N ALA A 109 -19.72 13.74 18.51
CA ALA A 109 -18.50 13.79 19.33
C ALA A 109 -18.83 13.83 20.84
N VAL A 110 -19.78 14.72 21.22
CA VAL A 110 -20.16 14.91 22.63
C VAL A 110 -21.06 13.78 23.17
N VAL A 111 -21.98 13.25 22.31
CA VAL A 111 -22.90 12.14 22.72
C VAL A 111 -22.19 10.78 22.64
N GLY A 112 -21.16 10.71 21.79
CA GLY A 112 -20.45 9.47 21.48
C GLY A 112 -21.28 8.55 20.61
N GLY A 113 -21.49 8.93 19.34
CA GLY A 113 -22.28 8.14 18.41
C GLY A 113 -21.44 7.22 17.52
N LYS A 114 -21.94 6.98 16.32
CA LYS A 114 -21.41 6.02 15.36
C LYS A 114 -21.15 6.73 14.03
N VAL A 115 -19.91 6.61 13.54
CA VAL A 115 -19.50 7.11 12.21
C VAL A 115 -18.75 5.99 11.48
N ARG A 116 -18.61 6.12 10.15
CA ARG A 116 -17.84 5.17 9.33
C ARG A 116 -16.50 5.78 8.96
N ALA A 117 -15.48 4.93 8.82
CA ALA A 117 -14.15 5.32 8.36
C ALA A 117 -13.82 4.53 7.08
N MET A 118 -13.28 5.24 6.08
CA MET A 118 -12.87 4.64 4.80
C MET A 118 -11.43 4.13 4.93
N THR A 119 -11.24 2.80 4.99
CA THR A 119 -9.88 2.20 4.99
C THR A 119 -9.63 1.48 3.67
N LEU A 120 -8.38 1.09 3.45
CA LEU A 120 -7.92 0.50 2.18
C LEU A 120 -8.39 -0.96 2.01
N GLU A 121 -8.94 -1.54 3.09
CA GLU A 121 -9.56 -2.87 3.08
C GLU A 121 -11.05 -2.78 2.66
N GLY A 122 -11.64 -1.57 2.82
CA GLY A 122 -13.07 -1.35 2.60
C GLY A 122 -13.66 -0.41 3.66
N PRO A 123 -15.01 -0.25 3.75
CA PRO A 123 -15.64 0.57 4.81
C PRO A 123 -15.67 -0.15 6.17
N VAL A 124 -15.15 0.52 7.21
CA VAL A 124 -15.25 0.05 8.61
C VAL A 124 -16.20 0.98 9.39
N GLU A 125 -16.66 0.52 10.55
CA GLU A 125 -17.48 1.33 11.46
C GLU A 125 -16.70 1.59 12.75
N VAL A 126 -16.60 2.87 13.12
CA VAL A 126 -15.98 3.31 14.36
C VAL A 126 -17.01 4.10 15.21
N ALA A 127 -17.31 3.58 16.39
CA ALA A 127 -18.17 4.26 17.37
C ALA A 127 -17.29 5.15 18.25
N VAL A 128 -17.46 6.49 18.15
CA VAL A 128 -16.66 7.43 18.94
C VAL A 128 -17.16 7.40 20.41
N PRO A 129 -16.24 7.46 21.44
CA PRO A 129 -16.66 7.45 22.86
C PRO A 129 -17.26 8.82 23.27
N PRO A 130 -18.29 8.85 24.20
CA PRO A 130 -18.96 10.10 24.66
C PRO A 130 -17.97 11.14 25.21
N ARG A 131 -18.10 12.39 24.71
CA ARG A 131 -17.21 13.53 25.04
C ARG A 131 -15.76 13.23 24.60
N THR A 132 -15.56 13.04 23.29
CA THR A 132 -14.21 12.93 22.70
C THR A 132 -13.67 14.33 22.34
N GLN A 133 -12.40 14.39 21.95
CA GLN A 133 -11.72 15.65 21.60
C GLN A 133 -11.00 15.46 20.25
N ALA A 134 -10.82 16.58 19.52
CA ALA A 134 -10.10 16.57 18.23
C ALA A 134 -8.59 16.39 18.48
N GLY A 135 -7.95 15.58 17.62
CA GLY A 135 -6.52 15.27 17.73
C GLY A 135 -6.27 13.90 18.35
N ARG A 136 -7.35 13.23 18.82
CA ARG A 136 -7.27 11.88 19.41
C ARG A 136 -7.25 10.82 18.31
N LYS A 137 -6.78 9.61 18.67
CA LYS A 137 -6.66 8.48 17.74
C LYS A 137 -7.55 7.33 18.21
N LEU A 138 -8.55 6.96 17.38
CA LEU A 138 -9.42 5.81 17.65
C LEU A 138 -8.81 4.60 16.96
N ARG A 139 -8.24 3.70 17.77
CA ARG A 139 -7.37 2.63 17.28
C ARG A 139 -8.20 1.39 16.91
N LEU A 140 -8.40 1.18 15.59
CA LEU A 140 -9.14 0.02 15.06
C LEU A 140 -8.13 -1.08 14.74
N LYS A 141 -8.00 -2.03 15.67
CA LYS A 141 -6.97 -3.08 15.61
C LYS A 141 -7.41 -4.23 14.70
N GLY A 142 -6.41 -4.81 14.00
CA GLY A 142 -6.67 -5.81 12.96
C GLY A 142 -7.19 -5.20 11.66
N LYS A 143 -6.99 -3.87 11.48
CA LYS A 143 -7.45 -3.13 10.28
C LYS A 143 -6.29 -2.46 9.54
N GLY A 144 -5.06 -2.75 9.97
CA GLY A 144 -3.85 -2.28 9.29
C GLY A 144 -3.34 -3.27 8.27
N PHE A 145 -2.12 -3.03 7.76
CA PHE A 145 -1.54 -3.86 6.69
C PHE A 145 -1.02 -5.20 7.26
N PRO A 146 -1.16 -6.33 6.48
CA PRO A 146 -0.64 -7.66 6.87
C PRO A 146 0.90 -7.65 7.03
N GLY A 147 1.40 -8.11 8.18
CA GLY A 147 2.83 -8.05 8.50
C GLY A 147 3.24 -8.95 9.67
N PRO A 148 4.36 -8.62 10.40
CA PRO A 148 4.90 -9.43 11.54
C PRO A 148 3.91 -9.60 12.72
N ALA A 149 2.95 -8.66 12.85
CA ALA A 149 1.88 -8.71 13.88
C ALA A 149 0.61 -9.37 13.32
N GLY A 150 0.76 -10.18 12.26
CA GLY A 150 -0.37 -10.77 11.54
C GLY A 150 -1.06 -9.73 10.67
N ARG A 151 -1.88 -8.89 11.31
CA ARG A 151 -2.52 -7.72 10.68
C ARG A 151 -2.27 -6.49 11.57
N GLY A 152 -2.02 -5.32 10.96
CA GLY A 152 -1.73 -4.07 11.69
C GLY A 152 -2.96 -3.43 12.34
N ASP A 153 -2.89 -2.11 12.60
CA ASP A 153 -3.99 -1.35 13.22
C ASP A 153 -4.02 0.10 12.71
N LEU A 154 -5.21 0.72 12.81
CA LEU A 154 -5.51 2.05 12.24
C LEU A 154 -5.71 3.09 13.35
N TYR A 155 -5.08 4.27 13.18
CA TYR A 155 -5.22 5.44 14.07
C TYR A 155 -6.07 6.51 13.37
N LEU A 156 -7.33 6.67 13.83
CA LEU A 156 -8.23 7.70 13.31
C LEU A 156 -8.07 9.03 14.05
N GLU A 157 -7.62 10.07 13.32
CA GLU A 157 -7.43 11.39 13.88
C GLU A 157 -8.79 12.10 13.94
N VAL A 158 -9.43 11.99 15.11
CA VAL A 158 -10.71 12.67 15.44
C VAL A 158 -10.63 14.17 15.06
N ARG A 159 -11.53 14.60 14.19
CA ARG A 159 -11.64 16.00 13.77
C ARG A 159 -13.09 16.41 13.93
N ILE A 160 -13.38 17.03 15.08
CA ILE A 160 -14.73 17.43 15.46
C ILE A 160 -15.13 18.68 14.66
N THR A 161 -16.21 18.57 13.90
CA THR A 161 -16.66 19.59 12.97
C THR A 161 -18.17 19.86 13.20
N ALA A 1 -0.59 -4.33 -22.09
CA ALA A 1 -0.56 -4.10 -20.62
C ALA A 1 -1.86 -3.40 -20.18
N ALA A 2 -1.96 -3.06 -18.88
CA ALA A 2 -3.15 -2.44 -18.30
C ALA A 2 -2.82 -1.74 -16.98
N LEU A 3 -2.41 -2.56 -15.97
CA LEU A 3 -2.08 -2.07 -14.61
C LEU A 3 -0.65 -1.51 -14.60
N VAL A 4 0.33 -2.30 -15.08
CA VAL A 4 1.70 -1.83 -15.36
C VAL A 4 1.79 -1.27 -16.78
N ALA A 5 2.81 -0.42 -17.03
CA ALA A 5 3.15 0.04 -18.38
C ALA A 5 4.17 -0.93 -19.03
N HIS A 6 5.47 -0.69 -18.83
CA HIS A 6 6.59 -1.43 -19.46
C HIS A 6 7.88 -1.20 -18.63
N VAL A 7 8.99 -1.86 -19.02
CA VAL A 7 10.29 -1.69 -18.34
C VAL A 7 10.86 -0.29 -18.60
N THR A 8 11.17 0.42 -17.50
CA THR A 8 11.80 1.74 -17.51
C THR A 8 13.28 1.59 -17.96
N SER A 9 13.57 2.04 -19.20
CA SER A 9 14.92 2.00 -19.78
C SER A 9 15.82 3.07 -19.13
N GLY A 10 16.38 2.74 -17.96
CA GLY A 10 17.23 3.66 -17.21
C GLY A 10 18.01 2.93 -16.12
N SER A 11 19.30 3.26 -16.00
CA SER A 11 20.20 2.66 -15.00
C SER A 11 19.85 3.11 -13.56
N GLY A 12 19.95 2.20 -12.59
CA GLY A 12 19.57 2.48 -11.19
C GLY A 12 20.57 1.91 -10.20
N GLY A 13 21.30 2.80 -9.51
CA GLY A 13 22.33 2.40 -8.53
C GLY A 13 21.77 2.24 -7.12
N SER A 14 20.77 1.35 -6.98
CA SER A 14 20.13 1.05 -5.69
C SER A 14 21.01 0.08 -4.88
N GLY A 15 21.91 0.67 -4.07
CA GLY A 15 22.87 -0.08 -3.27
C GLY A 15 24.06 -0.53 -4.09
N GLY A 16 23.83 -1.55 -4.95
CA GLY A 16 24.86 -2.11 -5.84
C GLY A 16 26.02 -2.77 -5.10
N SER A 17 25.79 -3.11 -3.83
CA SER A 17 26.80 -3.71 -2.96
C SER A 17 27.13 -5.17 -3.41
N GLY A 18 28.35 -5.34 -3.97
CA GLY A 18 28.79 -6.62 -4.50
C GLY A 18 28.14 -6.95 -5.85
N GLY A 19 27.32 -8.01 -5.89
CA GLY A 19 26.65 -8.44 -7.11
C GLY A 19 25.46 -9.36 -6.82
N SER A 20 24.50 -9.35 -7.75
CA SER A 20 23.25 -10.16 -7.68
C SER A 20 22.79 -10.53 -9.10
N GLY A 21 21.67 -11.30 -9.19
CA GLY A 21 21.04 -11.61 -10.47
C GLY A 21 20.51 -10.35 -11.16
N ARG A 22 20.49 -10.38 -12.50
CA ARG A 22 20.12 -9.22 -13.34
C ARG A 22 18.69 -8.75 -13.04
N ASP A 23 18.54 -7.48 -12.61
CA ASP A 23 17.23 -6.91 -12.28
C ASP A 23 16.57 -6.30 -13.52
N LEU A 24 15.24 -6.37 -13.54
CA LEU A 24 14.37 -5.58 -14.40
C LEU A 24 13.73 -4.50 -13.53
N ARG A 25 13.32 -3.38 -14.14
CA ARG A 25 12.80 -2.24 -13.38
C ARG A 25 11.69 -1.57 -14.18
N ALA A 26 10.48 -1.55 -13.64
CA ALA A 26 9.29 -1.01 -14.32
C ALA A 26 8.41 -0.27 -13.31
N GLU A 27 7.82 0.86 -13.73
CA GLU A 27 6.94 1.69 -12.88
C GLU A 27 5.52 1.72 -13.43
N LEU A 28 4.55 1.87 -12.51
CA LEU A 28 3.12 1.92 -12.84
C LEU A 28 2.36 2.86 -11.88
N PRO A 29 1.32 3.59 -12.36
CA PRO A 29 0.41 4.33 -11.45
C PRO A 29 -0.61 3.36 -10.81
N LEU A 30 -0.54 3.21 -9.48
CA LEU A 30 -1.44 2.34 -8.71
C LEU A 30 -2.42 3.20 -7.90
N THR A 31 -3.59 2.64 -7.59
CA THR A 31 -4.60 3.29 -6.76
C THR A 31 -4.32 2.98 -5.26
N LEU A 32 -4.89 3.79 -4.36
CA LEU A 32 -4.76 3.62 -2.91
C LEU A 32 -5.38 2.30 -2.45
N GLU A 33 -6.62 2.07 -2.93
CA GLU A 33 -7.36 0.83 -2.68
C GLU A 33 -6.57 -0.39 -3.16
N GLU A 34 -5.79 -0.21 -4.24
CA GLU A 34 -4.99 -1.29 -4.84
C GLU A 34 -3.65 -1.45 -4.10
N ALA A 35 -3.17 -0.40 -3.41
CA ALA A 35 -2.07 -0.50 -2.43
C ALA A 35 -2.48 -1.44 -1.27
N PHE A 36 -3.79 -1.38 -0.94
CA PHE A 36 -4.42 -2.29 0.00
C PHE A 36 -4.58 -3.71 -0.59
N HIS A 37 -5.09 -3.79 -1.82
CA HIS A 37 -5.47 -5.09 -2.46
C HIS A 37 -4.28 -5.82 -3.11
N GLY A 38 -3.17 -5.11 -3.37
CA GLY A 38 -2.05 -5.64 -4.17
C GLY A 38 -2.22 -5.35 -5.67
N GLY A 39 -2.33 -6.40 -6.50
CA GLY A 39 -2.61 -6.21 -7.95
C GLY A 39 -2.00 -7.28 -8.83
N GLU A 40 -2.79 -8.32 -9.15
CA GLU A 40 -2.38 -9.40 -10.06
C GLU A 40 -2.67 -8.98 -11.51
N ARG A 41 -1.62 -8.98 -12.36
CA ARG A 41 -1.69 -8.40 -13.72
C ARG A 41 -0.78 -9.15 -14.69
N VAL A 42 -0.95 -8.85 -15.98
CA VAL A 42 -0.04 -9.29 -17.05
C VAL A 42 1.07 -8.22 -17.23
N VAL A 43 2.28 -8.54 -16.76
CA VAL A 43 3.44 -7.63 -16.84
C VAL A 43 4.32 -8.02 -18.03
N GLU A 44 4.54 -7.05 -18.94
CA GLU A 44 5.33 -7.22 -20.16
C GLU A 44 6.52 -6.26 -20.13
N VAL A 45 7.68 -6.81 -19.73
CA VAL A 45 8.92 -6.06 -19.49
C VAL A 45 10.11 -6.75 -20.20
N ALA A 46 10.77 -6.00 -21.11
CA ALA A 46 11.92 -6.49 -21.92
C ALA A 46 11.51 -7.63 -22.87
N GLY A 47 10.21 -7.72 -23.19
CA GLY A 47 9.66 -8.79 -24.03
C GLY A 47 9.23 -10.02 -23.23
N ARG A 48 9.35 -9.96 -21.89
CA ARG A 48 8.89 -11.05 -21.01
C ARG A 48 7.45 -10.73 -20.57
N ARG A 49 6.48 -11.57 -21.00
CA ARG A 49 5.07 -11.44 -20.59
C ARG A 49 4.76 -12.57 -19.60
N VAL A 50 4.55 -12.20 -18.34
CA VAL A 50 4.27 -13.14 -17.23
C VAL A 50 3.22 -12.52 -16.30
N SER A 51 2.49 -13.37 -15.56
CA SER A 51 1.48 -12.92 -14.59
C SER A 51 2.17 -12.66 -13.23
N VAL A 52 2.16 -11.39 -12.78
CA VAL A 52 2.77 -11.02 -11.49
C VAL A 52 1.69 -10.89 -10.40
N ARG A 53 2.01 -11.43 -9.22
CA ARG A 53 1.22 -11.29 -8.01
C ARG A 53 1.99 -10.40 -7.04
N ILE A 54 1.64 -9.11 -6.97
CA ILE A 54 2.29 -8.19 -6.02
C ILE A 54 1.50 -8.20 -4.69
N PRO A 55 2.19 -8.35 -3.52
CA PRO A 55 1.50 -8.56 -2.21
C PRO A 55 0.81 -7.26 -1.69
N PRO A 56 -0.21 -7.40 -0.79
CA PRO A 56 -0.83 -6.23 -0.11
C PRO A 56 0.16 -5.57 0.88
N GLY A 57 0.05 -4.25 1.05
CA GLY A 57 0.97 -3.50 1.91
C GLY A 57 2.03 -2.81 1.08
N VAL A 58 1.58 -2.24 -0.03
CA VAL A 58 2.42 -1.51 -0.99
C VAL A 58 2.04 0.00 -0.92
N ARG A 59 2.93 0.90 -1.40
CA ARG A 59 2.86 2.36 -1.15
C ARG A 59 3.42 3.17 -2.33
N GLU A 60 3.31 4.49 -2.18
CA GLU A 60 3.94 5.50 -3.06
C GLU A 60 5.47 5.27 -3.14
N GLY A 61 5.95 4.93 -4.35
CA GLY A 61 7.38 4.72 -4.59
C GLY A 61 7.89 3.38 -4.07
N SER A 62 6.97 2.49 -3.64
CA SER A 62 7.32 1.19 -3.08
C SER A 62 7.75 0.23 -4.20
N VAL A 63 8.95 -0.33 -4.01
CA VAL A 63 9.61 -1.21 -4.98
C VAL A 63 9.32 -2.67 -4.63
N ILE A 64 8.72 -3.42 -5.57
CA ILE A 64 8.27 -4.81 -5.35
C ILE A 64 9.20 -5.77 -6.10
N ARG A 65 9.99 -6.55 -5.35
CA ARG A 65 10.92 -7.53 -5.91
C ARG A 65 10.18 -8.85 -6.19
N VAL A 66 10.13 -9.26 -7.46
CA VAL A 66 9.54 -10.57 -7.86
C VAL A 66 10.66 -11.48 -8.45
N PRO A 67 11.24 -12.39 -7.60
CA PRO A 67 12.38 -13.27 -7.99
C PRO A 67 12.03 -14.26 -9.13
N GLY A 68 12.95 -14.39 -10.10
CA GLY A 68 12.82 -15.37 -11.19
C GLY A 68 12.25 -14.79 -12.49
N MET A 69 11.61 -13.61 -12.43
CA MET A 69 10.92 -13.02 -13.61
C MET A 69 11.75 -11.92 -14.28
N GLY A 70 12.91 -11.55 -13.68
CA GLY A 70 13.83 -10.60 -14.29
C GLY A 70 14.84 -11.29 -15.19
N GLY A 71 16.13 -11.22 -14.82
CA GLY A 71 17.21 -11.86 -15.56
C GLY A 71 17.12 -13.38 -15.50
N GLN A 72 17.20 -14.03 -16.67
CA GLN A 72 17.09 -15.48 -16.80
C GLN A 72 18.47 -16.16 -16.68
N GLY A 73 18.47 -17.43 -16.25
CA GLY A 73 19.70 -18.23 -16.08
C GLY A 73 19.67 -19.04 -14.80
N ASN A 74 20.83 -19.58 -14.39
CA ASN A 74 20.96 -20.29 -13.10
C ASN A 74 20.92 -19.28 -11.91
N PRO A 75 21.60 -18.07 -11.98
CA PRO A 75 21.33 -16.95 -11.04
C PRO A 75 19.93 -16.35 -11.33
N PRO A 76 18.96 -16.43 -10.36
CA PRO A 76 17.62 -15.83 -10.55
C PRO A 76 17.68 -14.28 -10.49
N GLY A 77 17.18 -13.66 -11.55
CA GLY A 77 16.98 -12.22 -11.59
C GLY A 77 15.55 -11.88 -11.28
N ASP A 78 15.32 -10.70 -10.73
CA ASP A 78 14.01 -10.27 -10.24
C ASP A 78 13.54 -9.06 -11.04
N LEU A 79 12.27 -8.72 -10.87
CA LEU A 79 11.67 -7.54 -11.51
C LEU A 79 11.15 -6.62 -10.40
N LEU A 80 11.54 -5.34 -10.50
CA LEU A 80 11.24 -4.31 -9.51
C LEU A 80 10.11 -3.42 -10.01
N LEU A 81 8.90 -3.70 -9.55
CA LEU A 81 7.70 -2.94 -9.90
C LEU A 81 7.46 -1.85 -8.86
N VAL A 82 7.84 -0.61 -9.23
CA VAL A 82 7.69 0.57 -8.38
C VAL A 82 6.34 1.21 -8.66
N VAL A 83 5.39 1.08 -7.72
CA VAL A 83 4.03 1.62 -7.93
C VAL A 83 3.99 3.08 -7.48
N ARG A 84 3.14 3.86 -8.14
CA ARG A 84 3.04 5.31 -7.91
C ARG A 84 1.59 5.62 -7.54
N LEU A 85 1.33 5.88 -6.26
CA LEU A 85 -0.03 6.16 -5.75
C LEU A 85 -0.53 7.51 -6.26
N LEU A 86 -1.86 7.61 -6.39
CA LEU A 86 -2.56 8.80 -6.90
C LEU A 86 -2.18 10.10 -6.13
N PRO A 87 -2.23 11.30 -6.80
CA PRO A 87 -1.95 12.62 -6.14
C PRO A 87 -2.93 12.95 -4.99
N HIS A 88 -3.97 12.13 -4.83
CA HIS A 88 -4.81 12.05 -3.63
C HIS A 88 -4.26 10.95 -2.71
N PRO A 89 -3.55 11.30 -1.59
CA PRO A 89 -3.24 10.37 -0.49
C PRO A 89 -4.20 10.55 0.73
N VAL A 90 -4.80 9.45 1.20
CA VAL A 90 -5.60 9.43 2.45
C VAL A 90 -4.92 8.57 3.52
N PHE A 91 -4.47 7.38 3.12
CA PHE A 91 -3.90 6.40 4.05
C PHE A 91 -2.36 6.44 4.03
N ARG A 92 -1.78 6.68 5.21
CA ARG A 92 -0.35 6.58 5.45
C ARG A 92 -0.09 5.20 6.08
N LEU A 93 0.54 4.30 5.32
CA LEU A 93 0.98 3.01 5.82
C LEU A 93 2.41 3.16 6.37
N GLU A 94 2.56 3.02 7.69
CA GLU A 94 3.86 3.04 8.38
C GLU A 94 4.18 1.61 8.86
N GLY A 95 5.07 0.93 8.12
CA GLY A 95 5.40 -0.48 8.37
C GLY A 95 4.26 -1.41 7.98
N GLN A 96 3.34 -1.63 8.92
CA GLN A 96 2.14 -2.47 8.72
C GLN A 96 0.88 -1.77 9.26
N ASP A 97 1.07 -0.58 9.90
CA ASP A 97 -0.01 0.20 10.52
C ASP A 97 -0.57 1.25 9.54
N LEU A 98 -1.84 1.58 9.74
CA LEU A 98 -2.58 2.53 8.89
C LEU A 98 -2.79 3.82 9.68
N TYR A 99 -2.80 4.95 8.95
CA TYR A 99 -3.10 6.26 9.50
C TYR A 99 -4.08 6.95 8.55
N ALA A 100 -5.24 7.31 9.09
CA ALA A 100 -6.29 8.00 8.34
C ALA A 100 -6.82 9.14 9.19
N THR A 101 -7.65 9.98 8.58
CA THR A 101 -8.33 11.08 9.27
C THR A 101 -9.82 10.75 9.37
N LEU A 102 -10.33 10.77 10.60
CA LEU A 102 -11.74 10.54 10.91
C LEU A 102 -12.39 11.86 11.30
N ASP A 103 -13.30 12.36 10.46
CA ASP A 103 -14.11 13.53 10.81
C ASP A 103 -15.36 13.03 11.54
N VAL A 104 -15.61 13.56 12.75
CA VAL A 104 -16.79 13.18 13.56
C VAL A 104 -17.66 14.42 13.80
N PRO A 105 -19.01 14.34 13.66
CA PRO A 105 -19.93 15.41 14.10
C PRO A 105 -19.78 15.71 15.61
N ALA A 106 -19.84 17.01 15.97
CA ALA A 106 -19.72 17.48 17.38
C ALA A 106 -20.67 16.72 18.36
N PRO A 107 -22.01 16.47 18.00
CA PRO A 107 -22.90 15.56 18.77
C PRO A 107 -22.22 14.20 19.09
N ILE A 108 -21.68 13.53 18.04
CA ILE A 108 -21.08 12.18 18.18
C ILE A 108 -19.78 12.23 19.00
N ALA A 109 -19.04 13.33 18.87
CA ALA A 109 -17.78 13.55 19.60
C ALA A 109 -18.02 13.52 21.12
N VAL A 110 -19.05 14.26 21.55
CA VAL A 110 -19.35 14.42 22.98
C VAL A 110 -20.15 13.23 23.57
N VAL A 111 -21.05 12.62 22.79
CA VAL A 111 -21.88 11.48 23.27
C VAL A 111 -21.12 10.15 23.12
N GLY A 112 -20.14 10.13 22.19
CA GLY A 112 -19.42 8.92 21.84
C GLY A 112 -20.27 7.94 21.04
N GLY A 113 -20.82 8.40 19.90
CA GLY A 113 -21.67 7.56 19.05
C GLY A 113 -20.84 6.72 18.08
N LYS A 114 -21.43 6.37 16.93
CA LYS A 114 -20.76 5.60 15.88
C LYS A 114 -20.56 6.50 14.65
N VAL A 115 -19.40 6.39 14.00
CA VAL A 115 -19.15 6.99 12.67
C VAL A 115 -18.68 5.88 11.73
N ARG A 116 -18.98 6.01 10.43
CA ARG A 116 -18.36 5.17 9.40
C ARG A 116 -17.08 5.89 8.90
N ALA A 117 -15.96 5.18 8.96
CA ALA A 117 -14.66 5.68 8.50
C ALA A 117 -14.37 5.10 7.11
N MET A 118 -14.02 6.00 6.17
CA MET A 118 -13.69 5.62 4.80
C MET A 118 -12.27 5.02 4.75
N THR A 119 -12.21 3.68 4.61
CA THR A 119 -10.96 2.94 4.50
C THR A 119 -10.86 2.25 3.14
N LEU A 120 -9.67 1.72 2.85
CA LEU A 120 -9.37 1.01 1.58
C LEU A 120 -9.97 -0.42 1.59
N GLU A 121 -10.55 -0.83 2.73
CA GLU A 121 -11.31 -2.08 2.88
C GLU A 121 -12.80 -1.85 2.52
N GLY A 122 -13.24 -0.57 2.57
CA GLY A 122 -14.65 -0.20 2.38
C GLY A 122 -15.13 0.74 3.48
N PRO A 123 -16.43 0.72 3.87
CA PRO A 123 -16.91 1.44 5.07
C PRO A 123 -16.76 0.56 6.34
N VAL A 124 -15.99 1.04 7.32
CA VAL A 124 -15.87 0.40 8.65
C VAL A 124 -16.59 1.24 9.69
N GLU A 125 -17.03 0.61 10.78
CA GLU A 125 -17.83 1.26 11.82
C GLU A 125 -16.97 1.42 13.07
N VAL A 126 -16.56 2.66 13.36
CA VAL A 126 -15.77 3.01 14.55
C VAL A 126 -16.69 3.52 15.68
N ALA A 127 -16.49 2.98 16.89
CA ALA A 127 -17.16 3.44 18.10
C ALA A 127 -16.33 4.53 18.76
N VAL A 128 -16.80 5.78 18.62
CA VAL A 128 -16.18 6.96 19.22
C VAL A 128 -16.29 6.89 20.78
N PRO A 129 -15.19 7.17 21.54
CA PRO A 129 -15.23 7.28 23.02
C PRO A 129 -16.09 8.50 23.46
N PRO A 130 -16.91 8.36 24.56
CA PRO A 130 -17.74 9.49 25.09
C PRO A 130 -16.87 10.69 25.48
N ARG A 131 -17.18 11.87 24.91
CA ARG A 131 -16.43 13.12 25.11
C ARG A 131 -14.96 12.98 24.66
N THR A 132 -14.74 13.00 23.34
CA THR A 132 -13.40 12.99 22.74
C THR A 132 -13.03 14.41 22.25
N GLN A 133 -11.77 14.58 21.81
CA GLN A 133 -11.25 15.86 21.30
C GLN A 133 -10.55 15.63 19.96
N ALA A 134 -10.48 16.69 19.14
CA ALA A 134 -9.79 16.67 17.85
C ALA A 134 -8.27 16.54 18.05
N GLY A 135 -7.66 15.59 17.34
CA GLY A 135 -6.23 15.28 17.47
C GLY A 135 -6.01 13.89 18.03
N ARG A 136 -7.08 13.25 18.55
CA ARG A 136 -7.02 11.88 19.11
C ARG A 136 -7.09 10.84 17.98
N LYS A 137 -6.54 9.64 18.25
CA LYS A 137 -6.50 8.52 17.28
C LYS A 137 -7.29 7.33 17.83
N LEU A 138 -8.28 6.82 17.05
CA LEU A 138 -9.12 5.69 17.45
C LEU A 138 -8.59 4.44 16.73
N ARG A 139 -8.03 3.52 17.53
CA ARG A 139 -7.29 2.36 17.03
C ARG A 139 -8.25 1.21 16.66
N LEU A 140 -8.45 1.00 15.34
CA LEU A 140 -9.17 -0.16 14.82
C LEU A 140 -8.18 -1.31 14.66
N LYS A 141 -8.16 -2.19 15.68
CA LYS A 141 -7.14 -3.23 15.83
C LYS A 141 -7.31 -4.35 14.79
N GLY A 142 -6.17 -4.81 14.23
CA GLY A 142 -6.17 -5.91 13.27
C GLY A 142 -6.64 -5.53 11.87
N LYS A 143 -6.93 -4.23 11.67
CA LYS A 143 -7.45 -3.71 10.40
C LYS A 143 -6.32 -3.19 9.50
N GLY A 144 -5.08 -3.22 9.99
CA GLY A 144 -3.90 -2.94 9.18
C GLY A 144 -3.40 -4.19 8.45
N PHE A 145 -2.22 -4.07 7.84
CA PHE A 145 -1.62 -5.16 7.04
C PHE A 145 -0.87 -6.16 7.93
N PRO A 146 -0.73 -7.45 7.46
CA PRO A 146 0.21 -8.41 8.07
C PRO A 146 1.67 -7.93 7.91
N GLY A 147 2.41 -7.85 9.02
CA GLY A 147 3.78 -7.34 9.01
C GLY A 147 4.54 -7.68 10.29
N PRO A 148 5.61 -6.91 10.65
CA PRO A 148 6.46 -7.15 11.86
C PRO A 148 5.71 -7.12 13.22
N ALA A 149 4.45 -6.65 13.23
CA ALA A 149 3.60 -6.63 14.45
C ALA A 149 2.46 -7.67 14.34
N GLY A 150 2.64 -8.67 13.45
CA GLY A 150 1.59 -9.64 13.14
C GLY A 150 0.53 -9.04 12.22
N ARG A 151 -0.34 -8.20 12.79
CA ARG A 151 -1.31 -7.38 12.04
C ARG A 151 -1.08 -5.91 12.45
N GLY A 152 -1.47 -4.98 11.56
CA GLY A 152 -1.39 -3.55 11.85
C GLY A 152 -2.66 -2.99 12.48
N ASP A 153 -2.65 -1.67 12.72
CA ASP A 153 -3.76 -0.96 13.40
C ASP A 153 -4.07 0.34 12.66
N LEU A 154 -5.35 0.71 12.58
CA LEU A 154 -5.80 1.93 11.90
C LEU A 154 -6.00 3.04 12.94
N TYR A 155 -5.14 4.07 12.86
CA TYR A 155 -5.23 5.26 13.73
C TYR A 155 -6.11 6.31 13.04
N LEU A 156 -7.34 6.47 13.54
CA LEU A 156 -8.29 7.47 13.05
C LEU A 156 -8.11 8.82 13.75
N GLU A 157 -7.63 9.82 13.01
CA GLU A 157 -7.38 11.16 13.56
C GLU A 157 -8.72 11.92 13.64
N VAL A 158 -9.34 11.81 14.83
CA VAL A 158 -10.56 12.55 15.20
C VAL A 158 -10.43 14.05 14.87
N ARG A 159 -11.28 14.55 13.97
CA ARG A 159 -11.37 15.97 13.62
C ARG A 159 -12.84 16.35 13.74
N ILE A 160 -13.16 17.02 14.85
CA ILE A 160 -14.54 17.32 15.22
C ILE A 160 -15.09 18.51 14.40
N THR A 161 -16.13 18.24 13.61
CA THR A 161 -16.83 19.23 12.79
C THR A 161 -18.10 19.72 13.54
N ALA A 1 -0.62 -4.79 -20.51
CA ALA A 1 -0.03 -4.38 -19.23
C ALA A 1 -1.01 -3.43 -18.52
N ALA A 2 -1.71 -3.96 -17.50
CA ALA A 2 -2.82 -3.26 -16.83
C ALA A 2 -2.31 -2.20 -15.83
N LEU A 3 -1.44 -2.63 -14.90
CA LEU A 3 -0.83 -1.73 -13.90
C LEU A 3 0.39 -1.03 -14.51
N VAL A 4 1.48 -1.80 -14.70
CA VAL A 4 2.74 -1.31 -15.25
C VAL A 4 2.56 -0.72 -16.65
N ALA A 5 3.11 0.48 -16.84
CA ALA A 5 3.09 1.19 -18.13
C ALA A 5 4.03 0.47 -19.12
N HIS A 6 5.29 0.27 -18.67
CA HIS A 6 6.38 -0.36 -19.46
C HIS A 6 7.66 -0.41 -18.61
N VAL A 7 8.71 -1.06 -19.15
CA VAL A 7 10.07 -1.05 -18.56
C VAL A 7 10.62 0.38 -18.60
N THR A 8 11.17 0.86 -17.47
CA THR A 8 11.74 2.22 -17.38
C THR A 8 12.95 2.38 -18.33
N SER A 9 12.63 2.84 -19.55
CA SER A 9 13.62 3.13 -20.58
C SER A 9 14.30 4.48 -20.26
N GLY A 10 15.41 4.40 -19.52
CA GLY A 10 16.16 5.56 -19.12
C GLY A 10 17.46 5.21 -18.46
N SER A 11 18.39 6.17 -18.43
CA SER A 11 19.73 6.01 -17.84
C SER A 11 19.93 7.07 -16.74
N GLY A 12 20.61 6.68 -15.65
CA GLY A 12 20.85 7.58 -14.53
C GLY A 12 21.61 6.88 -13.42
N GLY A 13 20.95 6.72 -12.26
CA GLY A 13 21.54 6.06 -11.10
C GLY A 13 20.95 4.68 -10.85
N SER A 14 21.73 3.62 -11.13
CA SER A 14 21.34 2.23 -10.86
C SER A 14 21.45 1.94 -9.34
N GLY A 15 20.73 0.91 -8.87
CA GLY A 15 20.80 0.47 -7.47
C GLY A 15 22.16 -0.13 -7.13
N GLY A 16 22.56 0.02 -5.85
CA GLY A 16 23.83 -0.55 -5.36
C GLY A 16 23.69 -1.98 -4.84
N SER A 17 22.58 -2.65 -5.22
CA SER A 17 22.29 -4.04 -4.84
C SER A 17 23.02 -5.01 -5.81
N GLY A 18 22.52 -5.08 -7.06
CA GLY A 18 23.08 -5.98 -8.07
C GLY A 18 22.88 -7.45 -7.72
N GLY A 19 23.93 -8.07 -7.15
CA GLY A 19 23.90 -9.48 -6.75
C GLY A 19 23.93 -10.43 -7.95
N SER A 20 23.70 -11.71 -7.68
CA SER A 20 23.55 -12.74 -8.71
C SER A 20 22.14 -12.63 -9.36
N GLY A 21 22.04 -12.94 -10.66
CA GLY A 21 20.77 -12.86 -11.39
C GLY A 21 20.59 -11.49 -12.06
N ARG A 22 20.07 -11.49 -13.30
CA ARG A 22 19.89 -10.26 -14.09
C ARG A 22 18.67 -9.48 -13.57
N ASP A 23 18.92 -8.27 -13.10
CA ASP A 23 17.89 -7.39 -12.53
C ASP A 23 17.25 -6.52 -13.64
N LEU A 24 15.95 -6.24 -13.46
CA LEU A 24 15.14 -5.44 -14.40
C LEU A 24 14.28 -4.48 -13.54
N ARG A 25 13.94 -3.27 -14.04
CA ARG A 25 13.11 -2.31 -13.27
C ARG A 25 12.07 -1.64 -14.19
N ALA A 26 10.91 -1.32 -13.60
CA ALA A 26 9.77 -0.72 -14.29
C ALA A 26 8.91 0.03 -13.26
N GLU A 27 8.03 0.92 -13.73
CA GLU A 27 7.14 1.71 -12.85
C GLU A 27 5.68 1.54 -13.28
N LEU A 28 4.77 1.67 -12.30
CA LEU A 28 3.34 1.42 -12.52
C LEU A 28 2.48 2.43 -11.77
N PRO A 29 1.42 3.00 -12.44
CA PRO A 29 0.31 3.66 -11.72
C PRO A 29 -0.49 2.61 -10.89
N LEU A 30 -0.44 2.74 -9.57
CA LEU A 30 -1.20 1.92 -8.63
C LEU A 30 -2.19 2.84 -7.90
N THR A 31 -3.15 2.24 -7.20
CA THR A 31 -4.11 2.97 -6.35
C THR A 31 -3.79 2.69 -4.87
N LEU A 32 -4.30 3.55 -3.96
CA LEU A 32 -4.21 3.36 -2.50
C LEU A 32 -4.81 2.01 -2.12
N GLU A 33 -6.06 1.79 -2.60
CA GLU A 33 -6.82 0.55 -2.34
C GLU A 33 -6.05 -0.69 -2.82
N GLU A 34 -5.37 -0.56 -3.97
CA GLU A 34 -4.56 -1.66 -4.56
C GLU A 34 -3.22 -1.83 -3.83
N ALA A 35 -2.78 -0.76 -3.14
CA ALA A 35 -1.62 -0.81 -2.24
C ALA A 35 -1.97 -1.59 -0.95
N PHE A 36 -3.28 -1.61 -0.61
CA PHE A 36 -3.81 -2.44 0.47
C PHE A 36 -4.06 -3.89 0.01
N HIS A 37 -4.72 -4.04 -1.14
CA HIS A 37 -5.17 -5.35 -1.62
C HIS A 37 -4.00 -6.20 -2.15
N GLY A 38 -3.16 -5.58 -2.99
CA GLY A 38 -2.13 -6.30 -3.76
C GLY A 38 -2.78 -7.17 -4.84
N GLY A 39 -2.11 -8.26 -5.24
CA GLY A 39 -2.68 -9.28 -6.13
C GLY A 39 -1.95 -9.46 -7.44
N GLU A 40 -2.52 -10.32 -8.30
CA GLU A 40 -1.95 -10.69 -9.61
C GLU A 40 -2.49 -9.73 -10.68
N ARG A 41 -1.62 -9.25 -11.59
CA ARG A 41 -2.04 -8.40 -12.71
C ARG A 41 -1.07 -8.54 -13.89
N VAL A 42 -1.57 -8.35 -15.11
CA VAL A 42 -0.81 -8.58 -16.35
C VAL A 42 0.21 -7.44 -16.62
N VAL A 43 1.43 -7.82 -17.03
CA VAL A 43 2.52 -6.89 -17.37
C VAL A 43 3.35 -7.41 -18.57
N GLU A 44 3.67 -6.51 -19.53
CA GLU A 44 4.63 -6.80 -20.61
C GLU A 44 6.00 -6.17 -20.27
N VAL A 45 6.92 -6.98 -19.73
CA VAL A 45 8.33 -6.59 -19.50
C VAL A 45 9.22 -7.33 -20.51
N ALA A 46 10.02 -6.55 -21.28
CA ALA A 46 10.85 -7.05 -22.39
C ALA A 46 9.99 -7.67 -23.52
N GLY A 47 8.69 -7.25 -23.56
CA GLY A 47 7.73 -7.76 -24.55
C GLY A 47 7.03 -9.03 -24.10
N ARG A 48 7.38 -9.56 -22.92
CA ARG A 48 6.82 -10.81 -22.38
C ARG A 48 5.64 -10.49 -21.45
N ARG A 49 4.42 -10.95 -21.83
CA ARG A 49 3.24 -10.79 -20.98
C ARG A 49 3.17 -11.93 -19.95
N VAL A 50 3.27 -11.56 -18.68
CA VAL A 50 3.20 -12.47 -17.52
C VAL A 50 2.32 -11.80 -16.44
N SER A 51 1.71 -12.61 -15.57
CA SER A 51 0.96 -12.10 -14.42
C SER A 51 1.93 -11.89 -13.24
N VAL A 52 2.11 -10.62 -12.82
CA VAL A 52 2.96 -10.28 -11.67
C VAL A 52 2.08 -10.13 -10.40
N ARG A 53 2.43 -10.90 -9.35
CA ARG A 53 1.78 -10.83 -8.05
C ARG A 53 2.64 -9.97 -7.12
N ILE A 54 2.19 -8.75 -6.87
CA ILE A 54 2.84 -7.85 -5.90
C ILE A 54 2.11 -7.97 -4.54
N PRO A 55 2.88 -8.16 -3.42
CA PRO A 55 2.28 -8.40 -2.08
C PRO A 55 1.60 -7.13 -1.49
N PRO A 56 0.48 -7.32 -0.71
CA PRO A 56 -0.17 -6.22 0.04
C PRO A 56 0.78 -5.62 1.10
N GLY A 57 0.71 -4.30 1.28
CA GLY A 57 1.64 -3.58 2.14
C GLY A 57 2.64 -2.79 1.32
N VAL A 58 2.10 -1.98 0.40
CA VAL A 58 2.89 -1.12 -0.49
C VAL A 58 2.30 0.31 -0.44
N ARG A 59 3.08 1.31 -0.88
CA ARG A 59 2.70 2.75 -0.88
C ARG A 59 3.60 3.54 -1.83
N GLU A 60 3.28 4.84 -2.04
CA GLU A 60 3.99 5.73 -2.98
C GLU A 60 5.53 5.67 -2.81
N GLY A 61 6.21 5.25 -3.90
CA GLY A 61 7.68 5.16 -3.92
C GLY A 61 8.20 3.75 -3.72
N SER A 62 7.39 2.88 -3.07
CA SER A 62 7.80 1.52 -2.69
C SER A 62 8.16 0.69 -3.94
N VAL A 63 9.37 0.13 -3.90
CA VAL A 63 9.93 -0.68 -4.98
C VAL A 63 9.78 -2.17 -4.61
N ILE A 64 9.12 -2.93 -5.49
CA ILE A 64 8.69 -4.32 -5.24
C ILE A 64 9.59 -5.27 -6.01
N ARG A 65 10.40 -6.08 -5.30
CA ARG A 65 11.32 -7.03 -5.93
C ARG A 65 10.66 -8.40 -6.06
N VAL A 66 10.26 -8.76 -7.30
CA VAL A 66 9.69 -10.08 -7.60
C VAL A 66 10.82 -10.99 -8.16
N PRO A 67 11.24 -12.06 -7.40
CA PRO A 67 12.44 -12.89 -7.76
C PRO A 67 12.20 -13.82 -8.95
N GLY A 68 13.29 -14.21 -9.63
CA GLY A 68 13.26 -15.14 -10.76
C GLY A 68 12.53 -14.61 -11.99
N MET A 69 12.47 -13.27 -12.11
CA MET A 69 11.64 -12.60 -13.13
C MET A 69 12.49 -12.11 -14.32
N GLY A 70 13.44 -11.17 -14.04
CA GLY A 70 14.34 -10.65 -15.07
C GLY A 70 15.32 -11.71 -15.54
N GLY A 71 16.16 -12.17 -14.61
CA GLY A 71 17.07 -13.29 -14.84
C GLY A 71 16.32 -14.61 -14.97
N GLN A 72 16.11 -15.05 -16.22
CA GLN A 72 15.47 -16.34 -16.54
C GLN A 72 16.52 -17.45 -16.62
N GLY A 73 16.04 -18.70 -16.69
CA GLY A 73 16.90 -19.87 -16.65
C GLY A 73 17.12 -20.35 -15.23
N ASN A 74 18.34 -20.83 -14.91
CA ASN A 74 18.72 -21.23 -13.55
C ASN A 74 19.40 -20.11 -12.70
N PRO A 75 19.88 -18.92 -13.25
CA PRO A 75 20.23 -17.75 -12.42
C PRO A 75 19.01 -16.80 -12.25
N PRO A 76 18.30 -16.84 -11.08
CA PRO A 76 17.08 -16.03 -10.86
C PRO A 76 17.41 -14.53 -10.65
N GLY A 77 16.76 -13.66 -11.45
CA GLY A 77 16.93 -12.22 -11.32
C GLY A 77 15.76 -11.62 -10.56
N ASP A 78 15.25 -10.46 -11.04
CA ASP A 78 14.12 -9.79 -10.40
C ASP A 78 13.55 -8.70 -11.30
N LEU A 79 12.35 -8.25 -10.94
CA LEU A 79 11.74 -7.03 -11.47
C LEU A 79 11.38 -6.11 -10.32
N LEU A 80 11.93 -4.89 -10.36
CA LEU A 80 11.69 -3.84 -9.35
C LEU A 80 10.57 -2.91 -9.82
N LEU A 81 9.37 -3.10 -9.27
CA LEU A 81 8.19 -2.29 -9.59
C LEU A 81 8.03 -1.13 -8.59
N VAL A 82 8.35 0.09 -9.06
CA VAL A 82 8.18 1.31 -8.28
C VAL A 82 6.77 1.87 -8.53
N VAL A 83 5.89 1.77 -7.51
CA VAL A 83 4.48 2.21 -7.64
C VAL A 83 4.31 3.74 -7.54
N ARG A 84 3.29 4.21 -8.27
CA ARG A 84 2.84 5.61 -8.29
C ARG A 84 1.36 5.62 -7.93
N LEU A 85 1.05 5.87 -6.64
CA LEU A 85 -0.34 5.90 -6.17
C LEU A 85 -1.09 7.10 -6.75
N LEU A 86 -2.41 6.92 -6.98
CA LEU A 86 -3.30 7.99 -7.49
C LEU A 86 -3.20 9.23 -6.58
N PRO A 87 -2.94 10.46 -7.17
CA PRO A 87 -2.75 11.72 -6.39
C PRO A 87 -3.98 12.11 -5.53
N HIS A 88 -4.06 11.48 -4.35
CA HIS A 88 -5.02 11.79 -3.29
C HIS A 88 -4.57 10.99 -2.04
N PRO A 89 -4.03 11.65 -0.97
CA PRO A 89 -3.62 10.96 0.25
C PRO A 89 -4.75 10.84 1.29
N VAL A 90 -5.03 9.61 1.76
CA VAL A 90 -5.91 9.40 2.92
C VAL A 90 -5.30 8.33 3.86
N PHE A 91 -4.86 7.21 3.28
CA PHE A 91 -4.31 6.08 4.05
C PHE A 91 -2.79 5.93 3.83
N ARG A 92 -2.07 5.96 4.96
CA ARG A 92 -0.61 5.85 5.04
C ARG A 92 -0.23 4.54 5.76
N LEU A 93 1.03 4.11 5.60
CA LEU A 93 1.56 2.88 6.21
C LEU A 93 2.89 3.19 6.91
N GLU A 94 3.05 2.62 8.13
CA GLU A 94 4.28 2.73 8.92
C GLU A 94 4.50 1.38 9.64
N GLY A 95 5.54 0.65 9.20
CA GLY A 95 5.82 -0.71 9.69
C GLY A 95 4.80 -1.70 9.15
N GLN A 96 3.66 -1.78 9.84
CA GLN A 96 2.54 -2.65 9.47
C GLN A 96 1.20 -1.93 9.73
N ASP A 97 1.27 -0.77 10.38
CA ASP A 97 0.11 -0.03 10.88
C ASP A 97 -0.36 1.01 9.85
N LEU A 98 -1.63 1.36 9.95
CA LEU A 98 -2.32 2.30 9.05
C LEU A 98 -2.49 3.62 9.77
N TYR A 99 -2.52 4.70 9.00
CA TYR A 99 -2.62 6.07 9.48
C TYR A 99 -3.59 6.79 8.56
N ALA A 100 -4.58 7.43 9.15
CA ALA A 100 -5.63 8.13 8.42
C ALA A 100 -6.20 9.25 9.29
N THR A 101 -7.04 10.07 8.70
CA THR A 101 -7.74 11.15 9.39
C THR A 101 -9.26 10.93 9.26
N LEU A 102 -9.96 11.10 10.36
CA LEU A 102 -11.41 10.93 10.45
C LEU A 102 -12.04 12.21 10.97
N ASP A 103 -12.84 12.89 10.15
CA ASP A 103 -13.65 14.02 10.60
C ASP A 103 -14.97 13.48 11.17
N VAL A 104 -15.22 13.76 12.45
CA VAL A 104 -16.41 13.29 13.17
C VAL A 104 -17.32 14.50 13.46
N PRO A 105 -18.63 14.45 13.06
CA PRO A 105 -19.62 15.49 13.42
C PRO A 105 -19.67 15.69 14.96
N ALA A 106 -19.65 16.97 15.38
CA ALA A 106 -19.59 17.38 16.79
C ALA A 106 -20.69 16.72 17.68
N PRO A 107 -22.01 16.65 17.24
CA PRO A 107 -23.05 15.90 18.00
C PRO A 107 -22.66 14.43 18.31
N ILE A 108 -22.12 13.71 17.30
CA ILE A 108 -21.68 12.31 17.48
C ILE A 108 -20.45 12.22 18.40
N ALA A 109 -19.53 13.20 18.30
CA ALA A 109 -18.28 13.20 19.07
C ALA A 109 -18.52 13.41 20.58
N VAL A 110 -19.55 14.20 20.91
CA VAL A 110 -19.87 14.53 22.31
C VAL A 110 -20.74 13.42 22.94
N VAL A 111 -21.71 12.84 22.19
CA VAL A 111 -22.59 11.77 22.72
C VAL A 111 -21.89 10.40 22.63
N GLY A 112 -20.93 10.28 21.69
CA GLY A 112 -20.21 9.04 21.45
C GLY A 112 -21.02 8.05 20.61
N GLY A 113 -21.27 8.38 19.33
CA GLY A 113 -22.02 7.51 18.43
C GLY A 113 -21.10 6.74 17.48
N LYS A 114 -21.60 6.47 16.27
CA LYS A 114 -20.90 5.70 15.24
C LYS A 114 -20.86 6.50 13.93
N VAL A 115 -19.71 6.48 13.24
CA VAL A 115 -19.51 7.10 11.93
C VAL A 115 -18.96 6.06 10.95
N ARG A 116 -19.38 6.12 9.68
CA ARG A 116 -18.83 5.26 8.62
C ARG A 116 -17.56 5.91 8.05
N ALA A 117 -16.40 5.32 8.40
CA ALA A 117 -15.10 5.73 7.87
C ALA A 117 -14.72 4.72 6.79
N MET A 118 -14.57 5.16 5.56
CA MET A 118 -14.18 4.26 4.47
C MET A 118 -12.65 4.02 4.54
N THR A 119 -12.27 2.77 4.32
CA THR A 119 -10.86 2.34 4.27
C THR A 119 -10.63 1.54 2.99
N LEU A 120 -9.38 1.15 2.75
CA LEU A 120 -8.93 0.57 1.48
C LEU A 120 -9.42 -0.89 1.27
N GLU A 121 -10.11 -1.46 2.27
CA GLU A 121 -10.72 -2.82 2.18
C GLU A 121 -12.26 -2.73 2.01
N GLY A 122 -12.79 -1.49 2.06
CA GLY A 122 -14.23 -1.22 2.08
C GLY A 122 -14.59 -0.28 3.23
N PRO A 123 -15.88 0.01 3.51
CA PRO A 123 -16.28 0.92 4.62
C PRO A 123 -16.30 0.19 5.98
N VAL A 124 -15.70 0.83 7.02
CA VAL A 124 -15.79 0.35 8.43
C VAL A 124 -16.65 1.30 9.30
N GLU A 125 -17.05 0.80 10.50
CA GLU A 125 -17.89 1.53 11.47
C GLU A 125 -17.05 1.86 12.70
N VAL A 126 -16.80 3.15 12.91
CA VAL A 126 -16.03 3.64 14.06
C VAL A 126 -16.98 4.10 15.18
N ALA A 127 -16.91 3.45 16.34
CA ALA A 127 -17.63 3.89 17.54
C ALA A 127 -16.72 4.90 18.27
N VAL A 128 -17.08 6.19 18.18
CA VAL A 128 -16.27 7.26 18.78
C VAL A 128 -16.61 7.36 20.30
N PRO A 129 -15.60 7.64 21.19
CA PRO A 129 -15.83 7.82 22.65
C PRO A 129 -16.75 9.03 22.97
N PRO A 130 -17.62 8.91 24.03
CA PRO A 130 -18.46 10.03 24.48
C PRO A 130 -17.60 11.19 25.03
N ARG A 131 -17.78 12.38 24.44
CA ARG A 131 -17.07 13.62 24.81
C ARG A 131 -15.58 13.52 24.46
N THR A 132 -15.28 12.85 23.31
CA THR A 132 -13.90 12.63 22.85
C THR A 132 -13.25 13.97 22.42
N GLN A 133 -11.95 13.93 22.14
CA GLN A 133 -11.13 15.12 21.84
C GLN A 133 -10.59 15.04 20.41
N ALA A 134 -10.63 16.16 19.68
CA ALA A 134 -10.07 16.26 18.32
C ALA A 134 -8.54 16.11 18.37
N GLY A 135 -8.05 15.03 17.76
CA GLY A 135 -6.63 14.69 17.76
C GLY A 135 -6.34 13.40 18.49
N ARG A 136 -7.41 12.70 18.96
CA ARG A 136 -7.28 11.37 19.55
C ARG A 136 -7.13 10.29 18.46
N LYS A 137 -6.62 9.14 18.89
CA LYS A 137 -6.36 7.99 18.04
C LYS A 137 -7.52 7.00 18.19
N LEU A 138 -8.47 6.98 17.24
CA LEU A 138 -9.53 5.97 17.25
C LEU A 138 -8.93 4.75 16.56
N ARG A 139 -8.45 3.82 17.39
CA ARG A 139 -7.59 2.74 16.93
C ARG A 139 -8.43 1.49 16.67
N LEU A 140 -8.65 1.23 15.38
CA LEU A 140 -9.40 0.05 14.92
C LEU A 140 -8.41 -1.10 14.84
N LYS A 141 -8.41 -1.91 15.90
CA LYS A 141 -7.40 -2.95 16.13
C LYS A 141 -7.55 -4.11 15.12
N GLY A 142 -6.40 -4.57 14.59
CA GLY A 142 -6.36 -5.69 13.66
C GLY A 142 -6.72 -5.31 12.24
N LYS A 143 -6.76 -4.00 11.94
CA LYS A 143 -7.13 -3.49 10.60
C LYS A 143 -5.90 -3.19 9.73
N GLY A 144 -4.74 -3.04 10.36
CA GLY A 144 -3.48 -2.81 9.64
C GLY A 144 -2.87 -4.11 9.14
N PHE A 145 -1.84 -3.99 8.30
CA PHE A 145 -1.23 -5.14 7.59
C PHE A 145 -0.53 -6.10 8.58
N PRO A 146 -0.38 -7.41 8.19
CA PRO A 146 0.54 -8.32 8.90
C PRO A 146 2.00 -7.88 8.68
N GLY A 147 2.76 -7.73 9.77
CA GLY A 147 4.16 -7.29 9.69
C GLY A 147 5.00 -7.82 10.83
N PRO A 148 6.18 -7.15 11.14
CA PRO A 148 7.20 -7.70 12.09
C PRO A 148 6.71 -7.79 13.56
N ALA A 149 5.57 -7.15 13.87
CA ALA A 149 4.98 -7.19 15.24
C ALA A 149 3.60 -7.87 15.21
N GLY A 150 3.36 -8.75 14.21
CA GLY A 150 2.14 -9.56 14.13
C GLY A 150 1.17 -9.02 13.11
N ARG A 151 0.12 -8.33 13.58
CA ARG A 151 -0.86 -7.61 12.71
C ARG A 151 -0.90 -6.13 13.16
N GLY A 152 -1.29 -5.24 12.24
CA GLY A 152 -1.33 -3.81 12.52
C GLY A 152 -2.70 -3.34 12.95
N ASP A 153 -2.83 -2.01 13.08
CA ASP A 153 -4.06 -1.33 13.56
C ASP A 153 -4.32 -0.12 12.65
N LEU A 154 -5.49 0.50 12.73
CA LEU A 154 -5.80 1.75 12.03
C LEU A 154 -5.79 2.93 13.01
N TYR A 155 -4.96 3.93 12.70
CA TYR A 155 -4.93 5.23 13.39
C TYR A 155 -5.92 6.16 12.68
N LEU A 156 -7.03 6.47 13.33
CA LEU A 156 -7.88 7.58 12.93
C LEU A 156 -7.56 8.81 13.77
N GLU A 157 -7.16 9.90 13.11
CA GLU A 157 -7.05 11.20 13.76
C GLU A 157 -8.44 11.85 13.76
N VAL A 158 -9.19 11.66 14.87
CA VAL A 158 -10.52 12.28 15.03
C VAL A 158 -10.42 13.81 14.94
N ARG A 159 -11.23 14.40 14.07
CA ARG A 159 -11.25 15.85 13.80
C ARG A 159 -12.68 16.31 13.95
N ILE A 160 -13.00 16.79 15.15
CA ILE A 160 -14.37 17.13 15.53
C ILE A 160 -14.77 18.45 14.86
N THR A 161 -15.83 18.36 14.04
CA THR A 161 -16.34 19.43 13.20
C THR A 161 -17.82 19.72 13.59
N ALA A 1 -2.03 -0.26 -19.90
CA ALA A 1 -1.00 -0.71 -18.95
C ALA A 1 -1.45 -2.01 -18.26
N ALA A 2 -0.59 -3.04 -18.32
CA ALA A 2 -0.79 -4.31 -17.61
C ALA A 2 -0.54 -4.12 -16.09
N LEU A 3 0.67 -4.47 -15.60
CA LEU A 3 1.12 -4.14 -14.22
C LEU A 3 2.45 -3.38 -14.34
N VAL A 4 2.42 -2.37 -15.23
CA VAL A 4 3.57 -1.54 -15.60
C VAL A 4 3.08 -0.40 -16.52
N ALA A 5 3.49 0.84 -16.23
CA ALA A 5 3.22 2.01 -17.07
C ALA A 5 4.39 2.26 -18.02
N HIS A 6 5.61 2.22 -17.45
CA HIS A 6 6.85 2.48 -18.21
C HIS A 6 8.09 1.99 -17.45
N VAL A 7 9.13 1.63 -18.20
CA VAL A 7 10.44 1.22 -17.67
C VAL A 7 11.18 2.46 -17.16
N THR A 8 11.63 2.42 -15.90
CA THR A 8 12.32 3.54 -15.26
C THR A 8 13.64 3.06 -14.63
N SER A 9 14.68 2.99 -15.47
CA SER A 9 16.05 2.64 -15.03
C SER A 9 16.60 3.72 -14.08
N GLY A 10 16.18 5.00 -14.33
CA GLY A 10 16.59 6.14 -13.52
C GLY A 10 18.03 6.56 -13.81
N SER A 11 18.98 5.86 -13.15
CA SER A 11 20.42 6.03 -13.36
C SER A 11 21.18 4.85 -12.75
N GLY A 12 22.45 4.70 -13.14
CA GLY A 12 23.33 3.69 -12.57
C GLY A 12 23.90 4.13 -11.22
N GLY A 13 24.12 3.16 -10.33
CA GLY A 13 24.66 3.44 -8.99
C GLY A 13 24.99 2.18 -8.24
N SER A 14 26.16 2.16 -7.57
CA SER A 14 26.60 1.02 -6.77
C SER A 14 26.02 1.11 -5.34
N GLY A 15 24.75 0.67 -5.21
CA GLY A 15 24.08 0.61 -3.91
C GLY A 15 24.60 -0.51 -3.03
N GLY A 16 25.11 -1.58 -3.67
CA GLY A 16 25.70 -2.71 -2.98
C GLY A 16 26.27 -3.70 -3.98
N SER A 17 26.11 -5.01 -3.70
CA SER A 17 26.47 -6.08 -4.64
C SER A 17 25.19 -6.57 -5.35
N GLY A 18 25.12 -6.34 -6.68
CA GLY A 18 23.98 -6.76 -7.50
C GLY A 18 24.15 -8.19 -8.00
N GLY A 19 24.41 -9.12 -7.07
CA GLY A 19 24.65 -10.52 -7.38
C GLY A 19 23.36 -11.26 -7.69
N SER A 20 22.89 -11.09 -8.93
CA SER A 20 21.61 -11.62 -9.40
C SER A 20 21.63 -11.73 -10.94
N GLY A 21 20.46 -11.99 -11.55
CA GLY A 21 20.30 -11.86 -12.99
C GLY A 21 20.21 -10.39 -13.43
N ARG A 22 19.76 -10.16 -14.67
CA ARG A 22 19.55 -8.81 -15.21
C ARG A 22 18.51 -8.04 -14.38
N ASP A 23 18.94 -6.89 -13.84
CA ASP A 23 18.07 -5.92 -13.16
C ASP A 23 17.16 -5.25 -14.18
N LEU A 24 15.89 -5.16 -13.83
CA LEU A 24 14.85 -4.62 -14.70
C LEU A 24 13.98 -3.72 -13.84
N ARG A 25 13.86 -2.44 -14.20
CA ARG A 25 13.19 -1.43 -13.33
C ARG A 25 12.02 -0.82 -14.09
N ALA A 26 10.85 -0.75 -13.44
CA ALA A 26 9.62 -0.22 -14.04
C ALA A 26 8.71 0.34 -12.95
N GLU A 27 7.95 1.41 -13.27
CA GLU A 27 6.98 2.01 -12.33
C GLU A 27 5.60 2.09 -12.98
N LEU A 28 4.57 2.07 -12.12
CA LEU A 28 3.16 2.08 -12.54
C LEU A 28 2.32 2.86 -11.53
N PRO A 29 1.21 3.55 -11.97
CA PRO A 29 0.23 4.10 -11.02
C PRO A 29 -0.63 2.97 -10.42
N LEU A 30 -0.52 2.75 -9.11
CA LEU A 30 -1.32 1.77 -8.38
C LEU A 30 -2.37 2.53 -7.55
N THR A 31 -3.53 1.92 -7.36
CA THR A 31 -4.57 2.47 -6.49
C THR A 31 -4.19 2.26 -5.00
N LEU A 32 -4.58 3.20 -4.14
CA LEU A 32 -4.44 3.09 -2.66
C LEU A 32 -5.06 1.78 -2.17
N GLU A 33 -6.31 1.57 -2.59
CA GLU A 33 -7.08 0.36 -2.29
C GLU A 33 -6.34 -0.93 -2.74
N GLU A 34 -5.50 -0.85 -3.80
CA GLU A 34 -4.71 -2.01 -4.29
C GLU A 34 -3.38 -2.16 -3.54
N ALA A 35 -2.90 -1.06 -2.92
CA ALA A 35 -1.84 -1.13 -1.92
C ALA A 35 -2.29 -1.97 -0.72
N PHE A 36 -3.60 -1.88 -0.42
CA PHE A 36 -4.26 -2.72 0.59
C PHE A 36 -4.53 -4.15 0.08
N HIS A 37 -5.16 -4.28 -1.10
CA HIS A 37 -5.66 -5.57 -1.60
C HIS A 37 -4.53 -6.48 -2.11
N GLY A 38 -3.65 -5.92 -2.95
CA GLY A 38 -2.59 -6.69 -3.63
C GLY A 38 -3.16 -7.71 -4.62
N GLY A 39 -2.35 -8.70 -5.01
CA GLY A 39 -2.83 -9.85 -5.81
C GLY A 39 -2.01 -10.14 -7.05
N GLU A 40 -2.57 -11.04 -7.89
CA GLU A 40 -1.94 -11.50 -9.14
C GLU A 40 -2.46 -10.63 -10.31
N ARG A 41 -1.56 -9.96 -11.02
CA ARG A 41 -1.90 -9.21 -12.26
C ARG A 41 -0.90 -9.60 -13.36
N VAL A 42 -1.19 -9.23 -14.61
CA VAL A 42 -0.29 -9.53 -15.74
C VAL A 42 0.68 -8.36 -15.92
N VAL A 43 1.95 -8.65 -16.27
CA VAL A 43 2.96 -7.61 -16.51
C VAL A 43 3.67 -7.91 -17.84
N GLU A 44 3.88 -6.89 -18.67
CA GLU A 44 4.69 -7.02 -19.91
C GLU A 44 5.80 -5.95 -19.91
N VAL A 45 7.01 -6.36 -19.50
CA VAL A 45 8.23 -5.52 -19.53
C VAL A 45 9.28 -6.25 -20.39
N ALA A 46 10.00 -5.46 -21.25
CA ALA A 46 11.00 -5.97 -22.20
C ALA A 46 10.36 -6.88 -23.27
N GLY A 47 9.03 -6.72 -23.47
CA GLY A 47 8.26 -7.52 -24.43
C GLY A 47 7.92 -8.92 -23.94
N ARG A 48 8.09 -9.16 -22.61
CA ARG A 48 7.79 -10.46 -21.99
C ARG A 48 6.55 -10.31 -21.11
N ARG A 49 5.48 -11.06 -21.45
CA ARG A 49 4.19 -10.97 -20.74
C ARG A 49 4.01 -12.21 -19.84
N VAL A 50 4.17 -12.01 -18.52
CA VAL A 50 4.04 -13.07 -17.50
C VAL A 50 3.10 -12.54 -16.40
N SER A 51 2.24 -13.42 -15.84
CA SER A 51 1.40 -13.06 -14.70
C SER A 51 2.28 -12.96 -13.43
N VAL A 52 2.42 -11.72 -12.92
CA VAL A 52 3.23 -11.42 -11.74
C VAL A 52 2.31 -11.34 -10.51
N ARG A 53 2.84 -11.73 -9.35
CA ARG A 53 2.17 -11.55 -8.07
C ARG A 53 2.92 -10.47 -7.30
N ILE A 54 2.20 -9.45 -6.83
CA ILE A 54 2.76 -8.47 -5.90
C ILE A 54 1.91 -8.49 -4.61
N PRO A 55 2.54 -8.71 -3.41
CA PRO A 55 1.80 -8.92 -2.14
C PRO A 55 1.15 -7.60 -1.61
N PRO A 56 0.04 -7.71 -0.82
CA PRO A 56 -0.53 -6.57 -0.08
C PRO A 56 0.44 -6.06 1.01
N GLY A 57 0.40 -4.75 1.26
CA GLY A 57 1.38 -4.09 2.12
C GLY A 57 2.42 -3.38 1.28
N VAL A 58 1.93 -2.53 0.38
CA VAL A 58 2.78 -1.75 -0.55
C VAL A 58 2.35 -0.25 -0.45
N ARG A 59 3.22 0.68 -0.89
CA ARG A 59 3.11 2.13 -0.60
C ARG A 59 3.61 2.96 -1.79
N GLU A 60 3.40 4.28 -1.72
CA GLU A 60 4.01 5.25 -2.64
C GLU A 60 5.55 5.13 -2.63
N GLY A 61 6.14 4.94 -3.83
CA GLY A 61 7.58 4.79 -3.98
C GLY A 61 8.12 3.41 -3.61
N SER A 62 7.24 2.53 -3.08
CA SER A 62 7.62 1.18 -2.64
C SER A 62 8.01 0.33 -3.87
N VAL A 63 9.19 -0.28 -3.74
CA VAL A 63 9.87 -0.99 -4.82
C VAL A 63 9.73 -2.51 -4.60
N ILE A 64 9.09 -3.20 -5.55
CA ILE A 64 8.69 -4.60 -5.42
C ILE A 64 9.64 -5.47 -6.26
N ARG A 65 10.46 -6.28 -5.60
CA ARG A 65 11.40 -7.21 -6.25
C ARG A 65 10.67 -8.50 -6.67
N VAL A 66 10.60 -8.81 -7.98
CA VAL A 66 10.10 -10.13 -8.45
C VAL A 66 11.26 -10.87 -9.21
N PRO A 67 11.73 -12.05 -8.71
CA PRO A 67 12.84 -12.80 -9.33
C PRO A 67 12.39 -13.65 -10.55
N GLY A 68 13.31 -13.82 -11.51
CA GLY A 68 13.06 -14.65 -12.70
C GLY A 68 12.29 -13.92 -13.81
N MET A 69 12.37 -12.58 -13.82
CA MET A 69 11.69 -11.73 -14.82
C MET A 69 12.70 -11.10 -15.79
N GLY A 70 13.67 -10.34 -15.23
CA GLY A 70 14.70 -9.68 -16.04
C GLY A 70 15.68 -10.69 -16.65
N GLY A 71 16.67 -11.09 -15.85
CA GLY A 71 17.52 -12.24 -16.17
C GLY A 71 16.74 -13.54 -16.20
N GLN A 72 16.63 -14.14 -17.39
CA GLN A 72 16.08 -15.49 -17.59
C GLN A 72 17.19 -16.55 -17.45
N GLY A 73 16.80 -17.84 -17.44
CA GLY A 73 17.75 -18.95 -17.33
C GLY A 73 17.94 -19.39 -15.88
N ASN A 74 19.20 -19.63 -15.47
CA ASN A 74 19.53 -20.00 -14.08
C ASN A 74 19.61 -18.75 -13.16
N PRO A 75 20.33 -17.61 -13.51
CA PRO A 75 20.34 -16.38 -12.67
C PRO A 75 18.99 -15.65 -12.73
N PRO A 76 18.21 -15.59 -11.58
CA PRO A 76 16.89 -14.93 -11.56
C PRO A 76 17.02 -13.40 -11.58
N GLY A 77 16.36 -12.74 -12.53
CA GLY A 77 16.40 -11.29 -12.67
C GLY A 77 15.24 -10.62 -11.96
N ASP A 78 15.49 -9.45 -11.39
CA ASP A 78 14.53 -8.79 -10.49
C ASP A 78 13.88 -7.60 -11.19
N LEU A 79 12.56 -7.68 -11.37
CA LEU A 79 11.76 -6.56 -11.86
C LEU A 79 11.30 -5.77 -10.64
N LEU A 80 11.87 -4.58 -10.49
CA LEU A 80 11.60 -3.65 -9.41
C LEU A 80 10.45 -2.72 -9.81
N LEU A 81 9.25 -3.06 -9.33
CA LEU A 81 8.02 -2.31 -9.57
C LEU A 81 7.81 -1.24 -8.50
N VAL A 82 8.11 0.01 -8.88
CA VAL A 82 7.89 1.18 -8.04
C VAL A 82 6.45 1.67 -8.27
N VAL A 83 5.55 1.42 -7.31
CA VAL A 83 4.14 1.84 -7.50
C VAL A 83 3.94 3.32 -7.11
N ARG A 84 2.98 3.95 -7.80
CA ARG A 84 2.63 5.37 -7.63
C ARG A 84 1.17 5.41 -7.19
N LEU A 85 0.94 5.59 -5.88
CA LEU A 85 -0.42 5.60 -5.33
C LEU A 85 -1.21 6.82 -5.82
N LEU A 86 -2.53 6.63 -6.02
CA LEU A 86 -3.42 7.68 -6.55
C LEU A 86 -3.35 8.97 -5.69
N PRO A 87 -3.33 10.18 -6.33
CA PRO A 87 -3.15 11.47 -5.63
C PRO A 87 -4.40 11.93 -4.83
N HIS A 88 -4.71 11.17 -3.76
CA HIS A 88 -5.76 11.53 -2.78
C HIS A 88 -5.43 10.82 -1.44
N PRO A 89 -4.52 11.39 -0.59
CA PRO A 89 -4.08 10.72 0.66
C PRO A 89 -5.25 10.52 1.64
N VAL A 90 -5.46 9.27 2.07
CA VAL A 90 -6.45 8.91 3.11
C VAL A 90 -5.79 7.92 4.07
N PHE A 91 -5.16 6.90 3.49
CA PHE A 91 -4.46 5.85 4.24
C PHE A 91 -2.95 5.93 4.00
N ARG A 92 -2.21 5.77 5.11
CA ARG A 92 -0.75 5.71 5.13
C ARG A 92 -0.37 4.40 5.83
N LEU A 93 0.82 3.86 5.54
CA LEU A 93 1.30 2.61 6.13
C LEU A 93 2.76 2.78 6.56
N GLU A 94 3.08 2.25 7.74
CA GLU A 94 4.45 2.12 8.23
C GLU A 94 4.56 0.78 8.97
N GLY A 95 5.39 -0.13 8.43
CA GLY A 95 5.51 -1.48 8.96
C GLY A 95 4.24 -2.29 8.79
N GLN A 96 3.39 -2.31 9.83
CA GLN A 96 2.11 -3.04 9.84
C GLN A 96 0.94 -2.06 10.09
N ASP A 97 1.27 -0.87 10.65
CA ASP A 97 0.27 0.10 11.13
C ASP A 97 -0.25 0.98 9.98
N LEU A 98 -1.54 1.29 10.09
CA LEU A 98 -2.26 2.16 9.16
C LEU A 98 -2.51 3.49 9.86
N TYR A 99 -2.69 4.53 9.05
CA TYR A 99 -2.91 5.90 9.52
C TYR A 99 -3.97 6.51 8.61
N ALA A 100 -5.08 6.95 9.19
CA ALA A 100 -6.19 7.57 8.43
C ALA A 100 -6.74 8.74 9.22
N THR A 101 -7.10 9.80 8.50
CA THR A 101 -7.67 10.99 9.12
C THR A 101 -9.21 10.85 9.14
N LEU A 102 -9.77 10.84 10.34
CA LEU A 102 -11.21 10.68 10.56
C LEU A 102 -11.81 12.02 10.96
N ASP A 103 -12.67 12.56 10.09
CA ASP A 103 -13.44 13.77 10.41
C ASP A 103 -14.77 13.35 11.05
N VAL A 104 -14.91 13.67 12.35
CA VAL A 104 -16.10 13.35 13.14
C VAL A 104 -16.99 14.60 13.18
N PRO A 105 -18.26 14.54 12.65
CA PRO A 105 -19.20 15.67 12.72
C PRO A 105 -19.44 16.12 14.18
N ALA A 106 -19.41 17.45 14.40
CA ALA A 106 -19.50 18.09 15.75
C ALA A 106 -20.69 17.56 16.62
N PRO A 107 -21.94 17.38 16.05
CA PRO A 107 -23.04 16.68 16.77
C PRO A 107 -22.62 15.32 17.36
N ILE A 108 -22.07 14.43 16.51
CA ILE A 108 -21.64 13.08 16.94
C ILE A 108 -20.46 13.15 17.92
N ALA A 109 -19.58 14.14 17.70
CA ALA A 109 -18.38 14.34 18.51
C ALA A 109 -18.75 14.55 19.99
N VAL A 110 -19.78 15.38 20.24
CA VAL A 110 -20.20 15.70 21.62
C VAL A 110 -21.26 14.71 22.16
N VAL A 111 -22.43 14.56 21.48
CA VAL A 111 -23.56 13.75 22.02
C VAL A 111 -23.56 12.31 21.47
N GLY A 112 -22.97 12.11 20.28
CA GLY A 112 -23.07 10.81 19.59
C GLY A 112 -21.98 9.85 20.02
N GLY A 113 -21.54 9.01 19.09
CA GLY A 113 -20.50 8.01 19.39
C GLY A 113 -20.29 6.96 18.31
N LYS A 114 -20.87 7.14 17.12
CA LYS A 114 -20.73 6.17 16.01
C LYS A 114 -20.54 6.96 14.70
N VAL A 115 -19.40 6.73 14.04
CA VAL A 115 -19.07 7.34 12.75
C VAL A 115 -18.37 6.29 11.88
N ARG A 116 -18.73 6.21 10.60
CA ARG A 116 -18.19 5.20 9.68
C ARG A 116 -17.06 5.84 8.86
N ALA A 117 -15.88 5.20 8.86
CA ALA A 117 -14.68 5.72 8.21
C ALA A 117 -14.45 4.98 6.88
N MET A 118 -14.07 5.76 5.85
CA MET A 118 -13.70 5.23 4.53
C MET A 118 -12.31 4.58 4.61
N THR A 119 -12.27 3.25 4.53
CA THR A 119 -11.02 2.48 4.47
C THR A 119 -10.84 1.85 3.09
N LEU A 120 -9.61 1.37 2.83
CA LEU A 120 -9.24 0.72 1.56
C LEU A 120 -9.88 -0.69 1.43
N GLU A 121 -10.55 -1.15 2.50
CA GLU A 121 -11.28 -2.42 2.55
C GLU A 121 -12.79 -2.23 2.25
N GLY A 122 -13.29 -0.99 2.42
CA GLY A 122 -14.74 -0.69 2.35
C GLY A 122 -15.16 0.26 3.47
N PRO A 123 -16.41 0.13 4.03
CA PRO A 123 -16.83 0.87 5.24
C PRO A 123 -16.43 0.13 6.55
N VAL A 124 -15.74 0.84 7.47
CA VAL A 124 -15.58 0.39 8.88
C VAL A 124 -16.41 1.31 9.78
N GLU A 125 -16.88 0.77 10.92
CA GLU A 125 -17.65 1.56 11.89
C GLU A 125 -16.80 1.71 13.14
N VAL A 126 -16.32 2.93 13.37
CA VAL A 126 -15.54 3.27 14.55
C VAL A 126 -16.40 4.08 15.55
N ALA A 127 -16.32 3.68 16.82
CA ALA A 127 -17.02 4.36 17.91
C ALA A 127 -16.14 5.47 18.49
N VAL A 128 -16.67 6.71 18.55
CA VAL A 128 -15.97 7.84 19.20
C VAL A 128 -16.52 8.00 20.63
N PRO A 129 -15.66 8.32 21.64
CA PRO A 129 -16.12 8.56 23.03
C PRO A 129 -17.12 9.74 23.11
N PRO A 130 -18.22 9.65 23.94
CA PRO A 130 -19.14 10.78 24.20
C PRO A 130 -18.35 12.02 24.67
N ARG A 131 -18.34 13.06 23.82
CA ARG A 131 -17.41 14.20 23.91
C ARG A 131 -15.96 13.75 23.66
N THR A 132 -15.66 13.43 22.38
CA THR A 132 -14.30 13.18 21.89
C THR A 132 -13.60 14.53 21.60
N GLN A 133 -12.30 14.49 21.28
CA GLN A 133 -11.47 15.70 21.04
C GLN A 133 -10.68 15.53 19.74
N ALA A 134 -10.44 16.64 19.03
CA ALA A 134 -9.60 16.68 17.82
C ALA A 134 -8.13 16.45 18.21
N GLY A 135 -7.54 15.36 17.71
CA GLY A 135 -6.18 14.93 18.06
C GLY A 135 -6.14 13.61 18.82
N ARG A 136 -7.32 12.98 19.01
CA ARG A 136 -7.42 11.65 19.64
C ARG A 136 -7.16 10.51 18.63
N LYS A 137 -6.82 9.33 19.15
CA LYS A 137 -6.45 8.13 18.37
C LYS A 137 -7.48 7.03 18.61
N LEU A 138 -8.14 6.57 17.54
CA LEU A 138 -9.06 5.43 17.59
C LEU A 138 -8.41 4.27 16.84
N ARG A 139 -7.82 3.35 17.60
CA ARG A 139 -6.97 2.27 17.08
C ARG A 139 -7.81 1.00 16.89
N LEU A 140 -8.17 0.70 15.62
CA LEU A 140 -9.02 -0.46 15.28
C LEU A 140 -8.17 -1.75 15.24
N LYS A 141 -8.56 -2.70 16.12
CA LYS A 141 -7.79 -3.91 16.46
C LYS A 141 -7.69 -4.87 15.26
N GLY A 142 -6.44 -5.17 14.84
CA GLY A 142 -6.17 -6.24 13.87
C GLY A 142 -6.73 -5.97 12.48
N LYS A 143 -6.75 -4.68 12.09
CA LYS A 143 -7.24 -4.25 10.76
C LYS A 143 -6.12 -3.62 9.93
N GLY A 144 -4.89 -3.60 10.47
CA GLY A 144 -3.69 -3.29 9.69
C GLY A 144 -3.09 -4.53 9.06
N PHE A 145 -1.95 -4.37 8.36
CA PHE A 145 -1.30 -5.48 7.63
C PHE A 145 -0.59 -6.43 8.60
N PRO A 146 -0.44 -7.75 8.25
CA PRO A 146 0.25 -8.72 9.13
C PRO A 146 1.79 -8.57 9.03
N GLY A 147 2.51 -9.19 9.99
CA GLY A 147 3.98 -9.12 10.00
C GLY A 147 4.58 -9.47 11.37
N PRO A 148 5.84 -9.01 11.66
CA PRO A 148 6.51 -9.19 12.99
C PRO A 148 5.68 -8.68 14.20
N ALA A 149 4.75 -7.74 13.94
CA ALA A 149 3.83 -7.21 14.97
C ALA A 149 2.53 -8.03 15.04
N GLY A 150 2.56 -9.27 14.50
CA GLY A 150 1.38 -10.13 14.37
C GLY A 150 0.44 -9.59 13.30
N ARG A 151 -0.54 -8.79 13.73
CA ARG A 151 -1.38 -7.95 12.86
C ARG A 151 -1.18 -6.51 13.27
N GLY A 152 -1.23 -5.60 12.29
CA GLY A 152 -1.22 -4.17 12.54
C GLY A 152 -2.57 -3.66 12.96
N ASP A 153 -2.69 -2.33 13.07
CA ASP A 153 -3.91 -1.67 13.54
C ASP A 153 -4.18 -0.43 12.69
N LEU A 154 -5.40 0.09 12.74
CA LEU A 154 -5.75 1.35 12.08
C LEU A 154 -5.75 2.48 13.12
N TYR A 155 -4.76 3.36 13.01
CA TYR A 155 -4.60 4.56 13.84
C TYR A 155 -5.39 5.68 13.14
N LEU A 156 -6.56 6.03 13.70
CA LEU A 156 -7.35 7.18 13.26
C LEU A 156 -6.91 8.47 13.96
N GLU A 157 -6.98 9.59 13.24
CA GLU A 157 -6.74 10.93 13.75
C GLU A 157 -8.07 11.69 13.76
N VAL A 158 -8.72 11.74 14.95
CA VAL A 158 -9.98 12.48 15.15
C VAL A 158 -9.81 13.97 14.77
N ARG A 159 -10.70 14.44 13.89
CA ARG A 159 -10.76 15.82 13.41
C ARG A 159 -12.21 16.26 13.50
N ILE A 160 -12.58 16.95 14.57
CA ILE A 160 -13.96 17.38 14.77
C ILE A 160 -14.28 18.55 13.83
N THR A 161 -15.30 18.35 12.99
CA THR A 161 -15.75 19.30 11.97
C THR A 161 -17.20 19.77 12.31
N ALA A 1 -0.14 -3.08 -21.12
CA ALA A 1 -0.13 -3.99 -19.94
C ALA A 1 -1.23 -3.60 -18.94
N ALA A 2 -1.61 -4.56 -18.08
CA ALA A 2 -2.66 -4.34 -17.07
C ALA A 2 -2.13 -3.56 -15.86
N LEU A 3 -0.90 -3.89 -15.40
CA LEU A 3 -0.20 -3.14 -14.33
C LEU A 3 0.80 -2.13 -14.92
N VAL A 4 2.00 -2.62 -15.35
CA VAL A 4 3.12 -1.75 -15.82
C VAL A 4 2.75 -0.85 -17.00
N ALA A 5 3.55 0.21 -17.13
CA ALA A 5 3.45 1.20 -18.20
C ALA A 5 4.63 1.02 -19.17
N HIS A 6 5.83 0.81 -18.59
CA HIS A 6 7.11 0.63 -19.35
C HIS A 6 8.27 0.36 -18.38
N VAL A 7 9.44 -0.04 -18.96
CA VAL A 7 10.73 -0.06 -18.25
C VAL A 7 11.10 1.39 -17.88
N THR A 8 11.18 1.68 -16.57
CA THR A 8 11.40 3.05 -16.07
C THR A 8 12.85 3.52 -16.34
N SER A 9 13.82 2.65 -16.04
CA SER A 9 15.24 2.98 -16.14
C SER A 9 16.06 1.70 -16.02
N GLY A 10 16.54 1.20 -17.18
CA GLY A 10 17.37 0.00 -17.22
C GLY A 10 18.83 0.30 -16.89
N SER A 11 19.09 0.66 -15.63
CA SER A 11 20.42 1.04 -15.13
C SER A 11 21.25 -0.22 -14.75
N GLY A 12 20.89 -1.37 -15.33
CA GLY A 12 21.43 -2.66 -14.93
C GLY A 12 20.75 -3.14 -13.66
N GLY A 13 21.20 -2.59 -12.53
CA GLY A 13 20.65 -2.91 -11.22
C GLY A 13 21.71 -3.39 -10.24
N SER A 14 21.28 -4.17 -9.24
CA SER A 14 22.16 -4.69 -8.19
C SER A 14 22.73 -6.05 -8.61
N GLY A 15 21.82 -6.99 -8.91
CA GLY A 15 22.20 -8.37 -9.22
C GLY A 15 22.63 -9.15 -7.99
N GLY A 16 23.36 -10.25 -8.20
CA GLY A 16 23.83 -11.08 -7.10
C GLY A 16 24.57 -12.33 -7.55
N SER A 17 24.62 -13.32 -6.65
CA SER A 17 25.29 -14.60 -6.87
C SER A 17 24.25 -15.73 -6.66
N GLY A 18 23.78 -15.85 -5.41
CA GLY A 18 22.74 -16.80 -5.05
C GLY A 18 21.36 -16.20 -5.29
N GLY A 19 20.96 -16.16 -6.56
CA GLY A 19 19.76 -15.45 -7.02
C GLY A 19 20.11 -14.10 -7.62
N SER A 20 19.09 -13.43 -8.18
CA SER A 20 19.22 -12.11 -8.83
C SER A 20 20.22 -12.14 -10.00
N GLY A 21 19.72 -12.57 -11.18
CA GLY A 21 20.48 -12.47 -12.42
C GLY A 21 20.55 -11.03 -12.91
N ARG A 22 19.78 -10.71 -13.95
CA ARG A 22 19.63 -9.33 -14.43
C ARG A 22 18.36 -8.71 -13.81
N ASP A 23 18.53 -7.59 -13.12
CA ASP A 23 17.41 -6.81 -12.57
C ASP A 23 16.66 -6.15 -13.72
N LEU A 24 15.34 -6.29 -13.73
CA LEU A 24 14.46 -5.62 -14.69
C LEU A 24 13.70 -4.55 -13.91
N ARG A 25 13.73 -3.29 -14.37
CA ARG A 25 13.22 -2.15 -13.59
C ARG A 25 12.10 -1.45 -14.38
N ALA A 26 10.85 -1.60 -13.90
CA ALA A 26 9.65 -1.08 -14.60
C ALA A 26 8.77 -0.29 -13.63
N GLU A 27 8.21 0.84 -14.12
CA GLU A 27 7.30 1.70 -13.35
C GLU A 27 5.84 1.50 -13.80
N LEU A 28 4.92 1.62 -12.82
CA LEU A 28 3.48 1.45 -13.03
C LEU A 28 2.69 2.40 -12.11
N PRO A 29 1.53 2.93 -12.57
CA PRO A 29 0.59 3.61 -11.67
C PRO A 29 -0.24 2.60 -10.86
N LEU A 30 -0.16 2.69 -9.53
CA LEU A 30 -0.94 1.87 -8.61
C LEU A 30 -1.95 2.77 -7.88
N THR A 31 -2.99 2.15 -7.30
CA THR A 31 -3.99 2.84 -6.49
C THR A 31 -3.68 2.60 -4.99
N LEU A 32 -4.18 3.49 -4.10
CA LEU A 32 -3.99 3.40 -2.63
C LEU A 32 -4.48 2.04 -2.09
N GLU A 33 -5.74 1.72 -2.46
CA GLU A 33 -6.38 0.42 -2.12
C GLU A 33 -5.52 -0.77 -2.60
N GLU A 34 -4.82 -0.59 -3.73
CA GLU A 34 -4.01 -1.66 -4.35
C GLU A 34 -2.59 -1.74 -3.75
N ALA A 35 -2.15 -0.66 -3.08
CA ALA A 35 -1.02 -0.72 -2.16
C ALA A 35 -1.31 -1.71 -1.00
N PHE A 36 -2.56 -1.64 -0.52
CA PHE A 36 -3.06 -2.57 0.50
C PHE A 36 -3.33 -3.98 -0.05
N HIS A 37 -3.94 -4.07 -1.25
CA HIS A 37 -4.38 -5.38 -1.81
C HIS A 37 -3.24 -6.12 -2.54
N GLY A 38 -2.54 -5.40 -3.43
CA GLY A 38 -1.52 -5.99 -4.30
C GLY A 38 -2.15 -6.90 -5.34
N GLY A 39 -1.90 -8.22 -5.21
CA GLY A 39 -2.61 -9.26 -5.98
C GLY A 39 -1.94 -9.62 -7.30
N GLU A 40 -2.47 -10.66 -7.97
CA GLU A 40 -1.98 -11.12 -9.27
C GLU A 40 -2.66 -10.32 -10.38
N ARG A 41 -1.86 -9.71 -11.25
CA ARG A 41 -2.36 -8.97 -12.42
C ARG A 41 -1.24 -8.93 -13.47
N VAL A 42 -1.59 -9.15 -14.76
CA VAL A 42 -0.61 -9.40 -15.84
C VAL A 42 0.20 -8.14 -16.23
N VAL A 43 1.49 -8.36 -16.54
CA VAL A 43 2.40 -7.33 -17.05
C VAL A 43 3.01 -7.80 -18.37
N GLU A 44 3.37 -6.84 -19.22
CA GLU A 44 4.14 -7.07 -20.45
C GLU A 44 5.38 -6.17 -20.38
N VAL A 45 6.53 -6.78 -20.08
CA VAL A 45 7.81 -6.07 -19.91
C VAL A 45 8.99 -6.99 -20.29
N ALA A 46 10.00 -6.41 -20.99
CA ALA A 46 11.19 -7.12 -21.53
C ALA A 46 10.82 -8.21 -22.57
N GLY A 47 9.61 -8.10 -23.16
CA GLY A 47 9.10 -9.11 -24.09
C GLY A 47 8.55 -10.34 -23.37
N ARG A 48 8.09 -10.14 -22.11
CA ARG A 48 7.52 -11.22 -21.28
C ARG A 48 6.14 -10.80 -20.76
N ARG A 49 5.11 -11.57 -21.16
CA ARG A 49 3.75 -11.42 -20.65
C ARG A 49 3.51 -12.47 -19.55
N VAL A 50 3.53 -12.02 -18.29
CA VAL A 50 3.38 -12.89 -17.11
C VAL A 50 2.63 -12.14 -16.00
N SER A 51 1.69 -12.84 -15.34
CA SER A 51 0.92 -12.31 -14.21
C SER A 51 1.81 -12.21 -12.96
N VAL A 52 2.00 -10.98 -12.45
CA VAL A 52 2.85 -10.72 -11.28
C VAL A 52 1.98 -10.56 -10.02
N ARG A 53 2.45 -11.13 -8.91
CA ARG A 53 1.83 -10.96 -7.59
C ARG A 53 2.71 -10.05 -6.75
N ILE A 54 2.26 -8.81 -6.56
CA ILE A 54 2.94 -7.85 -5.70
C ILE A 54 2.26 -7.89 -4.31
N PRO A 55 3.03 -8.05 -3.20
CA PRO A 55 2.46 -8.37 -1.86
C PRO A 55 1.70 -7.18 -1.22
N PRO A 56 0.66 -7.46 -0.35
CA PRO A 56 0.01 -6.43 0.48
C PRO A 56 1.05 -5.79 1.43
N GLY A 57 1.39 -4.51 1.19
CA GLY A 57 2.49 -3.87 1.89
C GLY A 57 3.41 -3.16 0.92
N VAL A 58 2.85 -2.21 0.18
CA VAL A 58 3.58 -1.37 -0.79
C VAL A 58 3.04 0.08 -0.69
N ARG A 59 3.81 1.07 -1.22
CA ARG A 59 3.54 2.51 -1.04
C ARG A 59 3.98 3.31 -2.31
N GLU A 60 3.72 4.63 -2.29
CA GLU A 60 4.16 5.60 -3.32
C GLU A 60 5.70 5.57 -3.49
N GLY A 61 6.14 5.20 -4.70
CA GLY A 61 7.55 5.14 -5.05
C GLY A 61 8.27 3.90 -4.52
N SER A 62 7.49 2.96 -3.95
CA SER A 62 8.03 1.72 -3.36
C SER A 62 8.37 0.73 -4.48
N VAL A 63 9.54 0.10 -4.33
CA VAL A 63 10.15 -0.76 -5.34
C VAL A 63 9.96 -2.24 -4.91
N ILE A 64 9.27 -3.02 -5.75
CA ILE A 64 8.83 -4.39 -5.42
C ILE A 64 9.74 -5.42 -6.13
N ARG A 65 10.47 -6.20 -5.35
CA ARG A 65 11.34 -7.27 -5.86
C ARG A 65 10.52 -8.56 -6.07
N VAL A 66 10.24 -8.92 -7.34
CA VAL A 66 9.49 -10.15 -7.68
C VAL A 66 10.42 -11.18 -8.41
N PRO A 67 10.77 -12.33 -7.75
CA PRO A 67 11.76 -13.32 -8.29
C PRO A 67 11.30 -14.01 -9.59
N GLY A 68 12.28 -14.36 -10.46
CA GLY A 68 12.04 -15.16 -11.67
C GLY A 68 11.28 -14.41 -12.76
N MET A 69 11.36 -13.08 -12.74
CA MET A 69 10.58 -12.19 -13.62
C MET A 69 11.49 -11.31 -14.51
N GLY A 70 12.68 -10.98 -13.98
CA GLY A 70 13.65 -10.13 -14.70
C GLY A 70 14.51 -10.92 -15.68
N GLY A 71 15.74 -11.25 -15.24
CA GLY A 71 16.68 -12.05 -16.04
C GLY A 71 16.20 -13.48 -16.21
N GLN A 72 15.59 -13.75 -17.38
CA GLN A 72 15.02 -15.06 -17.72
C GLN A 72 16.13 -16.04 -18.15
N GLY A 73 16.44 -16.99 -17.26
CA GLY A 73 17.47 -18.01 -17.52
C GLY A 73 17.80 -18.81 -16.28
N ASN A 74 18.99 -19.45 -16.27
CA ASN A 74 19.42 -20.35 -15.18
C ASN A 74 19.64 -19.57 -13.85
N PRO A 75 20.35 -18.39 -13.82
CA PRO A 75 20.32 -17.48 -12.65
C PRO A 75 19.01 -16.65 -12.64
N PRO A 76 18.08 -16.87 -11.65
CA PRO A 76 16.78 -16.17 -11.64
C PRO A 76 16.94 -14.67 -11.37
N GLY A 77 16.44 -13.85 -12.30
CA GLY A 77 16.44 -12.38 -12.13
C GLY A 77 15.09 -11.91 -11.63
N ASP A 78 15.07 -10.82 -10.87
CA ASP A 78 13.86 -10.25 -10.29
C ASP A 78 13.47 -8.98 -11.02
N LEU A 79 12.21 -8.59 -10.88
CA LEU A 79 11.64 -7.40 -11.52
C LEU A 79 11.25 -6.42 -10.42
N LEU A 80 11.94 -5.28 -10.42
CA LEU A 80 11.69 -4.17 -9.52
C LEU A 80 10.58 -3.24 -10.07
N LEU A 81 9.39 -3.41 -9.50
CA LEU A 81 8.22 -2.59 -9.82
C LEU A 81 8.13 -1.37 -8.90
N VAL A 82 8.47 -0.20 -9.46
CA VAL A 82 8.29 1.08 -8.77
C VAL A 82 6.85 1.56 -9.02
N VAL A 83 5.97 1.34 -8.03
CA VAL A 83 4.57 1.75 -8.15
C VAL A 83 4.41 3.24 -7.80
N ARG A 84 3.44 3.87 -8.44
CA ARG A 84 3.13 5.28 -8.22
C ARG A 84 1.67 5.36 -7.77
N LEU A 85 1.45 5.58 -6.46
CA LEU A 85 0.10 5.73 -5.92
C LEU A 85 -0.51 7.04 -6.44
N LEU A 86 -1.85 7.05 -6.61
CA LEU A 86 -2.58 8.21 -7.14
C LEU A 86 -2.23 9.48 -6.32
N PRO A 87 -2.01 10.66 -6.98
CA PRO A 87 -1.63 11.94 -6.28
C PRO A 87 -2.66 12.41 -5.23
N HIS A 88 -3.80 11.70 -5.14
CA HIS A 88 -4.73 11.74 -4.00
C HIS A 88 -4.22 10.78 -2.91
N PRO A 89 -3.67 11.28 -1.76
CA PRO A 89 -3.38 10.45 -0.58
C PRO A 89 -4.51 10.51 0.47
N VAL A 90 -4.51 9.55 1.40
CA VAL A 90 -5.38 9.58 2.59
C VAL A 90 -4.76 8.74 3.71
N PHE A 91 -4.24 7.56 3.33
CA PHE A 91 -3.66 6.59 4.27
C PHE A 91 -2.13 6.65 4.25
N ARG A 92 -1.56 6.88 5.43
CA ARG A 92 -0.11 6.96 5.67
C ARG A 92 0.30 5.72 6.46
N LEU A 93 1.26 4.96 5.93
CA LEU A 93 1.66 3.68 6.50
C LEU A 93 2.89 3.84 7.43
N GLU A 94 2.66 3.61 8.71
CA GLU A 94 3.68 3.33 9.74
C GLU A 94 4.01 1.81 9.69
N GLY A 95 5.06 1.34 10.40
CA GLY A 95 5.41 -0.10 10.49
C GLY A 95 4.21 -1.04 10.69
N GLN A 96 3.60 -1.43 9.54
CA GLN A 96 2.36 -2.25 9.39
C GLN A 96 1.07 -1.53 9.91
N ASP A 97 1.23 -0.33 10.49
CA ASP A 97 0.14 0.44 11.15
C ASP A 97 -0.27 1.63 10.25
N LEU A 98 -1.50 2.13 10.41
CA LEU A 98 -2.10 3.15 9.53
C LEU A 98 -2.33 4.48 10.26
N TYR A 99 -2.42 5.54 9.46
CA TYR A 99 -2.75 6.90 9.90
C TYR A 99 -3.69 7.53 8.86
N ALA A 100 -4.88 7.94 9.30
CA ALA A 100 -5.91 8.58 8.46
C ALA A 100 -6.61 9.68 9.27
N THR A 101 -7.44 10.46 8.57
CA THR A 101 -8.20 11.55 9.20
C THR A 101 -9.70 11.20 9.26
N LEU A 102 -10.29 11.32 10.46
CA LEU A 102 -11.70 11.01 10.72
C LEU A 102 -12.45 12.29 11.10
N ASP A 103 -13.40 12.72 10.27
CA ASP A 103 -14.22 13.92 10.53
C ASP A 103 -15.58 13.51 11.10
N VAL A 104 -15.79 13.72 12.41
CA VAL A 104 -17.06 13.41 13.10
C VAL A 104 -17.80 14.72 13.44
N PRO A 105 -19.17 14.73 13.43
CA PRO A 105 -19.95 15.85 14.00
C PRO A 105 -19.85 15.85 15.54
N ALA A 106 -19.92 17.06 16.13
CA ALA A 106 -19.91 17.25 17.61
C ALA A 106 -21.02 16.42 18.33
N PRO A 107 -22.32 16.39 17.81
CA PRO A 107 -23.37 15.47 18.33
C PRO A 107 -22.87 14.02 18.60
N ILE A 108 -22.26 13.41 17.57
CA ILE A 108 -21.78 12.01 17.65
C ILE A 108 -20.55 11.91 18.59
N ALA A 109 -19.67 12.92 18.53
CA ALA A 109 -18.44 12.97 19.32
C ALA A 109 -18.72 12.95 20.84
N VAL A 110 -19.78 13.68 21.24
CA VAL A 110 -20.13 13.84 22.67
C VAL A 110 -20.98 12.65 23.18
N VAL A 111 -21.91 12.12 22.35
CA VAL A 111 -22.76 10.98 22.76
C VAL A 111 -21.99 9.65 22.66
N GLY A 112 -21.01 9.63 21.75
CA GLY A 112 -20.23 8.42 21.45
C GLY A 112 -20.96 7.47 20.52
N GLY A 113 -21.44 7.98 19.36
CA GLY A 113 -22.13 7.15 18.37
C GLY A 113 -21.14 6.40 17.48
N LYS A 114 -21.58 6.09 16.25
CA LYS A 114 -20.74 5.45 15.24
C LYS A 114 -20.74 6.27 13.98
N VAL A 115 -19.56 6.38 13.37
CA VAL A 115 -19.34 7.01 12.07
C VAL A 115 -18.67 5.99 11.14
N ARG A 116 -19.15 5.90 9.91
CA ARG A 116 -18.54 5.04 8.90
C ARG A 116 -17.34 5.77 8.29
N ALA A 117 -16.15 5.24 8.54
CA ALA A 117 -14.90 5.75 7.95
C ALA A 117 -14.51 4.83 6.80
N MET A 118 -13.59 5.29 5.97
CA MET A 118 -13.03 4.46 4.90
C MET A 118 -11.60 4.03 5.24
N THR A 119 -11.23 2.90 4.65
CA THR A 119 -9.89 2.36 4.66
C THR A 119 -9.61 1.69 3.31
N LEU A 120 -8.38 1.25 3.10
CA LEU A 120 -7.96 0.60 1.86
C LEU A 120 -8.51 -0.84 1.78
N GLU A 121 -9.07 -1.33 2.91
CA GLU A 121 -9.77 -2.62 3.00
C GLU A 121 -11.27 -2.47 2.62
N GLY A 122 -11.78 -1.22 2.65
CA GLY A 122 -13.20 -0.93 2.37
C GLY A 122 -13.80 0.03 3.40
N PRO A 123 -15.15 0.06 3.60
CA PRO A 123 -15.78 0.90 4.64
C PRO A 123 -15.80 0.18 6.02
N VAL A 124 -15.37 0.91 7.06
CA VAL A 124 -15.34 0.43 8.47
C VAL A 124 -16.34 1.21 9.34
N GLU A 125 -16.68 0.63 10.50
CA GLU A 125 -17.50 1.29 11.51
C GLU A 125 -16.60 1.71 12.69
N VAL A 126 -16.58 3.01 12.99
CA VAL A 126 -15.83 3.56 14.12
C VAL A 126 -16.79 3.89 15.24
N ALA A 127 -16.64 3.19 16.38
CA ALA A 127 -17.35 3.52 17.60
C ALA A 127 -16.54 4.61 18.32
N VAL A 128 -16.97 5.87 18.20
CA VAL A 128 -16.26 7.00 18.81
C VAL A 128 -16.58 7.02 20.32
N PRO A 129 -15.57 7.34 21.19
CA PRO A 129 -15.79 7.44 22.65
C PRO A 129 -16.75 8.58 23.03
N PRO A 130 -17.73 8.34 23.96
CA PRO A 130 -18.63 9.39 24.49
C PRO A 130 -17.82 10.53 25.13
N ARG A 131 -17.96 11.73 24.54
CA ARG A 131 -17.22 12.95 24.93
C ARG A 131 -15.72 12.77 24.66
N THR A 132 -15.40 12.37 23.40
CA THR A 132 -14.01 12.34 22.90
C THR A 132 -13.58 13.78 22.52
N GLN A 133 -12.29 13.95 22.20
CA GLN A 133 -11.70 15.28 21.92
C GLN A 133 -11.09 15.30 20.51
N ALA A 134 -11.17 16.46 19.86
CA ALA A 134 -10.51 16.70 18.58
C ALA A 134 -8.98 16.80 18.82
N GLY A 135 -8.23 15.92 18.15
CA GLY A 135 -6.79 15.74 18.39
C GLY A 135 -6.46 14.36 18.92
N ARG A 136 -7.51 13.57 19.23
CA ARG A 136 -7.36 12.16 19.60
C ARG A 136 -7.26 11.27 18.36
N LYS A 137 -6.71 10.06 18.53
CA LYS A 137 -6.57 9.06 17.46
C LYS A 137 -7.23 7.74 17.91
N LEU A 138 -8.34 7.35 17.22
CA LEU A 138 -9.11 6.14 17.57
C LEU A 138 -8.54 4.97 16.78
N ARG A 139 -8.16 3.90 17.49
CA ARG A 139 -7.38 2.82 16.89
C ARG A 139 -8.25 1.58 16.64
N LEU A 140 -8.47 1.28 15.34
CA LEU A 140 -9.27 0.12 14.91
C LEU A 140 -8.39 -1.13 14.82
N LYS A 141 -8.85 -2.20 15.49
CA LYS A 141 -8.12 -3.45 15.67
C LYS A 141 -8.00 -4.24 14.35
N GLY A 142 -6.75 -4.57 13.97
CA GLY A 142 -6.47 -5.49 12.85
C GLY A 142 -6.79 -4.93 11.46
N LYS A 143 -7.00 -3.62 11.37
CA LYS A 143 -7.36 -2.93 10.11
C LYS A 143 -6.11 -2.51 9.32
N GLY A 144 -4.93 -2.62 9.95
CA GLY A 144 -3.66 -2.32 9.29
C GLY A 144 -3.08 -3.50 8.56
N PHE A 145 -1.92 -3.28 7.94
CA PHE A 145 -1.22 -4.29 7.11
C PHE A 145 -0.66 -5.43 8.01
N PRO A 146 -0.66 -6.70 7.51
CA PRO A 146 -0.01 -7.84 8.20
C PRO A 146 1.53 -7.68 8.24
N GLY A 147 2.11 -7.86 9.45
CA GLY A 147 3.55 -7.76 9.66
C GLY A 147 3.98 -8.43 10.98
N PRO A 148 5.10 -7.98 11.63
CA PRO A 148 5.67 -8.62 12.86
C PRO A 148 4.70 -8.78 14.07
N ALA A 149 3.65 -7.94 14.14
CA ALA A 149 2.65 -7.97 15.25
C ALA A 149 1.36 -8.68 14.83
N GLY A 150 1.47 -9.55 13.80
CA GLY A 150 0.30 -10.19 13.20
C GLY A 150 -0.29 -9.29 12.14
N ARG A 151 -1.29 -8.48 12.52
CA ARG A 151 -1.85 -7.40 11.68
C ARG A 151 -1.70 -6.07 12.42
N GLY A 152 -1.62 -4.98 11.67
CA GLY A 152 -1.52 -3.63 12.24
C GLY A 152 -2.87 -3.06 12.59
N ASP A 153 -2.92 -1.74 12.76
CA ASP A 153 -4.12 -1.03 13.24
C ASP A 153 -4.31 0.27 12.46
N LEU A 154 -5.43 0.96 12.68
CA LEU A 154 -5.71 2.28 12.06
C LEU A 154 -5.90 3.38 13.13
N TYR A 155 -5.00 4.39 13.14
CA TYR A 155 -5.14 5.60 13.97
C TYR A 155 -5.92 6.68 13.19
N LEU A 156 -7.17 6.91 13.60
CA LEU A 156 -8.06 7.94 13.06
C LEU A 156 -7.92 9.27 13.82
N GLU A 157 -7.52 10.34 13.12
CA GLU A 157 -7.40 11.66 13.73
C GLU A 157 -8.79 12.29 13.87
N VAL A 158 -9.38 12.14 15.09
CA VAL A 158 -10.66 12.77 15.46
C VAL A 158 -10.67 14.27 15.15
N ARG A 159 -11.54 14.65 14.22
CA ARG A 159 -11.80 16.02 13.84
C ARG A 159 -13.26 16.32 14.16
N ILE A 160 -13.50 16.85 15.37
CA ILE A 160 -14.84 17.25 15.79
C ILE A 160 -15.23 18.56 15.11
N THR A 161 -16.36 18.53 14.40
CA THR A 161 -16.88 19.66 13.64
C THR A 161 -18.43 19.69 13.84
N ALA A 1 -3.23 -0.84 -19.62
CA ALA A 1 -2.03 -1.70 -19.41
C ALA A 1 -2.45 -3.02 -18.74
N ALA A 2 -1.56 -4.03 -18.83
CA ALA A 2 -1.72 -5.35 -18.17
C ALA A 2 -1.82 -5.16 -16.64
N LEU A 3 -0.69 -4.79 -16.05
CA LEU A 3 -0.62 -4.08 -14.75
C LEU A 3 0.25 -2.84 -14.99
N VAL A 4 1.53 -3.10 -15.32
CA VAL A 4 2.46 -2.11 -15.89
C VAL A 4 2.68 -2.42 -17.39
N ALA A 5 3.05 -1.37 -18.14
CA ALA A 5 3.46 -1.47 -19.57
C ALA A 5 4.63 -0.50 -19.87
N HIS A 6 5.09 0.21 -18.82
CA HIS A 6 6.15 1.20 -18.89
C HIS A 6 7.43 0.66 -18.20
N VAL A 7 8.41 0.23 -19.00
CA VAL A 7 9.73 -0.19 -18.51
C VAL A 7 10.62 1.06 -18.33
N THR A 8 11.35 1.12 -17.21
CA THR A 8 12.12 2.32 -16.80
C THR A 8 13.49 2.38 -17.49
N SER A 9 13.83 3.58 -18.01
CA SER A 9 15.20 3.91 -18.47
C SER A 9 16.08 4.37 -17.28
N GLY A 10 15.40 4.79 -16.20
CA GLY A 10 16.04 5.22 -14.96
C GLY A 10 15.11 4.93 -13.77
N SER A 11 14.80 5.97 -12.97
CA SER A 11 13.86 5.93 -11.79
C SER A 11 13.98 4.65 -10.93
N GLY A 12 13.27 3.57 -11.33
CA GLY A 12 13.23 2.31 -10.58
C GLY A 12 14.59 1.65 -10.44
N GLY A 13 14.93 1.23 -9.22
CA GLY A 13 16.22 0.61 -8.93
C GLY A 13 16.36 0.24 -7.46
N SER A 14 17.22 -0.74 -7.18
CA SER A 14 17.51 -1.23 -5.83
C SER A 14 18.98 -1.64 -5.71
N GLY A 15 19.56 -1.46 -4.51
CA GLY A 15 20.96 -1.80 -4.25
C GLY A 15 21.10 -2.84 -3.14
N GLY A 16 22.36 -3.16 -2.79
CA GLY A 16 22.65 -4.09 -1.69
C GLY A 16 22.74 -5.55 -2.13
N SER A 17 21.76 -5.98 -2.96
CA SER A 17 21.69 -7.37 -3.47
C SER A 17 22.69 -7.57 -4.63
N GLY A 18 22.83 -6.52 -5.47
CA GLY A 18 23.66 -6.58 -6.67
C GLY A 18 22.94 -7.20 -7.87
N GLY A 19 21.62 -7.47 -7.70
CA GLY A 19 20.80 -8.08 -8.75
C GLY A 19 20.91 -9.61 -8.79
N SER A 20 22.16 -10.08 -9.03
CA SER A 20 22.54 -11.52 -9.16
C SER A 20 22.03 -12.10 -10.49
N GLY A 21 20.71 -12.31 -10.60
CA GLY A 21 20.06 -12.56 -11.89
C GLY A 21 19.71 -11.24 -12.56
N ARG A 22 19.16 -11.28 -13.79
CA ARG A 22 18.73 -10.06 -14.50
C ARG A 22 17.58 -9.37 -13.74
N ASP A 23 17.83 -8.14 -13.28
CA ASP A 23 16.83 -7.30 -12.61
C ASP A 23 16.16 -6.41 -13.67
N LEU A 24 14.90 -6.72 -13.98
CA LEU A 24 14.09 -6.00 -14.97
C LEU A 24 13.28 -4.98 -14.17
N ARG A 25 13.14 -3.75 -14.67
CA ARG A 25 12.58 -2.64 -13.89
C ARG A 25 11.46 -1.96 -14.70
N ALA A 26 10.37 -1.59 -14.01
CA ALA A 26 9.18 -0.99 -14.62
C ALA A 26 8.44 -0.11 -13.59
N GLU A 27 7.76 0.94 -14.10
CA GLU A 27 7.08 1.96 -13.28
C GLU A 27 5.64 2.10 -13.75
N LEU A 28 4.69 2.17 -12.82
CA LEU A 28 3.25 2.20 -13.14
C LEU A 28 2.50 3.16 -12.21
N PRO A 29 1.47 3.93 -12.73
CA PRO A 29 0.53 4.65 -11.86
C PRO A 29 -0.44 3.65 -11.20
N LEU A 30 -0.33 3.52 -9.88
CA LEU A 30 -1.17 2.64 -9.06
C LEU A 30 -2.12 3.50 -8.21
N THR A 31 -3.14 2.88 -7.63
CA THR A 31 -4.08 3.54 -6.73
C THR A 31 -3.64 3.32 -5.26
N LEU A 32 -4.08 4.23 -4.34
CA LEU A 32 -3.86 4.09 -2.87
C LEU A 32 -4.44 2.76 -2.40
N GLU A 33 -5.70 2.55 -2.80
CA GLU A 33 -6.47 1.33 -2.48
C GLU A 33 -5.77 0.06 -3.00
N GLU A 34 -5.16 0.14 -4.20
CA GLU A 34 -4.45 -1.00 -4.82
C GLU A 34 -3.06 -1.22 -4.18
N ALA A 35 -2.51 -0.16 -3.59
CA ALA A 35 -1.32 -0.25 -2.74
C ALA A 35 -1.62 -1.05 -1.45
N PHE A 36 -2.87 -0.94 -0.99
CA PHE A 36 -3.39 -1.73 0.12
C PHE A 36 -3.69 -3.18 -0.30
N HIS A 37 -4.40 -3.35 -1.42
CA HIS A 37 -4.93 -4.66 -1.85
C HIS A 37 -3.82 -5.58 -2.41
N GLY A 38 -3.00 -5.01 -3.32
CA GLY A 38 -1.95 -5.77 -4.02
C GLY A 38 -2.55 -6.88 -4.90
N GLY A 39 -2.04 -8.11 -4.77
CA GLY A 39 -2.62 -9.30 -5.41
C GLY A 39 -1.98 -9.65 -6.74
N GLU A 40 -2.60 -10.65 -7.40
CA GLU A 40 -2.13 -11.20 -8.69
C GLU A 40 -2.74 -10.41 -9.86
N ARG A 41 -1.87 -9.93 -10.74
CA ARG A 41 -2.24 -9.28 -12.02
C ARG A 41 -1.28 -9.79 -13.11
N VAL A 42 -1.60 -9.51 -14.38
CA VAL A 42 -0.74 -9.90 -15.51
C VAL A 42 0.25 -8.76 -15.80
N VAL A 43 1.48 -9.10 -16.21
CA VAL A 43 2.52 -8.12 -16.52
C VAL A 43 3.21 -8.50 -17.84
N GLU A 44 3.47 -7.49 -18.69
CA GLU A 44 4.32 -7.65 -19.88
C GLU A 44 5.45 -6.62 -19.80
N VAL A 45 6.66 -7.10 -19.50
CA VAL A 45 7.87 -6.27 -19.35
C VAL A 45 8.97 -6.81 -20.27
N ALA A 46 9.38 -5.95 -21.23
CA ALA A 46 10.44 -6.24 -22.22
C ALA A 46 10.03 -7.39 -23.17
N GLY A 47 8.70 -7.65 -23.27
CA GLY A 47 8.16 -8.73 -24.11
C GLY A 47 7.94 -10.05 -23.34
N ARG A 48 8.39 -10.10 -22.07
CA ARG A 48 8.20 -11.26 -21.18
C ARG A 48 6.90 -11.06 -20.38
N ARG A 49 5.94 -11.96 -20.58
CA ARG A 49 4.64 -11.95 -19.89
C ARG A 49 4.67 -12.95 -18.72
N VAL A 50 4.42 -12.47 -17.50
CA VAL A 50 4.32 -13.30 -16.29
C VAL A 50 3.06 -12.87 -15.50
N SER A 51 2.52 -13.75 -14.66
CA SER A 51 1.52 -13.36 -13.65
C SER A 51 2.28 -12.87 -12.39
N VAL A 52 2.15 -11.57 -12.09
CA VAL A 52 2.85 -10.91 -10.98
C VAL A 52 1.96 -10.80 -9.73
N ARG A 53 2.46 -11.35 -8.63
CA ARG A 53 1.90 -11.14 -7.28
C ARG A 53 2.72 -10.05 -6.60
N ILE A 54 2.17 -8.83 -6.51
CA ILE A 54 2.72 -7.79 -5.65
C ILE A 54 1.94 -7.79 -4.32
N PRO A 55 2.52 -8.35 -3.19
CA PRO A 55 1.83 -8.44 -1.88
C PRO A 55 1.46 -7.05 -1.31
N PRO A 56 0.36 -6.96 -0.48
CA PRO A 56 -0.06 -5.70 0.21
C PRO A 56 1.08 -4.97 0.96
N GLY A 57 0.98 -3.64 1.08
CA GLY A 57 1.94 -2.86 1.88
C GLY A 57 2.86 -2.02 1.05
N VAL A 58 2.43 -1.69 -0.17
CA VAL A 58 3.19 -0.87 -1.11
C VAL A 58 2.63 0.58 -1.04
N ARG A 59 3.41 1.56 -1.55
CA ARG A 59 3.12 3.00 -1.42
C ARG A 59 3.84 3.84 -2.50
N GLU A 60 3.59 5.17 -2.47
CA GLU A 60 4.21 6.15 -3.38
C GLU A 60 5.76 6.03 -3.41
N GLY A 61 6.29 5.66 -4.59
CA GLY A 61 7.75 5.54 -4.79
C GLY A 61 8.34 4.23 -4.26
N SER A 62 7.47 3.29 -3.90
CA SER A 62 7.89 1.97 -3.38
C SER A 62 8.15 1.02 -4.55
N VAL A 63 9.38 0.46 -4.58
CA VAL A 63 9.85 -0.44 -5.66
C VAL A 63 9.73 -1.89 -5.17
N ILE A 64 8.98 -2.74 -5.90
CA ILE A 64 8.60 -4.09 -5.46
C ILE A 64 9.46 -5.13 -6.17
N ARG A 65 10.23 -5.92 -5.43
CA ARG A 65 11.15 -6.92 -6.01
C ARG A 65 10.49 -8.32 -6.03
N VAL A 66 10.03 -8.75 -7.22
CA VAL A 66 9.38 -10.07 -7.38
C VAL A 66 10.39 -11.08 -8.02
N PRO A 67 10.74 -12.21 -7.31
CA PRO A 67 11.80 -13.14 -7.77
C PRO A 67 11.37 -14.04 -8.97
N GLY A 68 12.36 -14.45 -9.78
CA GLY A 68 12.18 -15.50 -10.80
C GLY A 68 11.51 -15.04 -12.09
N MET A 69 11.60 -13.73 -12.43
CA MET A 69 11.06 -13.19 -13.70
C MET A 69 12.17 -12.87 -14.71
N GLY A 70 13.06 -11.91 -14.34
CA GLY A 70 14.14 -11.47 -15.22
C GLY A 70 15.13 -12.58 -15.57
N GLY A 71 16.14 -12.76 -14.70
CA GLY A 71 17.12 -13.83 -14.85
C GLY A 71 16.54 -15.22 -14.63
N GLN A 72 16.07 -15.82 -15.73
CA GLN A 72 15.56 -17.20 -15.73
C GLN A 72 16.74 -18.18 -15.87
N GLY A 73 17.09 -18.82 -14.75
CA GLY A 73 18.24 -19.73 -14.66
C GLY A 73 18.51 -20.13 -13.23
N ASN A 74 19.77 -20.50 -12.92
CA ASN A 74 20.20 -20.84 -11.54
C ASN A 74 20.20 -19.57 -10.63
N PRO A 75 20.81 -18.40 -11.03
CA PRO A 75 20.63 -17.12 -10.29
C PRO A 75 19.24 -16.51 -10.62
N PRO A 76 18.30 -16.43 -9.63
CA PRO A 76 16.96 -15.86 -9.87
C PRO A 76 17.04 -14.33 -10.06
N GLY A 77 16.49 -13.85 -11.17
CA GLY A 77 16.37 -12.43 -11.45
C GLY A 77 14.98 -11.94 -11.19
N ASP A 78 14.84 -10.67 -10.87
CA ASP A 78 13.60 -10.10 -10.34
C ASP A 78 12.97 -9.12 -11.33
N LEU A 79 11.82 -8.59 -10.92
CA LEU A 79 11.15 -7.46 -11.58
C LEU A 79 10.80 -6.41 -10.51
N LEU A 80 11.47 -5.26 -10.61
CA LEU A 80 11.27 -4.09 -9.75
C LEU A 80 10.12 -3.21 -10.27
N LEU A 81 8.92 -3.32 -9.65
CA LEU A 81 7.78 -2.45 -9.97
C LEU A 81 7.70 -1.28 -9.00
N VAL A 82 8.16 -0.09 -9.44
CA VAL A 82 7.99 1.15 -8.68
C VAL A 82 6.63 1.79 -9.01
N VAL A 83 5.71 1.73 -8.03
CA VAL A 83 4.35 2.25 -8.21
C VAL A 83 4.28 3.74 -7.87
N ARG A 84 3.37 4.44 -8.54
CA ARG A 84 3.16 5.89 -8.39
C ARG A 84 1.68 6.10 -8.05
N LEU A 85 1.38 6.34 -6.77
CA LEU A 85 -0.01 6.40 -6.28
C LEU A 85 -0.75 7.64 -6.81
N LEU A 86 -2.09 7.49 -7.00
CA LEU A 86 -2.96 8.58 -7.49
C LEU A 86 -2.88 9.81 -6.54
N PRO A 87 -2.82 11.07 -7.09
CA PRO A 87 -2.69 12.31 -6.28
C PRO A 87 -3.99 12.65 -5.51
N HIS A 88 -4.13 12.01 -4.34
CA HIS A 88 -5.19 12.32 -3.34
C HIS A 88 -4.83 11.66 -1.98
N PRO A 89 -3.58 11.93 -1.42
CA PRO A 89 -3.05 11.17 -0.25
C PRO A 89 -3.97 11.27 0.99
N VAL A 90 -4.38 10.11 1.52
CA VAL A 90 -5.24 9.99 2.70
C VAL A 90 -4.62 8.99 3.68
N PHE A 91 -4.16 7.84 3.16
CA PHE A 91 -3.62 6.75 4.00
C PHE A 91 -2.09 6.69 3.92
N ARG A 92 -1.46 6.85 5.08
CA ARG A 92 -0.01 6.70 5.26
C ARG A 92 0.29 5.35 5.93
N LEU A 93 1.54 4.91 5.85
CA LEU A 93 2.01 3.66 6.45
C LEU A 93 3.32 3.91 7.21
N GLU A 94 3.33 3.48 8.48
CA GLU A 94 4.49 3.54 9.38
C GLU A 94 4.53 2.24 10.20
N GLY A 95 5.44 1.32 9.80
CA GLY A 95 5.68 0.05 10.51
C GLY A 95 4.44 -0.82 10.68
N GLN A 96 3.81 -1.18 9.54
CA GLN A 96 2.58 -2.05 9.45
C GLN A 96 1.30 -1.29 9.89
N ASP A 97 1.47 -0.14 10.58
CA ASP A 97 0.37 0.66 11.16
C ASP A 97 0.02 1.79 10.18
N LEU A 98 -1.22 2.26 10.19
CA LEU A 98 -1.73 3.24 9.22
C LEU A 98 -1.97 4.60 9.87
N TYR A 99 -2.20 5.59 9.01
CA TYR A 99 -2.65 6.93 9.37
C TYR A 99 -3.79 7.32 8.43
N ALA A 100 -4.88 7.85 8.99
CA ALA A 100 -6.02 8.40 8.23
C ALA A 100 -6.73 9.43 9.09
N THR A 101 -7.63 10.18 8.45
CA THR A 101 -8.43 11.19 9.12
C THR A 101 -9.88 10.69 9.27
N LEU A 102 -10.41 10.77 10.50
CA LEU A 102 -11.82 10.47 10.81
C LEU A 102 -12.55 11.77 11.11
N ASP A 103 -13.49 12.15 10.25
CA ASP A 103 -14.33 13.33 10.47
C ASP A 103 -15.64 12.88 11.13
N VAL A 104 -15.92 13.39 12.34
CA VAL A 104 -17.06 12.98 13.18
C VAL A 104 -17.76 14.23 13.75
N PRO A 105 -19.13 14.31 13.72
CA PRO A 105 -19.88 15.43 14.33
C PRO A 105 -19.66 15.56 15.85
N ALA A 106 -19.74 16.81 16.36
CA ALA A 106 -19.64 17.12 17.81
C ALA A 106 -20.75 16.45 18.64
N PRO A 107 -22.07 16.45 18.20
CA PRO A 107 -23.12 15.67 18.90
C PRO A 107 -22.75 14.18 19.06
N ILE A 108 -22.20 13.56 17.99
CA ILE A 108 -21.75 12.16 18.02
C ILE A 108 -20.52 11.99 18.94
N ALA A 109 -19.63 12.99 18.95
CA ALA A 109 -18.40 12.96 19.75
C ALA A 109 -18.69 12.93 21.27
N VAL A 110 -19.69 13.74 21.69
CA VAL A 110 -20.06 13.88 23.11
C VAL A 110 -20.94 12.69 23.58
N VAL A 111 -21.91 12.27 22.75
CA VAL A 111 -22.83 11.14 23.10
C VAL A 111 -22.14 9.77 22.85
N GLY A 112 -21.09 9.80 22.01
CA GLY A 112 -20.38 8.59 21.60
C GLY A 112 -21.20 7.70 20.69
N GLY A 113 -21.54 8.20 19.48
CA GLY A 113 -22.24 7.40 18.49
C GLY A 113 -21.28 6.66 17.58
N LYS A 114 -21.66 6.49 16.31
CA LYS A 114 -20.83 5.79 15.32
C LYS A 114 -20.76 6.61 14.02
N VAL A 115 -19.63 6.47 13.32
CA VAL A 115 -19.38 7.10 12.02
C VAL A 115 -18.54 6.13 11.18
N ARG A 116 -18.90 5.91 9.92
CA ARG A 116 -18.12 5.08 9.03
C ARG A 116 -16.91 5.87 8.50
N ALA A 117 -15.74 5.22 8.45
CA ALA A 117 -14.52 5.80 7.87
C ALA A 117 -14.22 5.10 6.54
N MET A 118 -13.89 5.90 5.52
CA MET A 118 -13.44 5.41 4.21
C MET A 118 -11.99 4.94 4.34
N THR A 119 -11.78 3.62 4.34
CA THR A 119 -10.44 3.01 4.32
C THR A 119 -10.18 2.35 2.97
N LEU A 120 -8.92 2.03 2.72
CA LEU A 120 -8.49 1.34 1.49
C LEU A 120 -9.00 -0.13 1.46
N GLU A 121 -9.38 -0.65 2.65
CA GLU A 121 -9.99 -1.98 2.80
C GLU A 121 -11.50 -1.96 2.42
N GLY A 122 -12.10 -0.76 2.42
CA GLY A 122 -13.54 -0.58 2.16
C GLY A 122 -14.18 0.33 3.20
N PRO A 123 -15.48 0.13 3.56
CA PRO A 123 -16.11 0.86 4.68
C PRO A 123 -15.88 0.16 6.05
N VAL A 124 -15.36 0.92 7.04
CA VAL A 124 -15.29 0.47 8.46
C VAL A 124 -16.25 1.30 9.30
N GLU A 125 -16.70 0.77 10.43
CA GLU A 125 -17.62 1.48 11.33
C GLU A 125 -16.91 1.75 12.66
N VAL A 126 -16.64 3.03 12.93
CA VAL A 126 -15.94 3.49 14.13
C VAL A 126 -16.95 3.91 15.19
N ALA A 127 -16.97 3.19 16.31
CA ALA A 127 -17.79 3.54 17.47
C ALA A 127 -16.95 4.45 18.35
N VAL A 128 -17.20 5.78 18.27
CA VAL A 128 -16.37 6.79 18.95
C VAL A 128 -16.66 6.80 20.48
N PRO A 129 -15.61 6.99 21.35
CA PRO A 129 -15.80 7.08 22.82
C PRO A 129 -16.71 8.27 23.22
N PRO A 130 -17.72 8.06 24.13
CA PRO A 130 -18.56 9.16 24.67
C PRO A 130 -17.68 10.25 25.31
N ARG A 131 -17.84 11.50 24.84
CA ARG A 131 -17.00 12.65 25.21
C ARG A 131 -15.53 12.42 24.84
N THR A 132 -15.31 12.04 23.56
CA THR A 132 -13.96 11.96 22.99
C THR A 132 -13.47 13.39 22.63
N GLN A 133 -12.17 13.53 22.38
CA GLN A 133 -11.50 14.82 22.14
C GLN A 133 -10.88 14.81 20.75
N ALA A 134 -10.85 15.97 20.08
CA ALA A 134 -10.27 16.13 18.75
C ALA A 134 -8.73 16.00 18.80
N GLY A 135 -8.15 15.39 17.75
CA GLY A 135 -6.70 15.19 17.67
C GLY A 135 -6.26 13.86 18.29
N ARG A 136 -7.21 13.06 18.82
CA ARG A 136 -6.92 11.71 19.34
C ARG A 136 -6.84 10.70 18.18
N LYS A 137 -6.25 9.54 18.44
CA LYS A 137 -6.09 8.47 17.44
C LYS A 137 -6.98 7.28 17.85
N LEU A 138 -8.09 7.04 17.13
CA LEU A 138 -8.99 5.93 17.40
C LEU A 138 -8.45 4.70 16.66
N ARG A 139 -8.07 3.70 17.44
CA ARG A 139 -7.23 2.59 16.99
C ARG A 139 -8.13 1.41 16.60
N LEU A 140 -8.12 1.03 15.30
CA LEU A 140 -8.87 -0.13 14.80
C LEU A 140 -7.90 -1.27 14.47
N LYS A 141 -7.87 -2.31 15.33
CA LYS A 141 -7.04 -3.53 15.11
C LYS A 141 -7.46 -4.28 13.83
N GLY A 142 -6.46 -4.95 13.19
CA GLY A 142 -6.69 -5.79 12.02
C GLY A 142 -7.10 -4.99 10.78
N LYS A 143 -6.51 -3.78 10.64
CA LYS A 143 -6.83 -2.83 9.56
C LYS A 143 -5.59 -2.44 8.76
N GLY A 144 -4.41 -2.56 9.38
CA GLY A 144 -3.13 -2.26 8.72
C GLY A 144 -2.64 -3.39 7.84
N PHE A 145 -1.33 -3.45 7.61
CA PHE A 145 -0.71 -4.53 6.80
C PHE A 145 -0.16 -5.65 7.68
N PRO A 146 -0.26 -6.94 7.21
CA PRO A 146 0.28 -8.11 7.93
C PRO A 146 1.82 -8.06 8.09
N GLY A 147 2.37 -8.95 8.93
CA GLY A 147 3.81 -8.98 9.21
C GLY A 147 4.15 -9.78 10.48
N PRO A 148 5.36 -9.54 11.10
CA PRO A 148 5.79 -10.21 12.37
C PRO A 148 4.84 -9.94 13.55
N ALA A 149 4.11 -8.80 13.48
CA ALA A 149 3.14 -8.39 14.50
C ALA A 149 1.72 -8.92 14.19
N GLY A 150 1.62 -9.95 13.32
CA GLY A 150 0.33 -10.45 12.85
C GLY A 150 -0.22 -9.58 11.75
N ARG A 151 -1.15 -8.67 12.08
CA ARG A 151 -1.56 -7.57 11.20
C ARG A 151 -1.50 -6.24 11.94
N GLY A 152 -1.23 -5.14 11.21
CA GLY A 152 -1.21 -3.79 11.76
C GLY A 152 -2.60 -3.24 12.04
N ASP A 153 -2.67 -1.95 12.38
CA ASP A 153 -3.91 -1.27 12.80
C ASP A 153 -3.91 0.18 12.31
N LEU A 154 -5.07 0.84 12.44
CA LEU A 154 -5.33 2.17 11.86
C LEU A 154 -5.44 3.26 12.94
N TYR A 155 -4.63 4.34 12.79
CA TYR A 155 -4.76 5.58 13.58
C TYR A 155 -5.74 6.54 12.87
N LEU A 156 -6.95 6.69 13.42
CA LEU A 156 -7.93 7.69 12.98
C LEU A 156 -7.75 9.02 13.72
N GLU A 157 -7.52 10.10 12.98
CA GLU A 157 -7.44 11.45 13.55
C GLU A 157 -8.87 11.97 13.72
N VAL A 158 -9.45 11.75 14.91
CA VAL A 158 -10.80 12.24 15.26
C VAL A 158 -10.88 13.78 15.12
N ARG A 159 -11.69 14.25 14.16
CA ARG A 159 -11.87 15.67 13.83
C ARG A 159 -13.31 16.04 14.13
N ILE A 160 -13.52 16.58 15.34
CA ILE A 160 -14.84 16.89 15.86
C ILE A 160 -15.39 18.18 15.20
N THR A 161 -16.30 18.01 14.23
CA THR A 161 -17.00 19.10 13.54
C THR A 161 -18.33 19.43 14.31
N ALA A 1 -4.17 -2.36 -17.42
CA ALA A 1 -3.44 -3.20 -16.44
C ALA A 1 -3.11 -2.37 -15.20
N ALA A 2 -3.25 -3.00 -14.01
CA ALA A 2 -2.81 -2.44 -12.72
C ALA A 2 -1.28 -2.30 -12.75
N LEU A 3 -0.62 -3.44 -13.01
CA LEU A 3 0.80 -3.50 -13.32
C LEU A 3 0.96 -3.26 -14.83
N VAL A 4 1.00 -1.97 -15.23
CA VAL A 4 1.11 -1.56 -16.66
C VAL A 4 2.42 -2.12 -17.30
N ALA A 5 3.44 -2.31 -16.43
CA ALA A 5 4.76 -2.85 -16.81
C ALA A 5 5.49 -1.89 -17.76
N HIS A 6 5.28 -0.57 -17.52
CA HIS A 6 5.90 0.51 -18.28
C HIS A 6 7.38 0.62 -17.86
N VAL A 7 8.24 -0.11 -18.59
CA VAL A 7 9.68 -0.27 -18.28
C VAL A 7 10.39 1.10 -18.22
N THR A 8 11.38 1.21 -17.32
CA THR A 8 12.19 2.44 -17.17
C THR A 8 13.68 2.06 -17.08
N SER A 9 14.54 3.01 -17.49
CA SER A 9 16.01 2.87 -17.43
C SER A 9 16.60 4.20 -16.95
N GLY A 10 17.14 4.20 -15.73
CA GLY A 10 17.73 5.39 -15.11
C GLY A 10 17.78 5.27 -13.59
N SER A 11 18.74 5.98 -12.98
CA SER A 11 18.93 5.98 -11.53
C SER A 11 17.85 6.84 -10.87
N GLY A 12 16.78 6.18 -10.38
CA GLY A 12 15.65 6.85 -9.75
C GLY A 12 15.10 6.03 -8.59
N GLY A 13 15.95 5.81 -7.58
CA GLY A 13 15.61 4.99 -6.41
C GLY A 13 16.86 4.50 -5.71
N SER A 14 17.05 4.89 -4.44
CA SER A 14 18.21 4.51 -3.62
C SER A 14 18.22 2.98 -3.38
N GLY A 15 19.00 2.25 -4.18
CA GLY A 15 19.10 0.79 -4.10
C GLY A 15 20.16 0.33 -3.10
N GLY A 16 21.40 0.15 -3.59
CA GLY A 16 22.52 -0.36 -2.79
C GLY A 16 23.08 -1.65 -3.37
N SER A 17 23.61 -2.52 -2.48
CA SER A 17 24.12 -3.85 -2.86
C SER A 17 22.94 -4.79 -3.22
N GLY A 18 22.64 -4.89 -4.53
CA GLY A 18 21.54 -5.72 -5.02
C GLY A 18 21.45 -5.70 -6.54
N GLY A 19 22.29 -6.53 -7.19
CA GLY A 19 22.28 -6.69 -8.65
C GLY A 19 22.44 -8.14 -9.05
N SER A 20 23.70 -8.59 -9.15
CA SER A 20 24.10 -9.98 -9.51
C SER A 20 23.70 -10.32 -10.97
N GLY A 21 22.40 -10.47 -11.21
CA GLY A 21 21.85 -10.54 -12.56
C GLY A 21 21.52 -9.15 -13.09
N ARG A 22 21.22 -9.05 -14.40
CA ARG A 22 20.77 -7.79 -15.03
C ARG A 22 19.50 -7.26 -14.32
N ASP A 23 19.54 -6.00 -13.87
CA ASP A 23 18.40 -5.33 -13.23
C ASP A 23 17.34 -4.96 -14.29
N LEU A 24 16.07 -5.12 -13.92
CA LEU A 24 14.92 -4.59 -14.68
C LEU A 24 14.10 -3.71 -13.75
N ARG A 25 13.41 -2.73 -14.33
CA ARG A 25 12.52 -1.81 -13.59
C ARG A 25 11.29 -1.49 -14.45
N ALA A 26 10.17 -1.21 -13.78
CA ALA A 26 8.91 -0.82 -14.41
C ALA A 26 8.11 0.07 -13.47
N GLU A 27 7.82 1.30 -13.92
CA GLU A 27 6.98 2.27 -13.19
C GLU A 27 5.50 1.97 -13.49
N LEU A 28 4.63 2.13 -12.49
CA LEU A 28 3.16 1.99 -12.68
C LEU A 28 2.40 2.98 -11.79
N PRO A 29 1.24 3.52 -12.26
CA PRO A 29 0.29 4.21 -11.37
C PRO A 29 -0.63 3.17 -10.66
N LEU A 30 -0.49 3.09 -9.33
CA LEU A 30 -1.24 2.17 -8.48
C LEU A 30 -2.31 2.94 -7.69
N THR A 31 -3.51 2.37 -7.57
CA THR A 31 -4.57 2.93 -6.71
C THR A 31 -4.29 2.54 -5.24
N LEU A 32 -4.87 3.31 -4.29
CA LEU A 32 -4.75 3.06 -2.84
C LEU A 32 -5.32 1.68 -2.49
N GLU A 33 -6.53 1.44 -3.03
CA GLU A 33 -7.24 0.17 -2.90
C GLU A 33 -6.38 -1.01 -3.44
N GLU A 34 -5.54 -0.74 -4.48
CA GLU A 34 -4.65 -1.74 -5.07
C GLU A 34 -3.40 -1.98 -4.19
N ALA A 35 -2.96 -0.92 -3.48
CA ALA A 35 -1.96 -1.05 -2.41
C ALA A 35 -2.43 -2.05 -1.33
N PHE A 36 -3.75 -2.06 -1.08
CA PHE A 36 -4.41 -3.07 -0.23
C PHE A 36 -4.54 -4.44 -0.91
N HIS A 37 -5.02 -4.46 -2.16
CA HIS A 37 -5.40 -5.73 -2.85
C HIS A 37 -4.16 -6.60 -3.17
N GLY A 38 -3.14 -5.96 -3.78
CA GLY A 38 -1.96 -6.66 -4.30
C GLY A 38 -2.32 -7.74 -5.32
N GLY A 39 -1.93 -9.00 -5.05
CA GLY A 39 -2.42 -10.16 -5.80
C GLY A 39 -1.75 -10.36 -7.15
N GLU A 40 -2.28 -11.35 -7.92
CA GLU A 40 -1.74 -11.69 -9.24
C GLU A 40 -2.32 -10.76 -10.29
N ARG A 41 -1.45 -9.90 -10.87
CA ARG A 41 -1.80 -8.94 -11.92
C ARG A 41 -0.89 -9.20 -13.14
N VAL A 42 -1.33 -8.80 -14.36
CA VAL A 42 -0.59 -9.06 -15.60
C VAL A 42 0.60 -8.08 -15.75
N VAL A 43 1.79 -8.63 -16.10
CA VAL A 43 3.00 -7.87 -16.44
C VAL A 43 3.49 -8.30 -17.83
N GLU A 44 3.82 -7.33 -18.67
CA GLU A 44 4.48 -7.56 -19.97
C GLU A 44 5.78 -6.72 -20.04
N VAL A 45 6.93 -7.35 -19.74
CA VAL A 45 8.26 -6.69 -19.80
C VAL A 45 9.19 -7.47 -20.74
N ALA A 46 9.71 -6.75 -21.76
CA ALA A 46 10.69 -7.24 -22.75
C ALA A 46 10.16 -8.46 -23.55
N GLY A 47 8.82 -8.51 -23.72
CA GLY A 47 8.16 -9.57 -24.50
C GLY A 47 7.59 -10.69 -23.63
N ARG A 48 7.99 -10.74 -22.35
CA ARG A 48 7.51 -11.79 -21.41
C ARG A 48 6.26 -11.31 -20.66
N ARG A 49 5.15 -12.03 -20.88
CA ARG A 49 3.88 -11.84 -20.16
C ARG A 49 3.83 -12.83 -18.98
N VAL A 50 4.01 -12.31 -17.76
CA VAL A 50 4.02 -13.09 -16.52
C VAL A 50 3.03 -12.47 -15.50
N SER A 51 2.16 -13.29 -14.91
CA SER A 51 1.31 -12.86 -13.78
C SER A 51 2.19 -12.71 -12.54
N VAL A 52 2.30 -11.46 -12.03
CA VAL A 52 3.14 -11.15 -10.87
C VAL A 52 2.26 -11.11 -9.60
N ARG A 53 2.82 -11.57 -8.47
CA ARG A 53 2.18 -11.43 -7.16
C ARG A 53 2.97 -10.39 -6.38
N ILE A 54 2.44 -9.15 -6.33
CA ILE A 54 3.02 -8.10 -5.48
C ILE A 54 2.28 -8.13 -4.11
N PRO A 55 3.05 -8.12 -2.97
CA PRO A 55 2.45 -8.31 -1.62
C PRO A 55 1.54 -7.13 -1.19
N PRO A 56 0.30 -7.44 -0.68
CA PRO A 56 -0.57 -6.46 0.02
C PRO A 56 0.17 -5.77 1.19
N GLY A 57 0.33 -4.45 1.07
CA GLY A 57 1.13 -3.67 2.02
C GLY A 57 2.19 -2.89 1.30
N VAL A 58 1.76 -2.09 0.31
CA VAL A 58 2.64 -1.32 -0.57
C VAL A 58 2.21 0.17 -0.57
N ARG A 59 3.15 1.08 -0.90
CA ARG A 59 3.01 2.55 -0.73
C ARG A 59 3.56 3.31 -1.94
N GLU A 60 3.40 4.65 -1.90
CA GLU A 60 4.00 5.58 -2.86
C GLU A 60 5.53 5.41 -2.92
N GLY A 61 6.06 5.11 -4.12
CA GLY A 61 7.50 4.94 -4.34
C GLY A 61 8.06 3.63 -3.82
N SER A 62 7.17 2.71 -3.38
CA SER A 62 7.58 1.37 -2.93
C SER A 62 8.01 0.52 -4.13
N VAL A 63 9.21 0.00 -4.02
CA VAL A 63 9.89 -0.77 -5.06
C VAL A 63 9.75 -2.27 -4.72
N ILE A 64 9.18 -3.04 -5.66
CA ILE A 64 8.82 -4.45 -5.43
C ILE A 64 9.74 -5.38 -6.25
N ARG A 65 10.50 -6.24 -5.56
CA ARG A 65 11.43 -7.19 -6.18
C ARG A 65 10.69 -8.47 -6.58
N VAL A 66 10.88 -8.93 -7.84
CA VAL A 66 10.46 -10.28 -8.26
C VAL A 66 11.69 -11.00 -8.87
N PRO A 67 12.04 -12.23 -8.35
CA PRO A 67 13.28 -12.95 -8.77
C PRO A 67 13.15 -13.61 -10.17
N GLY A 68 14.30 -13.65 -10.89
CA GLY A 68 14.42 -14.42 -12.15
C GLY A 68 13.64 -13.82 -13.31
N MET A 69 13.39 -12.49 -13.27
CA MET A 69 12.70 -11.77 -14.35
C MET A 69 13.72 -10.94 -15.16
N GLY A 70 14.70 -10.37 -14.44
CA GLY A 70 15.72 -9.51 -15.02
C GLY A 70 16.79 -10.29 -15.79
N GLY A 71 17.94 -10.52 -15.14
CA GLY A 71 19.01 -11.35 -15.66
C GLY A 71 18.57 -12.80 -15.85
N GLN A 72 18.27 -13.15 -17.10
CA GLN A 72 17.87 -14.50 -17.49
C GLN A 72 19.13 -15.35 -17.72
N GLY A 73 19.42 -16.24 -16.75
CA GLY A 73 20.61 -17.09 -16.79
C GLY A 73 20.87 -17.73 -15.43
N ASN A 74 22.14 -18.13 -15.17
CA ASN A 74 22.54 -18.71 -13.86
C ASN A 74 22.42 -17.65 -12.72
N PRO A 75 22.97 -16.38 -12.87
CA PRO A 75 22.69 -15.28 -11.90
C PRO A 75 21.32 -14.64 -12.21
N PRO A 76 20.26 -14.91 -11.38
CA PRO A 76 18.91 -14.38 -11.63
C PRO A 76 18.83 -12.90 -11.23
N GLY A 77 18.38 -12.07 -12.17
CA GLY A 77 18.10 -10.66 -11.89
C GLY A 77 16.65 -10.46 -11.57
N ASP A 78 16.30 -9.24 -11.15
CA ASP A 78 14.99 -8.93 -10.60
C ASP A 78 14.30 -7.86 -11.44
N LEU A 79 12.98 -7.80 -11.31
CA LEU A 79 12.16 -6.71 -11.83
C LEU A 79 11.65 -5.91 -10.64
N LEU A 80 12.01 -4.62 -10.64
CA LEU A 80 11.67 -3.68 -9.59
C LEU A 80 10.48 -2.83 -10.02
N LEU A 81 9.32 -3.21 -9.52
CA LEU A 81 8.05 -2.56 -9.80
C LEU A 81 7.84 -1.41 -8.82
N VAL A 82 8.10 -0.18 -9.29
CA VAL A 82 7.94 1.02 -8.46
C VAL A 82 6.55 1.60 -8.70
N VAL A 83 5.68 1.41 -7.70
CA VAL A 83 4.30 1.86 -7.78
C VAL A 83 4.20 3.36 -7.41
N ARG A 84 3.25 4.05 -8.02
CA ARG A 84 2.98 5.46 -7.78
C ARG A 84 1.52 5.61 -7.36
N LEU A 85 1.26 5.85 -6.07
CA LEU A 85 -0.11 6.01 -5.56
C LEU A 85 -0.75 7.29 -6.12
N LEU A 86 -2.08 7.26 -6.30
CA LEU A 86 -2.84 8.32 -6.98
C LEU A 86 -2.66 9.71 -6.32
N PRO A 87 -2.89 10.85 -7.06
CA PRO A 87 -2.87 12.23 -6.49
C PRO A 87 -3.86 12.42 -5.31
N HIS A 88 -4.79 11.46 -5.13
CA HIS A 88 -5.61 11.31 -3.93
C HIS A 88 -4.99 10.22 -3.03
N PRO A 89 -4.24 10.60 -1.95
CA PRO A 89 -3.90 9.70 -0.84
C PRO A 89 -4.78 9.95 0.42
N VAL A 90 -5.40 8.89 0.96
CA VAL A 90 -6.12 8.96 2.25
C VAL A 90 -5.43 8.03 3.26
N PHE A 91 -5.10 6.83 2.81
CA PHE A 91 -4.50 5.78 3.65
C PHE A 91 -2.98 5.71 3.44
N ARG A 92 -2.27 5.85 4.55
CA ARG A 92 -0.82 5.73 4.64
C ARG A 92 -0.50 4.44 5.41
N LEU A 93 0.73 3.94 5.26
CA LEU A 93 1.20 2.73 5.95
C LEU A 93 2.55 3.02 6.61
N GLU A 94 2.76 2.46 7.79
CA GLU A 94 4.03 2.53 8.52
C GLU A 94 4.27 1.18 9.17
N GLY A 95 5.13 0.37 8.53
CA GLY A 95 5.38 -1.00 8.97
C GLY A 95 4.19 -1.92 8.73
N GLN A 96 3.19 -1.84 9.62
CA GLN A 96 1.99 -2.69 9.60
C GLN A 96 0.70 -1.85 9.91
N ASP A 97 0.92 -0.61 10.43
CA ASP A 97 -0.17 0.33 10.81
C ASP A 97 -0.64 1.17 9.62
N LEU A 98 -1.89 1.60 9.71
CA LEU A 98 -2.53 2.50 8.73
C LEU A 98 -2.67 3.88 9.36
N TYR A 99 -2.85 4.89 8.52
CA TYR A 99 -3.05 6.28 8.94
C TYR A 99 -4.17 6.85 8.09
N ALA A 100 -5.22 7.31 8.77
CA ALA A 100 -6.39 7.91 8.14
C ALA A 100 -6.92 9.03 9.03
N THR A 101 -7.48 10.03 8.38
CA THR A 101 -8.16 11.12 9.06
C THR A 101 -9.64 10.74 9.28
N LEU A 102 -10.10 10.83 10.53
CA LEU A 102 -11.49 10.55 10.90
C LEU A 102 -12.19 11.88 11.17
N ASP A 103 -13.13 12.25 10.28
CA ASP A 103 -13.92 13.47 10.43
C ASP A 103 -15.22 13.13 11.17
N VAL A 104 -15.33 13.65 12.39
CA VAL A 104 -16.47 13.40 13.29
C VAL A 104 -17.16 14.75 13.61
N PRO A 105 -18.51 14.87 13.41
CA PRO A 105 -19.28 16.07 13.80
C PRO A 105 -19.12 16.38 15.29
N ALA A 106 -19.05 17.68 15.64
CA ALA A 106 -18.97 18.15 17.03
C ALA A 106 -20.15 17.64 17.90
N PRO A 107 -21.44 17.63 17.39
CA PRO A 107 -22.57 16.91 18.04
C PRO A 107 -22.23 15.46 18.46
N ILE A 108 -21.77 14.63 17.50
CA ILE A 108 -21.40 13.21 17.76
C ILE A 108 -20.26 13.10 18.80
N ALA A 109 -19.27 14.00 18.64
CA ALA A 109 -18.06 14.01 19.45
C ALA A 109 -18.36 14.26 20.93
N VAL A 110 -19.39 15.10 21.22
CA VAL A 110 -19.80 15.41 22.60
C VAL A 110 -20.87 14.44 23.15
N VAL A 111 -22.01 14.27 22.43
CA VAL A 111 -23.17 13.50 22.96
C VAL A 111 -23.16 12.04 22.48
N GLY A 112 -22.77 11.84 21.21
CA GLY A 112 -23.02 10.57 20.53
C GLY A 112 -21.89 9.58 20.70
N GLY A 113 -21.25 9.24 19.58
CA GLY A 113 -20.11 8.33 19.58
C GLY A 113 -20.07 7.40 18.39
N LYS A 114 -20.88 7.68 17.34
CA LYS A 114 -21.03 6.78 16.19
C LYS A 114 -20.54 7.48 14.93
N VAL A 115 -19.51 6.92 14.30
CA VAL A 115 -19.03 7.35 12.96
C VAL A 115 -18.52 6.12 12.22
N ARG A 116 -18.71 6.12 10.91
CA ARG A 116 -18.19 5.10 10.00
C ARG A 116 -17.04 5.69 9.19
N ALA A 117 -15.86 5.05 9.26
CA ALA A 117 -14.67 5.48 8.51
C ALA A 117 -14.46 4.57 7.29
N MET A 118 -14.12 5.17 6.15
CA MET A 118 -13.79 4.40 4.94
C MET A 118 -12.33 3.94 4.98
N THR A 119 -12.14 2.62 4.94
CA THR A 119 -10.83 1.97 4.78
C THR A 119 -10.81 1.14 3.47
N LEU A 120 -9.61 0.69 3.10
CA LEU A 120 -9.36 0.02 1.81
C LEU A 120 -9.94 -1.42 1.76
N GLU A 121 -10.37 -1.94 2.92
CA GLU A 121 -11.04 -3.26 3.04
C GLU A 121 -12.58 -3.11 2.99
N GLY A 122 -13.07 -1.87 3.13
CA GLY A 122 -14.51 -1.56 3.14
C GLY A 122 -14.84 -0.48 4.18
N PRO A 123 -16.11 -0.40 4.66
CA PRO A 123 -16.47 0.50 5.78
C PRO A 123 -16.24 -0.15 7.16
N VAL A 124 -15.66 0.60 8.09
CA VAL A 124 -15.58 0.22 9.52
C VAL A 124 -16.42 1.17 10.37
N GLU A 125 -16.78 0.73 11.58
CA GLU A 125 -17.58 1.50 12.53
C GLU A 125 -16.68 1.86 13.70
N VAL A 126 -16.35 3.15 13.80
CA VAL A 126 -15.53 3.69 14.88
C VAL A 126 -16.45 4.27 15.96
N ALA A 127 -16.26 3.80 17.19
CA ALA A 127 -16.89 4.38 18.36
C ALA A 127 -15.98 5.49 18.91
N VAL A 128 -16.35 6.77 18.67
CA VAL A 128 -15.63 7.90 19.31
C VAL A 128 -16.16 8.05 20.74
N PRO A 129 -15.28 8.25 21.76
CA PRO A 129 -15.73 8.48 23.16
C PRO A 129 -16.60 9.76 23.29
N PRO A 130 -17.81 9.68 23.93
CA PRO A 130 -18.63 10.88 24.25
C PRO A 130 -17.81 11.95 25.01
N ARG A 131 -17.85 13.19 24.49
CA ARG A 131 -17.06 14.34 24.96
C ARG A 131 -15.54 14.14 24.71
N THR A 132 -15.18 13.60 23.53
CA THR A 132 -13.78 13.45 23.10
C THR A 132 -13.20 14.80 22.61
N GLN A 133 -11.91 14.83 22.23
CA GLN A 133 -11.21 16.05 21.76
C GLN A 133 -10.55 15.77 20.41
N ALA A 134 -10.37 16.84 19.61
CA ALA A 134 -9.69 16.77 18.31
C ALA A 134 -8.17 16.54 18.50
N GLY A 135 -7.57 15.85 17.52
CA GLY A 135 -6.14 15.52 17.56
C GLY A 135 -5.85 14.20 18.27
N ARG A 136 -6.92 13.57 18.85
CA ARG A 136 -6.80 12.26 19.53
C ARG A 136 -6.73 11.11 18.51
N LYS A 137 -6.25 9.95 18.99
CA LYS A 137 -5.97 8.78 18.16
C LYS A 137 -6.86 7.60 18.59
N LEU A 138 -7.66 7.06 17.64
CA LEU A 138 -8.47 5.86 17.84
C LEU A 138 -7.87 4.74 16.98
N ARG A 139 -7.39 3.68 17.64
CA ARG A 139 -6.57 2.64 16.98
C ARG A 139 -7.36 1.34 16.93
N LEU A 140 -7.75 0.92 15.71
CA LEU A 140 -8.61 -0.25 15.48
C LEU A 140 -7.75 -1.48 15.14
N LYS A 141 -7.85 -2.55 15.96
CA LYS A 141 -7.05 -3.79 15.78
C LYS A 141 -7.47 -4.60 14.54
N GLY A 142 -6.48 -5.27 13.90
CA GLY A 142 -6.71 -6.20 12.79
C GLY A 142 -7.19 -5.54 11.52
N LYS A 143 -7.03 -4.21 11.43
CA LYS A 143 -7.51 -3.41 10.28
C LYS A 143 -6.38 -3.06 9.32
N GLY A 144 -5.13 -3.19 9.80
CA GLY A 144 -3.93 -2.83 9.03
C GLY A 144 -3.59 -3.82 7.94
N PHE A 145 -2.28 -3.97 7.67
CA PHE A 145 -1.78 -4.98 6.71
C PHE A 145 -1.30 -6.25 7.44
N PRO A 146 -1.28 -7.44 6.74
CA PRO A 146 -0.81 -8.72 7.35
C PRO A 146 0.61 -8.63 7.94
N GLY A 147 0.85 -9.38 9.02
CA GLY A 147 2.12 -9.40 9.72
C GLY A 147 2.13 -10.35 10.90
N PRO A 148 3.14 -10.25 11.82
CA PRO A 148 3.26 -11.14 13.01
C PRO A 148 2.03 -11.09 13.97
N ALA A 149 1.31 -9.95 13.99
CA ALA A 149 0.12 -9.74 14.85
C ALA A 149 -1.19 -10.09 14.10
N GLY A 150 -1.08 -10.92 13.05
CA GLY A 150 -2.21 -11.24 12.18
C GLY A 150 -2.36 -10.19 11.09
N ARG A 151 -3.08 -9.10 11.41
CA ARG A 151 -3.03 -7.84 10.66
C ARG A 151 -2.73 -6.70 11.63
N GLY A 152 -2.35 -5.54 11.07
CA GLY A 152 -1.98 -4.36 11.83
C GLY A 152 -3.16 -3.58 12.37
N ASP A 153 -2.97 -2.29 12.59
CA ASP A 153 -4.00 -1.41 13.17
C ASP A 153 -4.33 -0.28 12.20
N LEU A 154 -5.46 0.40 12.45
CA LEU A 154 -5.83 1.66 11.80
C LEU A 154 -5.74 2.80 12.84
N TYR A 155 -4.75 3.68 12.64
CA TYR A 155 -4.51 4.85 13.48
C TYR A 155 -5.31 6.04 12.89
N LEU A 156 -6.42 6.38 13.55
CA LEU A 156 -7.30 7.48 13.17
C LEU A 156 -6.88 8.79 13.82
N GLU A 157 -7.13 9.89 13.11
CA GLU A 157 -6.94 11.25 13.62
C GLU A 157 -8.32 11.89 13.82
N VAL A 158 -8.84 11.84 15.08
CA VAL A 158 -10.10 12.51 15.47
C VAL A 158 -10.08 13.99 15.04
N ARG A 159 -10.99 14.38 14.15
CA ARG A 159 -11.12 15.76 13.66
C ARG A 159 -12.55 16.20 13.90
N ILE A 160 -12.76 16.84 15.06
CA ILE A 160 -14.05 17.35 15.47
C ILE A 160 -14.36 18.63 14.69
N THR A 161 -15.27 18.49 13.71
CA THR A 161 -15.68 19.57 12.82
C THR A 161 -16.91 20.31 13.42
#